data_4DX7
#
_entry.id   4DX7
#
_cell.length_a   145.943
_cell.length_b   163.285
_cell.length_c   245.766
_cell.angle_alpha   90.00
_cell.angle_beta   90.00
_cell.angle_gamma   90.00
#
_symmetry.space_group_name_H-M   'P 21 21 21'
#
loop_
_entity.id
_entity.type
_entity.pdbx_description
1 polymer 'Acriflavine resistance protein B'
2 polymer DARPIN
3 non-polymer DODECYL-BETA-D-MALTOSIDE
4 non-polymer DOXORUBICIN
5 non-polymer DODECANE
6 non-polymer DECANE
7 non-polymer DODECYL-ALPHA-D-MALTOSIDE
8 non-polymer GLYCEROL
9 non-polymer HEXANE
10 water water
#
loop_
_entity_poly.entity_id
_entity_poly.type
_entity_poly.pdbx_seq_one_letter_code
_entity_poly.pdbx_strand_id
1 'polypeptide(L)'
;MPNFFIDRPIFAWVIAIIIMLAGGLAILKLPVAQYPTIAPPAVTISASYPGADAKTVQDTVTQVIEQNMNGIDNLMYMSS
NSDSTGTVQITLTFESGTDADIAQVQVQNKLQLAMPLLPQEVQQQGVSVEKSSSSFLMVVGVINTDGTMTQEDISDYVAA
NMKDAISRTSGVGDVQLFGSQYAMRIWMNPNELNKFQLTPVDVITAIKAQNAQVAAGQLGGTPPVKGQQLNASIIAQTRL
TSTEEFGKILLKVNQDGSRVLLRDVAKIELGGENYDIIAEFNGQPASGLGIKLATGANALDTAAAIRAELAKMEPFFPSG
LKIVYPYDTTPFVKISIHEVVKTLVEAIILVFLVMYLFLQNFRATLIPTIAVPVVLLGTFAVLAAFGFSINTLTMFGMVL
AIGLLVDDAIVVVENVERVMAEEGLPPKEATRKSMGQIQGALVGIAMVLSAVFVPMAFFGGSTGAIYRQFSITIVSAMAL
SVLVALILTPALCATMLKPIAKGDHGEGKKGFFGWFNRMFEKSTHHYTDSVGGILRSTGRYLVLYLIIVVGMAYLFVRLP
SSFLPDEDQGVFMTMVQLPAGATQERTQKVLNEVTHYYLTKEKNNVESVFAVNGFGFAGRGQNTGIAFVSLKDWADRPGE
ENKVEAITMRATRAFSQIKDAMVFAFNLPAIVELGTATGFDFELIDQAGLGHEKLTQARNQLLAEAAKHPDMLTSVRPNG
LEDTPQFKIDIDQEKAQALGVSINDINTTLGAAWGGSYVNDFIDRGRVKKVYVMSEAKYRMLPDDIGDWYVRAADGQMVP
FSAFSSSRWEYGSPRLERYNGLPSMEILGQAAPGKSTGEAMELMEQLASKLPTGVGYDWTGMSYQERLSGNQAPSLYAIS
LIVVFLCLAALYESWSIPFSVMLVVPLGVIGALLAATFRGLTNDVYFQVGLLTTIGLSAKNAILIVEFAKDLMDKEGKGL
IEATLDAVRMRLRPILMTSLAFILGVMPLVISTGAGSGAQNAVGTGVMGGMVTATVLAIFFVPVFFVVVRRRFSRKNEDI
EHSHTVDHHLEHHHHHH
;
A,B,C
2 'polypeptide(L)'
;MRGSHHHHHHGSDLGKKLLEAARAGRDDEVRILMANGADVNAADVVGWTPLHLAAYWGHLEIVEVLLKNGADVNAYDTLG
STPLHLAAHFGHLEIVEVLLKNGADVNAKDDNGITPLHLAANRGHLEIVEVLLKYGADVNAQDKFGKTAFDISINNGNED
LAEILQKLN
;
D,E
#
loop_
_chem_comp.id
_chem_comp.type
_chem_comp.name
_chem_comp.formula
D10 non-polymer DECANE 'C10 H22'
D12 non-polymer DODECANE 'C12 H26'
DM2 non-polymer DOXORUBICIN 'C27 H29 N O11'
GOL non-polymer GLYCEROL 'C3 H8 O3'
HEX non-polymer HEXANE 'C6 H14'
LMT D-saccharide DODECYL-BETA-D-MALTOSIDE 'C24 H46 O11'
LMU D-saccharide DODECYL-ALPHA-D-MALTOSIDE 'C24 H46 O11'
#
# COMPACT_ATOMS: atom_id res chain seq x y z
N MET A 1 36.28 22.96 -20.76
CA MET A 1 36.65 22.16 -19.60
C MET A 1 38.06 21.60 -19.71
N PRO A 2 38.41 21.01 -20.87
CA PRO A 2 39.75 20.43 -21.05
C PRO A 2 40.85 21.41 -20.67
N ASN A 3 40.85 22.60 -21.26
CA ASN A 3 41.83 23.65 -20.93
C ASN A 3 41.86 23.97 -19.43
N PHE A 4 40.69 23.98 -18.82
CA PHE A 4 40.57 24.27 -17.40
C PHE A 4 41.26 23.19 -16.54
N PHE A 5 40.90 21.94 -16.76
CA PHE A 5 41.46 20.87 -15.94
C PHE A 5 42.90 20.50 -16.32
N ILE A 6 43.34 20.87 -17.51
CA ILE A 6 44.74 20.64 -17.86
C ILE A 6 45.65 21.43 -16.91
N ASP A 7 45.13 22.56 -16.44
CA ASP A 7 45.86 23.42 -15.50
C ASP A 7 45.51 23.09 -14.05
N ARG A 8 44.56 22.17 -13.87
CA ARG A 8 44.12 21.75 -12.54
C ARG A 8 43.91 20.23 -12.46
N PRO A 9 45.00 19.47 -12.60
CA PRO A 9 44.95 18.00 -12.57
C PRO A 9 44.37 17.50 -11.25
N ILE A 10 44.66 18.20 -10.16
CA ILE A 10 44.18 17.77 -8.85
C ILE A 10 42.67 17.90 -8.78
N PHE A 11 42.14 18.97 -9.35
CA PHE A 11 40.70 19.16 -9.41
C PHE A 11 40.03 18.05 -10.24
N ALA A 12 40.67 17.67 -11.34
CA ALA A 12 40.15 16.59 -12.17
C ALA A 12 40.13 15.31 -11.33
N TRP A 13 41.28 14.97 -10.75
CA TRP A 13 41.37 13.83 -9.85
C TRP A 13 40.25 13.85 -8.82
N VAL A 14 40.06 15.00 -8.17
CA VAL A 14 39.03 15.08 -7.15
C VAL A 14 37.66 14.69 -7.72
N ILE A 15 37.34 15.20 -8.91
CA ILE A 15 36.06 14.85 -9.53
C ILE A 15 36.00 13.34 -9.79
N ALA A 16 37.10 12.75 -10.27
CA ALA A 16 37.13 11.32 -10.55
C ALA A 16 36.90 10.52 -9.27
N ILE A 17 37.61 10.92 -8.22
CA ILE A 17 37.53 10.25 -6.92
C ILE A 17 36.13 10.32 -6.31
N ILE A 18 35.55 11.51 -6.25
CA ILE A 18 34.22 11.67 -5.69
C ILE A 18 33.20 10.82 -6.47
N ILE A 19 33.36 10.78 -7.78
CA ILE A 19 32.52 9.96 -8.64
C ILE A 19 32.66 8.49 -8.26
N MET A 20 33.90 8.06 -8.04
CA MET A 20 34.13 6.67 -7.65
C MET A 20 33.57 6.36 -6.27
N LEU A 21 33.67 7.33 -5.34
CA LEU A 21 33.13 7.12 -4.00
C LEU A 21 31.62 6.97 -4.10
N ALA A 22 31.00 7.81 -4.94
CA ALA A 22 29.56 7.71 -5.14
C ALA A 22 29.18 6.34 -5.70
N GLY A 23 29.97 5.85 -6.67
CA GLY A 23 29.71 4.57 -7.27
C GLY A 23 29.90 3.45 -6.26
N GLY A 24 31.02 3.50 -5.55
CA GLY A 24 31.32 2.53 -4.51
C GLY A 24 30.19 2.44 -3.49
N LEU A 25 29.79 3.60 -2.97
CA LEU A 25 28.64 3.67 -2.06
C LEU A 25 27.36 3.12 -2.69
N ALA A 26 27.16 3.35 -3.98
CA ALA A 26 26.00 2.80 -4.66
C ALA A 26 26.07 1.27 -4.62
N ILE A 27 27.23 0.74 -4.97
CA ILE A 27 27.47 -0.69 -5.01
C ILE A 27 27.24 -1.38 -3.67
N LEU A 28 27.49 -0.68 -2.57
CA LEU A 28 27.26 -1.25 -1.24
C LEU A 28 25.77 -1.39 -0.94
N LYS A 29 24.96 -0.51 -1.54
CA LYS A 29 23.55 -0.40 -1.17
C LYS A 29 22.55 -0.88 -2.23
N LEU A 30 22.98 -0.98 -3.49
CA LEU A 30 22.06 -1.35 -4.57
C LEU A 30 21.53 -2.78 -4.40
N PRO A 31 20.25 -2.98 -4.71
CA PRO A 31 19.71 -4.34 -4.71
C PRO A 31 20.38 -5.15 -5.83
N VAL A 32 20.66 -6.42 -5.54
CA VAL A 32 21.18 -7.33 -6.55
C VAL A 32 20.06 -8.32 -6.87
N ALA A 33 19.90 -8.65 -8.14
CA ALA A 33 18.85 -9.57 -8.57
C ALA A 33 19.29 -10.19 -9.88
N GLN A 34 18.60 -11.21 -10.35
CA GLN A 34 18.96 -11.81 -11.64
C GLN A 34 18.50 -10.92 -12.80
N TYR A 35 17.24 -10.53 -12.73
CA TYR A 35 16.64 -9.70 -13.77
C TYR A 35 15.80 -8.68 -13.06
N PRO A 36 15.44 -7.61 -13.78
CA PRO A 36 14.38 -6.72 -13.28
C PRO A 36 13.07 -7.50 -13.14
N THR A 37 12.18 -7.07 -12.25
CA THR A 37 10.93 -7.81 -12.04
C THR A 37 9.93 -7.45 -13.12
N ILE A 38 9.70 -8.38 -14.04
CA ILE A 38 8.76 -8.14 -15.13
C ILE A 38 7.44 -8.88 -14.92
N ALA A 39 7.36 -9.63 -13.82
CA ALA A 39 6.24 -10.55 -13.59
C ALA A 39 5.01 -9.92 -12.97
N PRO A 40 3.84 -10.27 -13.50
CA PRO A 40 2.53 -9.79 -13.05
C PRO A 40 2.30 -10.25 -11.62
N PRO A 41 2.03 -9.32 -10.71
CA PRO A 41 1.76 -9.77 -9.35
C PRO A 41 0.55 -10.67 -9.34
N ALA A 42 0.52 -11.62 -8.41
CA ALA A 42 -0.60 -12.52 -8.26
C ALA A 42 -0.99 -12.60 -6.79
N VAL A 43 -2.28 -12.47 -6.51
CA VAL A 43 -2.79 -12.61 -5.15
C VAL A 43 -3.58 -13.90 -5.07
N THR A 44 -3.32 -14.68 -4.03
CA THR A 44 -3.92 -16.00 -3.94
C THR A 44 -4.72 -16.13 -2.66
N ILE A 45 -5.97 -16.59 -2.80
CA ILE A 45 -6.80 -16.85 -1.63
C ILE A 45 -6.79 -18.34 -1.46
N SER A 46 -6.63 -18.82 -0.24
CA SER A 46 -6.61 -20.25 0.04
C SER A 46 -7.54 -20.56 1.18
N ALA A 47 -8.27 -21.67 1.06
CA ALA A 47 -9.18 -22.05 2.12
C ALA A 47 -9.23 -23.56 2.16
N SER A 48 -9.66 -24.09 3.29
CA SER A 48 -9.69 -25.53 3.49
C SER A 48 -11.01 -25.96 4.15
N TYR A 49 -11.58 -27.05 3.66
CA TYR A 49 -12.85 -27.59 4.17
C TYR A 49 -12.63 -29.08 4.50
N PRO A 50 -12.19 -29.38 5.73
CA PRO A 50 -11.78 -30.73 6.11
C PRO A 50 -12.86 -31.76 5.81
N GLY A 51 -12.51 -32.79 5.03
CA GLY A 51 -13.45 -33.86 4.73
C GLY A 51 -14.36 -33.60 3.53
N ALA A 52 -14.26 -32.40 2.95
CA ALA A 52 -15.12 -32.05 1.82
C ALA A 52 -14.55 -32.55 0.50
N ASP A 53 -15.43 -32.93 -0.41
CA ASP A 53 -15.06 -33.32 -1.76
C ASP A 53 -14.95 -32.08 -2.66
N ALA A 54 -14.37 -32.27 -3.83
CA ALA A 54 -14.18 -31.15 -4.76
C ALA A 54 -15.48 -30.37 -4.98
N LYS A 55 -16.56 -31.08 -5.27
CA LYS A 55 -17.79 -30.39 -5.61
C LYS A 55 -18.35 -29.60 -4.43
N THR A 56 -18.30 -30.20 -3.25
CA THR A 56 -18.75 -29.49 -2.08
C THR A 56 -17.92 -28.24 -1.85
N VAL A 57 -16.61 -28.32 -2.09
CA VAL A 57 -15.75 -27.13 -1.89
C VAL A 57 -16.10 -26.03 -2.89
N GLN A 58 -16.30 -26.43 -4.13
CA GLN A 58 -16.60 -25.48 -5.19
C GLN A 58 -17.89 -24.73 -4.97
N ASP A 59 -18.93 -25.44 -4.52
CA ASP A 59 -20.26 -24.88 -4.54
C ASP A 59 -20.57 -24.22 -3.20
N THR A 60 -19.70 -24.44 -2.24
CA THR A 60 -19.92 -23.94 -0.89
C THR A 60 -18.91 -22.84 -0.52
N VAL A 61 -17.83 -22.76 -1.30
CA VAL A 61 -16.75 -21.84 -1.00
C VAL A 61 -16.24 -21.11 -2.23
N THR A 62 -15.75 -21.87 -3.21
CA THR A 62 -15.16 -21.27 -4.39
C THR A 62 -16.13 -20.31 -5.08
N GLN A 63 -17.35 -20.76 -5.38
CA GLN A 63 -18.28 -19.89 -6.13
C GLN A 63 -18.62 -18.67 -5.30
N VAL A 64 -18.79 -18.88 -4.00
CA VAL A 64 -19.21 -17.81 -3.11
C VAL A 64 -18.14 -16.72 -3.14
N ILE A 65 -16.87 -17.10 -3.04
CA ILE A 65 -15.81 -16.11 -3.07
C ILE A 65 -15.72 -15.44 -4.43
N GLU A 66 -15.76 -16.23 -5.50
CA GLU A 66 -15.61 -15.69 -6.84
C GLU A 66 -16.65 -14.62 -7.18
N GLN A 67 -17.90 -14.86 -6.76
CA GLN A 67 -19.00 -13.96 -7.11
C GLN A 67 -18.82 -12.61 -6.46
N ASN A 68 -17.95 -12.57 -5.46
CA ASN A 68 -17.69 -11.34 -4.71
C ASN A 68 -16.46 -10.62 -5.21
N MET A 69 -15.79 -11.20 -6.21
CA MET A 69 -14.56 -10.63 -6.73
C MET A 69 -14.88 -9.68 -7.88
N ASN A 70 -15.25 -8.45 -7.53
CA ASN A 70 -15.49 -7.41 -8.54
C ASN A 70 -14.95 -6.07 -8.05
N GLY A 71 -14.86 -5.11 -8.97
CA GLY A 71 -14.32 -3.81 -8.62
C GLY A 71 -12.90 -3.87 -8.09
N ILE A 72 -12.08 -4.68 -8.76
CA ILE A 72 -10.67 -4.79 -8.39
C ILE A 72 -9.82 -4.23 -9.53
N ASP A 73 -9.00 -3.23 -9.21
CA ASP A 73 -8.20 -2.58 -10.23
C ASP A 73 -7.18 -3.53 -10.87
N ASN A 74 -7.00 -3.41 -12.18
CA ASN A 74 -5.85 -4.00 -12.85
C ASN A 74 -5.87 -5.52 -12.88
N LEU A 75 -7.06 -6.09 -12.70
CA LEU A 75 -7.21 -7.53 -12.73
C LEU A 75 -7.09 -8.00 -14.16
N MET A 76 -6.23 -8.98 -14.43
CA MET A 76 -6.14 -9.50 -15.80
C MET A 76 -7.03 -10.72 -15.94
N TYR A 77 -6.93 -11.61 -14.96
CA TYR A 77 -7.78 -12.79 -14.95
C TYR A 77 -7.75 -13.47 -13.60
N MET A 78 -8.67 -14.42 -13.41
CA MET A 78 -8.82 -15.08 -12.13
C MET A 78 -8.96 -16.58 -12.43
N SER A 79 -8.28 -17.43 -11.65
CA SER A 79 -8.47 -18.88 -11.80
C SER A 79 -8.54 -19.55 -10.44
N SER A 80 -9.15 -20.72 -10.41
CA SER A 80 -9.30 -21.43 -9.15
C SER A 80 -9.31 -22.94 -9.33
N ASN A 81 -8.93 -23.63 -8.28
CA ASN A 81 -9.01 -25.08 -8.22
C ASN A 81 -9.74 -25.45 -6.94
N SER A 82 -10.67 -26.38 -7.05
CA SER A 82 -11.39 -26.87 -5.92
C SER A 82 -11.16 -28.38 -5.88
N ASP A 83 -10.52 -28.88 -4.83
CA ASP A 83 -10.20 -30.30 -4.89
C ASP A 83 -10.73 -31.14 -3.75
N SER A 84 -10.65 -32.45 -3.93
CA SER A 84 -11.23 -33.36 -2.96
C SER A 84 -10.34 -33.58 -1.74
N THR A 85 -9.22 -32.86 -1.67
CA THR A 85 -8.55 -32.74 -0.37
C THR A 85 -9.28 -31.72 0.50
N GLY A 86 -10.23 -30.99 -0.08
CA GLY A 86 -11.04 -30.07 0.70
C GLY A 86 -10.44 -28.69 0.61
N THR A 87 -9.61 -28.53 -0.40
CA THR A 87 -8.82 -27.33 -0.52
C THR A 87 -9.29 -26.49 -1.70
N VAL A 88 -9.25 -25.17 -1.52
CA VAL A 88 -9.53 -24.27 -2.63
C VAL A 88 -8.39 -23.31 -2.76
N GLN A 89 -8.01 -23.03 -4.00
CA GLN A 89 -7.06 -21.95 -4.24
C GLN A 89 -7.58 -21.05 -5.35
N ILE A 90 -7.76 -19.77 -5.05
CA ILE A 90 -8.18 -18.82 -6.08
C ILE A 90 -7.04 -17.82 -6.38
N THR A 91 -6.62 -17.77 -7.63
CA THR A 91 -5.50 -16.88 -7.99
C THR A 91 -5.97 -15.72 -8.85
N LEU A 92 -5.79 -14.51 -8.33
CA LEU A 92 -6.08 -13.30 -9.11
C LEU A 92 -4.78 -12.67 -9.60
N THR A 93 -4.65 -12.53 -10.91
CA THR A 93 -3.42 -12.08 -11.54
C THR A 93 -3.58 -10.66 -12.08
N PHE A 94 -2.62 -9.79 -11.76
CA PHE A 94 -2.72 -8.35 -12.02
C PHE A 94 -1.76 -7.82 -13.09
N GLU A 95 -2.12 -6.70 -13.72
CA GLU A 95 -1.22 -6.01 -14.66
C GLU A 95 0.18 -5.82 -14.07
N SER A 96 1.23 -6.04 -14.86
CA SER A 96 2.58 -5.68 -14.42
C SER A 96 2.57 -4.23 -13.99
N GLY A 97 3.22 -3.93 -12.86
CA GLY A 97 3.25 -2.56 -12.37
C GLY A 97 2.19 -2.28 -11.32
N THR A 98 1.23 -3.19 -11.18
CA THR A 98 0.24 -3.06 -10.10
C THR A 98 0.95 -3.09 -8.73
N ASP A 99 0.47 -2.29 -7.79
CA ASP A 99 1.01 -2.33 -6.42
C ASP A 99 0.39 -3.52 -5.67
N ALA A 100 1.21 -4.52 -5.40
CA ALA A 100 0.76 -5.77 -4.79
C ALA A 100 0.10 -5.53 -3.45
N ASP A 101 0.56 -4.53 -2.72
CA ASP A 101 -0.03 -4.17 -1.43
C ASP A 101 -1.50 -3.76 -1.61
N ILE A 102 -1.76 -2.98 -2.65
CA ILE A 102 -3.11 -2.48 -2.87
C ILE A 102 -3.97 -3.59 -3.47
N ALA A 103 -3.40 -4.36 -4.39
CA ALA A 103 -4.11 -5.50 -4.95
C ALA A 103 -4.58 -6.41 -3.81
N GLN A 104 -3.68 -6.70 -2.88
CA GLN A 104 -4.07 -7.56 -1.77
C GLN A 104 -5.16 -6.90 -0.93
N VAL A 105 -5.01 -5.60 -0.63
CA VAL A 105 -6.04 -4.91 0.14
C VAL A 105 -7.40 -4.98 -0.57
N GLN A 106 -7.42 -4.75 -1.87
CA GLN A 106 -8.68 -4.78 -2.61
C GLN A 106 -9.31 -6.16 -2.64
N VAL A 107 -8.49 -7.18 -2.83
CA VAL A 107 -9.03 -8.53 -2.88
C VAL A 107 -9.67 -8.85 -1.55
N GLN A 108 -8.95 -8.57 -0.47
CA GLN A 108 -9.48 -8.88 0.85
C GLN A 108 -10.72 -8.07 1.25
N ASN A 109 -10.79 -6.81 0.85
CA ASN A 109 -12.04 -6.07 1.07
C ASN A 109 -13.21 -6.87 0.49
N LYS A 110 -13.02 -7.47 -0.68
CA LYS A 110 -14.07 -8.31 -1.24
C LYS A 110 -14.23 -9.66 -0.54
N LEU A 111 -13.12 -10.30 -0.20
CA LEU A 111 -13.21 -11.61 0.48
C LEU A 111 -14.04 -11.51 1.75
N GLN A 112 -13.84 -10.43 2.48
CA GLN A 112 -14.51 -10.18 3.76
C GLN A 112 -16.04 -10.12 3.64
N LEU A 113 -16.54 -9.71 2.48
CA LEU A 113 -17.98 -9.77 2.20
C LEU A 113 -18.44 -11.21 2.06
N ALA A 114 -17.54 -12.10 1.63
CA ALA A 114 -17.92 -13.50 1.45
C ALA A 114 -17.79 -14.32 2.74
N MET A 115 -16.85 -13.92 3.62
CA MET A 115 -16.48 -14.73 4.77
C MET A 115 -17.66 -15.24 5.59
N PRO A 116 -18.61 -14.35 5.93
CA PRO A 116 -19.77 -14.73 6.75
C PRO A 116 -20.62 -15.80 6.08
N LEU A 117 -20.52 -15.90 4.76
CA LEU A 117 -21.34 -16.83 3.98
C LEU A 117 -20.65 -18.18 3.83
N LEU A 118 -19.44 -18.32 4.36
CA LEU A 118 -18.70 -19.58 4.21
C LEU A 118 -19.03 -20.53 5.37
N PRO A 119 -18.86 -21.83 5.14
CA PRO A 119 -19.13 -22.75 6.24
C PRO A 119 -18.25 -22.42 7.44
N GLN A 120 -18.81 -22.57 8.64
CA GLN A 120 -18.08 -22.34 9.87
C GLN A 120 -16.74 -23.11 9.90
N GLU A 121 -16.73 -24.33 9.37
CA GLU A 121 -15.52 -25.15 9.45
C GLU A 121 -14.45 -24.58 8.56
N VAL A 122 -14.86 -23.94 7.47
CA VAL A 122 -13.90 -23.32 6.58
C VAL A 122 -13.31 -22.07 7.24
N GLN A 123 -14.16 -21.32 7.93
CA GLN A 123 -13.68 -20.10 8.58
C GLN A 123 -12.69 -20.45 9.69
N GLN A 124 -12.98 -21.49 10.45
CA GLN A 124 -12.09 -21.90 11.54
C GLN A 124 -10.76 -22.49 11.07
N GLN A 125 -10.68 -23.01 9.85
CA GLN A 125 -9.38 -23.46 9.36
C GLN A 125 -8.49 -22.27 9.07
N GLY A 126 -9.10 -21.10 8.95
CA GLY A 126 -8.36 -19.90 8.58
C GLY A 126 -8.24 -19.76 7.08
N VAL A 127 -8.90 -18.78 6.49
CA VAL A 127 -8.61 -18.59 5.08
C VAL A 127 -7.47 -17.61 4.97
N SER A 128 -6.67 -17.73 3.92
CA SER A 128 -5.51 -16.85 3.83
C SER A 128 -5.48 -16.10 2.49
N VAL A 129 -4.87 -14.93 2.52
CA VAL A 129 -4.71 -14.11 1.34
C VAL A 129 -3.22 -13.75 1.27
N GLU A 130 -2.56 -14.23 0.22
CA GLU A 130 -1.14 -14.03 0.08
C GLU A 130 -0.78 -13.41 -1.26
N LYS A 131 0.36 -12.73 -1.27
CA LYS A 131 0.86 -12.10 -2.46
C LYS A 131 2.28 -12.60 -2.65
N SER A 132 2.44 -13.68 -3.40
CA SER A 132 3.76 -14.26 -3.55
C SER A 132 3.98 -14.77 -4.95
N SER A 133 5.24 -15.05 -5.29
CA SER A 133 5.57 -15.73 -6.54
C SER A 133 5.02 -17.15 -6.45
N SER A 134 4.80 -17.81 -7.58
CA SER A 134 4.24 -19.16 -7.53
C SER A 134 5.32 -20.18 -7.19
N SER A 135 6.57 -19.87 -7.55
CA SER A 135 7.65 -20.83 -7.38
C SER A 135 8.33 -20.69 -6.02
N PHE A 136 9.07 -21.72 -5.63
CA PHE A 136 9.81 -21.67 -4.38
C PHE A 136 11.09 -20.89 -4.52
N LEU A 137 11.32 -19.99 -3.57
CA LEU A 137 12.60 -19.31 -3.45
C LEU A 137 13.66 -20.31 -3.00
N MET A 138 13.32 -21.03 -1.93
CA MET A 138 14.19 -22.07 -1.39
C MET A 138 13.37 -23.05 -0.58
N VAL A 139 14.00 -24.19 -0.29
CA VAL A 139 13.43 -25.12 0.65
C VAL A 139 14.42 -25.28 1.80
N VAL A 140 13.99 -24.99 3.02
CA VAL A 140 14.84 -25.25 4.18
C VAL A 140 14.52 -26.63 4.75
N GLY A 141 15.48 -27.54 4.70
CA GLY A 141 15.21 -28.88 5.17
C GLY A 141 15.70 -29.07 6.60
N VAL A 142 15.03 -29.94 7.34
CA VAL A 142 15.47 -30.24 8.70
C VAL A 142 15.53 -31.74 8.88
N ILE A 143 16.64 -32.22 9.44
CA ILE A 143 16.80 -33.63 9.70
C ILE A 143 17.32 -33.84 11.12
N ASN A 144 17.32 -35.09 11.58
CA ASN A 144 17.96 -35.40 12.86
C ASN A 144 19.04 -36.45 12.64
N THR A 145 20.28 -36.09 12.98
CA THR A 145 21.45 -36.92 12.68
C THR A 145 21.69 -38.03 13.69
N ASP A 146 21.05 -37.97 14.85
CA ASP A 146 21.12 -39.06 15.80
C ASP A 146 19.93 -39.99 15.63
N GLY A 147 19.13 -39.73 14.60
CA GLY A 147 17.89 -40.45 14.38
C GLY A 147 17.09 -40.74 15.65
N THR A 148 16.95 -39.75 16.53
CA THR A 148 16.12 -39.92 17.73
C THR A 148 14.84 -39.08 17.67
N MET A 149 14.50 -38.62 16.47
CA MET A 149 13.21 -37.98 16.22
C MET A 149 12.70 -38.47 14.88
N THR A 150 11.45 -38.93 14.84
CA THR A 150 10.84 -39.38 13.59
C THR A 150 10.42 -38.18 12.75
N GLN A 151 10.01 -38.48 11.52
CA GLN A 151 9.55 -37.49 10.57
C GLN A 151 8.43 -36.61 11.17
N GLU A 152 7.55 -37.23 11.96
CA GLU A 152 6.41 -36.52 12.53
C GLU A 152 6.89 -35.58 13.62
N ASP A 153 7.87 -36.04 14.39
CA ASP A 153 8.47 -35.26 15.46
C ASP A 153 9.22 -34.06 14.89
N ILE A 154 9.97 -34.30 13.82
CA ILE A 154 10.72 -33.22 13.21
C ILE A 154 9.74 -32.17 12.68
N SER A 155 8.68 -32.62 12.02
CA SER A 155 7.72 -31.70 11.44
C SER A 155 7.05 -30.90 12.54
N ASP A 156 6.70 -31.55 13.64
CA ASP A 156 6.09 -30.77 14.71
C ASP A 156 7.07 -29.75 15.26
N TYR A 157 8.35 -30.11 15.33
CA TYR A 157 9.30 -29.18 15.93
C TYR A 157 9.39 -27.97 15.02
N VAL A 158 9.45 -28.22 13.73
CA VAL A 158 9.53 -27.13 12.77
C VAL A 158 8.30 -26.26 12.85
N ALA A 159 7.12 -26.86 12.92
CA ALA A 159 5.87 -26.10 12.99
C ALA A 159 5.79 -25.26 14.26
N ALA A 160 6.22 -25.83 15.38
CA ALA A 160 6.02 -25.20 16.67
C ALA A 160 7.11 -24.16 17.02
N ASN A 161 8.29 -24.27 16.40
CA ASN A 161 9.46 -23.50 16.84
C ASN A 161 10.16 -22.67 15.77
N MET A 162 9.92 -22.95 14.49
CA MET A 162 10.63 -22.27 13.41
C MET A 162 9.73 -21.54 12.42
N LYS A 163 8.62 -22.17 12.04
CA LYS A 163 7.82 -21.68 10.92
C LYS A 163 7.23 -20.28 11.12
N ASP A 164 6.70 -19.99 12.31
CA ASP A 164 6.11 -18.68 12.57
C ASP A 164 7.11 -17.53 12.33
N ALA A 165 8.32 -17.62 12.88
CA ALA A 165 9.28 -16.53 12.70
C ALA A 165 9.69 -16.41 11.24
N ILE A 166 9.84 -17.53 10.54
CA ILE A 166 10.15 -17.44 9.11
C ILE A 166 9.01 -16.74 8.38
N SER A 167 7.77 -17.12 8.69
CA SER A 167 6.57 -16.58 8.04
C SER A 167 6.43 -15.09 8.26
N ARG A 168 7.02 -14.59 9.34
CA ARG A 168 6.85 -13.17 9.68
C ARG A 168 7.97 -12.33 9.11
N THR A 169 8.94 -12.98 8.48
CA THR A 169 10.14 -12.29 7.99
C THR A 169 9.79 -11.50 6.74
N SER A 170 10.22 -10.24 6.67
CA SER A 170 9.84 -9.43 5.54
C SER A 170 10.37 -10.03 4.23
N GLY A 171 9.52 -10.07 3.21
CA GLY A 171 9.88 -10.64 1.93
C GLY A 171 9.44 -12.08 1.78
N VAL A 172 9.01 -12.68 2.90
CA VAL A 172 8.50 -14.04 2.86
C VAL A 172 7.01 -14.01 2.53
N GLY A 173 6.68 -14.37 1.28
CA GLY A 173 5.31 -14.28 0.81
C GLY A 173 4.41 -15.41 1.28
N ASP A 174 4.97 -16.61 1.38
CA ASP A 174 4.21 -17.80 1.77
C ASP A 174 5.19 -18.88 2.23
N VAL A 175 4.80 -19.64 3.25
CA VAL A 175 5.63 -20.73 3.75
C VAL A 175 4.81 -22.00 3.79
N GLN A 176 5.30 -23.04 3.13
CA GLN A 176 4.64 -24.34 3.13
C GLN A 176 5.40 -25.30 4.06
N LEU A 177 4.71 -25.88 5.03
CA LEU A 177 5.33 -26.86 5.90
C LEU A 177 5.31 -28.23 5.22
N PHE A 178 6.46 -28.87 5.10
CA PHE A 178 6.50 -30.20 4.48
C PHE A 178 6.33 -31.26 5.56
N GLY A 179 5.08 -31.34 6.03
CA GLY A 179 4.75 -32.14 7.20
C GLY A 179 3.60 -31.44 7.87
N SER A 180 3.34 -31.82 9.11
CA SER A 180 2.21 -31.24 9.84
C SER A 180 2.57 -31.03 11.29
N GLN A 181 2.06 -29.95 11.85
CA GLN A 181 2.14 -29.73 13.27
C GLN A 181 1.32 -30.79 14.00
N TYR A 182 1.73 -31.15 15.21
CA TYR A 182 0.94 -32.01 16.06
C TYR A 182 -0.43 -31.41 16.40
N ALA A 183 -1.42 -32.29 16.50
CA ALA A 183 -2.71 -31.97 17.06
C ALA A 183 -2.98 -33.05 18.09
N MET A 184 -3.90 -32.79 19.01
CA MET A 184 -4.36 -33.88 19.86
C MET A 184 -5.30 -34.73 19.01
N ARG A 185 -4.91 -35.97 18.75
CA ARG A 185 -5.76 -36.89 17.98
C ARG A 185 -6.64 -37.78 18.85
N ILE A 186 -7.94 -37.71 18.63
CA ILE A 186 -8.87 -38.60 19.30
C ILE A 186 -9.37 -39.57 18.22
N TRP A 187 -8.86 -40.79 18.24
CA TRP A 187 -9.25 -41.78 17.23
C TRP A 187 -10.39 -42.64 17.76
N MET A 188 -11.60 -42.37 17.30
CA MET A 188 -12.78 -43.01 17.84
C MET A 188 -12.90 -44.48 17.42
N ASN A 189 -13.51 -45.27 18.29
CA ASN A 189 -13.76 -46.67 18.01
C ASN A 189 -15.27 -46.85 18.02
N PRO A 190 -15.86 -47.14 16.84
CA PRO A 190 -17.32 -47.21 16.70
C PRO A 190 -17.92 -48.32 17.55
N ASN A 191 -17.19 -49.42 17.73
CA ASN A 191 -17.67 -50.52 18.55
C ASN A 191 -17.85 -50.07 19.99
N GLU A 192 -16.81 -49.48 20.57
CA GLU A 192 -16.89 -48.93 21.91
C GLU A 192 -17.97 -47.86 22.04
N LEU A 193 -18.04 -46.94 21.07
CA LEU A 193 -19.06 -45.91 21.10
C LEU A 193 -20.45 -46.52 21.22
N ASN A 194 -20.70 -47.56 20.44
CA ASN A 194 -22.03 -48.16 20.42
C ASN A 194 -22.24 -48.97 21.70
N LYS A 195 -21.20 -49.61 22.18
CA LYS A 195 -21.31 -50.34 23.44
C LYS A 195 -21.86 -49.45 24.56
N PHE A 196 -21.45 -48.18 24.58
CA PHE A 196 -21.89 -47.29 25.66
C PHE A 196 -23.01 -46.35 25.24
N GLN A 197 -23.67 -46.64 24.12
CA GLN A 197 -24.74 -45.80 23.58
C GLN A 197 -24.29 -44.35 23.33
N LEU A 198 -23.06 -44.20 22.85
CA LEU A 198 -22.53 -42.86 22.55
C LEU A 198 -22.27 -42.69 21.07
N THR A 199 -22.15 -41.44 20.63
CA THR A 199 -21.76 -41.13 19.26
C THR A 199 -20.63 -40.11 19.22
N PRO A 200 -20.10 -39.86 18.02
CA PRO A 200 -19.13 -38.77 17.91
C PRO A 200 -19.70 -37.44 18.42
N VAL A 201 -21.00 -37.22 18.29
CA VAL A 201 -21.61 -35.97 18.76
C VAL A 201 -21.37 -35.79 20.27
N ASP A 202 -21.52 -36.86 21.03
CA ASP A 202 -21.26 -36.81 22.46
C ASP A 202 -19.77 -36.57 22.77
N VAL A 203 -18.88 -37.15 21.96
CA VAL A 203 -17.45 -36.98 22.17
C VAL A 203 -17.08 -35.52 21.98
N ILE A 204 -17.62 -34.90 20.94
CA ILE A 204 -17.33 -33.52 20.63
C ILE A 204 -17.83 -32.55 21.72
N THR A 205 -19.06 -32.77 22.16
CA THR A 205 -19.64 -32.01 23.25
C THR A 205 -18.79 -32.12 24.53
N ALA A 206 -18.41 -33.33 24.89
CA ALA A 206 -17.61 -33.53 26.10
C ALA A 206 -16.24 -32.85 26.01
N ILE A 207 -15.63 -32.87 24.83
CA ILE A 207 -14.33 -32.23 24.66
C ILE A 207 -14.45 -30.71 24.78
N LYS A 208 -15.48 -30.15 24.18
CA LYS A 208 -15.74 -28.71 24.28
C LYS A 208 -15.99 -28.30 25.73
N ALA A 209 -16.67 -29.16 26.48
CA ALA A 209 -17.03 -28.86 27.87
C ALA A 209 -15.85 -29.01 28.83
N GLN A 210 -15.02 -30.02 28.58
CA GLN A 210 -13.97 -30.39 29.55
C GLN A 210 -12.55 -30.05 29.12
N ASN A 211 -12.38 -29.62 27.88
CA ASN A 211 -11.14 -28.98 27.45
C ASN A 211 -11.49 -27.52 27.18
N ALA A 212 -11.73 -26.78 28.27
CA ALA A 212 -12.22 -25.41 28.19
C ALA A 212 -11.29 -24.46 28.95
N GLN A 213 -11.29 -23.20 28.50
CA GLN A 213 -10.55 -22.14 29.17
C GLN A 213 -11.55 -21.03 29.51
N VAL A 214 -11.95 -20.96 30.78
CA VAL A 214 -13.07 -20.12 31.19
C VAL A 214 -12.65 -18.83 31.92
N ALA A 215 -13.29 -17.73 31.56
CA ALA A 215 -13.11 -16.44 32.24
C ALA A 215 -13.95 -16.52 33.49
N ALA A 216 -13.34 -16.33 34.65
CA ALA A 216 -14.09 -16.61 35.86
C ALA A 216 -14.15 -15.43 36.82
N GLY A 217 -13.54 -14.31 36.43
CA GLY A 217 -13.64 -13.11 37.22
C GLY A 217 -12.64 -13.06 38.36
N GLN A 218 -12.98 -12.31 39.41
CA GLN A 218 -12.07 -12.06 40.50
C GLN A 218 -12.79 -12.04 41.85
N LEU A 219 -12.05 -12.36 42.91
CA LEU A 219 -12.47 -12.03 44.27
C LEU A 219 -12.07 -10.58 44.50
N GLY A 220 -12.97 -9.80 45.11
CA GLY A 220 -12.68 -8.41 45.43
C GLY A 220 -12.46 -7.55 44.19
N GLY A 221 -13.10 -7.93 43.09
CA GLY A 221 -13.00 -7.18 41.85
C GLY A 221 -13.83 -5.90 41.86
N THR A 222 -13.47 -4.99 40.95
CA THR A 222 -14.16 -3.72 40.82
C THR A 222 -15.50 -3.94 40.13
N PRO A 223 -16.53 -3.18 40.53
CA PRO A 223 -16.50 -2.31 41.71
C PRO A 223 -16.69 -3.16 42.96
N PRO A 224 -15.94 -2.88 44.02
CA PRO A 224 -15.93 -3.77 45.19
C PRO A 224 -16.71 -3.14 46.34
N VAL A 225 -16.93 -3.89 47.41
CA VAL A 225 -17.52 -3.30 48.61
C VAL A 225 -16.47 -2.50 49.37
N LYS A 226 -16.93 -1.62 50.25
CA LYS A 226 -16.05 -0.84 51.10
C LYS A 226 -15.35 -1.78 52.11
N GLY A 227 -14.06 -1.56 52.32
CA GLY A 227 -13.30 -2.38 53.26
C GLY A 227 -12.73 -3.69 52.73
N GLN A 228 -12.87 -3.94 51.43
CA GLN A 228 -12.30 -5.15 50.85
C GLN A 228 -10.78 -5.19 51.01
N GLN A 229 -10.25 -6.33 51.42
CA GLN A 229 -8.81 -6.49 51.62
C GLN A 229 -8.21 -7.46 50.59
N LEU A 230 -9.05 -8.37 50.08
CA LEU A 230 -8.59 -9.38 49.14
C LEU A 230 -8.99 -9.10 47.68
N ASN A 231 -7.99 -9.12 46.81
CA ASN A 231 -8.19 -9.12 45.36
C ASN A 231 -7.36 -10.24 44.73
N ALA A 232 -8.01 -11.12 43.97
CA ALA A 232 -7.36 -12.30 43.42
C ALA A 232 -8.12 -12.81 42.19
N SER A 233 -7.40 -13.18 41.13
CA SER A 233 -8.06 -13.82 39.99
C SER A 233 -8.69 -15.16 40.40
N ILE A 234 -9.88 -15.45 39.88
CA ILE A 234 -10.41 -16.80 40.00
C ILE A 234 -9.97 -17.61 38.78
N ILE A 235 -9.37 -18.77 39.01
CA ILE A 235 -8.97 -19.67 37.93
C ILE A 235 -9.88 -20.88 37.97
N ALA A 236 -10.59 -21.15 36.87
CA ALA A 236 -11.43 -22.34 36.78
C ALA A 236 -10.77 -23.30 35.80
N GLN A 237 -11.53 -23.89 34.88
CA GLN A 237 -10.94 -24.81 33.93
C GLN A 237 -9.93 -24.12 33.00
N THR A 238 -8.88 -24.86 32.64
CA THR A 238 -7.86 -24.42 31.69
C THR A 238 -7.74 -25.49 30.61
N ARG A 239 -7.21 -25.14 29.44
CA ARG A 239 -7.06 -26.11 28.35
C ARG A 239 -6.32 -27.34 28.84
N LEU A 240 -6.69 -28.50 28.33
CA LEU A 240 -5.95 -29.73 28.62
C LEU A 240 -4.57 -29.64 27.96
N THR A 241 -3.58 -30.37 28.47
CA THR A 241 -2.21 -30.24 27.96
C THR A 241 -1.54 -31.58 27.56
N SER A 242 -2.25 -32.69 27.73
CA SER A 242 -1.65 -34.00 27.56
C SER A 242 -2.66 -35.06 27.13
N THR A 243 -2.17 -36.16 26.54
CA THR A 243 -3.06 -37.25 26.15
C THR A 243 -3.75 -37.82 27.39
N GLU A 244 -2.98 -37.90 28.48
CA GLU A 244 -3.52 -38.42 29.73
C GLU A 244 -4.76 -37.65 30.17
N GLU A 245 -4.68 -36.32 30.15
CA GLU A 245 -5.83 -35.49 30.55
C GLU A 245 -7.00 -35.67 29.62
N PHE A 246 -6.76 -35.77 28.33
CA PHE A 246 -7.84 -36.03 27.39
C PHE A 246 -8.43 -37.41 27.64
N GLY A 247 -7.56 -38.36 28.00
CA GLY A 247 -8.00 -39.72 28.22
C GLY A 247 -9.06 -39.80 29.30
N LYS A 248 -8.99 -38.91 30.29
CA LYS A 248 -9.91 -39.03 31.40
C LYS A 248 -11.10 -38.09 31.30
N ILE A 249 -11.30 -37.47 30.15
CA ILE A 249 -12.53 -36.73 29.96
C ILE A 249 -13.68 -37.70 30.23
N LEU A 250 -14.68 -37.23 30.99
CA LEU A 250 -15.76 -38.10 31.44
C LEU A 250 -16.96 -38.01 30.50
N LEU A 251 -17.20 -39.07 29.74
CA LEU A 251 -18.29 -39.05 28.77
C LEU A 251 -19.64 -39.22 29.45
N LYS A 252 -19.74 -40.18 30.36
CA LYS A 252 -21.00 -40.42 31.06
C LYS A 252 -20.75 -41.30 32.28
N VAL A 253 -21.68 -41.23 33.23
CA VAL A 253 -21.68 -42.18 34.32
C VAL A 253 -22.78 -43.21 34.06
N ASN A 254 -22.39 -44.47 33.98
CA ASN A 254 -23.37 -45.55 33.79
C ASN A 254 -24.39 -45.61 34.92
N GLN A 255 -25.39 -46.46 34.77
CA GLN A 255 -26.47 -46.61 35.72
C GLN A 255 -25.95 -47.20 37.03
N ASP A 256 -25.09 -48.21 36.91
CA ASP A 256 -24.46 -48.84 38.05
C ASP A 256 -23.42 -47.93 38.69
N GLY A 257 -23.18 -46.77 38.09
CA GLY A 257 -22.22 -45.83 38.64
C GLY A 257 -20.80 -46.02 38.13
N SER A 258 -20.61 -46.91 37.17
CA SER A 258 -19.33 -47.03 36.48
C SER A 258 -19.15 -45.78 35.61
N ARG A 259 -17.90 -45.42 35.31
CA ARG A 259 -17.64 -44.24 34.49
C ARG A 259 -17.21 -44.63 33.09
N VAL A 260 -17.62 -43.83 32.11
CA VAL A 260 -17.11 -43.99 30.75
C VAL A 260 -16.19 -42.82 30.42
N LEU A 261 -14.90 -43.10 30.32
CA LEU A 261 -13.89 -42.08 30.00
C LEU A 261 -13.58 -42.08 28.50
N LEU A 262 -13.10 -40.96 27.97
CA LEU A 262 -12.77 -40.85 26.54
C LEU A 262 -11.85 -41.99 26.10
N ARG A 263 -10.88 -42.31 26.94
CA ARG A 263 -9.91 -43.35 26.60
C ARG A 263 -10.57 -44.72 26.45
N ASP A 264 -11.81 -44.85 26.93
CA ASP A 264 -12.51 -46.13 26.81
C ASP A 264 -13.17 -46.29 25.45
N VAL A 265 -13.39 -45.17 24.77
CA VAL A 265 -14.02 -45.23 23.45
C VAL A 265 -13.08 -44.74 22.35
N ALA A 266 -11.82 -44.49 22.69
CA ALA A 266 -10.91 -43.85 21.72
C ALA A 266 -9.43 -44.04 22.04
N LYS A 267 -8.60 -44.17 21.01
CA LYS A 267 -7.16 -44.02 21.21
C LYS A 267 -6.79 -42.55 21.19
N ILE A 268 -5.91 -42.16 22.10
CA ILE A 268 -5.55 -40.76 22.26
C ILE A 268 -4.06 -40.59 22.07
N GLU A 269 -3.70 -39.73 21.12
CA GLU A 269 -2.30 -39.49 20.81
C GLU A 269 -2.09 -38.15 20.17
N LEU A 270 -0.91 -37.59 20.39
CA LEU A 270 -0.39 -36.48 19.61
C LEU A 270 -0.11 -37.00 18.21
N GLY A 271 -0.60 -36.30 17.20
CA GLY A 271 -0.35 -36.70 15.83
C GLY A 271 -0.70 -35.54 14.91
N GLY A 272 -0.27 -35.61 13.67
CA GLY A 272 -0.37 -34.45 12.78
C GLY A 272 -1.79 -33.95 12.60
N GLU A 273 -1.92 -32.64 12.43
CA GLU A 273 -3.17 -32.05 11.97
C GLU A 273 -3.63 -32.78 10.73
N ASN A 274 -2.70 -33.05 9.81
CA ASN A 274 -3.01 -33.94 8.69
C ASN A 274 -1.85 -34.90 8.46
N TYR A 275 -2.08 -35.94 7.69
CA TYR A 275 -1.06 -36.97 7.52
C TYR A 275 -0.74 -37.15 6.04
N ASP A 276 -0.81 -36.05 5.29
CA ASP A 276 -0.67 -36.09 3.83
C ASP A 276 0.73 -35.82 3.31
N ILE A 277 1.54 -35.12 4.09
CA ILE A 277 2.83 -34.69 3.58
C ILE A 277 3.96 -35.31 4.38
N ILE A 278 4.82 -36.03 3.68
CA ILE A 278 5.88 -36.78 4.32
C ILE A 278 7.09 -36.55 3.44
N ALA A 279 8.14 -35.96 4.00
CA ALA A 279 9.31 -35.65 3.19
C ALA A 279 10.50 -36.53 3.58
N GLU A 280 11.46 -36.65 2.66
CA GLU A 280 12.73 -37.31 2.93
C GLU A 280 13.87 -36.44 2.37
N PHE A 281 15.04 -36.52 2.99
CA PHE A 281 16.24 -35.87 2.46
C PHE A 281 17.30 -36.92 2.22
N ASN A 282 17.74 -37.06 0.98
CA ASN A 282 18.63 -38.16 0.59
C ASN A 282 18.19 -39.48 1.21
N GLY A 283 16.88 -39.71 1.26
CA GLY A 283 16.36 -40.98 1.72
C GLY A 283 16.08 -41.09 3.22
N GLN A 284 16.50 -40.11 4.00
CA GLN A 284 16.19 -40.15 5.44
C GLN A 284 15.02 -39.23 5.84
N PRO A 285 14.37 -39.57 6.95
CA PRO A 285 13.21 -38.83 7.44
C PRO A 285 13.55 -37.36 7.51
N ALA A 286 12.68 -36.49 6.99
CA ALA A 286 12.90 -35.06 7.15
C ALA A 286 11.60 -34.26 7.27
N SER A 287 11.75 -32.99 7.64
CA SER A 287 10.69 -32.02 7.42
C SER A 287 11.37 -30.81 6.79
N GLY A 288 10.64 -29.71 6.66
CA GLY A 288 11.22 -28.53 6.05
C GLY A 288 10.20 -27.44 5.72
N LEU A 289 10.70 -26.34 5.19
CA LEU A 289 9.84 -25.20 4.84
C LEU A 289 10.06 -24.86 3.37
N GLY A 290 8.98 -24.75 2.63
CA GLY A 290 9.05 -24.33 1.25
C GLY A 290 8.73 -22.85 1.30
N ILE A 291 9.66 -22.02 0.87
CA ILE A 291 9.47 -20.59 1.02
C ILE A 291 9.29 -19.92 -0.33
N LYS A 292 8.31 -19.04 -0.41
CA LYS A 292 8.10 -18.28 -1.64
C LYS A 292 8.26 -16.79 -1.38
N LEU A 293 8.91 -16.10 -2.33
CA LEU A 293 9.17 -14.67 -2.25
C LEU A 293 7.87 -13.86 -2.32
N ALA A 294 7.67 -12.91 -1.41
CA ALA A 294 6.58 -11.95 -1.58
C ALA A 294 6.79 -11.21 -2.91
N THR A 295 5.68 -10.84 -3.54
CA THR A 295 5.69 -10.13 -4.81
C THR A 295 6.61 -8.91 -4.76
N GLY A 296 7.55 -8.83 -5.69
CA GLY A 296 8.43 -7.68 -5.77
C GLY A 296 9.58 -7.62 -4.77
N ALA A 297 9.63 -8.55 -3.82
CA ALA A 297 10.70 -8.50 -2.80
C ALA A 297 12.04 -8.92 -3.41
N ASN A 298 13.13 -8.49 -2.78
CA ASN A 298 14.47 -8.90 -3.23
C ASN A 298 14.80 -10.33 -2.76
N ALA A 299 15.16 -11.19 -3.70
CA ALA A 299 15.42 -12.59 -3.38
C ALA A 299 16.64 -12.71 -2.47
N LEU A 300 17.71 -12.01 -2.81
CA LEU A 300 18.96 -12.15 -2.04
C LEU A 300 18.83 -11.63 -0.61
N ASP A 301 18.16 -10.49 -0.42
CA ASP A 301 17.98 -9.91 0.91
C ASP A 301 17.08 -10.78 1.78
N THR A 302 16.07 -11.34 1.15
CA THR A 302 15.09 -12.15 1.86
C THR A 302 15.75 -13.45 2.31
N ALA A 303 16.54 -14.04 1.42
CA ALA A 303 17.30 -15.24 1.78
C ALA A 303 18.23 -14.96 2.96
N ALA A 304 18.91 -13.82 2.93
CA ALA A 304 19.83 -13.50 4.02
C ALA A 304 19.05 -13.33 5.31
N ALA A 305 17.87 -12.71 5.22
CA ALA A 305 17.04 -12.53 6.40
C ALA A 305 16.55 -13.88 6.94
N ILE A 306 16.27 -14.82 6.05
CA ILE A 306 15.80 -16.15 6.46
C ILE A 306 16.90 -16.88 7.22
N ARG A 307 18.11 -16.89 6.64
CA ARG A 307 19.29 -17.47 7.32
C ARG A 307 19.57 -16.84 8.67
N ALA A 308 19.49 -15.51 8.74
CA ALA A 308 19.74 -14.84 10.01
C ALA A 308 18.73 -15.28 11.04
N GLU A 309 17.48 -15.45 10.62
CA GLU A 309 16.46 -15.89 11.56
C GLU A 309 16.69 -17.34 11.96
N LEU A 310 17.17 -18.14 11.00
CA LEU A 310 17.45 -19.55 11.25
C LEU A 310 18.58 -19.70 12.29
N ALA A 311 19.62 -18.89 12.15
CA ALA A 311 20.75 -18.90 13.10
C ALA A 311 20.33 -18.61 14.52
N LYS A 312 19.24 -17.87 14.69
CA LYS A 312 18.74 -17.56 16.04
C LYS A 312 18.08 -18.78 16.67
N MET A 313 17.65 -19.71 15.83
CA MET A 313 16.95 -20.90 16.31
C MET A 313 17.90 -22.05 16.64
N GLU A 314 18.98 -22.20 15.89
CA GLU A 314 19.85 -23.37 16.00
C GLU A 314 20.35 -23.70 17.40
N PRO A 315 20.83 -22.69 18.14
CA PRO A 315 21.46 -23.02 19.43
C PRO A 315 20.45 -23.65 20.38
N PHE A 316 19.16 -23.60 20.04
CA PHE A 316 18.15 -24.19 20.94
C PHE A 316 17.53 -25.48 20.41
N PHE A 317 18.11 -26.02 19.33
CA PHE A 317 17.66 -27.30 18.79
C PHE A 317 17.83 -28.44 19.81
N PRO A 318 16.88 -29.40 19.80
CA PRO A 318 17.03 -30.67 20.51
C PRO A 318 18.24 -31.38 19.91
N SER A 319 18.85 -32.31 20.65
CA SER A 319 20.06 -32.96 20.17
C SER A 319 19.83 -33.65 18.83
N GLY A 320 20.79 -33.48 17.91
CA GLY A 320 20.72 -34.18 16.64
C GLY A 320 20.01 -33.42 15.55
N LEU A 321 19.13 -32.49 15.92
CA LEU A 321 18.41 -31.70 14.90
C LEU A 321 19.39 -30.86 14.10
N LYS A 322 19.23 -30.82 12.79
CA LYS A 322 20.14 -30.05 11.95
C LYS A 322 19.42 -29.48 10.73
N ILE A 323 19.81 -28.27 10.36
CA ILE A 323 19.27 -27.66 9.15
C ILE A 323 20.08 -28.08 7.93
N VAL A 324 19.39 -28.44 6.86
CA VAL A 324 20.05 -28.72 5.60
C VAL A 324 19.50 -27.81 4.50
N TYR A 325 20.26 -27.65 3.42
CA TYR A 325 19.91 -26.72 2.37
C TYR A 325 19.84 -27.46 1.04
N PRO A 326 18.68 -28.06 0.74
CA PRO A 326 18.51 -28.95 -0.42
C PRO A 326 18.15 -28.24 -1.71
N TYR A 327 17.66 -27.00 -1.62
CA TYR A 327 17.15 -26.31 -2.82
C TYR A 327 17.05 -24.81 -2.58
N ASP A 328 17.93 -24.04 -3.23
CA ASP A 328 17.96 -22.60 -3.06
C ASP A 328 18.26 -21.99 -4.41
N THR A 329 17.43 -21.04 -4.84
CA THR A 329 17.63 -20.44 -6.15
C THR A 329 18.55 -19.22 -6.08
N THR A 330 18.96 -18.83 -4.88
CA THR A 330 19.69 -17.57 -4.76
C THR A 330 21.19 -17.64 -4.98
N PRO A 331 21.85 -18.71 -4.50
CA PRO A 331 23.30 -18.81 -4.77
C PRO A 331 23.61 -18.55 -6.24
N PHE A 332 22.85 -19.11 -7.18
CA PHE A 332 23.13 -18.89 -8.59
C PHE A 332 23.16 -17.40 -8.94
N VAL A 333 22.26 -16.64 -8.34
CA VAL A 333 22.18 -15.21 -8.64
C VAL A 333 23.47 -14.54 -8.18
N LYS A 334 23.79 -14.69 -6.90
CA LYS A 334 25.03 -14.22 -6.32
C LYS A 334 26.24 -14.64 -7.16
N ILE A 335 26.36 -15.94 -7.40
CA ILE A 335 27.53 -16.49 -8.09
C ILE A 335 27.61 -16.03 -9.55
N SER A 336 26.49 -15.99 -10.26
CA SER A 336 26.51 -15.57 -11.66
C SER A 336 26.93 -14.10 -11.78
N ILE A 337 26.40 -13.25 -10.90
CA ILE A 337 26.79 -11.84 -10.90
C ILE A 337 28.31 -11.74 -10.64
N HIS A 338 28.77 -12.36 -9.57
CA HIS A 338 30.20 -12.33 -9.24
C HIS A 338 31.08 -12.80 -10.42
N GLU A 339 30.62 -13.82 -11.15
CA GLU A 339 31.34 -14.26 -12.36
C GLU A 339 31.46 -13.16 -13.42
N VAL A 340 30.43 -12.34 -13.58
CA VAL A 340 30.50 -11.20 -14.52
C VAL A 340 31.40 -10.09 -13.98
N VAL A 341 31.39 -9.86 -12.67
CA VAL A 341 32.28 -8.87 -12.07
C VAL A 341 33.71 -9.26 -12.39
N LYS A 342 33.99 -10.56 -12.30
CA LYS A 342 35.32 -11.09 -12.51
C LYS A 342 35.78 -10.89 -13.95
N THR A 343 34.96 -11.24 -14.94
CA THR A 343 35.36 -11.01 -16.33
C THR A 343 35.52 -9.51 -16.58
N LEU A 344 34.81 -8.70 -15.81
CA LEU A 344 34.93 -7.26 -15.90
C LEU A 344 36.35 -6.84 -15.52
N VAL A 345 36.84 -7.40 -14.42
CA VAL A 345 38.20 -7.15 -13.96
C VAL A 345 39.24 -7.68 -14.95
N GLU A 346 39.04 -8.90 -15.44
CA GLU A 346 39.94 -9.49 -16.43
C GLU A 346 40.00 -8.63 -17.70
N ALA A 347 38.85 -8.14 -18.13
CA ALA A 347 38.78 -7.31 -19.32
C ALA A 347 39.62 -6.05 -19.14
N ILE A 348 39.59 -5.49 -17.94
CA ILE A 348 40.39 -4.30 -17.64
C ILE A 348 41.89 -4.63 -17.65
N ILE A 349 42.26 -5.79 -17.12
CA ILE A 349 43.63 -6.25 -17.16
C ILE A 349 44.08 -6.50 -18.60
N LEU A 350 43.23 -7.17 -19.37
CA LEU A 350 43.53 -7.44 -20.77
C LEU A 350 43.70 -6.14 -21.55
N VAL A 351 42.86 -5.17 -21.25
CA VAL A 351 42.95 -3.85 -21.87
C VAL A 351 44.29 -3.19 -21.55
N PHE A 352 44.63 -3.15 -20.27
CA PHE A 352 45.91 -2.59 -19.84
C PHE A 352 47.11 -3.18 -20.61
N LEU A 353 47.08 -4.48 -20.88
CA LEU A 353 48.17 -5.16 -21.58
C LEU A 353 48.27 -4.77 -23.06
N VAL A 354 47.13 -4.56 -23.71
CA VAL A 354 47.09 -4.11 -25.10
C VAL A 354 47.56 -2.65 -25.19
N MET A 355 47.01 -1.80 -24.33
CA MET A 355 47.48 -0.42 -24.20
C MET A 355 49.00 -0.39 -24.09
N TYR A 356 49.54 -1.27 -23.24
CA TYR A 356 50.97 -1.29 -23.00
C TYR A 356 51.73 -1.67 -24.27
N LEU A 357 51.21 -2.64 -25.02
CA LEU A 357 51.83 -3.06 -26.28
C LEU A 357 52.06 -1.89 -27.23
N PHE A 358 51.08 -0.97 -27.29
CA PHE A 358 51.15 0.19 -28.19
C PHE A 358 51.78 1.42 -27.55
N LEU A 359 51.38 1.71 -26.31
CA LEU A 359 51.89 2.88 -25.59
C LEU A 359 53.29 2.62 -25.04
N GLN A 360 53.61 1.34 -24.84
CA GLN A 360 54.96 0.96 -24.47
C GLN A 360 55.49 1.75 -23.27
N ASN A 361 54.55 2.26 -22.47
CA ASN A 361 54.91 2.95 -21.24
C ASN A 361 53.84 2.81 -20.16
N PHE A 362 54.29 2.58 -18.94
CA PHE A 362 53.43 2.33 -17.82
C PHE A 362 52.40 3.45 -17.60
N ARG A 363 52.88 4.68 -17.48
CA ARG A 363 52.01 5.79 -17.13
C ARG A 363 51.01 6.16 -18.22
N ALA A 364 51.36 5.96 -19.48
CA ALA A 364 50.42 6.20 -20.58
C ALA A 364 49.33 5.14 -20.62
N THR A 365 49.71 3.88 -20.49
CA THR A 365 48.75 2.78 -20.47
C THR A 365 47.79 2.95 -19.31
N LEU A 366 48.28 3.59 -18.25
CA LEU A 366 47.48 3.81 -17.05
C LEU A 366 46.31 4.75 -17.27
N ILE A 367 46.41 5.61 -18.28
CA ILE A 367 45.36 6.62 -18.54
C ILE A 367 44.02 6.02 -18.94
N PRO A 368 43.99 5.26 -20.06
CA PRO A 368 42.75 4.60 -20.44
C PRO A 368 42.36 3.56 -19.39
N THR A 369 43.35 3.07 -18.66
CA THR A 369 43.11 2.05 -17.62
C THR A 369 42.43 2.65 -16.39
N ILE A 370 42.59 3.94 -16.19
CA ILE A 370 41.92 4.64 -15.09
C ILE A 370 40.53 5.13 -15.52
N ALA A 371 40.44 5.64 -16.74
CA ALA A 371 39.16 6.11 -17.25
C ALA A 371 38.06 5.08 -17.10
N VAL A 372 38.40 3.81 -17.36
CA VAL A 372 37.39 2.75 -17.37
C VAL A 372 36.68 2.59 -16.02
N PRO A 373 37.44 2.25 -14.97
CA PRO A 373 36.85 2.08 -13.64
C PRO A 373 36.18 3.36 -13.12
N VAL A 374 36.65 4.53 -13.54
CA VAL A 374 35.99 5.77 -13.13
C VAL A 374 34.59 5.85 -13.72
N VAL A 375 34.47 5.58 -15.02
CA VAL A 375 33.16 5.68 -15.69
C VAL A 375 32.22 4.62 -15.19
N LEU A 376 32.70 3.39 -15.13
CA LEU A 376 31.90 2.26 -14.67
C LEU A 376 31.32 2.52 -13.28
N LEU A 377 32.18 2.91 -12.34
CA LEU A 377 31.74 3.16 -10.97
C LEU A 377 30.71 4.26 -10.93
N GLY A 378 30.94 5.32 -11.71
CA GLY A 378 29.98 6.40 -11.80
C GLY A 378 28.66 5.90 -12.34
N THR A 379 28.73 4.94 -13.26
CA THR A 379 27.50 4.40 -13.82
C THR A 379 26.63 3.78 -12.74
N PHE A 380 27.25 3.03 -11.82
CA PHE A 380 26.51 2.45 -10.71
C PHE A 380 25.77 3.54 -9.95
N ALA A 381 26.41 4.69 -9.76
CA ALA A 381 25.75 5.82 -9.10
C ALA A 381 24.53 6.31 -9.89
N VAL A 382 24.69 6.45 -11.20
CA VAL A 382 23.59 6.86 -12.05
C VAL A 382 22.43 5.85 -12.00
N LEU A 383 22.76 4.56 -12.02
CA LEU A 383 21.75 3.52 -11.90
C LEU A 383 20.95 3.67 -10.61
N ALA A 384 21.64 3.95 -9.51
CA ALA A 384 20.98 4.15 -8.22
C ALA A 384 20.08 5.37 -8.25
N ALA A 385 20.57 6.46 -8.82
CA ALA A 385 19.77 7.68 -8.90
C ALA A 385 18.49 7.46 -9.71
N PHE A 386 18.51 6.47 -10.60
CA PHE A 386 17.34 6.17 -11.41
C PHE A 386 16.59 4.92 -10.94
N GLY A 387 16.97 4.41 -9.77
CA GLY A 387 16.26 3.29 -9.17
C GLY A 387 16.47 1.95 -9.84
N PHE A 388 17.52 1.82 -10.66
CA PHE A 388 17.86 0.50 -11.19
C PHE A 388 18.57 -0.35 -10.15
N SER A 389 18.65 -1.65 -10.43
CA SER A 389 19.33 -2.58 -9.55
C SER A 389 20.52 -3.20 -10.27
N ILE A 390 21.39 -3.83 -9.50
CA ILE A 390 22.49 -4.59 -10.10
C ILE A 390 21.94 -5.95 -10.50
N ASN A 391 21.92 -6.22 -11.79
CA ASN A 391 21.36 -7.48 -12.30
C ASN A 391 22.15 -7.93 -13.52
N THR A 392 21.81 -9.10 -14.04
CA THR A 392 22.60 -9.70 -15.11
C THR A 392 22.72 -8.72 -16.29
N LEU A 393 21.64 -7.99 -16.54
CA LEU A 393 21.58 -7.14 -17.71
C LEU A 393 22.40 -5.87 -17.53
N THR A 394 22.28 -5.23 -16.37
CA THR A 394 23.07 -4.04 -16.09
C THR A 394 24.56 -4.38 -16.08
N MET A 395 24.90 -5.52 -15.48
CA MET A 395 26.28 -6.00 -15.43
C MET A 395 26.89 -6.22 -16.81
N PHE A 396 26.09 -6.76 -17.73
CA PHE A 396 26.57 -7.00 -19.09
C PHE A 396 26.67 -5.69 -19.84
N GLY A 397 25.76 -4.76 -19.54
CA GLY A 397 25.86 -3.39 -20.05
C GLY A 397 27.20 -2.77 -19.66
N MET A 398 27.63 -2.99 -18.41
CA MET A 398 28.93 -2.54 -17.94
C MET A 398 30.02 -3.11 -18.84
N VAL A 399 29.97 -4.43 -19.03
CA VAL A 399 30.96 -5.12 -19.84
C VAL A 399 31.02 -4.54 -21.25
N LEU A 400 29.86 -4.42 -21.91
CA LEU A 400 29.85 -3.86 -23.26
C LEU A 400 30.31 -2.39 -23.26
N ALA A 401 29.96 -1.67 -22.20
CA ALA A 401 30.35 -0.26 -22.07
C ALA A 401 31.87 -0.11 -22.16
N ILE A 402 32.61 -1.08 -21.61
CA ILE A 402 34.06 -1.03 -21.64
C ILE A 402 34.60 -0.73 -23.04
N GLY A 403 34.03 -1.38 -24.05
CA GLY A 403 34.46 -1.12 -25.42
C GLY A 403 34.29 0.35 -25.77
N LEU A 404 33.12 0.90 -25.44
CA LEU A 404 32.84 2.29 -25.71
C LEU A 404 33.72 3.21 -24.86
N LEU A 405 33.82 2.92 -23.57
CA LEU A 405 34.63 3.68 -22.62
C LEU A 405 36.10 3.73 -23.03
N VAL A 406 36.73 2.57 -23.11
CA VAL A 406 38.14 2.49 -23.43
C VAL A 406 38.43 3.20 -24.75
N ASP A 407 37.47 3.15 -25.67
CA ASP A 407 37.66 3.81 -26.96
C ASP A 407 37.74 5.34 -26.84
N ASP A 408 36.85 5.94 -26.05
CA ASP A 408 36.93 7.38 -25.76
C ASP A 408 38.33 7.76 -25.27
N ALA A 409 38.84 7.00 -24.30
CA ALA A 409 40.16 7.26 -23.71
C ALA A 409 41.30 7.08 -24.71
N ILE A 410 41.28 5.96 -25.42
CA ILE A 410 42.27 5.69 -26.46
C ILE A 410 42.32 6.83 -27.48
N VAL A 411 41.15 7.20 -28.00
CA VAL A 411 41.06 8.30 -28.97
C VAL A 411 41.74 9.57 -28.46
N VAL A 412 41.46 9.94 -27.22
CA VAL A 412 42.08 11.11 -26.62
C VAL A 412 43.59 10.97 -26.46
N VAL A 413 44.04 9.92 -25.79
CA VAL A 413 45.46 9.71 -25.53
C VAL A 413 46.27 9.53 -26.82
N GLU A 414 45.78 8.68 -27.72
CA GLU A 414 46.49 8.41 -28.96
C GLU A 414 46.69 9.70 -29.76
N ASN A 415 45.63 10.50 -29.89
CA ASN A 415 45.70 11.72 -30.68
C ASN A 415 46.79 12.68 -30.17
N VAL A 416 46.95 12.75 -28.86
CA VAL A 416 48.02 13.51 -28.25
C VAL A 416 49.38 12.91 -28.62
N GLU A 417 49.53 11.61 -28.39
CA GLU A 417 50.74 10.88 -28.77
C GLU A 417 51.11 11.17 -30.23
N ARG A 418 50.10 11.21 -31.09
CA ARG A 418 50.32 11.56 -32.49
C ARG A 418 50.85 13.00 -32.58
N VAL A 419 49.98 13.97 -32.30
CA VAL A 419 50.37 15.39 -32.27
C VAL A 419 51.81 15.59 -31.85
N MET A 420 52.16 15.01 -30.71
CA MET A 420 53.50 15.16 -30.15
C MET A 420 54.60 14.63 -31.07
N ALA A 421 54.26 13.66 -31.90
CA ALA A 421 55.25 13.08 -32.80
C ALA A 421 55.18 13.72 -34.19
N GLU A 422 54.17 14.55 -34.39
CA GLU A 422 54.01 15.22 -35.66
C GLU A 422 54.39 16.70 -35.56
N GLU A 423 54.94 17.09 -34.41
CA GLU A 423 55.30 18.49 -34.18
C GLU A 423 56.37 18.65 -33.12
N GLY A 424 56.46 17.68 -32.21
CA GLY A 424 57.40 17.77 -31.11
C GLY A 424 56.93 18.80 -30.09
N LEU A 425 55.62 19.07 -30.09
CA LEU A 425 55.03 19.92 -29.08
C LEU A 425 55.18 19.24 -27.73
N PRO A 426 55.43 20.02 -26.67
CA PRO A 426 55.50 19.42 -25.33
C PRO A 426 54.13 18.87 -24.91
N PRO A 427 54.12 17.87 -24.04
CA PRO A 427 52.91 17.12 -23.64
C PRO A 427 51.73 18.00 -23.28
N LYS A 428 51.93 18.94 -22.35
CA LYS A 428 50.86 19.86 -21.95
C LYS A 428 50.28 20.64 -23.14
N GLU A 429 51.16 21.12 -24.02
CA GLU A 429 50.72 21.89 -25.18
C GLU A 429 50.03 21.00 -26.21
N ALA A 430 50.57 19.80 -26.37
CA ALA A 430 50.05 18.85 -27.33
C ALA A 430 48.60 18.43 -27.04
N THR A 431 48.26 18.18 -25.77
CA THR A 431 46.89 17.79 -25.45
C THR A 431 45.91 18.95 -25.64
N ARG A 432 46.36 20.15 -25.31
CA ARG A 432 45.55 21.35 -25.56
C ARG A 432 45.16 21.46 -27.03
N LYS A 433 46.15 21.28 -27.89
CA LYS A 433 45.91 21.33 -29.32
C LYS A 433 45.03 20.16 -29.71
N SER A 434 45.40 18.98 -29.21
CA SER A 434 44.67 17.76 -29.49
C SER A 434 43.20 17.84 -29.07
N MET A 435 42.96 18.17 -27.80
CA MET A 435 41.59 18.28 -27.31
C MET A 435 40.74 19.20 -28.17
N GLY A 436 41.26 20.38 -28.48
CA GLY A 436 40.56 21.34 -29.33
C GLY A 436 40.17 20.73 -30.67
N GLN A 437 40.93 19.72 -31.08
CA GLN A 437 40.75 19.09 -32.39
C GLN A 437 39.67 18.00 -32.40
N ILE A 438 39.56 17.24 -31.31
CA ILE A 438 38.61 16.12 -31.26
C ILE A 438 37.45 16.32 -30.27
N GLN A 439 37.64 17.21 -29.30
CA GLN A 439 36.65 17.48 -28.26
C GLN A 439 35.21 17.59 -28.78
N GLY A 440 35.04 18.28 -29.90
CA GLY A 440 33.72 18.47 -30.49
C GLY A 440 33.16 17.18 -31.05
N ALA A 441 34.04 16.36 -31.63
CA ALA A 441 33.63 15.09 -32.20
C ALA A 441 33.16 14.11 -31.12
N LEU A 442 33.92 14.03 -30.03
CA LEU A 442 33.57 13.13 -28.92
C LEU A 442 32.15 13.36 -28.44
N VAL A 443 31.80 14.64 -28.23
CA VAL A 443 30.46 15.00 -27.78
C VAL A 443 29.44 14.65 -28.84
N GLY A 444 29.72 15.05 -30.09
CA GLY A 444 28.84 14.72 -31.19
C GLY A 444 28.60 13.24 -31.32
N ILE A 445 29.66 12.44 -31.18
CA ILE A 445 29.55 10.99 -31.33
C ILE A 445 28.68 10.38 -30.25
N ALA A 446 28.83 10.85 -29.01
CA ALA A 446 28.00 10.35 -27.92
C ALA A 446 26.53 10.55 -28.26
N MET A 447 26.20 11.67 -28.87
CA MET A 447 24.82 11.93 -29.28
C MET A 447 24.33 11.00 -30.39
N VAL A 448 25.16 10.75 -31.40
CA VAL A 448 24.75 9.80 -32.46
C VAL A 448 24.59 8.41 -31.87
N LEU A 449 25.45 8.07 -30.91
CA LEU A 449 25.39 6.78 -30.24
C LEU A 449 24.14 6.61 -29.40
N SER A 450 23.69 7.68 -28.75
CA SER A 450 22.54 7.56 -27.87
C SER A 450 21.35 7.20 -28.75
N ALA A 451 21.43 7.63 -30.01
CA ALA A 451 20.41 7.32 -31.01
C ALA A 451 20.34 5.83 -31.31
N VAL A 452 21.45 5.12 -31.10
CA VAL A 452 21.44 3.68 -31.36
C VAL A 452 21.04 2.84 -30.15
N PHE A 453 21.13 3.41 -28.94
CA PHE A 453 20.84 2.66 -27.71
C PHE A 453 19.54 3.06 -27.01
N VAL A 454 19.18 4.34 -27.11
CA VAL A 454 17.95 4.86 -26.49
C VAL A 454 16.71 4.12 -26.95
N PRO A 455 16.52 4.01 -28.27
CA PRO A 455 15.31 3.44 -28.86
C PRO A 455 14.85 2.13 -28.19
N MET A 456 15.78 1.27 -27.78
CA MET A 456 15.38 0.01 -27.15
C MET A 456 14.83 0.19 -25.73
N ALA A 457 15.06 1.36 -25.15
CA ALA A 457 14.43 1.68 -23.88
C ALA A 457 12.92 1.75 -24.06
N PHE A 458 12.46 1.54 -25.29
CA PHE A 458 11.06 1.78 -25.64
C PHE A 458 10.28 0.57 -26.13
N PHE A 459 10.90 -0.61 -26.08
CA PHE A 459 10.15 -1.84 -26.33
C PHE A 459 9.00 -1.91 -25.34
N GLY A 460 7.92 -2.58 -25.72
CA GLY A 460 6.74 -2.67 -24.87
C GLY A 460 6.63 -3.99 -24.16
N GLY A 461 5.89 -4.00 -23.05
CA GLY A 461 5.59 -5.22 -22.32
C GLY A 461 6.65 -5.68 -21.36
N SER A 462 6.64 -6.98 -21.07
CA SER A 462 7.68 -7.59 -20.26
C SER A 462 9.01 -7.36 -20.97
N THR A 463 9.11 -7.82 -22.21
CA THR A 463 10.29 -7.62 -23.04
C THR A 463 11.00 -6.31 -22.69
N GLY A 464 10.28 -5.20 -22.90
CA GLY A 464 10.81 -3.86 -22.70
C GLY A 464 11.65 -3.61 -21.46
N ALA A 465 11.27 -4.19 -20.33
CA ALA A 465 12.05 -3.99 -19.10
C ALA A 465 13.46 -4.57 -19.24
N ILE A 466 13.60 -5.69 -19.95
CA ILE A 466 14.92 -6.27 -20.17
C ILE A 466 15.82 -5.32 -20.98
N TYR A 467 15.38 -4.96 -22.18
CA TYR A 467 16.18 -4.10 -23.05
C TYR A 467 16.50 -2.77 -22.40
N ARG A 468 15.57 -2.27 -21.57
CA ARG A 468 15.75 -0.99 -20.92
C ARG A 468 16.97 -0.97 -19.98
N GLN A 469 17.25 -2.10 -19.30
CA GLN A 469 18.41 -2.17 -18.43
C GLN A 469 19.69 -1.86 -19.19
N PHE A 470 19.81 -2.39 -20.40
CA PHE A 470 20.98 -2.12 -21.25
C PHE A 470 21.06 -0.68 -21.72
N SER A 471 19.92 -0.14 -22.17
CA SER A 471 19.87 1.22 -22.69
C SER A 471 20.48 2.19 -21.71
N ILE A 472 19.87 2.27 -20.54
CA ILE A 472 20.25 3.24 -19.52
C ILE A 472 21.69 3.00 -19.04
N THR A 473 22.06 1.74 -18.80
CA THR A 473 23.43 1.47 -18.37
C THR A 473 24.42 2.01 -19.39
N ILE A 474 24.21 1.64 -20.65
CA ILE A 474 25.16 1.97 -21.72
C ILE A 474 25.16 3.45 -22.09
N VAL A 475 23.97 4.03 -22.20
CA VAL A 475 23.84 5.44 -22.51
C VAL A 475 24.44 6.28 -21.39
N SER A 476 24.11 5.96 -20.14
CA SER A 476 24.71 6.64 -19.00
C SER A 476 26.23 6.55 -19.03
N ALA A 477 26.75 5.34 -19.24
CA ALA A 477 28.19 5.14 -19.29
C ALA A 477 28.83 6.03 -20.35
N MET A 478 28.24 6.07 -21.55
CA MET A 478 28.76 6.92 -22.62
C MET A 478 28.81 8.39 -22.17
N ALA A 479 27.71 8.85 -21.58
CA ALA A 479 27.66 10.21 -21.05
C ALA A 479 28.85 10.46 -20.11
N LEU A 480 28.93 9.67 -19.03
CA LEU A 480 30.06 9.79 -18.11
C LEU A 480 31.40 9.71 -18.82
N SER A 481 31.49 8.82 -19.81
CA SER A 481 32.73 8.65 -20.57
C SER A 481 33.16 9.97 -21.22
N VAL A 482 32.22 10.66 -21.85
CA VAL A 482 32.49 11.98 -22.41
C VAL A 482 32.96 12.98 -21.34
N LEU A 483 32.24 13.05 -20.24
CA LEU A 483 32.62 13.92 -19.12
C LEU A 483 34.08 13.67 -18.76
N VAL A 484 34.38 12.40 -18.49
CA VAL A 484 35.71 11.98 -18.09
C VAL A 484 36.76 12.32 -19.15
N ALA A 485 36.37 12.18 -20.42
CA ALA A 485 37.28 12.47 -21.52
C ALA A 485 37.55 13.97 -21.62
N LEU A 486 36.65 14.78 -21.06
CA LEU A 486 36.80 16.23 -21.08
C LEU A 486 37.43 16.81 -19.81
N ILE A 487 37.63 15.96 -18.80
CA ILE A 487 38.04 16.42 -17.49
C ILE A 487 39.30 15.71 -17.02
N LEU A 488 39.20 14.41 -16.79
CA LEU A 488 40.33 13.63 -16.27
C LEU A 488 41.38 13.29 -17.34
N THR A 489 40.92 12.72 -18.46
CA THR A 489 41.83 12.23 -19.49
C THR A 489 42.84 13.30 -19.95
N PRO A 490 42.35 14.49 -20.33
CA PRO A 490 43.24 15.58 -20.75
C PRO A 490 44.21 15.97 -19.64
N ALA A 491 43.69 16.15 -18.42
CA ALA A 491 44.54 16.41 -17.27
C ALA A 491 45.62 15.35 -17.10
N LEU A 492 45.21 14.08 -17.13
CA LEU A 492 46.13 12.95 -17.03
C LEU A 492 47.13 12.92 -18.18
N CYS A 493 46.67 13.27 -19.38
CA CYS A 493 47.54 13.27 -20.55
C CYS A 493 48.64 14.30 -20.41
N ALA A 494 48.26 15.48 -19.93
CA ALA A 494 49.16 16.61 -19.83
C ALA A 494 50.19 16.48 -18.73
N THR A 495 50.03 15.49 -17.84
CA THR A 495 50.92 15.35 -16.69
C THR A 495 51.66 14.01 -16.66
N MET A 496 51.11 13.00 -17.31
CA MET A 496 51.69 11.66 -17.21
C MET A 496 52.29 11.18 -18.53
N LEU A 497 52.08 11.93 -19.60
CA LEU A 497 52.60 11.52 -20.90
C LEU A 497 54.05 11.95 -21.13
N LYS A 498 54.84 11.08 -21.74
CA LYS A 498 56.24 11.38 -22.03
C LYS A 498 56.35 12.26 -23.26
N PRO A 499 57.18 13.31 -23.16
CA PRO A 499 57.44 14.13 -24.35
C PRO A 499 57.88 13.23 -25.49
N ILE A 500 57.34 13.45 -26.67
CA ILE A 500 57.77 12.74 -27.87
C ILE A 500 58.45 13.73 -28.81
N ALA A 501 59.59 13.33 -29.36
CA ALA A 501 60.33 14.18 -30.28
C ALA A 501 59.77 14.07 -31.69
N LYS A 502 59.68 15.20 -32.38
CA LYS A 502 59.22 15.25 -33.77
C LYS A 502 59.85 14.12 -34.58
N GLY A 503 59.01 13.23 -35.11
CA GLY A 503 59.49 12.15 -35.96
C GLY A 503 59.72 10.83 -35.24
N ASP A 504 59.93 10.88 -33.93
CA ASP A 504 60.16 9.65 -33.16
C ASP A 504 58.91 8.77 -33.11
N HIS A 505 59.10 7.50 -33.45
CA HIS A 505 58.02 6.52 -33.39
C HIS A 505 58.54 5.28 -32.69
N GLY A 506 59.49 5.47 -31.78
CA GLY A 506 60.15 4.38 -31.08
C GLY A 506 60.66 3.35 -32.07
N GLU A 507 60.69 3.75 -33.34
CA GLU A 507 61.10 2.87 -34.40
C GLU A 507 62.54 2.43 -34.11
N GLY A 508 63.25 3.28 -33.40
CA GLY A 508 64.61 2.98 -32.98
C GLY A 508 64.73 2.68 -31.50
N LYS A 509 63.81 1.87 -30.99
CA LYS A 509 63.91 1.33 -29.63
C LYS A 509 64.54 -0.06 -29.72
N LYS A 510 65.37 -0.42 -28.74
CA LYS A 510 65.99 -1.74 -28.76
C LYS A 510 65.21 -2.77 -27.97
N GLY A 511 64.78 -3.82 -28.65
CA GLY A 511 64.03 -4.90 -28.04
C GLY A 511 62.77 -5.21 -28.81
N PHE A 512 61.80 -5.81 -28.13
CA PHE A 512 60.54 -6.16 -28.78
C PHE A 512 59.83 -4.92 -29.34
N PHE A 513 59.64 -3.90 -28.51
CA PHE A 513 58.98 -2.67 -28.95
C PHE A 513 59.59 -2.13 -30.24
N GLY A 514 60.90 -1.94 -30.22
CA GLY A 514 61.61 -1.44 -31.39
C GLY A 514 61.20 -2.21 -32.63
N TRP A 515 61.20 -3.54 -32.50
CA TRP A 515 60.78 -4.41 -33.59
C TRP A 515 59.30 -4.30 -33.89
N PHE A 516 58.49 -4.14 -32.84
CA PHE A 516 57.06 -3.92 -33.01
C PHE A 516 56.83 -2.55 -33.64
N ASN A 517 57.46 -1.52 -33.09
CA ASN A 517 57.34 -0.17 -33.62
C ASN A 517 57.79 -0.12 -35.07
N ARG A 518 58.83 -0.87 -35.40
CA ARG A 518 59.33 -0.94 -36.76
C ARG A 518 58.34 -1.68 -37.66
N MET A 519 57.76 -2.75 -37.12
CA MET A 519 56.78 -3.56 -37.86
C MET A 519 55.50 -2.78 -38.17
N PHE A 520 55.05 -1.96 -37.23
CA PHE A 520 53.79 -1.24 -37.37
C PHE A 520 53.87 -0.16 -38.44
N GLU A 521 54.95 0.62 -38.45
CA GLU A 521 55.12 1.67 -39.45
C GLU A 521 55.03 1.11 -40.86
N LYS A 522 55.91 0.16 -41.17
CA LYS A 522 55.92 -0.48 -42.48
C LYS A 522 54.53 -1.02 -42.82
N SER A 523 53.93 -1.73 -41.87
CA SER A 523 52.59 -2.25 -42.04
C SER A 523 51.60 -1.13 -42.33
N THR A 524 51.83 0.03 -41.71
CA THR A 524 50.95 1.18 -41.93
C THR A 524 51.05 1.62 -43.39
N HIS A 525 52.28 1.83 -43.86
CA HIS A 525 52.51 2.16 -45.26
C HIS A 525 51.88 1.10 -46.16
N HIS A 526 52.07 -0.18 -45.82
CA HIS A 526 51.42 -1.25 -46.57
C HIS A 526 49.92 -1.04 -46.60
N TYR A 527 49.36 -0.62 -45.47
CA TYR A 527 47.94 -0.27 -45.38
C TYR A 527 47.57 0.87 -46.33
N THR A 528 48.26 2.00 -46.20
CA THR A 528 48.00 3.17 -47.05
C THR A 528 48.12 2.83 -48.53
N ASP A 529 49.21 2.17 -48.91
CA ASP A 529 49.40 1.70 -50.27
C ASP A 529 48.15 0.98 -50.77
N SER A 530 47.79 -0.11 -50.08
CA SER A 530 46.62 -0.91 -50.43
C SER A 530 45.41 -0.04 -50.69
N VAL A 531 44.94 0.65 -49.65
CA VAL A 531 43.81 1.56 -49.79
C VAL A 531 43.99 2.45 -51.01
N GLY A 532 45.23 2.91 -51.21
CA GLY A 532 45.55 3.74 -52.36
C GLY A 532 45.15 3.11 -53.68
N GLY A 533 45.27 1.79 -53.77
CA GLY A 533 44.92 1.07 -54.97
C GLY A 533 43.44 0.75 -55.10
N ILE A 534 42.78 0.52 -53.96
CA ILE A 534 41.35 0.23 -53.94
C ILE A 534 40.56 1.42 -54.43
N LEU A 535 41.09 2.62 -54.17
CA LEU A 535 40.43 3.86 -54.58
C LEU A 535 40.60 4.12 -56.07
N ARG A 536 41.72 3.70 -56.65
CA ARG A 536 41.93 3.82 -58.09
C ARG A 536 40.91 2.97 -58.87
N SER A 537 40.50 1.85 -58.27
CA SER A 537 39.32 1.12 -58.71
C SER A 537 38.19 1.54 -57.76
N THR A 538 37.18 0.68 -57.58
CA THR A 538 36.10 0.99 -56.63
C THR A 538 34.82 0.22 -56.93
N GLY A 539 34.41 0.19 -58.19
CA GLY A 539 33.23 -0.54 -58.61
C GLY A 539 33.29 -1.99 -58.19
N ARG A 540 34.49 -2.55 -58.15
CA ARG A 540 34.69 -3.93 -57.72
C ARG A 540 34.40 -4.13 -56.23
N TYR A 541 34.40 -3.04 -55.48
CA TYR A 541 34.22 -3.14 -54.03
C TYR A 541 32.78 -2.91 -53.57
N LEU A 542 32.01 -2.21 -54.39
CA LEU A 542 30.56 -2.12 -54.16
C LEU A 542 29.96 -3.49 -54.40
N VAL A 543 30.46 -4.17 -55.43
CA VAL A 543 30.08 -5.56 -55.69
C VAL A 543 30.34 -6.40 -54.44
N LEU A 544 31.55 -6.29 -53.92
CA LEU A 544 31.91 -6.96 -52.67
C LEU A 544 30.94 -6.58 -51.54
N TYR A 545 30.77 -5.28 -51.31
CA TYR A 545 29.85 -4.80 -50.29
C TYR A 545 28.50 -5.49 -50.43
N LEU A 546 27.95 -5.43 -51.64
CA LEU A 546 26.65 -6.01 -51.93
C LEU A 546 26.62 -7.53 -51.72
N ILE A 547 27.78 -8.17 -51.81
CA ILE A 547 27.92 -9.59 -51.47
C ILE A 547 27.77 -9.76 -49.96
N ILE A 548 28.63 -9.05 -49.23
CA ILE A 548 28.58 -9.00 -47.77
C ILE A 548 27.17 -8.72 -47.25
N VAL A 549 26.49 -7.79 -47.90
CA VAL A 549 25.14 -7.40 -47.46
C VAL A 549 24.12 -8.51 -47.68
N VAL A 550 24.18 -9.16 -48.83
CA VAL A 550 23.28 -10.28 -49.11
C VAL A 550 23.66 -11.47 -48.24
N GLY A 551 24.98 -11.66 -48.05
CA GLY A 551 25.47 -12.63 -47.09
C GLY A 551 24.90 -12.36 -45.71
N MET A 552 24.99 -11.10 -45.26
CA MET A 552 24.47 -10.70 -43.96
C MET A 552 22.99 -11.04 -43.86
N ALA A 553 22.23 -10.55 -44.82
CA ALA A 553 20.79 -10.77 -44.85
C ALA A 553 20.51 -12.27 -44.90
N TYR A 554 21.31 -12.99 -45.68
CA TYR A 554 21.14 -14.43 -45.78
C TYR A 554 21.23 -15.09 -44.41
N LEU A 555 22.33 -14.83 -43.70
CA LEU A 555 22.54 -15.41 -42.38
C LEU A 555 21.47 -14.97 -41.38
N PHE A 556 21.02 -13.73 -41.50
CA PHE A 556 20.05 -13.22 -40.54
C PHE A 556 18.74 -14.00 -40.53
N VAL A 557 18.14 -14.15 -41.71
CA VAL A 557 16.86 -14.85 -41.83
C VAL A 557 16.98 -16.32 -41.40
N ARG A 558 18.20 -16.85 -41.43
CA ARG A 558 18.48 -18.23 -41.03
C ARG A 558 18.61 -18.38 -39.52
N LEU A 559 19.27 -17.42 -38.89
CA LEU A 559 19.52 -17.47 -37.45
C LEU A 559 18.22 -17.45 -36.66
N PRO A 560 17.91 -18.55 -35.96
CA PRO A 560 16.70 -18.61 -35.14
C PRO A 560 16.70 -17.48 -34.14
N SER A 561 15.54 -17.15 -33.60
CA SER A 561 15.48 -16.09 -32.59
C SER A 561 14.89 -16.65 -31.30
N SER A 562 15.47 -16.23 -30.18
CA SER A 562 14.94 -16.54 -28.87
C SER A 562 15.00 -15.30 -27.99
N PHE A 563 14.67 -15.44 -26.72
CA PHE A 563 14.74 -14.31 -25.81
C PHE A 563 15.97 -14.41 -24.88
N LEU A 564 15.79 -15.00 -23.71
CA LEU A 564 16.91 -15.27 -22.79
C LEU A 564 17.19 -16.78 -22.68
N PRO A 565 18.48 -17.14 -22.65
CA PRO A 565 18.84 -18.56 -22.57
C PRO A 565 18.42 -19.19 -21.26
N ASP A 566 18.22 -20.50 -21.26
CA ASP A 566 18.04 -21.24 -20.01
C ASP A 566 19.41 -21.41 -19.41
N GLU A 567 19.55 -21.15 -18.12
CA GLU A 567 20.83 -21.32 -17.46
C GLU A 567 20.76 -22.56 -16.60
N ASP A 568 21.87 -23.30 -16.51
CA ASP A 568 22.01 -24.29 -15.45
C ASP A 568 22.21 -23.50 -14.16
N GLN A 569 21.22 -23.55 -13.27
CA GLN A 569 21.30 -22.81 -12.02
C GLN A 569 21.59 -23.72 -10.82
N GLY A 570 22.12 -24.91 -11.10
CA GLY A 570 22.52 -25.82 -10.04
C GLY A 570 21.39 -26.49 -9.30
N VAL A 571 20.15 -26.26 -9.75
CA VAL A 571 19.01 -26.92 -9.12
C VAL A 571 17.99 -27.29 -10.18
N PHE A 572 17.10 -28.20 -9.83
CA PHE A 572 15.90 -28.48 -10.63
C PHE A 572 14.88 -29.27 -9.83
N MET A 573 13.73 -29.49 -10.43
CA MET A 573 12.65 -30.17 -9.74
C MET A 573 12.14 -31.33 -10.57
N THR A 574 11.44 -32.23 -9.90
CA THR A 574 10.86 -33.37 -10.57
C THR A 574 9.43 -33.44 -10.05
N MET A 575 8.50 -33.45 -10.98
CA MET A 575 7.08 -33.52 -10.65
C MET A 575 6.66 -34.99 -10.74
N VAL A 576 5.91 -35.41 -9.73
CA VAL A 576 5.37 -36.76 -9.72
C VAL A 576 3.86 -36.64 -9.63
N GLN A 577 3.16 -37.24 -10.57
CA GLN A 577 1.70 -37.16 -10.55
C GLN A 577 1.08 -38.52 -10.79
N LEU A 578 0.33 -39.03 -9.82
CA LEU A 578 -0.42 -40.27 -10.03
C LEU A 578 -1.90 -39.97 -10.26
N PRO A 579 -2.64 -40.93 -10.82
CA PRO A 579 -4.08 -40.70 -11.01
C PRO A 579 -4.75 -40.56 -9.66
N ALA A 580 -5.86 -39.83 -9.58
CA ALA A 580 -6.62 -39.76 -8.33
C ALA A 580 -7.14 -41.17 -8.04
N GLY A 581 -7.32 -41.49 -6.77
CA GLY A 581 -7.58 -42.87 -6.38
C GLY A 581 -6.31 -43.62 -6.01
N ALA A 582 -5.16 -43.15 -6.52
CA ALA A 582 -3.87 -43.75 -6.14
C ALA A 582 -3.54 -43.43 -4.68
N THR A 583 -2.94 -44.38 -3.97
CA THR A 583 -2.64 -44.21 -2.56
C THR A 583 -1.29 -43.53 -2.27
N GLN A 584 -1.20 -42.97 -1.07
CA GLN A 584 0.02 -42.40 -0.56
C GLN A 584 1.14 -43.43 -0.70
N GLU A 585 0.78 -44.68 -0.48
CA GLU A 585 1.76 -45.75 -0.48
C GLU A 585 2.32 -45.95 -1.88
N ARG A 586 1.46 -45.95 -2.89
CA ARG A 586 1.99 -46.10 -4.24
C ARG A 586 2.75 -44.85 -4.71
N THR A 587 2.35 -43.68 -4.20
CA THR A 587 3.08 -42.45 -4.54
C THR A 587 4.50 -42.51 -3.95
N GLN A 588 4.62 -43.07 -2.74
CA GLN A 588 5.93 -43.23 -2.11
C GLN A 588 6.81 -44.19 -2.93
N LYS A 589 6.25 -45.29 -3.41
CA LYS A 589 7.00 -46.23 -4.22
C LYS A 589 7.62 -45.54 -5.43
N VAL A 590 6.84 -44.68 -6.09
CA VAL A 590 7.32 -43.95 -7.24
C VAL A 590 8.38 -42.91 -6.85
N LEU A 591 8.13 -42.17 -5.77
CA LEU A 591 9.12 -41.25 -5.21
C LEU A 591 10.43 -41.97 -4.86
N ASN A 592 10.34 -43.19 -4.32
CA ASN A 592 11.54 -43.98 -4.02
C ASN A 592 12.31 -44.30 -5.30
N GLU A 593 11.59 -44.63 -6.36
CA GLU A 593 12.27 -44.86 -7.64
C GLU A 593 12.94 -43.60 -8.17
N VAL A 594 12.28 -42.46 -8.09
CA VAL A 594 12.89 -41.19 -8.50
C VAL A 594 14.14 -40.91 -7.63
N THR A 595 14.00 -41.00 -6.32
CA THR A 595 15.13 -40.75 -5.43
C THR A 595 16.28 -41.71 -5.75
N HIS A 596 15.95 -42.98 -5.98
CA HIS A 596 16.94 -44.00 -6.31
C HIS A 596 17.78 -43.64 -7.53
N TYR A 597 17.11 -43.23 -8.59
CA TYR A 597 17.79 -42.83 -9.81
C TYR A 597 18.79 -41.70 -9.57
N TYR A 598 18.39 -40.65 -8.87
CA TYR A 598 19.34 -39.59 -8.59
C TYR A 598 20.53 -40.05 -7.73
N LEU A 599 20.26 -40.87 -6.70
CA LEU A 599 21.32 -41.30 -5.79
C LEU A 599 22.26 -42.34 -6.38
N THR A 600 21.84 -43.00 -7.47
CA THR A 600 22.71 -44.01 -8.05
C THR A 600 23.19 -43.72 -9.47
N LYS A 601 22.33 -43.19 -10.32
CA LYS A 601 22.71 -42.97 -11.71
C LYS A 601 23.31 -41.58 -11.95
N GLU A 602 23.01 -40.65 -11.06
CA GLU A 602 23.54 -39.30 -11.16
C GLU A 602 24.43 -38.95 -9.96
N LYS A 603 25.12 -39.96 -9.43
CA LYS A 603 26.06 -39.78 -8.32
C LYS A 603 26.98 -38.59 -8.48
N ASN A 604 27.54 -38.45 -9.69
CA ASN A 604 28.55 -37.42 -9.97
C ASN A 604 27.99 -36.01 -10.13
N ASN A 605 26.68 -35.91 -10.35
CA ASN A 605 26.09 -34.61 -10.60
C ASN A 605 25.15 -34.16 -9.50
N VAL A 606 24.50 -35.11 -8.84
CA VAL A 606 23.48 -34.77 -7.86
C VAL A 606 24.01 -34.75 -6.43
N GLU A 607 23.91 -33.58 -5.79
CA GLU A 607 24.35 -33.44 -4.41
C GLU A 607 23.27 -33.95 -3.45
N SER A 608 22.04 -33.47 -3.62
CA SER A 608 20.97 -33.89 -2.74
C SER A 608 19.60 -33.98 -3.41
N VAL A 609 18.70 -34.67 -2.73
CA VAL A 609 17.32 -34.82 -3.19
C VAL A 609 16.41 -34.68 -1.98
N PHE A 610 15.49 -33.73 -2.04
CA PHE A 610 14.52 -33.56 -0.98
C PHE A 610 13.17 -33.94 -1.58
N ALA A 611 12.64 -35.09 -1.19
CA ALA A 611 11.44 -35.60 -1.82
C ALA A 611 10.26 -35.42 -0.88
N VAL A 612 9.14 -34.97 -1.42
CA VAL A 612 7.95 -34.76 -0.60
C VAL A 612 6.78 -35.55 -1.18
N ASN A 613 6.20 -36.40 -0.34
CA ASN A 613 5.03 -37.17 -0.72
C ASN A 613 3.78 -36.44 -0.23
N GLY A 614 2.83 -36.18 -1.12
CA GLY A 614 1.55 -35.61 -0.75
C GLY A 614 1.43 -34.13 -1.09
N PHE A 615 2.52 -33.57 -1.59
CA PHE A 615 2.55 -32.19 -2.02
C PHE A 615 3.09 -32.13 -3.43
N GLY A 616 2.39 -31.39 -4.27
CA GLY A 616 2.81 -31.21 -5.64
C GLY A 616 2.57 -29.76 -6.02
N PHE A 617 2.93 -29.42 -7.25
CA PHE A 617 2.79 -28.05 -7.70
C PHE A 617 1.40 -27.46 -7.48
N ALA A 618 0.86 -27.69 -6.29
CA ALA A 618 -0.41 -27.14 -5.83
C ALA A 618 -1.64 -27.93 -6.34
N GLY A 619 -2.30 -28.61 -5.40
CA GLY A 619 -1.88 -28.60 -4.02
C GLY A 619 -1.58 -29.97 -3.43
N ARG A 620 -2.07 -30.19 -2.22
CA ARG A 620 -1.93 -31.47 -1.53
C ARG A 620 -2.58 -32.61 -2.33
N GLY A 621 -2.42 -33.83 -1.83
CA GLY A 621 -3.01 -35.02 -2.44
C GLY A 621 -2.22 -36.29 -2.16
N GLN A 622 -2.91 -37.41 -2.03
CA GLN A 622 -2.27 -38.71 -1.82
C GLN A 622 -1.50 -39.12 -3.05
N ASN A 623 -1.84 -38.51 -4.18
CA ASN A 623 -1.42 -39.03 -5.48
C ASN A 623 -0.42 -38.12 -6.17
N THR A 624 0.18 -37.22 -5.40
CA THR A 624 1.11 -36.28 -5.98
C THR A 624 2.34 -36.16 -5.11
N GLY A 625 3.44 -35.77 -5.73
CA GLY A 625 4.62 -35.48 -4.96
C GLY A 625 5.61 -34.72 -5.82
N ILE A 626 6.75 -34.38 -5.20
CA ILE A 626 7.72 -33.53 -5.84
C ILE A 626 9.11 -33.81 -5.26
N ALA A 627 10.14 -33.78 -6.11
CA ALA A 627 11.51 -33.88 -5.63
C ALA A 627 12.25 -32.59 -5.97
N PHE A 628 12.87 -31.97 -4.98
CA PHE A 628 13.79 -30.87 -5.23
C PHE A 628 15.22 -31.42 -5.29
N VAL A 629 15.93 -31.12 -6.37
CA VAL A 629 17.26 -31.66 -6.56
C VAL A 629 18.31 -30.55 -6.60
N SER A 630 19.41 -30.77 -5.88
CA SER A 630 20.50 -29.80 -5.87
C SER A 630 21.73 -30.45 -6.49
N LEU A 631 22.31 -29.80 -7.50
CA LEU A 631 23.44 -30.37 -8.20
C LEU A 631 24.76 -30.02 -7.50
N LYS A 632 25.80 -30.78 -7.80
CA LYS A 632 27.14 -30.42 -7.36
C LYS A 632 27.52 -29.11 -8.05
N ASP A 633 28.63 -28.52 -7.66
CA ASP A 633 29.03 -27.24 -8.23
C ASP A 633 29.36 -27.38 -9.70
N TRP A 634 29.10 -26.32 -10.46
CA TRP A 634 29.37 -26.30 -11.90
C TRP A 634 30.76 -26.82 -12.26
N ALA A 635 31.76 -26.48 -11.45
CA ALA A 635 33.14 -26.87 -11.73
C ALA A 635 33.35 -28.38 -11.71
N ASP A 636 32.44 -29.10 -11.05
CA ASP A 636 32.56 -30.56 -10.98
C ASP A 636 31.65 -31.25 -11.99
N ARG A 637 30.99 -30.45 -12.83
CA ARG A 637 30.09 -30.95 -13.86
C ARG A 637 30.46 -30.38 -15.24
N PRO A 638 31.69 -30.66 -15.70
CA PRO A 638 32.14 -30.18 -17.00
C PRO A 638 31.41 -30.93 -18.13
N GLY A 639 31.13 -30.23 -19.23
CA GLY A 639 30.49 -30.86 -20.37
C GLY A 639 28.99 -30.69 -20.46
N GLU A 640 28.48 -30.53 -21.68
CA GLU A 640 27.04 -30.37 -21.89
C GLU A 640 26.28 -31.50 -21.19
N GLU A 641 26.83 -32.71 -21.27
CA GLU A 641 26.16 -33.91 -20.76
C GLU A 641 25.95 -33.88 -19.25
N ASN A 642 26.68 -33.01 -18.56
CA ASN A 642 26.54 -32.94 -17.11
C ASN A 642 25.83 -31.69 -16.62
N LYS A 643 25.22 -30.95 -17.55
CA LYS A 643 24.43 -29.77 -17.20
C LYS A 643 22.95 -30.13 -17.04
N VAL A 644 22.19 -29.24 -16.40
CA VAL A 644 20.79 -29.48 -16.08
C VAL A 644 19.92 -29.97 -17.24
N GLU A 645 20.21 -29.48 -18.45
CA GLU A 645 19.38 -29.80 -19.59
C GLU A 645 19.49 -31.30 -19.90
N ALA A 646 20.72 -31.78 -20.09
CA ALA A 646 20.94 -33.17 -20.41
C ALA A 646 20.53 -34.06 -19.24
N ILE A 647 20.74 -33.56 -18.02
CA ILE A 647 20.41 -34.33 -16.84
C ILE A 647 18.90 -34.58 -16.75
N THR A 648 18.13 -33.50 -16.81
CA THR A 648 16.67 -33.58 -16.74
C THR A 648 16.07 -34.36 -17.92
N MET A 649 16.74 -34.31 -19.07
CA MET A 649 16.27 -35.08 -20.22
C MET A 649 16.52 -36.57 -20.01
N ARG A 650 17.70 -36.92 -19.50
CA ARG A 650 17.97 -38.33 -19.21
C ARG A 650 17.01 -38.84 -18.16
N ALA A 651 16.76 -38.01 -17.14
CA ALA A 651 15.91 -38.43 -16.03
C ALA A 651 14.49 -38.69 -16.51
N THR A 652 13.93 -37.73 -17.22
CA THR A 652 12.58 -37.86 -17.73
C THR A 652 12.44 -39.11 -18.59
N ARG A 653 13.45 -39.39 -19.40
CA ARG A 653 13.44 -40.58 -20.24
C ARG A 653 13.42 -41.83 -19.38
N ALA A 654 14.30 -41.89 -18.39
CA ALA A 654 14.34 -43.05 -17.50
C ALA A 654 13.02 -43.20 -16.77
N PHE A 655 12.43 -42.08 -16.36
CA PHE A 655 11.22 -42.12 -15.56
C PHE A 655 10.00 -42.43 -16.41
N SER A 656 10.16 -42.43 -17.72
CA SER A 656 9.02 -42.67 -18.61
C SER A 656 8.58 -44.11 -18.43
N GLN A 657 9.52 -44.95 -17.98
CA GLN A 657 9.26 -46.37 -17.75
C GLN A 657 8.74 -46.63 -16.34
N ILE A 658 8.02 -45.65 -15.78
CA ILE A 658 7.32 -45.86 -14.52
C ILE A 658 5.81 -45.93 -14.78
N LYS A 659 5.17 -46.92 -14.16
CA LYS A 659 3.81 -47.33 -14.51
C LYS A 659 2.74 -46.53 -13.78
N ASP A 660 1.74 -46.09 -14.54
CA ASP A 660 0.58 -45.37 -14.00
C ASP A 660 0.97 -44.13 -13.20
N ALA A 661 1.96 -43.41 -13.73
CA ALA A 661 2.38 -42.16 -13.13
C ALA A 661 2.91 -41.22 -14.20
N MET A 662 2.76 -39.93 -13.95
CA MET A 662 3.45 -38.93 -14.75
C MET A 662 4.57 -38.40 -13.90
N VAL A 663 5.79 -38.59 -14.40
CA VAL A 663 6.98 -38.14 -13.69
C VAL A 663 7.83 -37.34 -14.65
N PHE A 664 8.04 -36.07 -14.33
CA PHE A 664 8.77 -35.18 -15.24
C PHE A 664 9.84 -34.40 -14.50
N ALA A 665 11.06 -34.50 -15.00
CA ALA A 665 12.15 -33.69 -14.48
C ALA A 665 12.34 -32.52 -15.42
N PHE A 666 12.47 -31.32 -14.86
CA PHE A 666 12.56 -30.14 -15.70
C PHE A 666 13.27 -28.98 -15.02
N ASN A 667 13.91 -28.15 -15.84
CA ASN A 667 14.53 -26.91 -15.37
C ASN A 667 13.49 -25.77 -15.36
N LEU A 668 13.45 -24.97 -14.30
CA LEU A 668 12.57 -23.81 -14.30
C LEU A 668 13.06 -22.75 -15.30
N PRO A 669 12.12 -22.19 -16.07
CA PRO A 669 12.41 -21.24 -17.17
C PRO A 669 13.09 -19.95 -16.67
N ALA A 670 13.82 -19.27 -17.54
CA ALA A 670 14.47 -18.01 -17.18
C ALA A 670 13.52 -17.10 -16.40
N ILE A 671 12.29 -17.01 -16.88
CA ILE A 671 11.31 -16.10 -16.29
C ILE A 671 9.92 -16.74 -16.11
N VAL A 672 9.34 -16.57 -14.92
CA VAL A 672 8.03 -17.11 -14.56
C VAL A 672 7.05 -17.15 -15.74
N GLU A 673 6.38 -16.02 -15.98
CA GLU A 673 5.40 -15.90 -17.04
C GLU A 673 6.08 -15.89 -18.40
N LEU A 674 7.36 -16.26 -18.43
CA LEU A 674 8.16 -16.26 -19.65
C LEU A 674 7.31 -16.61 -20.88
N GLY A 675 6.93 -17.88 -21.02
CA GLY A 675 7.27 -18.90 -20.05
C GLY A 675 8.19 -19.99 -20.60
N THR A 676 7.60 -21.12 -20.94
CA THR A 676 8.38 -22.30 -21.32
C THR A 676 8.63 -22.36 -22.82
N ALA A 677 9.91 -22.51 -23.20
CA ALA A 677 10.31 -22.60 -24.60
C ALA A 677 9.37 -21.88 -25.55
N THR A 678 8.32 -22.59 -25.97
CA THR A 678 7.29 -22.02 -26.83
C THR A 678 6.01 -22.84 -26.78
N GLY A 679 5.50 -23.02 -25.56
CA GLY A 679 4.23 -23.69 -25.36
C GLY A 679 3.07 -22.72 -25.41
N PHE A 680 1.87 -23.23 -25.15
CA PHE A 680 0.68 -22.39 -25.01
C PHE A 680 -0.14 -22.85 -23.82
N ASP A 681 -0.96 -21.95 -23.29
CA ASP A 681 -1.72 -22.21 -22.08
C ASP A 681 -3.18 -21.84 -22.37
N PHE A 682 -3.99 -22.87 -22.63
CA PHE A 682 -5.31 -22.69 -23.22
C PHE A 682 -6.39 -23.07 -22.20
N GLU A 683 -7.48 -22.29 -22.16
CA GLU A 683 -8.59 -22.57 -21.24
C GLU A 683 -9.87 -22.90 -21.99
N LEU A 684 -10.43 -24.07 -21.72
CA LEU A 684 -11.71 -24.47 -22.30
C LEU A 684 -12.78 -24.08 -21.30
N ILE A 685 -13.85 -23.42 -21.78
CA ILE A 685 -14.83 -22.81 -20.87
C ILE A 685 -16.27 -23.27 -21.09
N ASP A 686 -16.95 -23.62 -20.01
CA ASP A 686 -18.39 -23.87 -20.03
C ASP A 686 -19.11 -22.53 -20.01
N GLN A 687 -19.64 -22.10 -21.16
CA GLN A 687 -20.25 -20.79 -21.25
C GLN A 687 -21.76 -20.81 -21.06
N ALA A 688 -22.32 -21.99 -20.78
CA ALA A 688 -23.78 -22.12 -20.79
C ALA A 688 -24.32 -23.14 -19.79
N GLY A 689 -23.67 -23.28 -18.64
CA GLY A 689 -24.12 -24.22 -17.64
C GLY A 689 -24.24 -25.62 -18.21
N LEU A 690 -23.31 -25.99 -19.09
CA LEU A 690 -23.28 -27.35 -19.63
C LEU A 690 -22.96 -28.40 -18.55
N GLY A 691 -22.14 -28.03 -17.58
CA GLY A 691 -21.79 -28.96 -16.51
C GLY A 691 -20.51 -29.74 -16.78
N HIS A 692 -19.97 -30.34 -15.72
CA HIS A 692 -18.65 -30.97 -15.79
C HIS A 692 -18.51 -32.04 -16.87
N GLU A 693 -19.50 -32.93 -16.97
CA GLU A 693 -19.43 -34.05 -17.94
C GLU A 693 -19.38 -33.59 -19.38
N LYS A 694 -20.19 -32.58 -19.70
CA LYS A 694 -20.20 -32.11 -21.07
C LYS A 694 -18.91 -31.38 -21.39
N LEU A 695 -18.38 -30.63 -20.42
CA LEU A 695 -17.10 -29.96 -20.60
C LEU A 695 -16.06 -31.03 -20.87
N THR A 696 -16.07 -32.06 -20.03
CA THR A 696 -15.10 -33.15 -20.21
C THR A 696 -15.22 -33.67 -21.63
N GLN A 697 -16.44 -33.92 -22.07
CA GLN A 697 -16.66 -34.44 -23.42
C GLN A 697 -16.09 -33.50 -24.48
N ALA A 698 -16.27 -32.19 -24.31
CA ALA A 698 -15.76 -31.24 -25.30
C ALA A 698 -14.24 -31.26 -25.29
N ARG A 699 -13.65 -31.24 -24.09
CA ARG A 699 -12.21 -31.32 -23.96
C ARG A 699 -11.67 -32.54 -24.71
N ASN A 700 -12.32 -33.69 -24.53
CA ASN A 700 -11.82 -34.89 -25.20
C ASN A 700 -11.90 -34.77 -26.70
N GLN A 701 -12.99 -34.18 -27.16
CA GLN A 701 -13.17 -33.97 -28.59
C GLN A 701 -12.04 -33.09 -29.12
N LEU A 702 -11.77 -32.00 -28.41
CA LEU A 702 -10.70 -31.09 -28.77
C LEU A 702 -9.33 -31.78 -28.80
N LEU A 703 -9.01 -32.52 -27.74
CA LEU A 703 -7.78 -33.30 -27.66
C LEU A 703 -7.70 -34.34 -28.80
N ALA A 704 -8.79 -35.06 -29.04
CA ALA A 704 -8.80 -36.03 -30.14
C ALA A 704 -8.50 -35.34 -31.47
N GLU A 705 -9.06 -34.15 -31.68
CA GLU A 705 -8.86 -33.44 -32.92
C GLU A 705 -7.45 -32.90 -33.05
N ALA A 706 -6.88 -32.41 -31.95
CA ALA A 706 -5.54 -31.85 -31.99
C ALA A 706 -4.52 -32.96 -32.19
N ALA A 707 -4.82 -34.12 -31.61
CA ALA A 707 -3.96 -35.29 -31.71
C ALA A 707 -3.63 -35.63 -33.17
N LYS A 708 -4.48 -35.19 -34.10
CA LYS A 708 -4.32 -35.55 -35.50
C LYS A 708 -3.77 -34.38 -36.34
N HIS A 709 -2.97 -33.53 -35.71
CA HIS A 709 -2.25 -32.49 -36.43
C HIS A 709 -0.82 -32.36 -35.90
N PRO A 710 -0.11 -33.50 -35.78
CA PRO A 710 1.24 -33.60 -35.20
C PRO A 710 2.24 -32.67 -35.89
N ASP A 711 1.97 -32.36 -37.15
CA ASP A 711 2.74 -31.37 -37.90
C ASP A 711 2.73 -30.01 -37.23
N MET A 712 1.60 -29.69 -36.59
CA MET A 712 1.40 -28.38 -35.97
C MET A 712 1.44 -28.44 -34.43
N LEU A 713 0.68 -29.37 -33.85
CA LEU A 713 0.54 -29.46 -32.40
C LEU A 713 1.19 -30.70 -31.77
N THR A 714 1.93 -30.48 -30.69
CA THR A 714 2.66 -31.53 -29.98
C THR A 714 2.31 -31.58 -28.50
N SER A 715 2.20 -32.79 -27.95
CA SER A 715 1.90 -33.00 -26.53
C SER A 715 0.85 -32.04 -25.97
N VAL A 716 -0.25 -31.89 -26.71
CA VAL A 716 -1.41 -31.17 -26.24
C VAL A 716 -2.12 -32.04 -25.22
N ARG A 717 -2.22 -31.57 -23.97
CA ARG A 717 -2.82 -32.36 -22.91
C ARG A 717 -3.49 -31.53 -21.82
N PRO A 718 -4.45 -32.13 -21.10
CA PRO A 718 -5.11 -31.42 -20.01
C PRO A 718 -4.17 -31.25 -18.83
N ASN A 719 -4.35 -30.19 -18.05
CA ASN A 719 -3.53 -29.98 -16.86
C ASN A 719 -4.12 -30.61 -15.60
N GLY A 720 -5.42 -30.92 -15.64
CA GLY A 720 -6.13 -31.36 -14.45
C GLY A 720 -6.13 -32.86 -14.20
N LEU A 721 -7.13 -33.33 -13.45
CA LEU A 721 -7.25 -34.73 -13.09
C LEU A 721 -8.50 -35.35 -13.73
N GLU A 722 -8.45 -36.66 -13.94
CA GLU A 722 -9.55 -37.43 -14.50
C GLU A 722 -10.57 -37.76 -13.40
N ASP A 723 -11.84 -37.94 -13.78
CA ASP A 723 -12.84 -38.36 -12.79
C ASP A 723 -12.48 -39.70 -12.13
N THR A 724 -13.02 -39.95 -10.93
CA THR A 724 -12.75 -41.19 -10.22
C THR A 724 -13.96 -41.70 -9.47
N PRO A 725 -13.93 -42.99 -9.09
CA PRO A 725 -15.02 -43.58 -8.33
C PRO A 725 -15.18 -42.86 -6.99
N GLN A 726 -16.42 -42.55 -6.65
CA GLN A 726 -16.71 -41.98 -5.35
C GLN A 726 -17.91 -42.71 -4.80
N PHE A 727 -18.07 -42.66 -3.49
CA PHE A 727 -19.03 -43.52 -2.81
C PHE A 727 -20.22 -42.62 -2.51
N LYS A 728 -21.34 -42.86 -3.16
CA LYS A 728 -22.49 -41.98 -2.95
C LYS A 728 -23.46 -42.59 -1.93
N ILE A 729 -23.74 -41.84 -0.87
CA ILE A 729 -24.63 -42.32 0.19
C ILE A 729 -25.84 -41.41 0.27
N ASP A 730 -27.05 -41.98 0.22
CA ASP A 730 -28.27 -41.18 0.37
C ASP A 730 -28.88 -41.42 1.75
N ILE A 731 -29.12 -40.34 2.48
CA ILE A 731 -29.80 -40.44 3.78
C ILE A 731 -31.28 -40.43 3.48
N ASP A 732 -32.02 -41.38 4.04
CA ASP A 732 -33.46 -41.44 3.76
C ASP A 732 -34.18 -40.63 4.81
N GLN A 733 -34.62 -39.44 4.41
CA GLN A 733 -35.24 -38.49 5.32
C GLN A 733 -36.41 -39.14 6.04
N GLU A 734 -37.30 -39.74 5.27
CA GLU A 734 -38.45 -40.40 5.86
C GLU A 734 -38.03 -41.34 6.98
N LYS A 735 -37.06 -42.21 6.70
CA LYS A 735 -36.70 -43.27 7.65
C LYS A 735 -36.10 -42.67 8.91
N ALA A 736 -35.30 -41.61 8.76
CA ALA A 736 -34.70 -40.98 9.92
C ALA A 736 -35.77 -40.34 10.81
N GLN A 737 -36.74 -39.68 10.19
CA GLN A 737 -37.85 -39.11 10.94
C GLN A 737 -38.58 -40.22 11.69
N ALA A 738 -38.92 -41.31 10.99
CA ALA A 738 -39.60 -42.44 11.61
C ALA A 738 -38.85 -42.97 12.84
N LEU A 739 -37.52 -43.10 12.71
CA LEU A 739 -36.71 -43.61 13.81
C LEU A 739 -36.43 -42.54 14.85
N GLY A 740 -36.64 -41.29 14.49
CA GLY A 740 -36.31 -40.17 15.37
C GLY A 740 -34.83 -39.88 15.49
N VAL A 741 -34.10 -40.10 14.40
CA VAL A 741 -32.69 -39.71 14.37
C VAL A 741 -32.56 -38.39 13.62
N SER A 742 -31.94 -37.42 14.28
CA SER A 742 -31.80 -36.10 13.69
C SER A 742 -30.79 -36.11 12.55
N ILE A 743 -31.05 -35.34 11.51
CA ILE A 743 -30.16 -35.22 10.36
C ILE A 743 -28.80 -34.62 10.74
N ASN A 744 -28.79 -33.74 11.74
CA ASN A 744 -27.54 -33.15 12.20
C ASN A 744 -26.65 -34.19 12.86
N ASP A 745 -27.25 -35.08 13.65
CA ASP A 745 -26.47 -36.15 14.31
C ASP A 745 -25.88 -37.11 13.28
N ILE A 746 -26.66 -37.40 12.23
CA ILE A 746 -26.20 -38.28 11.17
C ILE A 746 -25.00 -37.70 10.44
N ASN A 747 -25.11 -36.45 10.02
CA ASN A 747 -24.06 -35.79 9.26
C ASN A 747 -22.82 -35.49 10.08
N THR A 748 -22.99 -35.22 11.38
CA THR A 748 -21.84 -35.00 12.24
C THR A 748 -21.12 -36.32 12.45
N THR A 749 -21.90 -37.38 12.63
CA THR A 749 -21.33 -38.70 12.85
C THR A 749 -20.53 -39.15 11.62
N LEU A 750 -21.12 -39.01 10.44
CA LEU A 750 -20.47 -39.39 9.20
C LEU A 750 -19.23 -38.51 8.94
N GLY A 751 -19.43 -37.19 8.98
CA GLY A 751 -18.33 -36.25 8.79
C GLY A 751 -17.18 -36.41 9.77
N ALA A 752 -17.47 -36.44 11.06
CA ALA A 752 -16.39 -36.48 12.04
C ALA A 752 -15.63 -37.79 11.93
N ALA A 753 -16.37 -38.87 11.71
CA ALA A 753 -15.77 -40.19 11.74
C ALA A 753 -14.88 -40.40 10.53
N TRP A 754 -15.41 -40.08 9.36
CA TRP A 754 -14.73 -40.37 8.10
C TRP A 754 -13.96 -39.18 7.56
N GLY A 755 -14.25 -37.99 8.06
CA GLY A 755 -13.58 -36.81 7.57
C GLY A 755 -12.72 -36.14 8.62
N GLY A 756 -13.08 -36.33 9.88
CA GLY A 756 -12.37 -35.67 10.96
C GLY A 756 -13.00 -34.33 11.25
N SER A 757 -12.95 -33.92 12.51
CA SER A 757 -13.52 -32.66 12.88
C SER A 757 -12.61 -31.90 13.83
N TYR A 758 -12.32 -30.65 13.50
CA TYR A 758 -11.52 -29.79 14.35
C TYR A 758 -12.44 -29.29 15.45
N VAL A 759 -12.25 -29.82 16.67
CA VAL A 759 -13.15 -29.54 17.77
C VAL A 759 -12.84 -28.20 18.44
N ASN A 760 -11.67 -28.11 19.09
CA ASN A 760 -11.18 -26.86 19.66
C ASN A 760 -9.68 -26.95 19.86
N ASP A 761 -9.12 -26.00 20.62
CA ASP A 761 -7.67 -25.93 20.82
C ASP A 761 -7.25 -26.47 22.17
N PHE A 762 -6.01 -26.92 22.24
CA PHE A 762 -5.40 -27.25 23.53
C PHE A 762 -3.98 -26.66 23.53
N ILE A 763 -3.30 -26.79 24.66
CA ILE A 763 -1.97 -26.21 24.78
C ILE A 763 -0.94 -27.30 24.87
N ASP A 764 -0.04 -27.35 23.89
CA ASP A 764 1.00 -28.37 23.87
C ASP A 764 2.36 -27.75 24.14
N ARG A 765 2.93 -28.03 25.30
CA ARG A 765 4.20 -27.42 25.69
C ARG A 765 4.18 -25.89 25.52
N GLY A 766 3.13 -25.26 26.05
CA GLY A 766 3.02 -23.81 26.03
C GLY A 766 2.47 -23.21 24.74
N ARG A 767 2.31 -24.04 23.71
CA ARG A 767 1.83 -23.54 22.41
C ARG A 767 0.41 -24.01 22.07
N VAL A 768 -0.43 -23.06 21.67
CA VAL A 768 -1.79 -23.39 21.21
C VAL A 768 -1.76 -24.27 19.98
N LYS A 769 -2.50 -25.37 20.03
CA LYS A 769 -2.60 -26.30 18.88
C LYS A 769 -3.98 -26.92 18.83
N LYS A 770 -4.27 -27.66 17.77
CA LYS A 770 -5.64 -28.10 17.52
C LYS A 770 -5.96 -29.49 18.12
N VAL A 771 -7.24 -29.76 18.29
CA VAL A 771 -7.74 -31.05 18.74
C VAL A 771 -8.67 -31.60 17.65
N TYR A 772 -8.39 -32.80 17.18
CA TYR A 772 -9.19 -33.43 16.14
C TYR A 772 -9.81 -34.73 16.61
N VAL A 773 -11.11 -34.88 16.35
CA VAL A 773 -11.77 -36.17 16.49
C VAL A 773 -11.89 -36.82 15.10
N MET A 774 -11.76 -38.14 15.06
CA MET A 774 -11.85 -38.87 13.79
C MET A 774 -11.90 -40.35 14.09
N SER A 775 -12.40 -41.14 13.13
CA SER A 775 -12.39 -42.57 13.35
C SER A 775 -10.95 -43.05 13.30
N GLU A 776 -10.63 -44.03 14.14
CA GLU A 776 -9.37 -44.74 13.99
C GLU A 776 -9.34 -45.37 12.59
N ALA A 777 -8.17 -45.38 11.96
CA ALA A 777 -8.05 -45.78 10.55
C ALA A 777 -8.76 -47.08 10.16
N LYS A 778 -8.65 -48.12 11.00
CA LYS A 778 -9.17 -49.42 10.61
C LYS A 778 -10.69 -49.44 10.48
N TYR A 779 -11.37 -48.39 10.98
CA TYR A 779 -12.83 -48.33 10.85
C TYR A 779 -13.35 -47.41 9.75
N ARG A 780 -12.47 -46.89 8.90
CA ARG A 780 -12.90 -46.01 7.81
C ARG A 780 -12.13 -46.34 6.54
N MET A 781 -11.90 -47.62 6.35
CA MET A 781 -11.12 -48.10 5.21
C MET A 781 -12.02 -48.77 4.18
N LEU A 782 -13.10 -49.41 4.62
CA LEU A 782 -13.98 -50.21 3.75
C LEU A 782 -15.45 -49.76 3.75
N PRO A 783 -16.12 -49.84 2.59
CA PRO A 783 -17.55 -49.48 2.49
C PRO A 783 -18.41 -50.14 3.55
N ASP A 784 -18.19 -51.42 3.84
CA ASP A 784 -18.99 -52.09 4.87
C ASP A 784 -18.82 -51.50 6.27
N ASP A 785 -17.74 -50.76 6.49
CA ASP A 785 -17.55 -50.10 7.78
C ASP A 785 -18.64 -49.06 8.02
N ILE A 786 -19.25 -48.58 6.93
CA ILE A 786 -20.25 -47.51 7.05
C ILE A 786 -21.35 -47.95 8.04
N GLY A 787 -21.79 -49.19 7.93
CA GLY A 787 -22.84 -49.70 8.81
C GLY A 787 -22.42 -50.03 10.24
N ASP A 788 -21.14 -49.88 10.56
CA ASP A 788 -20.72 -50.15 11.93
C ASP A 788 -20.86 -48.90 12.81
N TRP A 789 -21.21 -47.78 12.20
CA TRP A 789 -21.43 -46.54 12.96
C TRP A 789 -22.90 -46.37 13.35
N TYR A 790 -23.14 -46.06 14.63
CA TYR A 790 -24.49 -45.94 15.18
C TYR A 790 -24.78 -44.51 15.62
N VAL A 791 -26.00 -44.06 15.38
CA VAL A 791 -26.45 -42.75 15.86
C VAL A 791 -27.47 -43.01 16.98
N ARG A 792 -27.57 -42.11 17.94
CA ARG A 792 -28.59 -42.29 18.97
C ARG A 792 -29.88 -41.56 18.59
N ALA A 793 -31.00 -42.28 18.61
CA ALA A 793 -32.31 -41.66 18.36
C ALA A 793 -32.81 -40.93 19.60
N ALA A 794 -33.76 -40.02 19.40
CA ALA A 794 -34.35 -39.26 20.50
C ALA A 794 -34.93 -40.13 21.61
N ASP A 795 -35.34 -41.35 21.24
CA ASP A 795 -35.90 -42.29 22.21
C ASP A 795 -34.80 -43.11 22.89
N GLY A 796 -33.55 -42.75 22.64
CA GLY A 796 -32.41 -43.42 23.28
C GLY A 796 -31.86 -44.63 22.54
N GLN A 797 -32.55 -45.05 21.47
CA GLN A 797 -32.13 -46.25 20.74
C GLN A 797 -30.96 -46.00 19.81
N MET A 798 -30.03 -46.96 19.78
CA MET A 798 -28.87 -46.90 18.89
C MET A 798 -29.25 -47.49 17.53
N VAL A 799 -28.99 -46.72 16.47
CA VAL A 799 -29.45 -47.03 15.14
C VAL A 799 -28.26 -46.98 14.18
N PRO A 800 -28.00 -48.10 13.49
CA PRO A 800 -26.86 -48.19 12.56
C PRO A 800 -27.13 -47.45 11.26
N PHE A 801 -26.09 -46.95 10.61
CA PHE A 801 -26.25 -46.21 9.36
C PHE A 801 -27.02 -46.98 8.31
N SER A 802 -26.93 -48.30 8.37
CA SER A 802 -27.58 -49.18 7.40
C SER A 802 -29.09 -49.10 7.49
N ALA A 803 -29.62 -48.54 8.57
CA ALA A 803 -31.07 -48.49 8.71
C ALA A 803 -31.69 -47.32 7.97
N PHE A 804 -30.92 -46.27 7.73
CA PHE A 804 -31.49 -45.04 7.16
C PHE A 804 -30.76 -44.50 5.93
N SER A 805 -29.91 -45.31 5.31
CA SER A 805 -29.21 -44.86 4.11
C SER A 805 -29.03 -45.97 3.09
N SER A 806 -28.72 -45.58 1.86
CA SER A 806 -28.42 -46.52 0.78
C SER A 806 -27.20 -45.97 0.10
N SER A 807 -26.45 -46.79 -0.63
CA SER A 807 -25.26 -46.26 -1.32
C SER A 807 -25.00 -46.92 -2.65
N ARG A 808 -24.21 -46.23 -3.48
CA ARG A 808 -23.86 -46.73 -4.80
C ARG A 808 -22.53 -46.11 -5.22
N TRP A 809 -21.83 -46.75 -6.15
CA TRP A 809 -20.64 -46.13 -6.74
C TRP A 809 -21.02 -45.24 -7.92
N GLU A 810 -20.25 -44.18 -8.09
CA GLU A 810 -20.40 -43.29 -9.24
C GLU A 810 -19.06 -42.63 -9.52
N TYR A 811 -19.00 -41.84 -10.59
CA TYR A 811 -17.80 -41.06 -10.88
C TYR A 811 -17.98 -39.57 -10.56
N GLY A 812 -16.88 -38.93 -10.19
CA GLY A 812 -16.87 -37.53 -9.81
C GLY A 812 -15.46 -37.00 -9.98
N SER A 813 -15.32 -35.68 -10.00
CA SER A 813 -14.01 -35.06 -10.19
C SER A 813 -13.32 -34.84 -8.84
N PRO A 814 -12.02 -35.14 -8.78
CA PRO A 814 -11.23 -34.84 -7.58
C PRO A 814 -10.70 -33.43 -7.62
N ARG A 815 -10.82 -32.78 -8.78
CA ARG A 815 -10.35 -31.40 -8.90
C ARG A 815 -11.11 -30.61 -9.94
N LEU A 816 -11.93 -29.67 -9.49
CA LEU A 816 -12.74 -28.86 -10.39
C LEU A 816 -12.08 -27.49 -10.60
N GLU A 817 -11.94 -27.11 -11.86
CA GLU A 817 -11.23 -25.89 -12.25
C GLU A 817 -12.24 -24.81 -12.68
N ARG A 818 -11.95 -23.56 -12.34
CA ARG A 818 -12.73 -22.45 -12.89
C ARG A 818 -11.79 -21.36 -13.43
N TYR A 819 -12.27 -20.58 -14.39
CA TYR A 819 -11.46 -19.54 -15.01
C TYR A 819 -12.35 -18.30 -15.23
N ASN A 820 -11.93 -17.17 -14.69
CA ASN A 820 -12.79 -15.99 -14.72
C ASN A 820 -14.19 -16.31 -14.25
N GLY A 821 -14.30 -17.21 -13.29
CA GLY A 821 -15.58 -17.47 -12.63
C GLY A 821 -16.46 -18.53 -13.26
N LEU A 822 -15.99 -19.13 -14.36
CA LEU A 822 -16.76 -20.17 -15.05
C LEU A 822 -16.05 -21.52 -15.01
N PRO A 823 -16.82 -22.62 -14.97
CA PRO A 823 -16.14 -23.92 -15.02
C PRO A 823 -15.20 -23.97 -16.23
N SER A 824 -14.02 -24.54 -16.06
CA SER A 824 -13.00 -24.48 -17.11
C SER A 824 -12.13 -25.72 -17.10
N MET A 825 -11.38 -25.91 -18.17
CA MET A 825 -10.37 -26.96 -18.18
C MET A 825 -9.16 -26.48 -18.93
N GLU A 826 -8.04 -26.44 -18.23
CA GLU A 826 -6.80 -25.95 -18.80
C GLU A 826 -6.15 -27.03 -19.65
N ILE A 827 -5.73 -26.63 -20.84
CA ILE A 827 -5.02 -27.50 -21.77
C ILE A 827 -3.67 -26.86 -22.10
N LEU A 828 -2.60 -27.63 -21.92
CA LEU A 828 -1.25 -27.16 -22.25
C LEU A 828 -0.81 -27.83 -23.54
N GLY A 829 0.17 -27.23 -24.22
CA GLY A 829 0.63 -27.76 -25.48
C GLY A 829 1.81 -26.98 -26.03
N GLN A 830 2.43 -27.50 -27.09
CA GLN A 830 3.56 -26.83 -27.70
C GLN A 830 3.34 -26.70 -29.20
N ALA A 831 4.10 -25.79 -29.80
CA ALA A 831 4.13 -25.71 -31.25
C ALA A 831 5.09 -26.77 -31.75
N ALA A 832 4.64 -27.60 -32.70
CA ALA A 832 5.49 -28.59 -33.33
C ALA A 832 6.77 -27.91 -33.85
N PRO A 833 7.79 -28.70 -34.21
CA PRO A 833 9.03 -28.05 -34.66
C PRO A 833 8.87 -27.34 -36.00
N GLY A 834 9.45 -26.14 -36.12
CA GLY A 834 9.36 -25.37 -37.35
C GLY A 834 8.05 -24.64 -37.50
N LYS A 835 7.17 -24.81 -36.52
CA LYS A 835 5.88 -24.13 -36.52
C LYS A 835 5.92 -22.94 -35.56
N SER A 836 5.15 -21.90 -35.86
CA SER A 836 5.13 -20.71 -35.02
C SER A 836 4.05 -20.78 -33.94
N THR A 837 4.48 -20.63 -32.69
CA THR A 837 3.56 -20.53 -31.57
C THR A 837 2.22 -19.97 -32.04
N GLY A 838 2.29 -18.91 -32.84
CA GLY A 838 1.12 -18.28 -33.40
C GLY A 838 0.22 -19.21 -34.21
N GLU A 839 0.82 -19.97 -35.12
CA GLU A 839 0.05 -20.89 -35.97
C GLU A 839 -0.58 -21.98 -35.12
N ALA A 840 0.20 -22.51 -34.17
CA ALA A 840 -0.33 -23.49 -33.24
C ALA A 840 -1.60 -22.95 -32.60
N MET A 841 -1.50 -21.77 -32.01
CA MET A 841 -2.65 -21.11 -31.39
C MET A 841 -3.80 -20.93 -32.38
N GLU A 842 -3.50 -20.54 -33.63
CA GLU A 842 -4.54 -20.42 -34.65
C GLU A 842 -5.32 -21.72 -34.78
N LEU A 843 -4.57 -22.82 -34.84
CA LEU A 843 -5.19 -24.11 -35.06
C LEU A 843 -6.14 -24.43 -33.91
N MET A 844 -5.67 -24.15 -32.69
CA MET A 844 -6.47 -24.45 -31.50
C MET A 844 -7.77 -23.68 -31.56
N GLU A 845 -7.66 -22.40 -31.90
CA GLU A 845 -8.84 -21.57 -32.10
C GLU A 845 -9.76 -22.16 -33.15
N GLN A 846 -9.19 -22.70 -34.22
CA GLN A 846 -9.98 -23.35 -35.27
C GLN A 846 -10.70 -24.60 -34.76
N LEU A 847 -9.99 -25.42 -33.99
CA LEU A 847 -10.58 -26.64 -33.45
C LEU A 847 -11.67 -26.29 -32.43
N ALA A 848 -11.40 -25.30 -31.58
CA ALA A 848 -12.36 -24.87 -30.57
C ALA A 848 -13.64 -24.30 -31.18
N SER A 849 -13.54 -23.71 -32.36
CA SER A 849 -14.73 -23.22 -33.07
C SER A 849 -15.65 -24.36 -33.51
N LYS A 850 -15.12 -25.58 -33.53
CA LYS A 850 -15.88 -26.75 -33.98
C LYS A 850 -16.56 -27.49 -32.85
N LEU A 851 -16.41 -26.99 -31.62
CA LEU A 851 -16.89 -27.69 -30.44
C LEU A 851 -18.38 -27.49 -30.21
N PRO A 852 -18.98 -28.31 -29.33
CA PRO A 852 -20.41 -28.24 -29.02
C PRO A 852 -20.86 -26.86 -28.45
N THR A 853 -22.15 -26.58 -28.57
CA THR A 853 -22.73 -25.29 -28.20
C THR A 853 -22.54 -24.99 -26.71
N GLY A 854 -22.26 -23.74 -26.37
CA GLY A 854 -22.04 -23.38 -24.99
C GLY A 854 -20.59 -23.55 -24.54
N VAL A 855 -19.74 -24.05 -25.43
CA VAL A 855 -18.33 -24.25 -25.12
C VAL A 855 -17.46 -23.19 -25.76
N GLY A 856 -16.80 -22.38 -24.93
CA GLY A 856 -15.89 -21.37 -25.44
C GLY A 856 -14.48 -21.62 -24.94
N TYR A 857 -13.60 -20.65 -25.19
CA TYR A 857 -12.20 -20.78 -24.81
C TYR A 857 -11.55 -19.43 -24.53
N ASP A 858 -10.34 -19.47 -24.01
CA ASP A 858 -9.58 -18.26 -23.75
C ASP A 858 -8.10 -18.65 -23.60
N TRP A 859 -7.21 -17.66 -23.71
CA TRP A 859 -5.78 -17.88 -23.48
C TRP A 859 -5.34 -17.26 -22.15
N THR A 860 -4.43 -17.94 -21.45
CA THR A 860 -4.01 -17.46 -20.15
C THR A 860 -2.51 -17.59 -20.01
N GLY A 861 -1.96 -17.15 -18.89
CA GLY A 861 -0.53 -17.25 -18.64
C GLY A 861 0.36 -16.72 -19.76
N MET A 862 1.36 -17.52 -20.14
CA MET A 862 2.30 -17.12 -21.17
C MET A 862 1.61 -16.82 -22.49
N SER A 863 0.41 -17.37 -22.67
CA SER A 863 -0.38 -17.16 -23.89
C SER A 863 -1.31 -15.93 -23.83
N TYR A 864 -1.59 -15.46 -22.62
CA TYR A 864 -2.29 -14.19 -22.48
C TYR A 864 -1.41 -13.15 -23.17
N GLN A 865 -0.12 -13.18 -22.83
CA GLN A 865 0.92 -12.57 -23.65
C GLN A 865 1.14 -13.46 -24.88
N GLU A 866 1.68 -12.93 -25.97
CA GLU A 866 2.17 -11.56 -26.07
C GLU A 866 1.30 -10.54 -25.32
N ARG A 867 0.08 -10.25 -25.78
CA ARG A 867 -0.48 -10.67 -27.06
C ARG A 867 -1.73 -9.85 -27.40
N LEU A 868 -1.79 -8.54 -27.11
CA LEU A 868 -0.69 -7.68 -26.64
C LEU A 868 0.38 -7.41 -27.72
N SER A 869 0.43 -8.28 -28.72
CA SER A 869 1.17 -8.01 -29.97
C SER A 869 2.70 -8.02 -29.84
N GLY A 870 3.39 -8.21 -30.95
CA GLY A 870 4.84 -8.28 -30.97
C GLY A 870 5.49 -7.76 -32.24
N ASN A 871 6.77 -8.08 -32.40
CA ASN A 871 7.60 -7.55 -33.50
C ASN A 871 7.56 -6.02 -33.59
N GLN A 872 8.32 -5.37 -32.71
CA GLN A 872 8.46 -3.91 -32.70
C GLN A 872 9.83 -3.55 -33.25
N ALA A 873 10.66 -4.58 -33.47
CA ALA A 873 12.03 -4.41 -33.91
C ALA A 873 12.20 -3.43 -35.06
N PRO A 874 11.57 -3.72 -36.21
CA PRO A 874 11.77 -2.90 -37.40
C PRO A 874 11.45 -1.42 -37.16
N SER A 875 10.29 -1.11 -36.57
CA SER A 875 9.91 0.26 -36.28
C SER A 875 11.01 1.01 -35.52
N LEU A 876 11.38 0.49 -34.36
CA LEU A 876 12.34 1.14 -33.47
C LEU A 876 13.76 1.26 -34.04
N TYR A 877 14.15 0.31 -34.88
CA TYR A 877 15.45 0.37 -35.53
C TYR A 877 15.40 1.25 -36.78
N ALA A 878 14.24 1.29 -37.42
CA ALA A 878 14.03 2.23 -38.52
C ALA A 878 14.21 3.65 -38.00
N ILE A 879 13.48 3.99 -36.93
CA ILE A 879 13.59 5.33 -36.34
C ILE A 879 15.01 5.58 -35.81
N SER A 880 15.58 4.56 -35.16
CA SER A 880 16.99 4.59 -34.76
C SER A 880 17.91 4.96 -35.93
N LEU A 881 17.69 4.31 -37.08
CA LEU A 881 18.44 4.56 -38.31
C LEU A 881 18.29 6.00 -38.76
N ILE A 882 17.05 6.50 -38.69
CA ILE A 882 16.75 7.86 -39.13
C ILE A 882 17.40 8.90 -38.22
N VAL A 883 17.27 8.72 -36.91
CA VAL A 883 17.84 9.67 -35.97
C VAL A 883 19.37 9.73 -36.12
N VAL A 884 19.98 8.57 -36.30
CA VAL A 884 21.42 8.49 -36.53
C VAL A 884 21.81 9.29 -37.77
N PHE A 885 21.07 9.09 -38.86
CA PHE A 885 21.35 9.85 -40.09
C PHE A 885 21.22 11.33 -39.82
N LEU A 886 20.14 11.73 -39.14
CA LEU A 886 19.93 13.13 -38.82
C LEU A 886 21.09 13.69 -37.97
N CYS A 887 21.47 12.97 -36.92
CA CYS A 887 22.58 13.42 -36.07
C CYS A 887 23.86 13.59 -36.87
N LEU A 888 24.10 12.65 -37.78
CA LEU A 888 25.29 12.72 -38.64
C LEU A 888 25.18 13.90 -39.62
N ALA A 889 23.97 14.18 -40.09
CA ALA A 889 23.78 15.32 -40.99
C ALA A 889 24.19 16.60 -40.30
N ALA A 890 23.74 16.78 -39.06
CA ALA A 890 24.10 17.94 -38.26
C ALA A 890 25.60 17.98 -37.99
N LEU A 891 26.18 16.82 -37.67
CA LEU A 891 27.60 16.73 -37.36
C LEU A 891 28.49 17.17 -38.53
N TYR A 892 28.09 16.79 -39.74
CA TYR A 892 28.88 17.09 -40.94
C TYR A 892 28.35 18.30 -41.73
N GLU A 893 27.21 18.83 -41.31
CA GLU A 893 26.52 19.88 -42.07
C GLU A 893 26.39 19.42 -43.53
N SER A 894 25.83 18.24 -43.70
CA SER A 894 25.69 17.61 -45.01
C SER A 894 24.58 16.58 -44.96
N TRP A 895 23.80 16.49 -46.04
CA TRP A 895 22.75 15.49 -46.13
C TRP A 895 23.26 14.17 -46.71
N SER A 896 24.40 14.22 -47.39
CA SER A 896 24.91 13.02 -48.09
C SER A 896 26.02 12.26 -47.37
N ILE A 897 26.94 12.99 -46.74
CA ILE A 897 28.11 12.37 -46.09
C ILE A 897 27.77 11.32 -45.00
N PRO A 898 26.66 11.51 -44.27
CA PRO A 898 26.26 10.48 -43.30
C PRO A 898 26.26 9.04 -43.85
N PHE A 899 26.01 8.87 -45.14
CA PHE A 899 25.99 7.53 -45.76
C PHE A 899 27.37 6.86 -45.71
N SER A 900 28.42 7.64 -45.86
CA SER A 900 29.78 7.12 -45.79
C SER A 900 30.11 6.59 -44.38
N VAL A 901 29.15 6.71 -43.47
CA VAL A 901 29.29 6.15 -42.12
C VAL A 901 28.29 5.03 -41.91
N MET A 902 27.04 5.27 -42.29
CA MET A 902 25.96 4.30 -42.11
C MET A 902 26.25 2.99 -42.83
N LEU A 903 26.89 3.08 -43.99
CA LEU A 903 27.21 1.91 -44.79
C LEU A 903 28.06 0.86 -44.05
N VAL A 904 28.72 1.24 -42.96
CA VAL A 904 29.55 0.28 -42.20
C VAL A 904 28.74 -0.65 -41.31
N VAL A 905 27.47 -0.34 -41.08
CA VAL A 905 26.62 -1.16 -40.22
C VAL A 905 26.72 -2.66 -40.56
N PRO A 906 26.51 -3.00 -41.84
CA PRO A 906 26.59 -4.41 -42.27
C PRO A 906 27.94 -5.08 -41.91
N LEU A 907 29.02 -4.31 -41.89
CA LEU A 907 30.37 -4.87 -41.74
C LEU A 907 30.61 -5.59 -40.40
N GLY A 908 29.95 -5.12 -39.35
CA GLY A 908 30.05 -5.78 -38.06
C GLY A 908 29.00 -6.86 -37.88
N VAL A 909 27.82 -6.62 -38.45
CA VAL A 909 26.71 -7.58 -38.34
C VAL A 909 27.08 -8.93 -38.99
N ILE A 910 27.72 -8.89 -40.15
CA ILE A 910 28.11 -10.11 -40.82
C ILE A 910 28.93 -11.01 -39.90
N GLY A 911 29.93 -10.42 -39.24
CA GLY A 911 30.79 -11.16 -38.33
C GLY A 911 30.02 -11.70 -37.13
N ALA A 912 29.12 -10.89 -36.60
CA ALA A 912 28.34 -11.31 -35.44
C ALA A 912 27.48 -12.50 -35.84
N LEU A 913 26.91 -12.42 -37.04
CA LEU A 913 26.09 -13.50 -37.56
C LEU A 913 26.90 -14.78 -37.82
N LEU A 914 28.08 -14.64 -38.41
CA LEU A 914 28.94 -15.79 -38.65
C LEU A 914 29.28 -16.53 -37.35
N ALA A 915 29.79 -15.79 -36.37
CA ALA A 915 30.20 -16.38 -35.10
C ALA A 915 29.03 -17.07 -34.41
N ALA A 916 27.88 -16.38 -34.36
CA ALA A 916 26.70 -16.96 -33.75
C ALA A 916 26.30 -18.27 -34.44
N THR A 917 26.20 -18.23 -35.76
CA THR A 917 25.80 -19.38 -36.53
C THR A 917 26.77 -20.53 -36.35
N PHE A 918 28.05 -20.23 -36.55
CA PHE A 918 29.11 -21.21 -36.45
C PHE A 918 29.24 -21.80 -35.04
N ARG A 919 28.58 -21.16 -34.07
CA ARG A 919 28.72 -21.59 -32.68
C ARG A 919 27.40 -22.16 -32.17
N GLY A 920 26.39 -22.16 -33.03
CA GLY A 920 25.11 -22.76 -32.68
C GLY A 920 24.27 -21.87 -31.80
N LEU A 921 24.74 -20.63 -31.62
CA LEU A 921 24.00 -19.65 -30.83
C LEU A 921 22.72 -19.23 -31.53
N THR A 922 22.07 -18.20 -30.99
CA THR A 922 20.75 -17.81 -31.45
C THR A 922 20.58 -16.28 -31.41
N ASN A 923 19.62 -15.75 -32.16
CA ASN A 923 19.34 -14.32 -32.13
C ASN A 923 18.48 -13.97 -30.93
N ASP A 924 19.13 -13.58 -29.83
CA ASP A 924 18.41 -13.28 -28.60
C ASP A 924 18.82 -11.91 -28.03
N VAL A 925 18.32 -11.59 -26.83
CA VAL A 925 18.67 -10.33 -26.17
C VAL A 925 20.18 -10.09 -26.19
N TYR A 926 20.92 -11.08 -25.73
CA TYR A 926 22.38 -10.94 -25.65
C TYR A 926 23.03 -10.69 -27.01
N PHE A 927 22.56 -11.38 -28.03
CA PHE A 927 23.06 -11.14 -29.39
C PHE A 927 22.72 -9.72 -29.89
N GLN A 928 21.48 -9.29 -29.64
CA GLN A 928 21.04 -7.95 -30.08
C GLN A 928 21.89 -6.83 -29.47
N VAL A 929 22.05 -6.84 -28.15
CA VAL A 929 22.80 -5.79 -27.46
C VAL A 929 24.29 -5.72 -27.85
N GLY A 930 24.96 -6.88 -27.93
CA GLY A 930 26.35 -6.88 -28.35
C GLY A 930 26.51 -6.30 -29.74
N LEU A 931 25.56 -6.60 -30.61
CA LEU A 931 25.60 -6.10 -31.97
C LEU A 931 25.51 -4.57 -31.99
N LEU A 932 24.56 -4.02 -31.25
CA LEU A 932 24.44 -2.56 -31.13
C LEU A 932 25.77 -1.97 -30.72
N THR A 933 26.42 -2.61 -29.74
CA THR A 933 27.72 -2.18 -29.26
C THR A 933 28.74 -2.22 -30.39
N THR A 934 28.74 -3.33 -31.13
CA THR A 934 29.67 -3.49 -32.25
C THR A 934 29.42 -2.43 -33.34
N ILE A 935 28.14 -2.22 -33.67
CA ILE A 935 27.76 -1.19 -34.62
C ILE A 935 28.17 0.20 -34.11
N GLY A 936 27.93 0.45 -32.84
CA GLY A 936 28.34 1.69 -32.21
C GLY A 936 29.81 2.03 -32.46
N LEU A 937 30.69 1.10 -32.10
CA LEU A 937 32.13 1.30 -32.27
C LEU A 937 32.58 1.45 -33.73
N SER A 938 32.02 0.65 -34.63
CA SER A 938 32.44 0.73 -36.02
C SER A 938 31.92 2.04 -36.61
N ALA A 939 30.77 2.48 -36.09
CA ALA A 939 30.24 3.79 -36.45
C ALA A 939 31.21 4.85 -35.97
N LYS A 940 31.60 4.75 -34.70
CA LYS A 940 32.53 5.71 -34.11
C LYS A 940 33.84 5.81 -34.89
N ASN A 941 34.41 4.66 -35.26
CA ASN A 941 35.63 4.65 -36.07
C ASN A 941 35.44 5.30 -37.44
N ALA A 942 34.35 4.95 -38.10
CA ALA A 942 34.04 5.53 -39.41
C ALA A 942 33.86 7.04 -39.32
N ILE A 943 33.13 7.49 -38.30
CA ILE A 943 32.90 8.92 -38.08
C ILE A 943 34.18 9.74 -37.90
N LEU A 944 35.11 9.23 -37.09
CA LEU A 944 36.38 9.93 -36.87
C LEU A 944 37.23 9.97 -38.14
N ILE A 945 37.24 8.86 -38.88
CA ILE A 945 37.94 8.81 -40.15
C ILE A 945 37.46 9.91 -41.09
N VAL A 946 36.17 9.89 -41.42
CA VAL A 946 35.63 10.83 -42.40
C VAL A 946 35.67 12.26 -41.86
N GLU A 947 35.59 12.39 -40.54
CA GLU A 947 35.75 13.68 -39.89
C GLU A 947 37.16 14.24 -40.14
N PHE A 948 38.14 13.35 -40.16
CA PHE A 948 39.53 13.72 -40.43
C PHE A 948 39.74 14.04 -41.90
N ALA A 949 39.21 13.17 -42.76
CA ALA A 949 39.30 13.39 -44.20
C ALA A 949 38.63 14.70 -44.59
N LYS A 950 37.39 14.88 -44.14
CA LYS A 950 36.60 16.07 -44.44
C LYS A 950 37.27 17.37 -44.01
N ASP A 951 37.86 17.38 -42.82
CA ASP A 951 38.55 18.58 -42.32
C ASP A 951 39.77 18.92 -43.17
N LEU A 952 40.66 17.95 -43.38
CA LEU A 952 41.84 18.15 -44.21
C LEU A 952 41.48 18.83 -45.53
N MET A 953 40.41 18.36 -46.17
CA MET A 953 39.93 18.95 -47.41
C MET A 953 39.48 20.38 -47.17
N ASP A 954 38.63 20.57 -46.15
CA ASP A 954 38.02 21.86 -45.85
C ASP A 954 39.00 22.86 -45.23
N LYS A 955 39.49 22.56 -44.03
CA LYS A 955 40.47 23.42 -43.38
C LYS A 955 41.71 23.55 -44.27
N GLU A 956 42.58 22.55 -44.25
CA GLU A 956 43.68 22.49 -45.22
C GLU A 956 43.06 22.44 -46.61
N GLY A 957 43.89 22.39 -47.64
CA GLY A 957 43.37 22.35 -48.99
C GLY A 957 43.28 20.96 -49.57
N LYS A 958 44.01 20.04 -48.96
CA LYS A 958 44.14 18.66 -49.45
C LYS A 958 42.92 18.18 -50.24
N GLY A 959 43.16 17.57 -51.39
CA GLY A 959 42.10 17.05 -52.25
C GLY A 959 41.55 15.70 -51.77
N LEU A 960 40.45 15.27 -52.37
CA LEU A 960 39.75 14.05 -51.92
C LEU A 960 40.67 12.91 -51.50
N ILE A 961 41.20 12.19 -52.48
CA ILE A 961 42.10 11.06 -52.22
C ILE A 961 43.17 11.40 -51.18
N GLU A 962 44.00 12.40 -51.49
CA GLU A 962 45.07 12.84 -50.61
C GLU A 962 44.64 12.83 -49.13
N ALA A 963 43.47 13.41 -48.85
CA ALA A 963 42.97 13.53 -47.48
C ALA A 963 42.41 12.21 -46.94
N THR A 964 41.67 11.49 -47.79
CA THR A 964 41.15 10.17 -47.43
C THR A 964 42.27 9.22 -46.99
N LEU A 965 43.43 9.33 -47.63
CA LEU A 965 44.54 8.46 -47.30
C LEU A 965 45.31 8.96 -46.08
N ASP A 966 45.40 10.27 -45.92
CA ASP A 966 46.11 10.83 -44.77
C ASP A 966 45.27 10.61 -43.51
N ALA A 967 43.95 10.62 -43.66
CA ALA A 967 43.06 10.41 -42.53
C ALA A 967 43.11 8.95 -42.07
N VAL A 968 42.85 8.05 -43.02
CA VAL A 968 42.80 6.63 -42.74
C VAL A 968 44.13 6.15 -42.14
N ARG A 969 45.23 6.75 -42.58
CA ARG A 969 46.54 6.39 -42.03
C ARG A 969 46.69 6.88 -40.60
N MET A 970 46.17 8.07 -40.30
CA MET A 970 46.24 8.62 -38.96
C MET A 970 45.30 7.88 -38.02
N ARG A 971 44.34 7.16 -38.59
CA ARG A 971 43.26 6.53 -37.84
C ARG A 971 43.51 5.03 -37.58
N LEU A 972 44.43 4.44 -38.34
CA LEU A 972 44.63 3.00 -38.32
C LEU A 972 44.98 2.44 -36.92
N ARG A 973 45.91 3.12 -36.26
CA ARG A 973 46.44 2.69 -34.96
C ARG A 973 45.42 2.72 -33.83
N PRO A 974 44.81 3.89 -33.59
CA PRO A 974 43.79 4.03 -32.54
C PRO A 974 42.68 2.99 -32.72
N ILE A 975 42.32 2.74 -33.97
CA ILE A 975 41.32 1.74 -34.33
C ILE A 975 41.75 0.33 -33.90
N LEU A 976 42.98 -0.04 -34.22
CA LEU A 976 43.50 -1.36 -33.88
C LEU A 976 43.67 -1.50 -32.37
N MET A 977 44.14 -0.44 -31.71
CA MET A 977 44.25 -0.46 -30.26
C MET A 977 42.91 -0.84 -29.63
N THR A 978 41.86 -0.15 -30.05
CA THR A 978 40.53 -0.38 -29.48
C THR A 978 39.98 -1.75 -29.81
N SER A 979 40.11 -2.16 -31.07
CA SER A 979 39.54 -3.42 -31.52
C SER A 979 40.10 -4.59 -30.73
N LEU A 980 41.42 -4.67 -30.68
CA LEU A 980 42.12 -5.77 -30.03
C LEU A 980 41.97 -5.74 -28.51
N ALA A 981 41.96 -4.54 -27.94
CA ALA A 981 41.70 -4.40 -26.51
C ALA A 981 40.32 -4.96 -26.19
N PHE A 982 39.33 -4.60 -26.99
CA PHE A 982 37.96 -5.07 -26.78
C PHE A 982 37.76 -6.55 -27.16
N ILE A 983 38.36 -6.99 -28.27
CA ILE A 983 38.27 -8.40 -28.64
C ILE A 983 38.90 -9.30 -27.56
N LEU A 984 40.12 -8.97 -27.13
CA LEU A 984 40.75 -9.66 -26.01
C LEU A 984 39.92 -9.56 -24.74
N GLY A 985 39.33 -8.39 -24.51
CA GLY A 985 38.52 -8.17 -23.32
C GLY A 985 37.37 -9.15 -23.20
N VAL A 986 36.66 -9.39 -24.30
CA VAL A 986 35.49 -10.28 -24.30
C VAL A 986 35.86 -11.78 -24.37
N MET A 987 37.15 -12.06 -24.56
CA MET A 987 37.62 -13.44 -24.60
C MET A 987 37.17 -14.27 -23.39
N PRO A 988 37.34 -13.71 -22.18
CA PRO A 988 36.87 -14.40 -20.97
C PRO A 988 35.42 -14.85 -21.12
N LEU A 989 34.56 -13.97 -21.65
CA LEU A 989 33.14 -14.31 -21.81
C LEU A 989 32.95 -15.49 -22.77
N VAL A 990 33.66 -15.48 -23.89
CA VAL A 990 33.48 -16.50 -24.91
C VAL A 990 33.99 -17.83 -24.38
N ILE A 991 34.96 -17.74 -23.47
CA ILE A 991 35.67 -18.89 -22.93
C ILE A 991 35.00 -19.37 -21.64
N SER A 992 34.05 -18.57 -21.17
CA SER A 992 33.38 -18.82 -19.89
C SER A 992 32.80 -20.22 -19.75
N THR A 993 32.98 -20.80 -18.56
CA THR A 993 32.26 -21.98 -18.12
C THR A 993 31.85 -21.70 -16.68
N GLY A 994 30.87 -22.41 -16.16
CA GLY A 994 30.38 -22.10 -14.82
C GLY A 994 29.14 -21.23 -14.81
N ALA A 995 28.74 -20.80 -13.61
CA ALA A 995 27.45 -20.12 -13.45
C ALA A 995 27.27 -18.95 -14.44
N GLY A 996 26.19 -19.00 -15.20
CA GLY A 996 25.84 -17.93 -16.12
C GLY A 996 26.66 -17.90 -17.40
N SER A 997 27.42 -18.96 -17.66
CA SER A 997 28.22 -19.01 -18.88
C SER A 997 27.36 -19.01 -20.15
N GLY A 998 26.09 -19.40 -20.01
CA GLY A 998 25.18 -19.34 -21.14
C GLY A 998 25.09 -17.92 -21.65
N ALA A 999 24.75 -17.01 -20.75
CA ALA A 999 24.68 -15.59 -21.07
C ALA A 999 26.05 -15.06 -21.50
N GLN A 1000 27.09 -15.42 -20.76
CA GLN A 1000 28.43 -14.93 -21.05
C GLN A 1000 28.89 -15.32 -22.44
N ASN A 1001 28.67 -16.58 -22.81
CA ASN A 1001 29.08 -17.05 -24.13
C ASN A 1001 28.32 -16.27 -25.19
N ALA A 1002 27.00 -16.11 -24.97
CA ALA A 1002 26.14 -15.44 -25.95
C ALA A 1002 26.59 -14.01 -26.22
N VAL A 1003 26.88 -13.28 -25.15
CA VAL A 1003 27.39 -11.91 -25.25
C VAL A 1003 28.75 -11.88 -25.95
N GLY A 1004 29.68 -12.70 -25.49
CA GLY A 1004 31.05 -12.68 -25.98
C GLY A 1004 31.27 -13.05 -27.44
N THR A 1005 30.63 -14.12 -27.91
CA THR A 1005 30.93 -14.60 -29.26
C THR A 1005 30.36 -13.68 -30.33
N GLY A 1006 29.19 -13.09 -30.06
CA GLY A 1006 28.63 -12.09 -30.95
C GLY A 1006 29.56 -10.90 -31.13
N VAL A 1007 29.98 -10.31 -30.01
CA VAL A 1007 30.90 -9.17 -30.02
C VAL A 1007 32.24 -9.51 -30.67
N MET A 1008 32.80 -10.67 -30.33
CA MET A 1008 34.08 -11.07 -30.92
C MET A 1008 34.00 -11.21 -32.44
N GLY A 1009 32.95 -11.88 -32.93
CA GLY A 1009 32.78 -12.05 -34.35
C GLY A 1009 32.60 -10.71 -35.04
N GLY A 1010 31.67 -9.91 -34.50
CA GLY A 1010 31.36 -8.60 -35.04
C GLY A 1010 32.56 -7.67 -35.07
N MET A 1011 33.30 -7.63 -33.97
CA MET A 1011 34.46 -6.74 -33.86
C MET A 1011 35.52 -7.07 -34.90
N VAL A 1012 35.75 -8.36 -35.11
CA VAL A 1012 36.75 -8.81 -36.07
C VAL A 1012 36.43 -8.36 -37.51
N THR A 1013 35.23 -8.71 -37.98
CA THR A 1013 34.85 -8.38 -39.35
C THR A 1013 34.74 -6.86 -39.53
N ALA A 1014 33.99 -6.24 -38.63
CA ALA A 1014 33.87 -4.79 -38.60
C ALA A 1014 35.23 -4.09 -38.63
N THR A 1015 36.17 -4.58 -37.82
CA THR A 1015 37.51 -3.99 -37.78
C THR A 1015 38.23 -4.16 -39.13
N VAL A 1016 38.43 -5.39 -39.56
CA VAL A 1016 39.16 -5.63 -40.81
C VAL A 1016 38.46 -4.99 -42.01
N LEU A 1017 37.15 -5.18 -42.11
CA LEU A 1017 36.40 -4.66 -43.25
C LEU A 1017 36.33 -3.14 -43.28
N ALA A 1018 36.05 -2.53 -42.13
CA ALA A 1018 35.84 -1.08 -42.09
C ALA A 1018 37.06 -0.28 -42.54
N ILE A 1019 38.24 -0.65 -42.03
CA ILE A 1019 39.47 0.07 -42.37
C ILE A 1019 39.75 0.14 -43.87
N PHE A 1020 39.10 -0.73 -44.64
CA PHE A 1020 39.22 -0.68 -46.10
C PHE A 1020 37.98 -0.07 -46.74
N PHE A 1021 36.82 -0.46 -46.24
CA PHE A 1021 35.55 -0.04 -46.84
C PHE A 1021 35.17 1.43 -46.55
N VAL A 1022 35.59 1.96 -45.41
CA VAL A 1022 35.26 3.34 -45.05
C VAL A 1022 35.86 4.38 -46.01
N PRO A 1023 37.19 4.29 -46.26
CA PRO A 1023 37.79 5.21 -47.24
C PRO A 1023 37.06 5.12 -48.58
N VAL A 1024 36.61 3.92 -48.94
CA VAL A 1024 35.81 3.73 -50.15
C VAL A 1024 34.49 4.48 -50.05
N PHE A 1025 33.61 3.99 -49.17
CA PHE A 1025 32.34 4.66 -48.86
C PHE A 1025 32.42 6.17 -49.06
N PHE A 1026 33.49 6.77 -48.53
CA PHE A 1026 33.62 8.22 -48.51
C PHE A 1026 33.87 8.83 -49.89
N VAL A 1027 34.86 8.34 -50.60
CA VAL A 1027 35.17 8.87 -51.92
C VAL A 1027 34.03 8.63 -52.91
N VAL A 1028 33.44 7.44 -52.85
CA VAL A 1028 32.29 7.15 -53.71
C VAL A 1028 31.15 8.12 -53.42
N VAL A 1029 30.91 8.36 -52.13
CA VAL A 1029 29.86 9.27 -51.68
C VAL A 1029 30.21 10.74 -51.96
N ARG A 1030 31.48 11.09 -51.74
CA ARG A 1030 31.94 12.45 -52.04
C ARG A 1030 31.77 12.76 -53.53
N ARG A 1031 32.15 11.80 -54.38
CA ARG A 1031 32.07 11.98 -55.83
C ARG A 1031 30.62 12.06 -56.31
N ARG A 1032 29.76 11.23 -55.74
CA ARG A 1032 28.37 11.12 -56.21
C ARG A 1032 27.50 12.32 -55.84
N PHE A 1033 27.96 13.15 -54.90
CA PHE A 1033 27.12 14.23 -54.38
C PHE A 1033 27.81 15.60 -54.24
N SER A 1034 28.76 15.91 -55.12
CA SER A 1034 29.51 17.16 -54.97
C SER A 1034 29.39 18.09 -56.18
N ARG A 1035 30.32 19.03 -56.26
CA ARG A 1035 30.54 19.81 -57.48
C ARG A 1035 32.03 19.91 -57.75
N LYS A 1036 32.70 20.84 -57.08
CA LYS A 1036 34.16 20.97 -57.19
C LYS A 1036 34.83 21.13 -55.83
N ASN A 1037 35.75 20.23 -55.51
CA ASN A 1037 36.11 19.15 -56.43
C ASN A 1037 36.93 18.01 -55.83
N GLU A 1038 38.06 17.73 -56.50
CA GLU A 1038 38.92 16.62 -56.13
C GLU A 1038 40.40 17.04 -56.20
N ASP A 1039 40.63 18.27 -56.63
CA ASP A 1039 41.99 18.80 -56.69
C ASP A 1039 42.34 19.57 -55.43
N ILE A 1040 43.63 19.58 -55.09
CA ILE A 1040 44.16 20.42 -54.03
C ILE A 1040 43.58 21.83 -54.20
N GLU A 1041 43.73 22.68 -53.20
CA GLU A 1041 43.21 24.04 -53.32
C GLU A 1041 43.34 24.85 -52.03
N HIS A 1042 42.58 25.94 -51.97
CA HIS A 1042 42.45 26.78 -50.79
C HIS A 1042 41.57 27.98 -51.15
N MET B 1 29.47 34.93 -12.15
CA MET B 1 28.13 34.99 -11.55
C MET B 1 27.91 36.22 -10.65
N PRO B 2 28.77 36.43 -9.65
CA PRO B 2 28.63 37.68 -8.89
C PRO B 2 28.88 38.88 -9.80
N ASN B 3 29.75 38.70 -10.80
CA ASN B 3 29.99 39.75 -11.78
C ASN B 3 28.76 40.00 -12.65
N PHE B 4 28.07 38.91 -12.96
CA PHE B 4 26.82 38.95 -13.71
C PHE B 4 25.81 39.82 -12.96
N PHE B 5 25.64 39.54 -11.67
CA PHE B 5 24.63 40.23 -10.89
C PHE B 5 25.04 41.63 -10.45
N ILE B 6 26.36 41.88 -10.41
CA ILE B 6 26.88 43.21 -10.11
C ILE B 6 26.40 44.23 -11.16
N ASP B 7 26.26 43.79 -12.40
CA ASP B 7 25.76 44.67 -13.47
C ASP B 7 24.24 44.50 -13.68
N ARG B 8 23.62 43.66 -12.86
CA ARG B 8 22.19 43.38 -12.97
C ARG B 8 21.56 43.37 -11.59
N PRO B 9 21.74 44.47 -10.85
CA PRO B 9 21.17 44.55 -9.50
C PRO B 9 19.67 44.25 -9.48
N ILE B 10 18.97 44.58 -10.57
CA ILE B 10 17.52 44.39 -10.59
C ILE B 10 17.16 42.92 -10.72
N PHE B 11 17.89 42.20 -11.56
CA PHE B 11 17.68 40.76 -11.64
C PHE B 11 17.92 40.13 -10.26
N ALA B 12 18.94 40.62 -9.54
CA ALA B 12 19.23 40.09 -8.20
C ALA B 12 18.09 40.40 -7.23
N TRP B 13 17.56 41.61 -7.27
CA TRP B 13 16.38 41.94 -6.45
C TRP B 13 15.21 41.01 -6.78
N VAL B 14 15.02 40.73 -8.07
CA VAL B 14 13.93 39.83 -8.48
C VAL B 14 14.09 38.46 -7.82
N ILE B 15 15.28 37.89 -7.92
CA ILE B 15 15.56 36.61 -7.28
C ILE B 15 15.26 36.70 -5.78
N ALA B 16 15.83 37.69 -5.11
CA ALA B 16 15.53 37.96 -3.70
C ALA B 16 14.02 38.00 -3.41
N ILE B 17 13.29 38.74 -4.23
CA ILE B 17 11.85 38.89 -4.04
C ILE B 17 11.11 37.56 -4.18
N ILE B 18 11.41 36.80 -5.23
CA ILE B 18 10.78 35.51 -5.40
C ILE B 18 11.00 34.64 -4.17
N ILE B 19 12.23 34.66 -3.65
CA ILE B 19 12.57 33.87 -2.47
C ILE B 19 11.78 34.32 -1.23
N MET B 20 11.64 35.63 -1.04
CA MET B 20 10.88 36.15 0.08
C MET B 20 9.40 35.80 -0.01
N LEU B 21 8.85 35.83 -1.23
CA LEU B 21 7.43 35.49 -1.43
C LEU B 21 7.20 34.01 -1.16
N ALA B 22 8.02 33.16 -1.76
CA ALA B 22 7.98 31.73 -1.44
C ALA B 22 8.07 31.50 0.07
N GLY B 23 8.99 32.20 0.71
CA GLY B 23 9.21 32.00 2.14
C GLY B 23 8.03 32.46 2.97
N GLY B 24 7.43 33.59 2.59
CA GLY B 24 6.29 34.11 3.31
C GLY B 24 5.11 33.16 3.20
N LEU B 25 4.94 32.61 2.01
CA LEU B 25 3.88 31.62 1.77
C LEU B 25 4.12 30.41 2.67
N ALA B 26 5.35 29.91 2.68
CA ALA B 26 5.70 28.74 3.48
C ALA B 26 5.43 28.96 4.97
N ILE B 27 5.79 30.14 5.47
CA ILE B 27 5.61 30.47 6.87
C ILE B 27 4.13 30.55 7.24
N LEU B 28 3.28 30.80 6.25
CA LEU B 28 1.84 30.85 6.50
C LEU B 28 1.25 29.44 6.49
N LYS B 29 1.79 28.57 5.64
CA LYS B 29 1.23 27.25 5.43
C LYS B 29 1.98 26.12 6.15
N LEU B 30 3.13 26.42 6.74
CA LEU B 30 3.90 25.40 7.44
C LEU B 30 3.17 24.87 8.68
N PRO B 31 3.15 23.54 8.85
CA PRO B 31 2.65 22.89 10.08
C PRO B 31 3.53 23.24 11.29
N VAL B 32 2.93 23.28 12.46
CA VAL B 32 3.63 23.59 13.69
C VAL B 32 3.31 22.48 14.69
N ALA B 33 4.37 21.93 15.29
CA ALA B 33 4.22 20.88 16.29
C ALA B 33 5.46 20.92 17.19
N GLN B 34 5.32 20.50 18.44
CA GLN B 34 6.46 20.51 19.34
C GLN B 34 7.60 19.65 18.75
N TYR B 35 7.26 18.43 18.33
CA TYR B 35 8.24 17.54 17.71
C TYR B 35 7.69 16.88 16.45
N PRO B 36 8.57 16.62 15.48
CA PRO B 36 8.18 15.85 14.30
C PRO B 36 8.10 14.38 14.70
N THR B 37 7.59 13.55 13.81
CA THR B 37 7.54 12.12 14.03
C THR B 37 8.95 11.56 14.09
N ILE B 38 9.21 10.69 15.06
CA ILE B 38 10.58 10.22 15.27
C ILE B 38 10.71 8.72 15.49
N ALA B 39 9.91 8.17 16.41
CA ALA B 39 9.81 6.74 16.62
C ALA B 39 9.41 6.01 15.33
N PRO B 40 9.92 4.79 15.12
CA PRO B 40 9.47 4.01 13.95
C PRO B 40 7.98 3.69 14.02
N PRO B 41 7.35 3.49 12.87
CA PRO B 41 5.89 3.23 12.95
C PRO B 41 5.61 1.97 13.74
N ALA B 42 4.57 2.02 14.56
CA ALA B 42 4.17 0.89 15.37
C ALA B 42 2.65 0.78 15.32
N VAL B 43 2.16 -0.45 15.30
CA VAL B 43 0.74 -0.71 15.30
C VAL B 43 0.43 -1.54 16.54
N THR B 44 -0.67 -1.21 17.21
CA THR B 44 -1.08 -1.95 18.39
C THR B 44 -2.44 -2.64 18.20
N ILE B 45 -2.50 -3.93 18.53
CA ILE B 45 -3.76 -4.66 18.55
C ILE B 45 -4.16 -4.76 20.00
N SER B 46 -5.41 -4.43 20.28
CA SER B 46 -5.90 -4.37 21.65
C SER B 46 -7.19 -5.12 21.76
N ALA B 47 -7.32 -5.93 22.81
CA ALA B 47 -8.54 -6.70 22.99
C ALA B 47 -8.88 -6.82 24.47
N SER B 48 -10.17 -6.96 24.76
CA SER B 48 -10.64 -7.18 26.11
C SER B 48 -11.39 -8.50 26.15
N TYR B 49 -11.22 -9.21 27.26
CA TYR B 49 -11.93 -10.46 27.49
C TYR B 49 -12.39 -10.38 28.94
N PRO B 50 -13.61 -9.86 29.15
CA PRO B 50 -14.18 -9.53 30.46
C PRO B 50 -14.16 -10.70 31.41
N GLY B 51 -13.51 -10.55 32.56
CA GLY B 51 -13.49 -11.60 33.57
C GLY B 51 -12.33 -12.58 33.41
N ALA B 52 -11.55 -12.40 32.35
CA ALA B 52 -10.47 -13.34 32.03
C ALA B 52 -9.17 -13.02 32.74
N ASP B 53 -8.45 -14.08 33.06
CA ASP B 53 -7.13 -13.96 33.70
C ASP B 53 -6.09 -13.95 32.59
N ALA B 54 -4.86 -13.60 32.96
CA ALA B 54 -3.79 -13.46 32.00
C ALA B 54 -3.58 -14.73 31.17
N LYS B 55 -3.67 -15.90 31.79
CA LYS B 55 -3.36 -17.10 31.03
C LYS B 55 -4.50 -17.40 30.06
N THR B 56 -5.73 -17.24 30.53
CA THR B 56 -6.86 -17.38 29.64
C THR B 56 -6.75 -16.42 28.46
N VAL B 57 -6.41 -15.15 28.73
CA VAL B 57 -6.22 -14.20 27.64
C VAL B 57 -5.11 -14.66 26.71
N GLN B 58 -3.97 -15.04 27.29
CA GLN B 58 -2.83 -15.44 26.47
C GLN B 58 -3.14 -16.64 25.59
N ASP B 59 -3.82 -17.63 26.16
CA ASP B 59 -3.90 -18.91 25.49
C ASP B 59 -5.09 -19.01 24.53
N THR B 60 -6.06 -18.11 24.66
CA THR B 60 -7.21 -18.14 23.75
C THR B 60 -7.26 -16.97 22.78
N VAL B 61 -6.49 -15.91 23.05
CA VAL B 61 -6.49 -14.72 22.18
C VAL B 61 -5.11 -14.38 21.68
N THR B 62 -4.22 -14.04 22.61
CA THR B 62 -2.88 -13.60 22.25
C THR B 62 -2.13 -14.57 21.34
N GLN B 63 -1.99 -15.84 21.76
CA GLN B 63 -1.28 -16.81 20.92
C GLN B 63 -1.93 -16.94 19.54
N VAL B 64 -3.27 -16.95 19.50
CA VAL B 64 -3.96 -17.10 18.23
C VAL B 64 -3.68 -15.94 17.29
N ILE B 65 -3.80 -14.70 17.79
CA ILE B 65 -3.48 -13.53 16.96
C ILE B 65 -2.01 -13.56 16.51
N GLU B 66 -1.08 -13.75 17.45
CA GLU B 66 0.35 -13.81 17.10
C GLU B 66 0.63 -14.80 15.99
N GLN B 67 0.02 -15.99 16.08
CA GLN B 67 0.23 -17.02 15.07
C GLN B 67 -0.31 -16.62 13.70
N ASN B 68 -1.09 -15.54 13.63
CA ASN B 68 -1.56 -15.09 12.33
C ASN B 68 -0.90 -13.85 11.75
N MET B 69 0.13 -13.34 12.44
CA MET B 69 0.79 -12.10 12.02
C MET B 69 1.86 -12.32 10.93
N ASN B 70 1.52 -13.17 9.97
CA ASN B 70 2.46 -13.55 8.91
C ASN B 70 2.20 -12.79 7.62
N GLY B 71 3.20 -12.72 6.75
CA GLY B 71 2.99 -12.14 5.44
C GLY B 71 2.76 -10.64 5.48
N ILE B 72 3.14 -10.01 6.58
CA ILE B 72 3.07 -8.56 6.72
C ILE B 72 4.46 -7.97 6.43
N ASP B 73 4.50 -6.89 5.65
CA ASP B 73 5.80 -6.33 5.23
C ASP B 73 6.53 -5.45 6.27
N ASN B 74 7.85 -5.51 6.24
CA ASN B 74 8.73 -4.59 6.99
C ASN B 74 8.58 -4.60 8.51
N LEU B 75 8.18 -5.74 9.06
CA LEU B 75 8.11 -5.97 10.52
C LEU B 75 9.52 -6.07 11.13
N MET B 76 9.82 -5.28 12.16
CA MET B 76 11.11 -5.41 12.84
C MET B 76 10.94 -6.42 13.95
N TYR B 77 9.92 -6.21 14.78
CA TYR B 77 9.61 -7.13 15.87
C TYR B 77 8.20 -6.91 16.38
N MET B 78 7.79 -7.80 17.26
CA MET B 78 6.42 -7.85 17.78
C MET B 78 6.54 -8.21 19.26
N SER B 79 5.71 -7.60 20.09
CA SER B 79 5.69 -7.97 21.50
C SER B 79 4.28 -7.87 22.03
N SER B 80 4.02 -8.55 23.14
CA SER B 80 2.68 -8.54 23.67
C SER B 80 2.62 -8.72 25.17
N ASN B 81 1.51 -8.24 25.74
CA ASN B 81 1.17 -8.43 27.15
C ASN B 81 -0.23 -9.00 27.24
N SER B 82 -0.40 -9.96 28.12
CA SER B 82 -1.71 -10.55 28.37
C SER B 82 -1.90 -10.47 29.88
N ASP B 83 -3.02 -9.89 30.33
CA ASP B 83 -3.09 -9.66 31.78
C ASP B 83 -4.43 -9.93 32.42
N SER B 84 -4.43 -9.91 33.75
CA SER B 84 -5.58 -10.40 34.49
C SER B 84 -6.67 -9.37 34.62
N THR B 85 -6.50 -8.22 33.97
CA THR B 85 -7.62 -7.30 33.84
C THR B 85 -8.46 -7.74 32.65
N GLY B 86 -8.00 -8.80 31.98
CA GLY B 86 -8.74 -9.32 30.84
C GLY B 86 -8.36 -8.64 29.55
N THR B 87 -7.13 -8.16 29.49
CA THR B 87 -6.69 -7.31 28.40
C THR B 87 -5.48 -7.90 27.69
N VAL B 88 -5.41 -7.71 26.38
CA VAL B 88 -4.19 -8.01 25.65
C VAL B 88 -3.83 -6.82 24.78
N GLN B 89 -2.53 -6.55 24.69
CA GLN B 89 -2.01 -5.59 23.74
C GLN B 89 -0.84 -6.24 23.01
N ILE B 90 -0.90 -6.25 21.71
CA ILE B 90 0.20 -6.72 20.90
C ILE B 90 0.68 -5.52 20.11
N THR B 91 1.98 -5.29 20.15
CA THR B 91 2.56 -4.15 19.46
C THR B 91 3.47 -4.69 18.37
N LEU B 92 3.21 -4.26 17.14
CA LEU B 92 4.08 -4.60 16.02
C LEU B 92 4.79 -3.32 15.57
N THR B 93 6.12 -3.41 15.47
CA THR B 93 6.96 -2.25 15.23
C THR B 93 7.67 -2.43 13.89
N PHE B 94 7.59 -1.41 13.05
CA PHE B 94 8.02 -1.55 11.65
C PHE B 94 9.30 -0.79 11.35
N GLU B 95 9.97 -1.16 10.26
CA GLU B 95 11.20 -0.47 9.84
C GLU B 95 10.91 1.02 9.70
N SER B 96 11.89 1.86 10.04
CA SER B 96 11.76 3.28 9.76
C SER B 96 11.49 3.45 8.28
N GLY B 97 10.63 4.40 7.95
CA GLY B 97 10.30 4.63 6.55
C GLY B 97 9.12 3.84 6.05
N THR B 98 8.62 2.89 6.84
CA THR B 98 7.47 2.11 6.39
C THR B 98 6.25 3.01 6.34
N ASP B 99 5.42 2.89 5.31
CA ASP B 99 4.15 3.61 5.30
C ASP B 99 3.24 3.07 6.42
N ALA B 100 2.96 3.92 7.40
CA ALA B 100 2.23 3.50 8.58
C ALA B 100 0.83 3.03 8.24
N ASP B 101 0.25 3.62 7.20
CA ASP B 101 -1.11 3.24 6.82
C ASP B 101 -1.13 1.84 6.24
N ILE B 102 -0.11 1.53 5.44
CA ILE B 102 -0.03 0.21 4.84
C ILE B 102 0.28 -0.80 5.93
N ALA B 103 1.20 -0.45 6.83
CA ALA B 103 1.51 -1.35 7.95
C ALA B 103 0.22 -1.70 8.71
N GLN B 104 -0.58 -0.68 8.99
CA GLN B 104 -1.78 -0.89 9.81
C GLN B 104 -2.83 -1.74 9.09
N VAL B 105 -3.01 -1.52 7.78
CA VAL B 105 -4.03 -2.25 7.07
C VAL B 105 -3.61 -3.70 6.88
N GLN B 106 -2.31 -3.94 6.69
CA GLN B 106 -1.84 -5.33 6.60
C GLN B 106 -2.04 -6.09 7.91
N VAL B 107 -1.80 -5.44 9.05
CA VAL B 107 -2.04 -6.08 10.34
C VAL B 107 -3.54 -6.33 10.52
N GLN B 108 -4.33 -5.32 10.19
CA GLN B 108 -5.75 -5.38 10.43
C GLN B 108 -6.37 -6.46 9.55
N ASN B 109 -5.87 -6.59 8.32
CA ASN B 109 -6.35 -7.67 7.45
C ASN B 109 -6.00 -9.07 7.93
N LYS B 110 -4.82 -9.25 8.53
CA LYS B 110 -4.45 -10.57 9.06
C LYS B 110 -5.27 -10.88 10.30
N LEU B 111 -5.52 -9.87 11.11
CA LEU B 111 -6.40 -10.03 12.28
C LEU B 111 -7.80 -10.46 11.86
N GLN B 112 -8.35 -9.74 10.87
CA GLN B 112 -9.69 -10.02 10.35
C GLN B 112 -9.86 -11.50 10.06
N LEU B 113 -8.85 -12.10 9.45
CA LEU B 113 -8.92 -13.52 9.12
C LEU B 113 -8.74 -14.44 10.32
N ALA B 114 -8.26 -13.91 11.45
CA ALA B 114 -8.09 -14.73 12.66
C ALA B 114 -9.27 -14.63 13.62
N MET B 115 -10.15 -13.64 13.39
CA MET B 115 -11.26 -13.37 14.30
C MET B 115 -12.11 -14.61 14.60
N PRO B 116 -12.33 -15.45 13.58
CA PRO B 116 -13.16 -16.65 13.78
C PRO B 116 -12.47 -17.67 14.68
N LEU B 117 -11.19 -17.48 14.97
CA LEU B 117 -10.48 -18.39 15.84
C LEU B 117 -10.56 -17.93 17.29
N LEU B 118 -11.11 -16.74 17.51
CA LEU B 118 -11.10 -16.12 18.84
C LEU B 118 -12.38 -16.49 19.60
N PRO B 119 -12.35 -16.41 20.94
CA PRO B 119 -13.58 -16.76 21.66
C PRO B 119 -14.75 -15.85 21.26
N GLN B 120 -15.98 -16.37 21.32
CA GLN B 120 -17.17 -15.57 21.05
C GLN B 120 -17.12 -14.23 21.78
N GLU B 121 -16.91 -14.27 23.10
CA GLU B 121 -17.01 -13.04 23.88
C GLU B 121 -15.95 -12.03 23.48
N VAL B 122 -14.88 -12.50 22.85
CA VAL B 122 -13.87 -11.58 22.36
C VAL B 122 -14.26 -11.02 20.99
N GLN B 123 -14.82 -11.87 20.14
CA GLN B 123 -15.30 -11.41 18.84
C GLN B 123 -16.35 -10.34 19.10
N GLN B 124 -17.17 -10.55 20.12
CA GLN B 124 -18.23 -9.62 20.47
C GLN B 124 -17.71 -8.29 21.01
N GLN B 125 -16.63 -8.30 21.79
CA GLN B 125 -16.05 -7.04 22.28
C GLN B 125 -15.34 -6.31 21.14
N GLY B 126 -14.84 -7.06 20.16
CA GLY B 126 -14.07 -6.47 19.10
C GLY B 126 -12.61 -6.30 19.46
N VAL B 127 -11.76 -6.25 18.45
CA VAL B 127 -10.33 -6.16 18.64
C VAL B 127 -9.81 -4.96 17.87
N SER B 128 -9.29 -3.95 18.57
CA SER B 128 -8.88 -2.71 17.89
C SER B 128 -7.45 -2.78 17.33
N VAL B 129 -7.29 -2.37 16.07
CA VAL B 129 -5.96 -2.20 15.50
C VAL B 129 -5.72 -0.71 15.25
N GLU B 130 -4.73 -0.15 15.95
CA GLU B 130 -4.52 1.30 15.93
C GLU B 130 -3.07 1.61 15.66
N LYS B 131 -2.82 2.83 15.20
CA LYS B 131 -1.45 3.31 15.15
C LYS B 131 -1.04 3.82 16.53
N SER B 132 0.17 3.46 16.94
CA SER B 132 0.68 3.84 18.26
C SER B 132 1.27 5.25 18.25
N SER B 133 0.85 6.04 19.23
CA SER B 133 1.43 7.35 19.51
C SER B 133 1.42 7.53 21.03
N SER B 134 2.31 8.36 21.54
CA SER B 134 2.37 8.61 22.98
C SER B 134 2.21 10.09 23.28
N SER B 135 2.19 10.91 22.23
CA SER B 135 2.08 12.35 22.39
C SER B 135 0.66 12.87 22.17
N PHE B 136 0.13 13.52 23.19
CA PHE B 136 -1.13 14.23 23.07
C PHE B 136 -0.83 15.68 22.76
N LEU B 137 -1.72 16.33 22.02
CA LEU B 137 -1.67 17.78 21.89
C LEU B 137 -2.06 18.36 23.24
N MET B 138 -3.13 17.84 23.82
CA MET B 138 -3.66 18.32 25.09
C MET B 138 -4.61 17.30 25.72
N VAL B 139 -4.86 17.47 27.02
CA VAL B 139 -5.82 16.64 27.72
C VAL B 139 -6.84 17.60 28.32
N VAL B 140 -8.10 17.45 27.92
CA VAL B 140 -9.17 18.29 28.47
C VAL B 140 -9.83 17.47 29.56
N GLY B 141 -9.85 18.01 30.78
CA GLY B 141 -10.53 17.33 31.87
C GLY B 141 -11.95 17.85 32.03
N VAL B 142 -12.86 16.98 32.43
CA VAL B 142 -14.23 17.40 32.68
C VAL B 142 -14.61 16.95 34.08
N ILE B 143 -14.95 17.92 34.92
CA ILE B 143 -15.24 17.63 36.31
C ILE B 143 -16.59 18.18 36.74
N ASN B 144 -17.11 17.62 37.82
CA ASN B 144 -18.32 18.16 38.44
C ASN B 144 -17.99 18.70 39.83
N THR B 145 -18.33 19.97 40.08
CA THR B 145 -17.91 20.64 41.31
C THR B 145 -19.00 20.74 42.39
N ASP B 146 -20.24 20.41 42.02
CA ASP B 146 -21.35 20.49 42.97
C ASP B 146 -21.82 19.14 43.51
N GLY B 147 -21.03 18.09 43.27
CA GLY B 147 -21.28 16.77 43.84
C GLY B 147 -22.49 16.04 43.29
N THR B 148 -22.99 16.48 42.13
CA THR B 148 -24.18 15.88 41.54
C THR B 148 -23.90 14.77 40.50
N MET B 149 -22.64 14.64 40.09
CA MET B 149 -22.30 13.66 39.05
C MET B 149 -21.13 12.77 39.44
N THR B 150 -21.27 11.47 39.24
CA THR B 150 -20.14 10.54 39.36
C THR B 150 -19.29 10.63 38.11
N GLN B 151 -18.11 10.01 38.13
CA GLN B 151 -17.24 10.03 36.95
C GLN B 151 -17.94 9.33 35.78
N GLU B 152 -18.78 8.36 36.09
CA GLU B 152 -19.52 7.68 35.04
C GLU B 152 -20.57 8.62 34.41
N ASP B 153 -21.22 9.44 35.23
CA ASP B 153 -22.21 10.40 34.70
C ASP B 153 -21.48 11.37 33.79
N ILE B 154 -20.31 11.83 34.24
CA ILE B 154 -19.52 12.79 33.47
C ILE B 154 -19.06 12.17 32.17
N SER B 155 -18.48 10.98 32.23
CA SER B 155 -17.99 10.35 31.01
C SER B 155 -19.10 10.22 29.98
N ASP B 156 -20.28 9.77 30.40
CA ASP B 156 -21.39 9.69 29.46
C ASP B 156 -21.72 11.07 28.89
N TYR B 157 -21.75 12.09 29.74
CA TYR B 157 -22.03 13.41 29.23
C TYR B 157 -21.05 13.76 28.14
N VAL B 158 -19.76 13.51 28.42
CA VAL B 158 -18.70 13.86 27.47
C VAL B 158 -18.88 13.09 26.18
N ALA B 159 -19.10 11.79 26.28
CA ALA B 159 -19.33 10.95 25.09
C ALA B 159 -20.56 11.39 24.27
N ALA B 160 -21.65 11.75 24.94
CA ALA B 160 -22.87 12.11 24.23
C ALA B 160 -22.85 13.53 23.65
N ASN B 161 -22.18 14.47 24.32
CA ASN B 161 -22.32 15.89 23.97
C ASN B 161 -21.06 16.68 23.64
N MET B 162 -19.89 16.05 23.71
CA MET B 162 -18.65 16.78 23.50
C MET B 162 -17.67 16.09 22.55
N LYS B 163 -17.46 14.80 22.77
CA LYS B 163 -16.43 14.07 22.03
C LYS B 163 -16.52 14.26 20.52
N ASP B 164 -17.70 14.04 19.95
CA ASP B 164 -17.86 14.06 18.49
C ASP B 164 -17.60 15.43 17.89
N ALA B 165 -18.01 16.48 18.59
CA ALA B 165 -17.74 17.83 18.13
C ALA B 165 -16.24 18.11 18.19
N ILE B 166 -15.58 17.67 19.27
CA ILE B 166 -14.12 17.77 19.31
C ILE B 166 -13.46 17.00 18.16
N SER B 167 -13.93 15.78 17.89
CA SER B 167 -13.34 14.96 16.82
C SER B 167 -13.42 15.60 15.45
N ARG B 168 -14.52 16.30 15.20
CA ARG B 168 -14.74 17.05 13.97
C ARG B 168 -14.00 18.41 13.95
N THR B 169 -13.38 18.79 15.07
CA THR B 169 -12.72 20.10 15.13
C THR B 169 -11.46 20.16 14.26
N SER B 170 -11.27 21.28 13.58
CA SER B 170 -10.15 21.44 12.65
C SER B 170 -8.79 21.08 13.27
N GLY B 171 -8.09 20.14 12.63
CA GLY B 171 -6.74 19.83 13.04
C GLY B 171 -6.66 18.72 14.07
N VAL B 172 -7.81 18.24 14.55
CA VAL B 172 -7.72 17.11 15.46
C VAL B 172 -7.73 15.76 14.76
N GLY B 173 -6.74 14.96 15.09
CA GLY B 173 -6.52 13.69 14.41
C GLY B 173 -7.20 12.56 15.14
N ASP B 174 -7.28 12.68 16.46
CA ASP B 174 -7.84 11.61 17.26
C ASP B 174 -8.19 12.10 18.64
N VAL B 175 -9.25 11.53 19.21
CA VAL B 175 -9.70 11.91 20.55
C VAL B 175 -10.01 10.66 21.36
N GLN B 176 -9.49 10.61 22.58
CA GLN B 176 -9.68 9.43 23.41
C GLN B 176 -10.45 9.81 24.67
N LEU B 177 -11.56 9.11 24.92
CA LEU B 177 -12.36 9.31 26.13
C LEU B 177 -11.74 8.64 27.37
N PHE B 178 -11.58 9.40 28.46
CA PHE B 178 -11.14 8.79 29.73
C PHE B 178 -12.34 8.31 30.55
N GLY B 179 -12.79 7.09 30.25
CA GLY B 179 -14.02 6.56 30.80
C GLY B 179 -14.83 5.99 29.64
N SER B 180 -16.08 5.60 29.89
CA SER B 180 -16.93 5.11 28.82
C SER B 180 -18.25 5.86 28.85
N GLN B 181 -18.99 5.81 27.75
CA GLN B 181 -20.40 6.16 27.81
C GLN B 181 -21.07 5.15 28.76
N TYR B 182 -22.25 5.48 29.24
CA TYR B 182 -23.02 4.57 30.10
C TYR B 182 -23.12 3.14 29.55
N ALA B 183 -23.28 2.18 30.46
CA ALA B 183 -23.77 0.86 30.11
C ALA B 183 -24.98 0.61 30.97
N MET B 184 -25.90 -0.22 30.47
CA MET B 184 -27.00 -0.64 31.32
C MET B 184 -26.43 -1.69 32.26
N ARG B 185 -26.44 -1.40 33.55
CA ARG B 185 -25.85 -2.30 34.55
C ARG B 185 -26.90 -3.13 35.28
N ILE B 186 -26.82 -4.45 35.13
CA ILE B 186 -27.71 -5.35 35.87
C ILE B 186 -26.90 -6.04 37.00
N TRP B 187 -27.17 -5.66 38.25
CA TRP B 187 -26.42 -6.20 39.39
C TRP B 187 -27.20 -7.29 40.11
N MET B 188 -26.81 -8.54 39.88
CA MET B 188 -27.62 -9.69 40.29
C MET B 188 -27.49 -10.04 41.77
N ASN B 189 -28.57 -10.53 42.33
CA ASN B 189 -28.61 -10.98 43.71
C ASN B 189 -28.89 -12.47 43.79
N PRO B 190 -27.87 -13.26 44.17
CA PRO B 190 -27.96 -14.73 44.13
C PRO B 190 -29.02 -15.25 45.09
N ASN B 191 -29.35 -14.45 46.10
CA ASN B 191 -30.37 -14.83 47.07
C ASN B 191 -31.77 -14.81 46.45
N GLU B 192 -32.04 -13.78 45.65
CA GLU B 192 -33.32 -13.66 44.95
C GLU B 192 -33.36 -14.71 43.86
N LEU B 193 -32.29 -14.75 43.06
CA LEU B 193 -32.18 -15.74 42.01
C LEU B 193 -32.59 -17.11 42.50
N ASN B 194 -32.08 -17.52 43.66
CA ASN B 194 -32.36 -18.86 44.17
C ASN B 194 -33.79 -18.97 44.72
N LYS B 195 -34.23 -17.91 45.40
CA LYS B 195 -35.61 -17.78 45.85
C LYS B 195 -36.62 -18.17 44.76
N PHE B 196 -36.30 -17.86 43.50
CA PHE B 196 -37.19 -18.17 42.38
C PHE B 196 -36.65 -19.23 41.42
N GLN B 197 -35.66 -20.02 41.86
CA GLN B 197 -35.07 -21.05 41.01
C GLN B 197 -34.58 -20.50 39.67
N LEU B 198 -33.95 -19.33 39.70
CA LEU B 198 -33.38 -18.75 38.48
C LEU B 198 -31.86 -18.66 38.60
N THR B 199 -31.20 -18.50 37.46
CA THR B 199 -29.76 -18.32 37.40
C THR B 199 -29.44 -17.16 36.46
N PRO B 200 -28.18 -16.71 36.48
CA PRO B 200 -27.76 -15.68 35.54
C PRO B 200 -28.01 -16.13 34.10
N VAL B 201 -28.06 -17.44 33.87
CA VAL B 201 -28.30 -17.95 32.52
C VAL B 201 -29.69 -17.52 32.08
N ASP B 202 -30.67 -17.63 32.97
CA ASP B 202 -32.03 -17.20 32.65
C ASP B 202 -32.09 -15.69 32.48
N VAL B 203 -31.34 -14.96 33.30
CA VAL B 203 -31.32 -13.50 33.18
C VAL B 203 -30.82 -13.12 31.78
N ILE B 204 -29.65 -13.62 31.42
CA ILE B 204 -29.08 -13.44 30.10
C ILE B 204 -30.08 -13.81 28.97
N THR B 205 -30.66 -15.01 29.05
CA THR B 205 -31.63 -15.44 28.04
C THR B 205 -32.79 -14.44 27.90
N ALA B 206 -33.34 -14.00 29.04
CA ALA B 206 -34.46 -13.07 29.00
C ALA B 206 -34.08 -11.71 28.38
N ILE B 207 -32.94 -11.18 28.75
CA ILE B 207 -32.48 -9.93 28.16
C ILE B 207 -32.27 -10.06 26.65
N LYS B 208 -31.78 -11.21 26.19
CA LYS B 208 -31.55 -11.38 24.76
C LYS B 208 -32.86 -11.39 23.97
N ALA B 209 -33.89 -11.93 24.59
CA ALA B 209 -35.21 -12.05 23.99
C ALA B 209 -35.96 -10.73 24.05
N GLN B 210 -35.86 -10.04 25.18
CA GLN B 210 -36.75 -8.90 25.44
C GLN B 210 -36.11 -7.54 25.17
N ASN B 211 -34.84 -7.56 24.80
CA ASN B 211 -34.17 -6.35 24.34
C ASN B 211 -33.54 -6.64 22.99
N ALA B 212 -34.32 -6.49 21.92
CA ALA B 212 -33.86 -6.90 20.59
C ALA B 212 -34.56 -6.19 19.46
N GLN B 213 -33.87 -6.16 18.32
CA GLN B 213 -34.39 -5.65 17.07
C GLN B 213 -34.88 -6.85 16.25
N VAL B 214 -36.15 -6.84 15.85
CA VAL B 214 -36.74 -7.95 15.12
C VAL B 214 -37.22 -7.53 13.73
N ALA B 215 -36.67 -8.16 12.69
CA ALA B 215 -37.10 -7.86 11.32
C ALA B 215 -38.53 -8.31 11.10
N ALA B 216 -39.28 -7.55 10.31
CA ALA B 216 -40.62 -7.98 9.96
C ALA B 216 -40.73 -8.02 8.44
N GLY B 217 -41.30 -6.98 7.86
CA GLY B 217 -41.35 -6.91 6.41
C GLY B 217 -42.12 -5.69 5.94
N GLN B 218 -42.93 -5.90 4.91
CA GLN B 218 -43.71 -4.79 4.35
C GLN B 218 -45.15 -5.22 4.12
N LEU B 219 -46.06 -4.24 4.19
CA LEU B 219 -47.40 -4.39 3.66
C LEU B 219 -47.33 -4.01 2.18
N GLY B 220 -48.02 -4.77 1.33
CA GLY B 220 -47.99 -4.53 -0.11
C GLY B 220 -46.60 -4.52 -0.69
N GLY B 221 -45.71 -5.34 -0.11
CA GLY B 221 -44.37 -5.47 -0.64
C GLY B 221 -44.37 -6.16 -2.00
N THR B 222 -43.33 -5.93 -2.80
CA THR B 222 -43.20 -6.62 -4.06
C THR B 222 -42.79 -8.06 -3.80
N PRO B 223 -43.21 -9.00 -4.66
CA PRO B 223 -44.21 -8.73 -5.71
C PRO B 223 -45.59 -8.71 -5.08
N PRO B 224 -46.45 -7.77 -5.51
CA PRO B 224 -47.74 -7.58 -4.83
C PRO B 224 -48.88 -8.22 -5.59
N VAL B 225 -50.07 -8.17 -5.00
CA VAL B 225 -51.27 -8.41 -5.79
C VAL B 225 -51.63 -7.10 -6.49
N LYS B 226 -51.85 -7.18 -7.80
CA LYS B 226 -52.16 -5.96 -8.57
C LYS B 226 -53.42 -5.34 -8.02
N GLY B 227 -53.46 -4.00 -7.99
CA GLY B 227 -54.59 -3.30 -7.42
C GLY B 227 -54.28 -2.90 -5.99
N GLN B 228 -53.14 -3.34 -5.49
CA GLN B 228 -52.71 -2.94 -4.15
C GLN B 228 -52.55 -1.42 -4.09
N GLN B 229 -53.19 -0.79 -3.11
CA GLN B 229 -53.14 0.69 -3.01
C GLN B 229 -52.04 1.19 -2.09
N LEU B 230 -51.60 0.35 -1.15
CA LEU B 230 -50.67 0.81 -0.12
C LEU B 230 -49.44 -0.06 0.02
N ASN B 231 -48.28 0.59 0.17
CA ASN B 231 -47.05 -0.10 0.53
C ASN B 231 -46.46 0.58 1.77
N ALA B 232 -46.32 -0.18 2.85
CA ALA B 232 -45.75 0.38 4.09
C ALA B 232 -44.86 -0.63 4.80
N SER B 233 -43.81 -0.13 5.44
CA SER B 233 -42.97 -0.98 6.28
C SER B 233 -43.69 -1.44 7.54
N ILE B 234 -43.39 -2.65 7.98
CA ILE B 234 -43.90 -3.16 9.25
C ILE B 234 -42.78 -3.04 10.28
N ILE B 235 -43.07 -2.37 11.41
CA ILE B 235 -42.10 -2.28 12.51
C ILE B 235 -42.52 -3.21 13.64
N ALA B 236 -41.63 -4.10 14.05
CA ALA B 236 -41.93 -4.97 15.18
C ALA B 236 -41.02 -4.59 16.38
N GLN B 237 -40.57 -5.59 17.13
CA GLN B 237 -39.79 -5.33 18.33
C GLN B 237 -38.54 -4.50 18.03
N THR B 238 -38.37 -3.41 18.79
CA THR B 238 -37.12 -2.64 18.76
C THR B 238 -36.47 -2.61 20.16
N ARG B 239 -35.18 -2.26 20.21
CA ARG B 239 -34.42 -2.30 21.46
C ARG B 239 -34.99 -1.43 22.59
N LEU B 240 -34.76 -1.89 23.82
CA LEU B 240 -35.14 -1.12 25.01
C LEU B 240 -34.30 0.16 25.11
N THR B 241 -34.80 1.12 25.88
CA THR B 241 -34.20 2.44 25.93
C THR B 241 -34.03 2.99 27.34
N SER B 242 -34.45 2.22 28.35
CA SER B 242 -34.47 2.76 29.71
C SER B 242 -34.31 1.70 30.81
N THR B 243 -33.80 2.14 31.96
CA THR B 243 -33.65 1.25 33.12
C THR B 243 -34.99 0.66 33.52
N GLU B 244 -36.04 1.46 33.36
CA GLU B 244 -37.39 1.05 33.73
C GLU B 244 -37.84 -0.14 32.90
N GLU B 245 -37.56 -0.09 31.60
CA GLU B 245 -37.95 -1.17 30.70
C GLU B 245 -37.19 -2.44 31.05
N PHE B 246 -35.92 -2.29 31.43
CA PHE B 246 -35.11 -3.46 31.77
C PHE B 246 -35.59 -4.06 33.09
N GLY B 247 -35.96 -3.20 34.03
CA GLY B 247 -36.51 -3.65 35.30
C GLY B 247 -37.74 -4.52 35.11
N LYS B 248 -38.50 -4.24 34.04
CA LYS B 248 -39.78 -4.91 33.79
C LYS B 248 -39.65 -6.19 32.96
N ILE B 249 -38.47 -6.45 32.42
CA ILE B 249 -38.21 -7.71 31.73
C ILE B 249 -38.74 -8.90 32.54
N LEU B 250 -39.50 -9.76 31.88
CA LEU B 250 -40.16 -10.88 32.55
C LEU B 250 -39.25 -12.10 32.62
N LEU B 251 -39.02 -12.60 33.84
CA LEU B 251 -38.14 -13.75 34.01
C LEU B 251 -38.92 -15.03 34.20
N LYS B 252 -40.07 -14.93 34.86
CA LYS B 252 -40.80 -16.13 35.24
C LYS B 252 -42.22 -15.82 35.70
N VAL B 253 -43.13 -16.76 35.43
CA VAL B 253 -44.48 -16.67 35.92
C VAL B 253 -44.72 -17.82 36.88
N ASN B 254 -45.01 -17.49 38.14
CA ASN B 254 -45.28 -18.51 39.15
C ASN B 254 -46.69 -19.06 38.97
N GLN B 255 -46.99 -20.18 39.63
CA GLN B 255 -48.30 -20.81 39.51
C GLN B 255 -49.41 -19.89 40.01
N ASP B 256 -49.29 -19.44 41.25
CA ASP B 256 -50.23 -18.46 41.80
C ASP B 256 -50.46 -17.31 40.83
N GLY B 257 -49.69 -17.29 39.74
CA GLY B 257 -49.83 -16.28 38.72
C GLY B 257 -48.97 -15.04 38.93
N SER B 258 -48.21 -15.04 40.02
CA SER B 258 -47.29 -13.93 40.30
C SER B 258 -46.17 -13.86 39.26
N ARG B 259 -45.65 -12.67 39.05
CA ARG B 259 -44.64 -12.45 38.03
C ARG B 259 -43.30 -12.12 38.65
N VAL B 260 -42.26 -12.83 38.22
CA VAL B 260 -40.89 -12.48 38.62
C VAL B 260 -40.24 -11.60 37.54
N LEU B 261 -39.99 -10.35 37.91
CA LEU B 261 -39.37 -9.40 37.01
C LEU B 261 -37.88 -9.33 37.28
N LEU B 262 -37.12 -8.81 36.32
CA LEU B 262 -35.68 -8.69 36.49
C LEU B 262 -35.34 -7.80 37.68
N ARG B 263 -36.17 -6.79 37.94
CA ARG B 263 -35.94 -5.89 39.05
C ARG B 263 -36.15 -6.58 40.39
N ASP B 264 -36.74 -7.78 40.37
CA ASP B 264 -36.95 -8.54 41.59
C ASP B 264 -35.72 -9.38 42.00
N VAL B 265 -34.72 -9.45 41.11
CA VAL B 265 -33.52 -10.24 41.42
C VAL B 265 -32.25 -9.45 41.10
N ALA B 266 -32.42 -8.16 40.82
CA ALA B 266 -31.27 -7.33 40.47
C ALA B 266 -31.51 -5.85 40.69
N LYS B 267 -30.44 -5.14 40.98
CA LYS B 267 -30.44 -3.70 40.92
C LYS B 267 -30.09 -3.29 39.49
N ILE B 268 -30.81 -2.29 38.96
CA ILE B 268 -30.66 -1.87 37.58
C ILE B 268 -30.38 -0.38 37.50
N GLU B 269 -29.30 -0.03 36.81
CA GLU B 269 -28.91 1.37 36.69
C GLU B 269 -27.96 1.59 35.52
N LEU B 270 -27.92 2.82 35.02
CA LEU B 270 -26.86 3.24 34.10
C LEU B 270 -25.55 3.38 34.88
N GLY B 271 -24.49 2.73 34.41
CA GLY B 271 -23.18 2.82 35.03
C GLY B 271 -22.07 2.78 34.00
N GLY B 272 -20.84 2.51 34.44
CA GLY B 272 -19.71 2.50 33.53
C GLY B 272 -19.59 1.17 32.80
N GLU B 273 -18.86 1.15 31.68
CA GLU B 273 -18.59 -0.13 31.02
C GLU B 273 -17.65 -0.97 31.89
N ASN B 274 -16.75 -0.30 32.61
CA ASN B 274 -15.95 -0.99 33.63
C ASN B 274 -15.58 -0.09 34.79
N TYR B 275 -15.04 -0.68 35.86
CA TYR B 275 -14.81 0.04 37.09
C TYR B 275 -13.37 -0.03 37.63
N ASP B 276 -12.42 -0.30 36.75
CA ASP B 276 -11.01 -0.45 37.16
C ASP B 276 -10.28 0.86 37.39
N ILE B 277 -10.75 1.95 36.78
CA ILE B 277 -10.10 3.26 37.01
C ILE B 277 -10.96 4.18 37.84
N ILE B 278 -10.34 4.86 38.81
CA ILE B 278 -11.01 5.95 39.51
C ILE B 278 -10.24 7.25 39.28
N ALA B 279 -10.89 8.18 38.60
CA ALA B 279 -10.26 9.41 38.16
C ALA B 279 -10.77 10.56 39.01
N GLU B 280 -9.84 11.32 39.57
CA GLU B 280 -10.21 12.48 40.36
C GLU B 280 -9.31 13.64 40.01
N PHE B 281 -9.89 14.83 40.04
CA PHE B 281 -9.16 16.05 39.74
C PHE B 281 -9.30 16.91 40.98
N ASN B 282 -8.21 17.10 41.71
CA ASN B 282 -8.30 17.82 42.98
C ASN B 282 -9.39 17.24 43.85
N GLY B 283 -9.43 15.90 43.94
CA GLY B 283 -10.42 15.19 44.74
C GLY B 283 -11.85 15.15 44.21
N GLN B 284 -12.08 15.73 43.03
CA GLN B 284 -13.41 15.76 42.43
C GLN B 284 -13.51 14.79 41.27
N PRO B 285 -14.64 14.08 41.17
CA PRO B 285 -14.85 13.10 40.09
C PRO B 285 -14.53 13.74 38.74
N ALA B 286 -13.89 12.98 37.86
CA ALA B 286 -13.37 13.56 36.63
C ALA B 286 -13.47 12.58 35.49
N SER B 287 -13.65 13.13 34.28
CA SER B 287 -13.42 12.38 33.06
C SER B 287 -12.63 13.31 32.15
N GLY B 288 -12.50 12.96 30.88
CA GLY B 288 -11.78 13.82 29.97
C GLY B 288 -11.53 13.27 28.59
N LEU B 289 -10.85 14.07 27.80
CA LEU B 289 -10.53 13.72 26.43
C LEU B 289 -9.03 13.90 26.21
N GLY B 290 -8.38 12.86 25.71
CA GLY B 290 -7.01 12.99 25.26
C GLY B 290 -7.04 13.30 23.78
N ILE B 291 -6.44 14.42 23.38
CA ILE B 291 -6.53 14.85 21.99
C ILE B 291 -5.17 14.85 21.27
N LYS B 292 -5.15 14.30 20.06
CA LYS B 292 -3.94 14.28 19.24
C LYS B 292 -4.05 15.10 17.97
N LEU B 293 -2.95 15.75 17.62
CA LEU B 293 -2.84 16.55 16.39
C LEU B 293 -2.97 15.67 15.15
N ALA B 294 -3.76 16.12 14.18
CA ALA B 294 -3.80 15.41 12.91
C ALA B 294 -2.54 15.74 12.12
N THR B 295 -2.12 14.79 11.29
CA THR B 295 -0.95 14.94 10.43
C THR B 295 -0.99 16.26 9.66
N GLY B 296 0.12 17.01 9.69
CA GLY B 296 0.22 18.23 8.90
C GLY B 296 -0.53 19.41 9.47
N ALA B 297 -1.18 19.21 10.62
CA ALA B 297 -1.96 20.30 11.21
C ALA B 297 -1.07 21.29 11.96
N ASN B 298 -1.68 22.40 12.37
CA ASN B 298 -0.97 23.43 13.09
C ASN B 298 -1.40 23.35 14.54
N ALA B 299 -0.46 23.05 15.42
CA ALA B 299 -0.75 22.82 16.83
C ALA B 299 -1.50 24.00 17.46
N LEU B 300 -1.01 25.21 17.19
CA LEU B 300 -1.55 26.41 17.82
C LEU B 300 -2.98 26.68 17.34
N ASP B 301 -3.21 26.61 16.04
CA ASP B 301 -4.54 26.78 15.49
C ASP B 301 -5.49 25.74 16.08
N THR B 302 -5.05 24.49 16.10
CA THR B 302 -5.91 23.41 16.58
C THR B 302 -6.30 23.61 18.03
N ALA B 303 -5.34 24.01 18.86
CA ALA B 303 -5.62 24.25 20.27
C ALA B 303 -6.65 25.35 20.44
N ALA B 304 -6.51 26.43 19.67
CA ALA B 304 -7.45 27.52 19.76
C ALA B 304 -8.82 27.07 19.24
N ALA B 305 -8.82 26.21 18.24
CA ALA B 305 -10.08 25.72 17.70
C ALA B 305 -10.79 24.84 18.71
N ILE B 306 -10.04 23.98 19.38
CA ILE B 306 -10.61 23.11 20.41
C ILE B 306 -11.26 23.93 21.52
N ARG B 307 -10.56 24.96 21.99
CA ARG B 307 -11.11 25.82 23.04
C ARG B 307 -12.31 26.61 22.54
N ALA B 308 -12.30 27.03 21.28
CA ALA B 308 -13.47 27.69 20.73
C ALA B 308 -14.65 26.73 20.79
N GLU B 309 -14.44 25.47 20.39
CA GLU B 309 -15.53 24.50 20.45
C GLU B 309 -16.01 24.28 21.88
N LEU B 310 -15.09 24.15 22.82
CA LEU B 310 -15.49 23.92 24.19
C LEU B 310 -16.32 25.10 24.68
N ALA B 311 -15.83 26.31 24.42
CA ALA B 311 -16.54 27.53 24.83
C ALA B 311 -18.01 27.50 24.41
N LYS B 312 -18.30 27.08 23.18
CA LYS B 312 -19.68 27.14 22.73
C LYS B 312 -20.51 25.93 23.16
N MET B 313 -19.93 25.08 24.00
CA MET B 313 -20.67 23.96 24.58
C MET B 313 -21.12 24.32 25.99
N GLU B 314 -20.38 25.23 26.61
CA GLU B 314 -20.56 25.62 28.01
C GLU B 314 -21.99 25.96 28.40
N PRO B 315 -22.64 26.82 27.61
CA PRO B 315 -23.99 27.27 27.96
C PRO B 315 -24.92 26.09 28.23
N PHE B 316 -24.62 24.94 27.63
CA PHE B 316 -25.53 23.80 27.76
C PHE B 316 -25.14 22.80 28.85
N PHE B 317 -24.02 23.07 29.54
CA PHE B 317 -23.55 22.17 30.61
C PHE B 317 -24.57 22.09 31.73
N PRO B 318 -24.71 20.89 32.34
CA PRO B 318 -25.51 20.70 33.54
C PRO B 318 -24.83 21.44 34.68
N SER B 319 -25.54 21.69 35.78
CA SER B 319 -24.95 22.40 36.90
C SER B 319 -23.70 21.68 37.41
N GLY B 320 -22.67 22.44 37.75
CA GLY B 320 -21.46 21.86 38.33
C GLY B 320 -20.40 21.43 37.33
N LEU B 321 -20.79 21.22 36.07
CA LEU B 321 -19.82 20.76 35.08
C LEU B 321 -18.85 21.87 34.73
N LYS B 322 -17.57 21.54 34.65
CA LYS B 322 -16.54 22.51 34.35
C LYS B 322 -15.40 21.87 33.55
N ILE B 323 -14.87 22.62 32.58
CA ILE B 323 -13.72 22.19 31.78
C ILE B 323 -12.41 22.64 32.44
N VAL B 324 -11.44 21.74 32.48
CA VAL B 324 -10.09 22.08 32.95
C VAL B 324 -9.05 21.61 31.93
N TYR B 325 -7.84 22.16 32.01
CA TYR B 325 -6.79 21.86 31.03
C TYR B 325 -5.49 21.47 31.74
N PRO B 326 -5.45 20.25 32.28
CA PRO B 326 -4.28 19.75 33.01
C PRO B 326 -3.03 19.60 32.12
N TYR B 327 -3.23 19.42 30.82
CA TYR B 327 -2.12 19.25 29.90
C TYR B 327 -2.36 19.91 28.55
N ASP B 328 -1.48 20.85 28.18
CA ASP B 328 -1.53 21.54 26.89
C ASP B 328 -0.14 22.01 26.47
N THR B 329 0.37 21.45 25.37
CA THR B 329 1.73 21.66 24.90
C THR B 329 1.87 22.99 24.19
N THR B 330 0.70 23.54 23.86
CA THR B 330 0.59 24.70 22.98
C THR B 330 1.25 25.97 23.56
N PRO B 331 1.03 26.23 24.84
CA PRO B 331 1.65 27.41 25.46
C PRO B 331 3.18 27.30 25.46
N PHE B 332 3.69 26.13 25.87
CA PHE B 332 5.12 25.85 25.77
C PHE B 332 5.62 26.09 24.34
N VAL B 333 4.87 25.58 23.36
CA VAL B 333 5.29 25.71 21.95
C VAL B 333 5.29 27.17 21.46
N LYS B 334 4.32 27.95 21.92
CA LYS B 334 4.27 29.37 21.58
C LYS B 334 5.57 30.06 22.03
N ILE B 335 5.98 29.77 23.27
CA ILE B 335 7.18 30.39 23.82
C ILE B 335 8.41 30.05 22.99
N SER B 336 8.58 28.78 22.66
CA SER B 336 9.70 28.34 21.83
C SER B 336 9.78 29.19 20.56
N ILE B 337 8.64 29.37 19.91
CA ILE B 337 8.58 30.14 18.67
C ILE B 337 8.91 31.61 18.89
N HIS B 338 8.39 32.18 19.98
CA HIS B 338 8.67 33.57 20.29
C HIS B 338 10.14 33.71 20.64
N GLU B 339 10.65 32.80 21.45
CA GLU B 339 12.05 32.83 21.86
C GLU B 339 12.98 32.70 20.64
N VAL B 340 12.57 31.93 19.64
CA VAL B 340 13.39 31.76 18.45
C VAL B 340 13.37 32.99 17.54
N VAL B 341 12.19 33.58 17.38
CA VAL B 341 12.07 34.80 16.58
C VAL B 341 12.85 35.93 17.24
N LYS B 342 12.75 36.00 18.56
CA LYS B 342 13.49 36.99 19.35
C LYS B 342 14.98 36.84 19.08
N THR B 343 15.47 35.61 19.12
CA THR B 343 16.89 35.31 18.93
C THR B 343 17.36 35.74 17.53
N LEU B 344 16.58 35.41 16.51
CA LEU B 344 16.91 35.76 15.14
C LEU B 344 16.89 37.28 14.89
N VAL B 345 15.99 37.99 15.56
CA VAL B 345 15.88 39.43 15.39
C VAL B 345 17.03 40.14 16.10
N GLU B 346 17.28 39.76 17.34
CA GLU B 346 18.40 40.29 18.11
C GLU B 346 19.72 40.05 17.36
N ALA B 347 19.85 38.87 16.77
CA ALA B 347 21.05 38.53 16.00
C ALA B 347 21.26 39.56 14.89
N ILE B 348 20.18 39.83 14.15
CA ILE B 348 20.22 40.82 13.09
C ILE B 348 20.52 42.22 13.65
N ILE B 349 20.06 42.51 14.86
CA ILE B 349 20.34 43.80 15.49
C ILE B 349 21.79 43.88 15.94
N LEU B 350 22.31 42.76 16.43
CA LEU B 350 23.70 42.72 16.87
C LEU B 350 24.62 42.92 15.66
N VAL B 351 24.35 42.18 14.59
CA VAL B 351 25.09 42.33 13.34
C VAL B 351 25.06 43.79 12.91
N PHE B 352 23.89 44.40 13.05
CA PHE B 352 23.74 45.82 12.75
C PHE B 352 24.69 46.67 13.60
N LEU B 353 24.64 46.49 14.92
CA LEU B 353 25.54 47.21 15.84
C LEU B 353 27.04 46.99 15.56
N VAL B 354 27.41 45.76 15.25
CA VAL B 354 28.81 45.42 15.02
C VAL B 354 29.31 46.02 13.70
N MET B 355 28.50 45.87 12.64
CA MET B 355 28.78 46.51 11.36
C MET B 355 28.99 48.00 11.55
N TYR B 356 28.08 48.63 12.26
CA TYR B 356 28.21 50.06 12.45
C TYR B 356 29.46 50.37 13.25
N LEU B 357 29.68 49.64 14.34
CA LEU B 357 30.85 49.89 15.18
C LEU B 357 32.16 49.87 14.38
N PHE B 358 32.34 48.84 13.58
CA PHE B 358 33.56 48.68 12.78
C PHE B 358 33.53 49.47 11.47
N LEU B 359 32.41 49.44 10.77
CA LEU B 359 32.35 50.05 9.44
C LEU B 359 31.91 51.52 9.44
N GLN B 360 31.12 51.91 10.44
CA GLN B 360 30.77 53.32 10.65
C GLN B 360 30.04 53.99 9.49
N ASN B 361 29.18 53.24 8.81
CA ASN B 361 28.22 53.82 7.88
C ASN B 361 26.96 52.97 7.85
N PHE B 362 25.82 53.59 7.62
CA PHE B 362 24.54 52.87 7.65
C PHE B 362 24.30 52.05 6.38
N ARG B 363 24.85 52.49 5.26
CA ARG B 363 24.72 51.73 4.02
C ARG B 363 25.30 50.30 4.13
N ALA B 364 26.51 50.17 4.66
CA ALA B 364 27.09 48.85 4.90
C ALA B 364 26.19 48.03 5.85
N THR B 365 25.64 48.70 6.84
CA THR B 365 24.81 48.11 7.87
C THR B 365 23.46 47.59 7.32
N LEU B 366 23.07 48.11 6.16
CA LEU B 366 21.82 47.72 5.53
C LEU B 366 21.88 46.36 4.87
N ILE B 367 23.05 46.06 4.31
CA ILE B 367 23.20 44.89 3.44
C ILE B 367 22.91 43.54 4.10
N PRO B 368 23.54 43.26 5.26
CA PRO B 368 23.24 42.04 6.01
C PRO B 368 21.80 42.06 6.51
N THR B 369 21.32 43.24 6.91
CA THR B 369 19.94 43.40 7.36
C THR B 369 18.93 42.91 6.31
N ILE B 370 19.31 43.03 5.03
CA ILE B 370 18.48 42.56 3.93
C ILE B 370 18.77 41.11 3.60
N ALA B 371 20.05 40.78 3.45
CA ALA B 371 20.46 39.45 2.99
C ALA B 371 20.05 38.31 3.92
N VAL B 372 20.23 38.49 5.22
CA VAL B 372 19.94 37.42 6.18
C VAL B 372 18.47 36.98 6.20
N PRO B 373 17.53 37.96 6.28
CA PRO B 373 16.09 37.62 6.21
C PRO B 373 15.74 36.92 4.90
N VAL B 374 16.34 37.35 3.78
CA VAL B 374 16.14 36.66 2.51
C VAL B 374 16.56 35.17 2.60
N VAL B 375 17.74 34.92 3.17
CA VAL B 375 18.19 33.54 3.38
C VAL B 375 17.24 32.76 4.28
N LEU B 376 16.88 33.35 5.42
CA LEU B 376 15.93 32.72 6.33
C LEU B 376 14.60 32.36 5.63
N LEU B 377 13.92 33.37 5.08
CA LEU B 377 12.67 33.15 4.35
C LEU B 377 12.82 31.99 3.38
N GLY B 378 13.89 32.01 2.58
CA GLY B 378 14.13 30.95 1.62
C GLY B 378 14.29 29.58 2.26
N THR B 379 14.90 29.55 3.44
CA THR B 379 15.05 28.30 4.16
C THR B 379 13.67 27.73 4.48
N PHE B 380 12.75 28.57 4.92
CA PHE B 380 11.37 28.12 5.14
C PHE B 380 10.80 27.49 3.88
N ALA B 381 11.00 28.14 2.75
CA ALA B 381 10.52 27.63 1.46
C ALA B 381 11.03 26.23 1.19
N VAL B 382 12.35 26.02 1.34
CA VAL B 382 12.94 24.71 1.07
C VAL B 382 12.46 23.68 2.08
N LEU B 383 12.30 24.09 3.33
CA LEU B 383 11.82 23.18 4.36
C LEU B 383 10.40 22.73 4.04
N ALA B 384 9.56 23.68 3.63
CA ALA B 384 8.18 23.38 3.26
C ALA B 384 8.15 22.40 2.09
N ALA B 385 9.02 22.62 1.11
CA ALA B 385 9.11 21.72 -0.03
C ALA B 385 9.57 20.30 0.35
N PHE B 386 10.41 20.21 1.38
CA PHE B 386 10.89 18.92 1.88
C PHE B 386 9.84 18.24 2.77
N GLY B 387 8.72 18.90 3.00
CA GLY B 387 7.69 18.36 3.86
C GLY B 387 7.94 18.54 5.36
N PHE B 388 8.81 19.47 5.72
CA PHE B 388 9.14 19.65 7.13
C PHE B 388 8.12 20.50 7.85
N SER B 389 8.14 20.43 9.18
CA SER B 389 7.29 21.29 9.99
C SER B 389 8.14 22.29 10.76
N ILE B 390 7.48 23.35 11.22
CA ILE B 390 8.08 24.21 12.23
C ILE B 390 7.95 23.47 13.56
N ASN B 391 9.08 23.01 14.09
CA ASN B 391 9.09 22.29 15.36
C ASN B 391 10.32 22.64 16.19
N THR B 392 10.39 22.11 17.41
CA THR B 392 11.51 22.43 18.31
C THR B 392 12.86 22.20 17.64
N LEU B 393 12.99 21.08 16.94
CA LEU B 393 14.25 20.75 16.29
C LEU B 393 14.61 21.67 15.12
N THR B 394 13.67 21.92 14.21
CA THR B 394 13.98 22.73 13.02
C THR B 394 14.23 24.18 13.39
N MET B 395 13.58 24.63 14.46
CA MET B 395 13.75 26.00 14.93
C MET B 395 15.14 26.23 15.54
N PHE B 396 15.64 25.27 16.30
CA PHE B 396 17.00 25.40 16.84
C PHE B 396 18.03 25.15 15.75
N GLY B 397 17.68 24.31 14.77
CA GLY B 397 18.52 24.13 13.60
C GLY B 397 18.83 25.48 12.99
N MET B 398 17.82 26.35 12.94
CA MET B 398 18.01 27.68 12.38
C MET B 398 18.93 28.55 13.24
N VAL B 399 18.66 28.64 14.54
CA VAL B 399 19.54 29.44 15.40
C VAL B 399 20.96 28.91 15.40
N LEU B 400 21.11 27.60 15.24
CA LEU B 400 22.43 27.00 15.16
C LEU B 400 23.14 27.42 13.87
N ALA B 401 22.35 27.83 12.87
CA ALA B 401 22.90 28.29 11.59
C ALA B 401 23.16 29.80 11.56
N ILE B 402 22.76 30.50 12.61
CA ILE B 402 22.90 31.95 12.67
C ILE B 402 24.31 32.45 12.38
N GLY B 403 25.30 31.91 13.10
CA GLY B 403 26.69 32.24 12.85
C GLY B 403 27.05 32.17 11.38
N LEU B 404 26.73 31.04 10.75
CA LEU B 404 27.04 30.82 9.34
C LEU B 404 26.40 31.83 8.41
N LEU B 405 25.13 32.17 8.63
CA LEU B 405 24.44 33.15 7.80
C LEU B 405 24.98 34.57 8.03
N VAL B 406 25.07 34.95 9.30
CA VAL B 406 25.62 36.25 9.64
C VAL B 406 27.00 36.41 9.00
N ASP B 407 27.82 35.35 9.08
CA ASP B 407 29.20 35.39 8.57
C ASP B 407 29.29 35.65 7.06
N ASP B 408 28.44 34.99 6.27
CA ASP B 408 28.45 35.19 4.82
C ASP B 408 28.20 36.65 4.47
N ALA B 409 27.21 37.24 5.13
CA ALA B 409 26.89 38.64 4.92
C ALA B 409 28.09 39.50 5.28
N ILE B 410 28.56 39.33 6.51
CA ILE B 410 29.68 40.13 7.02
C ILE B 410 30.92 39.97 6.14
N VAL B 411 31.23 38.74 5.72
CA VAL B 411 32.42 38.51 4.92
C VAL B 411 32.43 39.31 3.61
N VAL B 412 31.35 39.20 2.83
CA VAL B 412 31.28 39.89 1.55
C VAL B 412 31.42 41.41 1.70
N VAL B 413 30.66 41.97 2.64
CA VAL B 413 30.60 43.42 2.80
C VAL B 413 31.92 43.94 3.35
N GLU B 414 32.41 43.32 4.42
CA GLU B 414 33.67 43.75 5.02
C GLU B 414 34.78 43.74 3.98
N ASN B 415 34.82 42.69 3.17
CA ASN B 415 35.91 42.60 2.20
C ASN B 415 35.84 43.72 1.15
N VAL B 416 34.64 44.09 0.70
CA VAL B 416 34.53 45.22 -0.23
C VAL B 416 35.02 46.50 0.44
N GLU B 417 34.61 46.72 1.69
CA GLU B 417 35.05 47.92 2.42
C GLU B 417 36.58 47.96 2.54
N ARG B 418 37.21 46.82 2.76
CA ARG B 418 38.67 46.78 2.89
C ARG B 418 39.33 47.12 1.56
N VAL B 419 38.83 46.53 0.47
CA VAL B 419 39.40 46.80 -0.84
C VAL B 419 39.33 48.29 -1.21
N MET B 420 38.23 48.95 -0.83
CA MET B 420 38.10 50.36 -1.15
C MET B 420 39.06 51.22 -0.35
N ALA B 421 39.23 50.89 0.94
CA ALA B 421 40.11 51.70 1.78
C ALA B 421 41.58 51.48 1.41
N GLU B 422 41.87 50.32 0.82
CA GLU B 422 43.26 49.97 0.52
C GLU B 422 43.70 50.41 -0.88
N GLU B 423 42.75 50.83 -1.71
CA GLU B 423 43.04 51.11 -3.10
C GLU B 423 42.27 52.28 -3.67
N GLY B 424 41.37 52.84 -2.86
CA GLY B 424 40.50 53.91 -3.32
C GLY B 424 39.75 53.51 -4.58
N LEU B 425 39.39 52.23 -4.68
CA LEU B 425 38.61 51.75 -5.80
C LEU B 425 37.14 52.10 -5.60
N PRO B 426 36.48 52.55 -6.67
CA PRO B 426 35.04 52.87 -6.60
C PRO B 426 34.25 51.61 -6.25
N PRO B 427 33.13 51.78 -5.52
CA PRO B 427 32.30 50.67 -5.00
C PRO B 427 32.06 49.53 -5.99
N LYS B 428 31.69 49.85 -7.21
CA LYS B 428 31.39 48.81 -8.21
C LYS B 428 32.64 48.01 -8.58
N GLU B 429 33.73 48.71 -8.86
CA GLU B 429 34.97 48.03 -9.23
C GLU B 429 35.56 47.31 -8.01
N ALA B 430 35.42 47.93 -6.85
CA ALA B 430 35.85 47.30 -5.59
C ALA B 430 35.11 45.99 -5.40
N THR B 431 33.80 46.04 -5.60
CA THR B 431 32.99 44.83 -5.42
C THR B 431 33.43 43.73 -6.38
N ARG B 432 33.77 44.09 -7.62
CA ARG B 432 34.25 43.09 -8.59
C ARG B 432 35.54 42.45 -8.10
N LYS B 433 36.52 43.27 -7.75
CA LYS B 433 37.81 42.77 -7.27
C LYS B 433 37.64 41.92 -6.01
N SER B 434 36.86 42.43 -5.07
CA SER B 434 36.56 41.71 -3.83
C SER B 434 35.93 40.33 -4.05
N MET B 435 34.81 40.28 -4.78
CA MET B 435 34.21 38.97 -5.07
C MET B 435 35.24 38.06 -5.76
N GLY B 436 36.06 38.65 -6.62
CA GLY B 436 37.11 37.91 -7.27
C GLY B 436 38.03 37.24 -6.25
N GLN B 437 38.25 37.87 -5.10
CA GLN B 437 39.14 37.30 -4.09
C GLN B 437 38.51 36.16 -3.30
N ILE B 438 37.18 36.15 -3.19
CA ILE B 438 36.49 35.25 -2.25
C ILE B 438 35.51 34.22 -2.83
N GLN B 439 35.05 34.46 -4.06
CA GLN B 439 33.98 33.63 -4.65
C GLN B 439 34.30 32.14 -4.76
N GLY B 440 35.50 31.82 -5.23
CA GLY B 440 35.96 30.44 -5.26
C GLY B 440 35.87 29.80 -3.89
N ALA B 441 36.40 30.50 -2.90
CA ALA B 441 36.37 29.98 -1.53
C ALA B 441 34.93 29.77 -1.03
N LEU B 442 34.07 30.76 -1.27
CA LEU B 442 32.66 30.63 -0.86
C LEU B 442 32.01 29.36 -1.43
N VAL B 443 32.33 29.02 -2.68
CA VAL B 443 31.84 27.78 -3.29
C VAL B 443 32.48 26.57 -2.59
N GLY B 444 33.79 26.61 -2.41
CA GLY B 444 34.49 25.54 -1.73
C GLY B 444 33.92 25.36 -0.34
N ILE B 445 33.54 26.48 0.27
CA ILE B 445 33.03 26.48 1.62
C ILE B 445 31.68 25.79 1.64
N ALA B 446 30.83 26.12 0.66
CA ALA B 446 29.55 25.45 0.52
C ALA B 446 29.70 23.93 0.38
N MET B 447 30.68 23.48 -0.40
CA MET B 447 30.95 22.04 -0.53
C MET B 447 31.39 21.45 0.81
N VAL B 448 32.39 22.08 1.43
CA VAL B 448 32.92 21.62 2.71
C VAL B 448 31.83 21.49 3.78
N LEU B 449 31.02 22.53 3.92
CA LEU B 449 29.94 22.50 4.90
C LEU B 449 28.92 21.40 4.60
N SER B 450 28.62 21.17 3.33
CA SER B 450 27.71 20.07 2.96
C SER B 450 28.33 18.75 3.40
N ALA B 451 29.62 18.58 3.16
CA ALA B 451 30.33 17.37 3.55
C ALA B 451 30.28 17.17 5.07
N VAL B 452 30.22 18.27 5.81
CA VAL B 452 30.15 18.21 7.27
C VAL B 452 28.75 17.85 7.78
N PHE B 453 27.72 18.44 7.19
CA PHE B 453 26.35 18.26 7.72
C PHE B 453 25.50 17.17 7.08
N VAL B 454 25.67 16.94 5.80
CA VAL B 454 24.82 15.98 5.09
C VAL B 454 24.89 14.58 5.71
N PRO B 455 26.10 14.08 5.95
CA PRO B 455 26.27 12.73 6.51
C PRO B 455 25.42 12.50 7.77
N MET B 456 25.19 13.54 8.55
CA MET B 456 24.35 13.44 9.75
C MET B 456 22.91 13.05 9.41
N ALA B 457 22.49 13.32 8.18
CA ALA B 457 21.15 12.95 7.72
C ALA B 457 21.06 11.43 7.50
N PHE B 458 22.18 10.73 7.64
CA PHE B 458 22.23 9.32 7.27
C PHE B 458 22.30 8.35 8.45
N PHE B 459 22.17 8.84 9.67
CA PHE B 459 22.07 7.93 10.81
C PHE B 459 20.75 7.19 10.71
N GLY B 460 20.66 6.04 11.37
CA GLY B 460 19.45 5.22 11.26
C GLY B 460 18.55 5.33 12.47
N GLY B 461 17.33 4.82 12.34
CA GLY B 461 16.40 4.80 13.47
C GLY B 461 16.01 6.17 13.99
N SER B 462 15.73 6.25 15.29
CA SER B 462 15.16 7.45 15.90
C SER B 462 16.14 8.61 15.98
N THR B 463 17.37 8.31 16.37
CA THR B 463 18.37 9.34 16.47
C THR B 463 18.61 9.94 15.09
N GLY B 464 18.68 9.09 14.07
CA GLY B 464 18.86 9.54 12.71
C GLY B 464 17.75 10.50 12.32
N ALA B 465 16.53 10.18 12.75
CA ALA B 465 15.37 11.00 12.43
C ALA B 465 15.49 12.38 13.09
N ILE B 466 16.06 12.42 14.29
CA ILE B 466 16.33 13.69 14.95
C ILE B 466 17.45 14.48 14.24
N TYR B 467 18.57 13.81 13.96
CA TYR B 467 19.70 14.45 13.29
C TYR B 467 19.30 14.97 11.94
N ARG B 468 18.45 14.21 11.26
CA ARG B 468 17.98 14.57 9.95
C ARG B 468 17.36 15.97 9.99
N GLN B 469 16.62 16.27 11.05
CA GLN B 469 15.94 17.55 11.13
C GLN B 469 16.94 18.72 11.13
N PHE B 470 18.04 18.58 11.88
CA PHE B 470 19.07 19.61 11.93
C PHE B 470 19.84 19.66 10.63
N SER B 471 20.26 18.47 10.18
CA SER B 471 21.03 18.31 8.95
C SER B 471 20.45 19.10 7.78
N ILE B 472 19.21 18.77 7.41
CA ILE B 472 18.59 19.37 6.24
C ILE B 472 18.31 20.85 6.45
N THR B 473 17.95 21.23 7.67
CA THR B 473 17.70 22.63 7.96
C THR B 473 18.98 23.46 7.79
N ILE B 474 20.08 22.95 8.36
CA ILE B 474 21.33 23.70 8.36
C ILE B 474 21.92 23.75 6.96
N VAL B 475 21.86 22.62 6.24
CA VAL B 475 22.39 22.52 4.89
C VAL B 475 21.63 23.43 3.93
N SER B 476 20.31 23.47 4.08
CA SER B 476 19.49 24.33 3.25
C SER B 476 19.84 25.79 3.52
N ALA B 477 19.84 26.17 4.80
CA ALA B 477 20.19 27.53 5.16
C ALA B 477 21.57 27.90 4.62
N MET B 478 22.52 27.02 4.83
CA MET B 478 23.90 27.28 4.42
C MET B 478 23.96 27.48 2.90
N ALA B 479 23.29 26.61 2.15
CA ALA B 479 23.28 26.70 0.68
C ALA B 479 22.63 28.00 0.16
N LEU B 480 21.47 28.35 0.71
CA LEU B 480 20.83 29.62 0.38
C LEU B 480 21.77 30.77 0.70
N SER B 481 22.47 30.68 1.84
CA SER B 481 23.36 31.75 2.27
C SER B 481 24.49 31.99 1.28
N VAL B 482 25.04 30.90 0.73
CA VAL B 482 26.10 31.03 -0.26
C VAL B 482 25.53 31.61 -1.57
N LEU B 483 24.38 31.10 -2.00
CA LEU B 483 23.71 31.63 -3.19
C LEU B 483 23.41 33.13 -3.07
N VAL B 484 22.89 33.56 -1.93
CA VAL B 484 22.66 34.97 -1.72
C VAL B 484 23.96 35.79 -1.73
N ALA B 485 25.05 35.19 -1.23
CA ALA B 485 26.36 35.84 -1.19
C ALA B 485 26.96 36.01 -2.59
N LEU B 486 26.58 35.12 -3.50
CA LEU B 486 27.10 35.14 -4.85
C LEU B 486 26.22 35.98 -5.78
N ILE B 487 24.98 36.21 -5.37
CA ILE B 487 23.99 36.86 -6.22
C ILE B 487 23.54 38.21 -5.67
N LEU B 488 22.90 38.20 -4.50
CA LEU B 488 22.33 39.42 -3.96
C LEU B 488 23.34 40.40 -3.31
N THR B 489 24.14 39.91 -2.37
CA THR B 489 25.01 40.81 -1.59
C THR B 489 25.99 41.62 -2.45
N PRO B 490 26.58 40.99 -3.48
CA PRO B 490 27.51 41.74 -4.34
C PRO B 490 26.80 42.89 -5.08
N ALA B 491 25.62 42.62 -5.64
CA ALA B 491 24.82 43.68 -6.25
C ALA B 491 24.44 44.79 -5.25
N LEU B 492 24.06 44.43 -4.03
CA LEU B 492 23.79 45.43 -3.00
C LEU B 492 25.06 46.25 -2.71
N CYS B 493 26.21 45.58 -2.59
CA CYS B 493 27.44 46.29 -2.29
C CYS B 493 27.75 47.30 -3.38
N ALA B 494 27.52 46.91 -4.63
CA ALA B 494 27.96 47.72 -5.77
C ALA B 494 27.07 48.94 -5.94
N THR B 495 25.86 48.86 -5.41
CA THR B 495 24.87 49.93 -5.61
C THR B 495 24.61 50.77 -4.36
N MET B 496 24.98 50.26 -3.18
CA MET B 496 24.63 50.97 -1.94
C MET B 496 25.84 51.52 -1.19
N LEU B 497 27.01 50.94 -1.43
CA LEU B 497 28.23 51.37 -0.75
C LEU B 497 28.79 52.66 -1.35
N LYS B 498 29.15 53.61 -0.50
CA LYS B 498 29.82 54.83 -0.96
C LYS B 498 31.34 54.66 -0.97
N PRO B 499 32.01 55.45 -1.83
CA PRO B 499 33.45 55.33 -2.05
C PRO B 499 34.24 55.59 -0.78
N ILE B 500 35.41 54.98 -0.66
CA ILE B 500 36.34 55.32 0.41
C ILE B 500 37.67 55.72 -0.23
N ALA B 501 38.23 56.84 0.22
CA ALA B 501 39.51 57.31 -0.31
C ALA B 501 40.60 56.34 0.06
N LYS B 502 41.57 56.15 -0.83
CA LYS B 502 42.66 55.23 -0.58
C LYS B 502 43.41 55.67 0.67
N GLY B 503 43.58 54.76 1.63
CA GLY B 503 44.31 55.04 2.85
C GLY B 503 43.48 55.51 4.03
N ASP B 504 42.21 55.84 3.80
CA ASP B 504 41.36 56.32 4.90
C ASP B 504 40.80 55.18 5.76
N HIS B 505 41.31 55.08 6.98
CA HIS B 505 40.86 54.08 7.93
C HIS B 505 40.16 54.75 9.11
N GLY B 506 39.67 55.97 8.89
CA GLY B 506 38.90 56.68 9.90
C GLY B 506 39.68 57.05 11.15
N GLU B 507 41.01 56.96 11.06
CA GLU B 507 41.86 57.30 12.20
C GLU B 507 41.79 58.79 12.53
N GLY B 508 41.45 59.60 11.52
CA GLY B 508 41.34 61.03 11.69
C GLY B 508 39.96 61.49 12.12
N LYS B 509 39.03 60.53 12.21
CA LYS B 509 37.68 60.85 12.68
C LYS B 509 37.71 61.44 14.08
N LYS B 510 36.71 62.26 14.40
CA LYS B 510 36.63 62.86 15.72
C LYS B 510 35.82 61.97 16.65
N GLY B 511 35.95 62.23 17.95
CA GLY B 511 35.17 61.51 18.96
C GLY B 511 35.41 60.02 19.02
N PHE B 512 34.44 59.31 19.57
CA PHE B 512 34.57 57.90 19.91
C PHE B 512 35.07 56.98 18.80
N PHE B 513 34.67 57.26 17.55
CA PHE B 513 35.01 56.40 16.43
C PHE B 513 36.44 56.58 15.92
N GLY B 514 36.93 57.82 15.91
CA GLY B 514 38.32 58.05 15.57
C GLY B 514 39.20 57.29 16.54
N TRP B 515 38.79 57.29 17.81
CA TRP B 515 39.49 56.56 18.86
C TRP B 515 39.45 55.07 18.60
N PHE B 516 38.25 54.56 18.32
CA PHE B 516 38.09 53.13 18.07
C PHE B 516 39.00 52.72 16.92
N ASN B 517 39.01 53.55 15.88
CA ASN B 517 39.78 53.27 14.67
C ASN B 517 41.28 53.22 14.96
N ARG B 518 41.78 54.29 15.58
CA ARG B 518 43.16 54.30 16.06
C ARG B 518 43.41 53.10 16.98
N MET B 519 42.54 52.90 17.97
CA MET B 519 42.71 51.76 18.88
C MET B 519 42.84 50.46 18.09
N PHE B 520 41.94 50.26 17.14
CA PHE B 520 41.89 49.00 16.41
C PHE B 520 42.99 48.83 15.36
N GLU B 521 43.42 49.94 14.75
CA GLU B 521 44.50 49.89 13.78
C GLU B 521 45.79 49.39 14.42
N LYS B 522 46.01 49.79 15.66
CA LYS B 522 47.25 49.44 16.34
C LYS B 522 47.13 48.11 17.06
N SER B 523 45.91 47.72 17.42
CA SER B 523 45.72 46.38 17.94
C SER B 523 46.05 45.37 16.83
N THR B 524 45.72 45.72 15.59
CA THR B 524 46.03 44.85 14.46
C THR B 524 47.54 44.67 14.28
N HIS B 525 48.29 45.74 14.50
CA HIS B 525 49.76 45.69 14.47
C HIS B 525 50.34 44.83 15.60
N HIS B 526 49.82 45.00 16.82
CA HIS B 526 50.21 44.11 17.92
C HIS B 526 49.90 42.69 17.51
N TYR B 527 48.73 42.49 16.92
CA TYR B 527 48.31 41.17 16.48
C TYR B 527 49.33 40.57 15.51
N THR B 528 49.66 41.32 14.46
CA THR B 528 50.61 40.83 13.46
C THR B 528 52.00 40.61 14.06
N ASP B 529 52.51 41.58 14.81
CA ASP B 529 53.78 41.42 15.55
C ASP B 529 53.79 40.11 16.31
N SER B 530 52.69 39.83 17.00
CA SER B 530 52.55 38.62 17.80
C SER B 530 52.59 37.36 16.93
N VAL B 531 51.88 37.38 15.80
CA VAL B 531 51.91 36.22 14.90
C VAL B 531 53.34 36.08 14.36
N GLY B 532 54.01 37.20 14.15
CA GLY B 532 55.40 37.20 13.69
C GLY B 532 56.30 36.39 14.62
N GLY B 533 56.24 36.70 15.91
CA GLY B 533 57.04 35.99 16.90
C GLY B 533 56.62 34.52 16.97
N ILE B 534 55.31 34.29 16.92
CA ILE B 534 54.80 32.93 16.96
C ILE B 534 55.45 32.15 15.84
N LEU B 535 55.56 32.78 14.66
CA LEU B 535 56.06 32.11 13.47
C LEU B 535 57.59 31.95 13.46
N ARG B 536 58.25 32.45 14.49
CA ARG B 536 59.67 32.13 14.70
C ARG B 536 59.80 31.03 15.75
N SER B 537 58.68 30.52 16.22
CA SER B 537 58.70 29.56 17.33
C SER B 537 57.63 28.48 17.17
N THR B 538 57.47 28.00 15.94
CA THR B 538 56.36 27.10 15.61
C THR B 538 56.41 25.81 16.42
N GLY B 539 57.62 25.35 16.73
CA GLY B 539 57.81 24.10 17.45
C GLY B 539 56.96 23.97 18.71
N ARG B 540 57.04 24.97 19.58
CA ARG B 540 56.29 24.97 20.84
C ARG B 540 54.78 25.06 20.67
N TYR B 541 54.33 25.73 19.61
CA TYR B 541 52.89 25.79 19.37
C TYR B 541 52.35 24.47 18.84
N LEU B 542 53.21 23.70 18.17
CA LEU B 542 52.82 22.33 17.84
C LEU B 542 52.62 21.57 19.14
N VAL B 543 53.50 21.80 20.09
CA VAL B 543 53.37 21.19 21.43
C VAL B 543 52.07 21.63 22.13
N LEU B 544 51.80 22.93 22.13
CA LEU B 544 50.53 23.42 22.69
C LEU B 544 49.33 22.80 21.96
N TYR B 545 49.44 22.61 20.65
CA TYR B 545 48.35 21.99 19.89
C TYR B 545 48.08 20.56 20.37
N LEU B 546 49.13 19.76 20.48
CA LEU B 546 48.96 18.38 20.95
C LEU B 546 48.34 18.34 22.35
N ILE B 547 48.73 19.28 23.20
CA ILE B 547 48.10 19.44 24.51
C ILE B 547 46.59 19.76 24.38
N ILE B 548 46.23 20.68 23.49
CA ILE B 548 44.81 20.96 23.24
C ILE B 548 44.10 19.69 22.78
N VAL B 549 44.68 19.00 21.79
CA VAL B 549 44.07 17.78 21.26
C VAL B 549 43.85 16.76 22.37
N VAL B 550 44.85 16.61 23.24
CA VAL B 550 44.77 15.65 24.34
C VAL B 550 43.69 16.02 25.34
N GLY B 551 43.69 17.28 25.78
CA GLY B 551 42.64 17.76 26.67
C GLY B 551 41.25 17.59 26.07
N MET B 552 41.16 17.70 24.75
CA MET B 552 39.89 17.50 24.07
C MET B 552 39.46 16.05 24.23
N ALA B 553 40.37 15.14 23.89
CA ALA B 553 40.10 13.71 24.02
C ALA B 553 39.65 13.39 25.43
N TYR B 554 40.43 13.85 26.39
CA TYR B 554 40.12 13.67 27.80
C TYR B 554 38.72 14.16 28.16
N LEU B 555 38.46 15.45 27.98
CA LEU B 555 37.17 16.04 28.29
C LEU B 555 36.02 15.29 27.63
N PHE B 556 36.25 14.85 26.41
CA PHE B 556 35.21 14.26 25.59
C PHE B 556 34.78 12.92 26.20
N VAL B 557 35.76 12.10 26.53
CA VAL B 557 35.53 10.77 27.09
C VAL B 557 34.76 10.81 28.42
N ARG B 558 34.93 11.90 29.17
CA ARG B 558 34.31 12.04 30.49
C ARG B 558 33.01 12.84 30.47
N LEU B 559 32.66 13.39 29.32
CA LEU B 559 31.40 14.12 29.21
C LEU B 559 30.27 13.12 28.93
N PRO B 560 29.37 12.96 29.91
CA PRO B 560 28.26 12.03 29.80
C PRO B 560 27.35 12.39 28.62
N SER B 561 26.85 11.40 27.92
CA SER B 561 25.94 11.63 26.81
C SER B 561 24.48 11.52 27.24
N SER B 562 23.61 12.22 26.52
CA SER B 562 22.17 12.11 26.71
C SER B 562 21.53 12.41 25.37
N PHE B 563 20.20 12.47 25.33
CA PHE B 563 19.50 12.75 24.08
C PHE B 563 19.05 14.21 24.04
N LEU B 564 17.95 14.49 24.72
CA LEU B 564 17.39 15.84 24.77
C LEU B 564 17.15 16.19 26.23
N PRO B 565 17.47 17.44 26.62
CA PRO B 565 17.36 17.85 28.03
C PRO B 565 15.92 17.94 28.51
N ASP B 566 15.71 17.63 29.79
CA ASP B 566 14.41 17.81 30.43
C ASP B 566 14.01 19.28 30.43
N GLU B 567 12.70 19.52 30.46
CA GLU B 567 12.18 20.88 30.50
C GLU B 567 11.17 20.98 31.62
N ASP B 568 11.06 22.16 32.23
CA ASP B 568 9.89 22.43 33.06
C ASP B 568 8.73 22.69 32.09
N GLN B 569 8.06 21.60 31.71
CA GLN B 569 6.92 21.67 30.79
C GLN B 569 5.61 22.03 31.50
N GLY B 570 5.71 22.38 32.77
CA GLY B 570 4.53 22.80 33.52
C GLY B 570 3.70 21.67 34.10
N VAL B 571 4.21 20.45 33.95
CA VAL B 571 3.55 19.26 34.46
C VAL B 571 4.61 18.23 34.80
N PHE B 572 4.24 17.29 35.65
CA PHE B 572 5.08 16.11 35.88
C PHE B 572 4.21 15.03 36.50
N MET B 573 4.81 13.87 36.74
CA MET B 573 4.05 12.69 37.12
C MET B 573 4.53 12.15 38.45
N THR B 574 3.62 11.51 39.18
CA THR B 574 4.05 10.75 40.34
C THR B 574 3.43 9.34 40.31
N MET B 575 4.28 8.34 40.49
CA MET B 575 3.85 6.94 40.46
C MET B 575 3.46 6.46 41.86
N VAL B 576 2.43 5.64 41.94
CA VAL B 576 2.02 5.02 43.18
C VAL B 576 1.97 3.52 42.98
N GLN B 577 2.84 2.80 43.68
CA GLN B 577 2.88 1.35 43.61
C GLN B 577 2.68 0.79 45.02
N LEU B 578 1.56 0.09 45.23
CA LEU B 578 1.32 -0.66 46.46
C LEU B 578 1.73 -2.11 46.21
N PRO B 579 1.93 -2.88 47.30
CA PRO B 579 2.27 -4.30 47.19
C PRO B 579 1.27 -5.05 46.36
N ALA B 580 1.71 -6.13 45.73
CA ALA B 580 0.86 -6.95 44.90
C ALA B 580 -0.34 -7.46 45.70
N GLY B 581 -1.52 -7.42 45.11
CA GLY B 581 -2.72 -7.86 45.80
C GLY B 581 -3.43 -6.75 46.56
N ALA B 582 -2.81 -5.57 46.63
CA ALA B 582 -3.47 -4.48 47.36
C ALA B 582 -4.74 -4.07 46.63
N THR B 583 -5.78 -3.75 47.38
CA THR B 583 -7.04 -3.35 46.79
C THR B 583 -7.12 -1.87 46.36
N GLN B 584 -8.08 -1.61 45.49
CA GLN B 584 -8.35 -0.28 44.98
C GLN B 584 -8.51 0.75 46.09
N GLU B 585 -9.21 0.37 47.15
CA GLU B 585 -9.39 1.26 48.29
C GLU B 585 -8.04 1.64 48.90
N ARG B 586 -7.14 0.68 49.04
CA ARG B 586 -5.82 0.97 49.63
C ARG B 586 -5.06 1.96 48.75
N THR B 587 -5.04 1.70 47.45
CA THR B 587 -4.39 2.61 46.51
C THR B 587 -4.98 4.02 46.61
N GLN B 588 -6.30 4.10 46.77
CA GLN B 588 -6.98 5.38 46.83
C GLN B 588 -6.51 6.21 48.02
N LYS B 589 -6.28 5.55 49.15
CA LYS B 589 -5.81 6.27 50.34
C LYS B 589 -4.45 6.91 50.09
N VAL B 590 -3.60 6.23 49.33
CA VAL B 590 -2.28 6.78 49.07
C VAL B 590 -2.38 7.95 48.09
N LEU B 591 -3.12 7.77 47.01
CA LEU B 591 -3.35 8.85 46.07
C LEU B 591 -3.88 10.08 46.78
N ASN B 592 -4.85 9.89 47.68
CA ASN B 592 -5.41 10.98 48.46
C ASN B 592 -4.32 11.67 49.27
N GLU B 593 -3.43 10.87 49.84
CA GLU B 593 -2.33 11.41 50.64
C GLU B 593 -1.39 12.21 49.73
N VAL B 594 -1.06 11.62 48.57
CA VAL B 594 -0.25 12.30 47.57
C VAL B 594 -0.89 13.64 47.19
N THR B 595 -2.13 13.59 46.73
CA THR B 595 -2.88 14.79 46.36
C THR B 595 -2.85 15.84 47.49
N HIS B 596 -3.04 15.39 48.73
CA HIS B 596 -3.06 16.28 49.87
C HIS B 596 -1.72 17.00 50.02
N TYR B 597 -0.63 16.26 49.83
CA TYR B 597 0.69 16.88 49.91
C TYR B 597 0.83 17.99 48.88
N TYR B 598 0.46 17.70 47.63
CA TYR B 598 0.68 18.69 46.59
C TYR B 598 -0.14 19.95 46.80
N LEU B 599 -1.43 19.80 47.12
CA LEU B 599 -2.29 20.97 47.27
C LEU B 599 -2.03 21.69 48.58
N THR B 600 -1.25 21.05 49.45
CA THR B 600 -0.95 21.58 50.77
C THR B 600 0.45 22.17 50.84
N LYS B 601 1.45 21.31 50.66
CA LYS B 601 2.82 21.73 50.83
C LYS B 601 3.44 22.24 49.52
N GLU B 602 2.66 22.23 48.44
CA GLU B 602 3.09 22.86 47.20
C GLU B 602 2.05 23.80 46.61
N LYS B 603 1.15 24.29 47.46
CA LYS B 603 0.03 25.15 47.07
C LYS B 603 0.42 26.39 46.23
N ASN B 604 1.63 26.88 46.44
CA ASN B 604 2.12 28.03 45.67
C ASN B 604 2.43 27.70 44.21
N ASN B 605 2.74 26.44 43.94
CA ASN B 605 3.18 26.01 42.62
C ASN B 605 2.18 25.16 41.85
N VAL B 606 1.40 24.38 42.58
CA VAL B 606 0.54 23.39 41.96
C VAL B 606 -0.87 23.88 41.71
N GLU B 607 -1.28 23.80 40.44
CA GLU B 607 -2.65 24.12 40.04
C GLU B 607 -3.57 22.93 40.34
N SER B 608 -3.16 21.73 39.91
CA SER B 608 -4.04 20.58 40.02
C SER B 608 -3.30 19.26 40.11
N VAL B 609 -3.97 18.28 40.72
CA VAL B 609 -3.54 16.89 40.71
C VAL B 609 -4.61 16.00 40.10
N PHE B 610 -4.25 15.29 39.03
CA PHE B 610 -5.18 14.38 38.39
C PHE B 610 -4.79 12.97 38.82
N ALA B 611 -5.52 12.44 39.80
CA ALA B 611 -5.20 11.15 40.38
C ALA B 611 -5.95 10.04 39.66
N VAL B 612 -5.22 9.18 38.95
CA VAL B 612 -5.81 8.05 38.26
C VAL B 612 -5.49 6.75 38.99
N ASN B 613 -6.45 6.25 39.76
CA ASN B 613 -6.31 4.98 40.47
C ASN B 613 -6.68 3.79 39.58
N GLY B 614 -5.77 2.83 39.47
CA GLY B 614 -6.04 1.64 38.67
C GLY B 614 -5.22 1.62 37.39
N PHE B 615 -4.55 2.73 37.13
CA PHE B 615 -3.78 2.87 35.91
C PHE B 615 -2.28 2.78 36.18
N GLY B 616 -1.59 1.95 35.39
CA GLY B 616 -0.15 1.88 35.44
C GLY B 616 0.41 1.97 34.04
N PHE B 617 1.74 1.96 33.93
CA PHE B 617 2.40 1.89 32.64
C PHE B 617 2.87 0.46 32.35
N ALA B 618 3.50 -0.16 33.35
CA ALA B 618 3.99 -1.54 33.22
C ALA B 618 3.11 -2.52 33.97
N GLY B 619 1.82 -2.19 34.06
CA GLY B 619 0.88 -3.01 34.80
C GLY B 619 -0.35 -2.22 35.18
N ARG B 620 -1.50 -2.88 35.13
CA ARG B 620 -2.72 -2.29 35.63
C ARG B 620 -3.16 -3.16 36.78
N GLY B 621 -4.26 -2.79 37.40
CA GLY B 621 -4.69 -3.50 38.58
C GLY B 621 -4.96 -2.56 39.72
N GLN B 622 -5.62 -3.07 40.74
CA GLN B 622 -6.11 -2.23 41.81
C GLN B 622 -5.00 -1.69 42.67
N ASN B 623 -3.77 -2.14 42.45
CA ASN B 623 -2.67 -1.76 43.35
C ASN B 623 -1.74 -0.70 42.77
N THR B 624 -2.11 -0.15 41.63
CA THR B 624 -1.26 0.83 40.96
C THR B 624 -2.06 2.10 40.65
N GLY B 625 -1.39 3.24 40.68
CA GLY B 625 -2.04 4.50 40.40
C GLY B 625 -1.06 5.56 39.93
N ILE B 626 -1.58 6.63 39.32
CA ILE B 626 -0.73 7.75 38.94
C ILE B 626 -1.35 9.07 39.35
N ALA B 627 -0.49 9.98 39.82
CA ALA B 627 -0.93 11.32 40.17
C ALA B 627 -0.29 12.26 39.16
N PHE B 628 -1.10 12.84 38.29
CA PHE B 628 -0.59 13.72 37.26
C PHE B 628 -0.69 15.15 37.74
N VAL B 629 0.46 15.78 37.95
CA VAL B 629 0.50 17.10 38.56
C VAL B 629 0.65 18.22 37.53
N SER B 630 -0.27 19.19 37.58
CA SER B 630 -0.20 20.32 36.66
C SER B 630 0.18 21.56 37.46
N LEU B 631 1.15 22.32 36.95
CA LEU B 631 1.71 23.43 37.71
C LEU B 631 1.12 24.77 37.29
N LYS B 632 1.21 25.74 38.18
CA LYS B 632 0.88 27.09 37.83
C LYS B 632 1.85 27.58 36.77
N ASP B 633 1.49 28.68 36.12
CA ASP B 633 2.25 29.22 35.00
C ASP B 633 3.65 29.64 35.45
N TRP B 634 4.64 29.41 34.58
CA TRP B 634 6.04 29.69 34.88
C TRP B 634 6.29 31.02 35.60
N ALA B 635 5.61 32.06 35.13
CA ALA B 635 5.76 33.40 35.70
C ALA B 635 5.47 33.47 37.20
N ASP B 636 4.61 32.57 37.68
CA ASP B 636 4.25 32.56 39.09
C ASP B 636 5.11 31.55 39.86
N ARG B 637 6.09 30.97 39.17
CA ARG B 637 7.01 30.03 39.79
C ARG B 637 8.46 30.50 39.63
N PRO B 638 8.75 31.70 40.16
CA PRO B 638 10.10 32.27 40.06
C PRO B 638 11.08 31.51 40.94
N GLY B 639 12.28 31.26 40.40
CA GLY B 639 13.34 30.61 41.15
C GLY B 639 13.48 29.13 40.91
N GLU B 640 14.73 28.65 40.87
CA GLU B 640 15.04 27.24 40.67
C GLU B 640 14.30 26.31 41.64
N GLU B 641 13.96 26.84 42.82
CA GLU B 641 13.27 26.09 43.87
C GLU B 641 11.83 25.74 43.52
N ASN B 642 11.19 26.60 42.72
CA ASN B 642 9.81 26.39 42.31
C ASN B 642 9.71 25.85 40.89
N LYS B 643 10.73 25.11 40.46
CA LYS B 643 10.73 24.49 39.14
C LYS B 643 10.62 22.97 39.27
N VAL B 644 10.14 22.33 38.21
CA VAL B 644 9.82 20.90 38.24
C VAL B 644 10.87 20.01 38.90
N GLU B 645 12.13 20.15 38.51
CA GLU B 645 13.16 19.28 39.09
C GLU B 645 13.14 19.40 40.61
N ALA B 646 13.09 20.62 41.12
CA ALA B 646 13.14 20.84 42.57
C ALA B 646 11.90 20.26 43.25
N ILE B 647 10.73 20.70 42.81
CA ILE B 647 9.45 20.19 43.32
C ILE B 647 9.46 18.67 43.34
N THR B 648 9.94 18.09 42.23
CA THR B 648 10.00 16.65 42.09
C THR B 648 10.83 15.99 43.19
N MET B 649 12.01 16.55 43.43
CA MET B 649 12.91 16.02 44.45
C MET B 649 12.30 16.08 45.85
N ARG B 650 11.77 17.25 46.21
CA ARG B 650 11.06 17.40 47.49
C ARG B 650 9.92 16.39 47.60
N ALA B 651 9.09 16.29 46.56
CA ALA B 651 7.99 15.34 46.54
C ALA B 651 8.46 13.92 46.87
N THR B 652 9.40 13.41 46.09
CA THR B 652 9.91 12.06 46.30
C THR B 652 10.48 11.90 47.71
N ARG B 653 11.23 12.90 48.15
CA ARG B 653 11.80 12.91 49.49
C ARG B 653 10.67 12.65 50.49
N ALA B 654 9.60 13.44 50.38
CA ALA B 654 8.50 13.37 51.31
C ALA B 654 7.74 12.04 51.28
N PHE B 655 7.74 11.38 50.12
CA PHE B 655 6.95 10.16 49.94
C PHE B 655 7.74 8.90 50.30
N SER B 656 9.05 9.04 50.48
CA SER B 656 9.87 7.92 50.90
C SER B 656 9.37 7.46 52.26
N GLN B 657 8.71 8.38 52.96
CA GLN B 657 8.10 8.11 54.25
C GLN B 657 6.94 7.11 54.17
N ILE B 658 6.12 7.26 53.14
CA ILE B 658 4.88 6.49 53.02
C ILE B 658 5.11 4.98 53.18
N LYS B 659 4.38 4.39 54.13
CA LYS B 659 4.59 3.02 54.61
C LYS B 659 4.72 1.98 53.50
N ASP B 660 3.64 1.25 53.27
CA ASP B 660 3.64 0.17 52.27
C ASP B 660 3.19 0.63 50.89
N ALA B 661 3.98 1.51 50.29
CA ALA B 661 3.76 1.96 48.92
C ALA B 661 5.03 2.62 48.39
N MET B 662 5.44 2.23 47.19
CA MET B 662 6.47 2.97 46.51
C MET B 662 5.81 4.16 45.83
N VAL B 663 6.24 5.35 46.18
CA VAL B 663 5.63 6.56 45.64
C VAL B 663 6.75 7.52 45.29
N PHE B 664 6.80 7.98 44.04
CA PHE B 664 7.80 8.96 43.66
C PHE B 664 7.39 9.80 42.46
N ALA B 665 8.02 10.98 42.36
CA ALA B 665 7.72 11.93 41.29
C ALA B 665 8.88 12.03 40.32
N PHE B 666 8.56 12.32 39.05
CA PHE B 666 9.57 12.52 38.02
C PHE B 666 9.08 13.44 36.92
N ASN B 667 10.03 14.17 36.32
CA ASN B 667 9.73 15.05 35.19
C ASN B 667 9.47 14.21 33.95
N LEU B 668 8.84 14.81 32.96
CA LEU B 668 8.60 14.10 31.71
C LEU B 668 9.81 14.22 30.78
N PRO B 669 10.03 13.17 29.97
CA PRO B 669 11.11 13.15 28.98
C PRO B 669 10.67 13.98 27.80
N ALA B 670 11.61 14.59 27.08
CA ALA B 670 11.25 15.37 25.89
C ALA B 670 10.50 14.52 24.87
N ILE B 671 10.84 13.24 24.80
CA ILE B 671 10.27 12.29 23.84
C ILE B 671 10.37 10.87 24.40
N VAL B 672 9.27 10.37 24.98
CA VAL B 672 9.22 9.03 25.62
C VAL B 672 9.98 7.88 24.93
N GLU B 673 9.97 7.87 23.60
CA GLU B 673 10.45 6.72 22.83
C GLU B 673 11.98 6.51 22.88
N LEU B 674 12.73 7.58 23.21
CA LEU B 674 14.19 7.51 23.25
C LEU B 674 14.71 6.81 24.50
N GLY B 675 13.84 6.60 25.48
CA GLY B 675 14.26 6.13 26.78
C GLY B 675 15.38 7.00 27.30
N THR B 676 16.36 6.38 27.96
CA THR B 676 17.54 7.10 28.46
C THR B 676 18.76 6.63 27.68
N ALA B 677 19.72 7.53 27.47
CA ALA B 677 21.05 7.08 27.09
C ALA B 677 21.56 6.38 28.34
N THR B 678 22.50 5.47 28.17
CA THR B 678 22.91 4.59 29.28
C THR B 678 21.88 3.48 29.47
N GLY B 679 20.63 3.75 29.09
CA GLY B 679 19.56 2.78 29.23
C GLY B 679 19.62 1.68 28.19
N PHE B 680 19.30 0.46 28.60
CA PHE B 680 19.11 -0.63 27.64
C PHE B 680 17.80 -1.33 27.92
N ASP B 681 17.35 -2.13 26.94
CA ASP B 681 16.04 -2.76 26.98
C ASP B 681 16.16 -4.20 26.48
N PHE B 682 16.10 -5.15 27.42
CA PHE B 682 16.54 -6.53 27.19
C PHE B 682 15.36 -7.49 27.31
N GLU B 683 15.32 -8.51 26.44
CA GLU B 683 14.27 -9.52 26.47
C GLU B 683 14.87 -10.91 26.72
N LEU B 684 14.38 -11.58 27.75
CA LEU B 684 14.76 -12.96 28.06
C LEU B 684 13.69 -13.84 27.44
N ILE B 685 14.08 -14.89 26.73
CA ILE B 685 13.12 -15.62 25.94
C ILE B 685 13.09 -17.14 26.15
N ASP B 686 11.89 -17.68 26.33
CA ASP B 686 11.68 -19.12 26.43
C ASP B 686 11.73 -19.76 25.04
N GLN B 687 12.89 -20.30 24.68
CA GLN B 687 13.13 -20.80 23.33
C GLN B 687 12.78 -22.28 23.15
N ALA B 688 12.39 -22.96 24.24
CA ALA B 688 12.23 -24.40 24.20
C ALA B 688 11.06 -24.94 25.00
N GLY B 689 10.00 -24.15 25.12
CA GLY B 689 8.80 -24.58 25.82
C GLY B 689 9.03 -24.85 27.30
N LEU B 690 9.97 -24.12 27.90
CA LEU B 690 10.26 -24.25 29.33
C LEU B 690 9.09 -23.90 30.26
N GLY B 691 8.27 -22.93 29.87
CA GLY B 691 7.16 -22.53 30.73
C GLY B 691 7.49 -21.36 31.65
N HIS B 692 6.44 -20.75 32.21
CA HIS B 692 6.54 -19.52 33.00
C HIS B 692 7.46 -19.61 34.23
N GLU B 693 7.39 -20.71 34.96
CA GLU B 693 8.15 -20.82 36.20
C GLU B 693 9.64 -20.94 35.93
N LYS B 694 10.01 -21.71 34.92
CA LYS B 694 11.42 -21.84 34.58
C LYS B 694 11.97 -20.55 34.00
N LEU B 695 11.17 -19.85 33.19
CA LEU B 695 11.55 -18.55 32.68
C LEU B 695 11.80 -17.61 33.86
N THR B 696 10.91 -17.66 34.85
CA THR B 696 11.09 -16.81 36.03
C THR B 696 12.41 -17.11 36.75
N GLN B 697 12.69 -18.39 36.94
CA GLN B 697 13.94 -18.76 37.63
C GLN B 697 15.14 -18.29 36.82
N ALA B 698 15.09 -18.46 35.51
CA ALA B 698 16.20 -18.01 34.67
C ALA B 698 16.38 -16.50 34.83
N ARG B 699 15.26 -15.79 34.84
CA ARG B 699 15.26 -14.34 35.02
C ARG B 699 15.93 -13.97 36.33
N ASN B 700 15.53 -14.63 37.41
CA ASN B 700 16.11 -14.29 38.73
C ASN B 700 17.59 -14.58 38.74
N GLN B 701 17.96 -15.71 38.15
CA GLN B 701 19.37 -16.07 38.07
C GLN B 701 20.13 -14.94 37.38
N LEU B 702 19.60 -14.44 36.27
CA LEU B 702 20.25 -13.35 35.53
C LEU B 702 20.29 -12.04 36.34
N LEU B 703 19.21 -11.75 37.07
CA LEU B 703 19.16 -10.54 37.88
C LEU B 703 20.16 -10.58 39.04
N ALA B 704 20.33 -11.74 39.66
CA ALA B 704 21.31 -11.86 40.76
C ALA B 704 22.73 -11.64 40.25
N GLU B 705 23.05 -12.23 39.10
CA GLU B 705 24.39 -12.04 38.51
C GLU B 705 24.63 -10.59 38.13
N ALA B 706 23.68 -9.97 37.45
CA ALA B 706 23.80 -8.58 37.09
C ALA B 706 24.15 -7.74 38.31
N ALA B 707 23.50 -8.02 39.43
CA ALA B 707 23.67 -7.23 40.64
C ALA B 707 25.08 -7.36 41.21
N LYS B 708 25.80 -8.38 40.74
CA LYS B 708 27.19 -8.57 41.17
C LYS B 708 28.14 -7.70 40.35
N HIS B 709 27.60 -6.95 39.40
CA HIS B 709 28.45 -6.08 38.59
C HIS B 709 28.02 -4.61 38.65
N PRO B 710 27.99 -4.05 39.87
CA PRO B 710 27.58 -2.64 40.10
C PRO B 710 28.47 -1.66 39.33
N ASP B 711 29.67 -2.12 39.00
CA ASP B 711 30.66 -1.34 38.27
C ASP B 711 30.28 -1.09 36.81
N MET B 712 29.39 -1.93 36.28
CA MET B 712 29.04 -1.90 34.87
C MET B 712 27.54 -1.69 34.69
N LEU B 713 26.76 -2.35 35.54
CA LEU B 713 25.31 -2.41 35.41
C LEU B 713 24.65 -1.75 36.61
N THR B 714 23.60 -0.96 36.38
CA THR B 714 22.84 -0.37 37.48
C THR B 714 21.33 -0.45 37.26
N SER B 715 20.60 -0.79 38.32
CA SER B 715 19.15 -0.81 38.29
C SER B 715 18.61 -1.82 37.27
N VAL B 716 19.32 -2.96 37.15
CA VAL B 716 18.89 -4.03 36.26
C VAL B 716 17.70 -4.76 36.86
N ARG B 717 16.54 -4.66 36.21
CA ARG B 717 15.27 -5.03 36.83
C ARG B 717 14.21 -5.49 35.83
N PRO B 718 13.21 -6.24 36.32
CA PRO B 718 12.07 -6.68 35.50
C PRO B 718 11.18 -5.48 35.17
N ASN B 719 10.71 -5.39 33.93
CA ASN B 719 9.75 -4.36 33.58
C ASN B 719 8.31 -4.77 33.88
N GLY B 720 8.07 -6.07 34.11
CA GLY B 720 6.73 -6.60 34.33
C GLY B 720 6.32 -6.88 35.78
N LEU B 721 5.47 -7.89 35.99
CA LEU B 721 4.84 -8.13 37.30
C LEU B 721 5.16 -9.51 37.87
N GLU B 722 5.29 -9.58 39.19
CA GLU B 722 5.60 -10.84 39.86
C GLU B 722 4.32 -11.65 39.99
N ASP B 723 4.46 -12.97 40.11
CA ASP B 723 3.28 -13.82 40.34
C ASP B 723 2.56 -13.45 41.64
N THR B 724 1.28 -13.82 41.73
CA THR B 724 0.46 -13.51 42.89
C THR B 724 -0.51 -14.64 43.19
N PRO B 725 -1.07 -14.63 44.41
CA PRO B 725 -2.04 -15.66 44.78
C PRO B 725 -3.24 -15.55 43.88
N GLN B 726 -3.75 -16.70 43.45
CA GLN B 726 -5.00 -16.75 42.74
C GLN B 726 -5.79 -17.94 43.26
N PHE B 727 -7.10 -17.86 43.08
CA PHE B 727 -8.02 -18.80 43.67
C PHE B 727 -8.43 -19.86 42.64
N LYS B 728 -7.87 -21.06 42.77
CA LYS B 728 -8.16 -22.14 41.81
C LYS B 728 -9.41 -22.91 42.23
N ILE B 729 -10.39 -22.97 41.34
CA ILE B 729 -11.60 -23.73 41.65
C ILE B 729 -11.77 -24.85 40.62
N ASP B 730 -11.92 -26.08 41.11
CA ASP B 730 -12.11 -27.23 40.23
C ASP B 730 -13.57 -27.65 40.24
N ILE B 731 -14.18 -27.67 39.07
CA ILE B 731 -15.50 -28.27 38.91
C ILE B 731 -15.33 -29.77 38.91
N ASP B 732 -16.12 -30.48 39.71
CA ASP B 732 -16.10 -31.94 39.63
C ASP B 732 -17.07 -32.44 38.56
N GLN B 733 -16.55 -32.93 37.44
CA GLN B 733 -17.40 -33.27 36.29
C GLN B 733 -18.40 -34.35 36.66
N GLU B 734 -17.93 -35.35 37.41
CA GLU B 734 -18.74 -36.50 37.78
C GLU B 734 -19.94 -36.07 38.65
N LYS B 735 -19.68 -35.25 39.65
CA LYS B 735 -20.74 -34.79 40.54
C LYS B 735 -21.77 -33.95 39.80
N ALA B 736 -21.31 -33.09 38.90
CA ALA B 736 -22.23 -32.28 38.11
C ALA B 736 -23.12 -33.16 37.24
N GLN B 737 -22.52 -34.17 36.64
CA GLN B 737 -23.26 -35.10 35.78
C GLN B 737 -24.27 -35.89 36.61
N ALA B 738 -23.85 -36.34 37.80
CA ALA B 738 -24.76 -37.06 38.68
C ALA B 738 -25.93 -36.21 39.16
N LEU B 739 -25.69 -34.92 39.39
CA LEU B 739 -26.73 -34.01 39.88
C LEU B 739 -27.57 -33.47 38.73
N GLY B 740 -27.14 -33.74 37.50
CA GLY B 740 -27.85 -33.22 36.34
C GLY B 740 -27.66 -31.73 36.14
N VAL B 741 -26.46 -31.24 36.44
CA VAL B 741 -26.12 -29.84 36.23
C VAL B 741 -25.15 -29.71 35.06
N SER B 742 -25.49 -28.87 34.08
CA SER B 742 -24.62 -28.69 32.91
C SER B 742 -23.42 -27.75 33.18
N ILE B 743 -22.31 -28.00 32.49
CA ILE B 743 -21.09 -27.23 32.68
C ILE B 743 -21.25 -25.84 32.13
N ASN B 744 -22.00 -25.70 31.05
CA ASN B 744 -22.27 -24.39 30.49
C ASN B 744 -22.95 -23.51 31.54
N ASP B 745 -24.02 -24.01 32.15
CA ASP B 745 -24.72 -23.29 33.22
C ASP B 745 -23.77 -22.97 34.39
N ILE B 746 -22.94 -23.94 34.77
CA ILE B 746 -21.98 -23.72 35.86
C ILE B 746 -21.01 -22.61 35.47
N ASN B 747 -20.43 -22.72 34.29
CA ASN B 747 -19.44 -21.74 33.85
C ASN B 747 -19.96 -20.35 33.52
N THR B 748 -21.17 -20.23 32.96
CA THR B 748 -21.67 -18.88 32.76
C THR B 748 -22.20 -18.28 34.07
N THR B 749 -22.75 -19.13 34.94
CA THR B 749 -23.14 -18.66 36.25
C THR B 749 -21.96 -18.06 37.02
N LEU B 750 -20.81 -18.73 36.98
CA LEU B 750 -19.63 -18.25 37.68
C LEU B 750 -19.06 -17.01 37.00
N GLY B 751 -18.85 -17.10 35.69
CA GLY B 751 -18.30 -15.98 34.93
C GLY B 751 -19.18 -14.75 34.90
N ALA B 752 -20.46 -14.94 34.63
CA ALA B 752 -21.39 -13.82 34.57
C ALA B 752 -21.38 -13.10 35.91
N ALA B 753 -21.57 -13.85 36.98
CA ALA B 753 -21.68 -13.25 38.32
C ALA B 753 -20.37 -12.61 38.76
N TRP B 754 -19.27 -13.36 38.66
CA TRP B 754 -18.01 -12.91 39.24
C TRP B 754 -17.15 -12.09 38.30
N GLY B 755 -17.32 -12.30 37.00
CA GLY B 755 -16.49 -11.59 36.04
C GLY B 755 -17.27 -10.57 35.23
N GLY B 756 -18.59 -10.73 35.20
CA GLY B 756 -19.46 -9.89 34.40
C GLY B 756 -19.58 -10.41 32.98
N SER B 757 -20.67 -10.06 32.31
CA SER B 757 -20.90 -10.55 30.96
C SER B 757 -21.61 -9.51 30.10
N TYR B 758 -21.04 -9.26 28.93
CA TYR B 758 -21.61 -8.32 27.96
C TYR B 758 -22.71 -9.04 27.22
N VAL B 759 -23.98 -8.69 27.50
CA VAL B 759 -25.10 -9.45 26.92
C VAL B 759 -25.42 -9.00 25.50
N ASN B 760 -25.84 -7.75 25.35
CA ASN B 760 -26.12 -7.15 24.04
C ASN B 760 -26.23 -5.64 24.17
N ASP B 761 -26.79 -4.99 23.16
CA ASP B 761 -26.86 -3.53 23.16
C ASP B 761 -28.28 -2.99 23.36
N PHE B 762 -28.37 -1.77 23.89
CA PHE B 762 -29.62 -1.04 23.97
C PHE B 762 -29.41 0.39 23.44
N ILE B 763 -30.48 1.18 23.40
CA ILE B 763 -30.38 2.54 22.85
C ILE B 763 -30.78 3.57 23.90
N ASP B 764 -29.81 4.39 24.31
CA ASP B 764 -29.99 5.37 25.39
C ASP B 764 -30.05 6.75 24.79
N ARG B 765 -31.23 7.38 24.85
CA ARG B 765 -31.40 8.72 24.27
C ARG B 765 -30.74 8.80 22.90
N GLY B 766 -31.04 7.84 22.02
CA GLY B 766 -30.51 7.88 20.66
C GLY B 766 -29.13 7.25 20.42
N ARG B 767 -28.40 6.91 21.47
CA ARG B 767 -27.08 6.33 21.27
C ARG B 767 -27.04 4.86 21.67
N VAL B 768 -26.43 4.04 20.82
CA VAL B 768 -26.29 2.61 21.14
C VAL B 768 -25.27 2.37 22.27
N LYS B 769 -25.69 1.61 23.28
CA LYS B 769 -24.82 1.35 24.42
C LYS B 769 -24.93 -0.10 24.89
N LYS B 770 -24.00 -0.53 25.74
CA LYS B 770 -23.91 -1.93 26.18
C LYS B 770 -24.76 -2.25 27.38
N VAL B 771 -25.14 -3.53 27.48
CA VAL B 771 -25.86 -4.08 28.61
C VAL B 771 -24.91 -5.09 29.27
N TYR B 772 -24.66 -4.94 30.57
CA TYR B 772 -23.79 -5.88 31.29
C TYR B 772 -24.51 -6.50 32.47
N VAL B 773 -24.36 -7.82 32.63
CA VAL B 773 -24.79 -8.46 33.88
C VAL B 773 -23.56 -8.84 34.74
N MET B 774 -23.71 -8.71 36.05
CA MET B 774 -22.66 -9.11 36.98
C MET B 774 -23.31 -9.14 38.35
N SER B 775 -22.64 -9.78 39.31
CA SER B 775 -23.18 -9.84 40.67
C SER B 775 -23.02 -8.47 41.30
N GLU B 776 -24.02 -8.06 42.07
CA GLU B 776 -23.81 -6.94 42.98
C GLU B 776 -22.55 -7.26 43.81
N ALA B 777 -21.76 -6.24 44.08
CA ALA B 777 -20.47 -6.38 44.76
C ALA B 777 -20.42 -7.32 45.97
N LYS B 778 -21.29 -7.11 46.94
CA LYS B 778 -21.22 -7.91 48.16
C LYS B 778 -21.37 -9.43 47.98
N TYR B 779 -21.63 -9.90 46.76
CA TYR B 779 -21.81 -11.34 46.57
C TYR B 779 -20.70 -11.99 45.78
N ARG B 780 -19.66 -11.21 45.49
CA ARG B 780 -18.50 -11.72 44.75
C ARG B 780 -17.22 -11.15 45.36
N MET B 781 -17.15 -11.13 46.68
CA MET B 781 -15.99 -10.56 47.35
C MET B 781 -15.06 -11.63 47.94
N LEU B 782 -15.62 -12.70 48.51
CA LEU B 782 -14.82 -13.68 49.25
C LEU B 782 -15.16 -15.13 48.91
N PRO B 783 -14.21 -16.04 49.14
CA PRO B 783 -14.40 -17.47 48.86
C PRO B 783 -15.73 -17.98 49.39
N ASP B 784 -16.15 -17.51 50.57
CA ASP B 784 -17.42 -17.96 51.14
C ASP B 784 -18.62 -17.60 50.26
N ASP B 785 -18.49 -16.56 49.45
CA ASP B 785 -19.58 -16.15 48.57
C ASP B 785 -19.85 -17.18 47.47
N ILE B 786 -18.82 -17.92 47.07
CA ILE B 786 -18.97 -18.89 45.99
C ILE B 786 -20.17 -19.80 46.24
N GLY B 787 -20.34 -20.24 47.48
CA GLY B 787 -21.39 -21.20 47.82
C GLY B 787 -22.79 -20.61 47.93
N ASP B 788 -22.92 -19.30 47.74
CA ASP B 788 -24.22 -18.64 47.76
C ASP B 788 -24.80 -18.52 46.36
N TRP B 789 -24.05 -19.00 45.37
CA TRP B 789 -24.53 -19.07 44.00
C TRP B 789 -25.05 -20.45 43.65
N TYR B 790 -26.29 -20.50 43.15
CA TYR B 790 -26.94 -21.76 42.83
C TYR B 790 -27.12 -21.93 41.32
N VAL B 791 -27.11 -23.19 40.88
CA VAL B 791 -27.32 -23.53 39.48
C VAL B 791 -28.50 -24.51 39.40
N ARG B 792 -29.38 -24.36 38.41
CA ARG B 792 -30.57 -25.24 38.31
C ARG B 792 -30.23 -26.53 37.56
N ALA B 793 -30.49 -27.67 38.21
CA ALA B 793 -30.26 -28.96 37.56
C ALA B 793 -31.40 -29.27 36.59
N ALA B 794 -31.22 -30.33 35.80
CA ALA B 794 -32.23 -30.76 34.84
C ALA B 794 -33.58 -31.05 35.51
N ASP B 795 -33.55 -31.52 36.76
CA ASP B 795 -34.78 -31.87 37.47
C ASP B 795 -35.41 -30.68 38.21
N GLY B 796 -34.86 -29.48 37.99
CA GLY B 796 -35.41 -28.30 38.63
C GLY B 796 -34.83 -27.98 40.00
N GLN B 797 -34.13 -28.93 40.62
CA GLN B 797 -33.51 -28.64 41.91
C GLN B 797 -32.39 -27.61 41.76
N MET B 798 -32.28 -26.70 42.73
CA MET B 798 -31.22 -25.71 42.74
C MET B 798 -30.01 -26.26 43.51
N VAL B 799 -28.84 -26.20 42.89
CA VAL B 799 -27.62 -26.78 43.48
C VAL B 799 -26.56 -25.71 43.77
N PRO B 800 -26.07 -25.67 45.03
CA PRO B 800 -25.08 -24.65 45.41
C PRO B 800 -23.70 -25.02 44.85
N PHE B 801 -22.89 -24.01 44.51
CA PHE B 801 -21.60 -24.26 43.87
C PHE B 801 -20.73 -25.18 44.72
N SER B 802 -20.90 -25.09 46.03
CA SER B 802 -20.11 -25.87 46.97
C SER B 802 -20.31 -27.37 46.79
N ALA B 803 -21.42 -27.76 46.18
CA ALA B 803 -21.75 -29.19 46.05
C ALA B 803 -20.95 -29.90 44.96
N PHE B 804 -20.48 -29.14 43.97
CA PHE B 804 -19.81 -29.73 42.82
C PHE B 804 -18.47 -29.06 42.49
N SER B 805 -17.92 -28.32 43.44
CA SER B 805 -16.60 -27.72 43.25
C SER B 805 -15.71 -27.85 44.48
N SER B 806 -14.41 -27.67 44.28
CA SER B 806 -13.46 -27.61 45.38
C SER B 806 -12.47 -26.49 45.04
N SER B 807 -11.77 -25.94 46.03
CA SER B 807 -10.91 -24.80 45.74
C SER B 807 -9.64 -24.79 46.55
N ARG B 808 -8.65 -24.06 46.04
CA ARG B 808 -7.36 -23.96 46.72
C ARG B 808 -6.63 -22.72 46.26
N TRP B 809 -5.73 -22.21 47.10
CA TRP B 809 -4.88 -21.10 46.69
C TRP B 809 -3.67 -21.62 45.90
N GLU B 810 -3.17 -20.80 44.98
CA GLU B 810 -1.95 -21.12 44.23
C GLU B 810 -1.32 -19.81 43.76
N TYR B 811 -0.20 -19.88 43.06
CA TYR B 811 0.36 -18.69 42.43
C TYR B 811 0.19 -18.69 40.91
N GLY B 812 0.01 -17.50 40.35
CA GLY B 812 -0.11 -17.36 38.90
C GLY B 812 0.35 -15.98 38.47
N SER B 813 0.55 -15.81 37.16
CA SER B 813 1.02 -14.51 36.66
C SER B 813 -0.16 -13.60 36.32
N PRO B 814 -0.15 -12.37 36.86
CA PRO B 814 -1.18 -11.38 36.53
C PRO B 814 -0.86 -10.66 35.23
N ARG B 815 0.28 -10.95 34.63
CA ARG B 815 0.67 -10.34 33.37
C ARG B 815 1.72 -11.16 32.65
N LEU B 816 1.33 -11.80 31.55
CA LEU B 816 2.26 -12.65 30.77
C LEU B 816 2.76 -11.87 29.54
N GLU B 817 4.07 -11.95 29.27
CA GLU B 817 4.67 -11.19 28.17
C GLU B 817 5.13 -12.16 27.09
N ARG B 818 5.14 -11.71 25.85
CA ARG B 818 5.71 -12.49 24.75
C ARG B 818 6.52 -11.54 23.89
N TYR B 819 7.55 -12.08 23.25
CA TYR B 819 8.38 -11.30 22.35
C TYR B 819 8.58 -12.15 21.12
N ASN B 820 8.24 -11.61 19.95
CA ASN B 820 8.33 -12.36 18.72
C ASN B 820 7.66 -13.73 18.80
N GLY B 821 6.53 -13.78 19.51
CA GLY B 821 5.68 -14.95 19.54
C GLY B 821 6.11 -16.01 20.56
N LEU B 822 7.12 -15.68 21.36
CA LEU B 822 7.60 -16.61 22.39
C LEU B 822 7.50 -15.96 23.76
N PRO B 823 7.25 -16.77 24.79
CA PRO B 823 7.20 -16.30 26.18
C PRO B 823 8.48 -15.54 26.49
N SER B 824 8.35 -14.43 27.19
CA SER B 824 9.50 -13.56 27.39
C SER B 824 9.36 -12.78 28.68
N MET B 825 10.46 -12.17 29.09
CA MET B 825 10.40 -11.23 30.21
C MET B 825 11.33 -10.10 29.92
N GLU B 826 10.78 -8.89 29.90
CA GLU B 826 11.56 -7.71 29.59
C GLU B 826 12.39 -7.32 30.81
N ILE B 827 13.63 -6.93 30.55
CA ILE B 827 14.53 -6.49 31.61
C ILE B 827 15.11 -5.16 31.23
N LEU B 828 14.95 -4.19 32.13
CA LEU B 828 15.49 -2.86 31.92
C LEU B 828 16.68 -2.64 32.83
N GLY B 829 17.53 -1.70 32.45
CA GLY B 829 18.71 -1.35 33.23
C GLY B 829 19.50 -0.29 32.48
N GLN B 830 20.64 0.10 33.04
CA GLN B 830 21.49 1.09 32.43
C GLN B 830 22.97 0.85 32.73
N ALA B 831 23.82 1.33 31.83
CA ALA B 831 25.26 1.29 32.08
C ALA B 831 25.57 2.10 33.33
N ALA B 832 26.53 1.63 34.13
CA ALA B 832 27.02 2.41 35.27
C ALA B 832 27.78 3.63 34.76
N PRO B 833 27.93 4.66 35.63
CA PRO B 833 28.62 5.91 35.29
C PRO B 833 30.00 5.67 34.68
N GLY B 834 30.32 6.36 33.58
CA GLY B 834 31.60 6.19 32.92
C GLY B 834 31.64 5.00 31.98
N LYS B 835 30.55 4.24 31.96
CA LYS B 835 30.48 3.06 31.11
C LYS B 835 29.57 3.36 29.92
N SER B 836 29.93 2.81 28.76
CA SER B 836 29.08 2.92 27.58
C SER B 836 27.95 1.89 27.66
N THR B 837 26.83 2.16 26.99
CA THR B 837 25.74 1.18 26.94
C THR B 837 26.18 -0.08 26.21
N GLY B 838 27.02 0.09 25.20
CA GLY B 838 27.62 -1.05 24.52
C GLY B 838 28.34 -1.98 25.48
N GLU B 839 29.04 -1.40 26.46
CA GLU B 839 29.76 -2.20 27.46
C GLU B 839 28.78 -2.93 28.35
N ALA B 840 27.76 -2.20 28.81
CA ALA B 840 26.72 -2.78 29.63
C ALA B 840 26.05 -3.93 28.87
N MET B 841 25.78 -3.72 27.57
CA MET B 841 25.10 -4.73 26.77
C MET B 841 25.96 -5.96 26.57
N GLU B 842 27.25 -5.75 26.28
CA GLU B 842 28.19 -6.85 26.10
C GLU B 842 28.18 -7.76 27.32
N LEU B 843 28.15 -7.16 28.51
CA LEU B 843 28.13 -7.93 29.75
C LEU B 843 26.82 -8.71 29.91
N MET B 844 25.69 -8.03 29.69
CA MET B 844 24.39 -8.67 29.75
C MET B 844 24.37 -9.90 28.87
N GLU B 845 24.98 -9.79 27.70
CA GLU B 845 25.05 -10.94 26.79
C GLU B 845 25.90 -12.04 27.40
N GLN B 846 27.04 -11.66 27.98
CA GLN B 846 27.90 -12.60 28.68
C GLN B 846 27.11 -13.32 29.76
N LEU B 847 26.42 -12.54 30.61
CA LEU B 847 25.67 -13.12 31.71
C LEU B 847 24.60 -14.05 31.15
N ALA B 848 24.03 -13.66 30.01
CA ALA B 848 22.92 -14.43 29.44
C ALA B 848 23.42 -15.73 28.84
N SER B 849 24.68 -15.75 28.41
CA SER B 849 25.25 -16.99 27.88
C SER B 849 25.33 -18.11 28.93
N LYS B 850 25.18 -17.78 30.21
CA LYS B 850 25.37 -18.80 31.26
C LYS B 850 24.07 -19.30 31.88
N LEU B 851 22.95 -19.03 31.21
CA LEU B 851 21.65 -19.36 31.79
C LEU B 851 21.20 -20.75 31.36
N PRO B 852 20.24 -21.31 32.10
CA PRO B 852 19.80 -22.70 31.85
C PRO B 852 19.47 -22.96 30.37
N THR B 853 19.69 -24.21 29.95
CA THR B 853 19.43 -24.64 28.59
C THR B 853 18.03 -24.24 28.11
N GLY B 854 17.93 -23.71 26.90
CA GLY B 854 16.63 -23.33 26.36
C GLY B 854 16.21 -21.89 26.62
N VAL B 855 17.07 -21.12 27.29
CA VAL B 855 16.79 -19.71 27.54
C VAL B 855 17.63 -18.82 26.62
N GLY B 856 16.95 -18.04 25.77
CA GLY B 856 17.63 -17.11 24.89
C GLY B 856 17.34 -15.67 25.27
N TYR B 857 17.82 -14.75 24.45
CA TYR B 857 17.56 -13.34 24.74
C TYR B 857 17.56 -12.55 23.45
N ASP B 858 17.09 -11.32 23.52
CA ASP B 858 17.16 -10.40 22.39
C ASP B 858 17.16 -8.99 22.92
N TRP B 859 17.52 -8.04 22.06
CA TRP B 859 17.51 -6.63 22.39
C TRP B 859 16.34 -5.97 21.66
N THR B 860 15.63 -5.07 22.32
CA THR B 860 14.48 -4.45 21.69
C THR B 860 14.53 -2.93 21.90
N GLY B 861 13.58 -2.22 21.32
CA GLY B 861 13.49 -0.77 21.51
C GLY B 861 14.78 -0.04 21.19
N MET B 862 15.20 0.84 22.11
CA MET B 862 16.42 1.61 21.92
C MET B 862 17.67 0.75 21.76
N SER B 863 17.73 -0.37 22.47
CA SER B 863 18.88 -1.26 22.34
C SER B 863 18.91 -1.95 20.98
N TYR B 864 17.73 -2.19 20.42
CA TYR B 864 17.64 -2.85 19.10
C TYR B 864 18.33 -1.98 18.05
N GLN B 865 18.06 -0.67 18.14
CA GLN B 865 18.68 0.30 17.24
C GLN B 865 20.18 0.34 17.50
N GLU B 866 20.55 0.65 18.73
CA GLU B 866 21.95 0.66 19.13
C GLU B 866 22.70 -0.48 18.43
N ARG B 867 22.28 -1.72 18.67
CA ARG B 867 22.88 -2.88 18.04
C ARG B 867 22.88 -2.79 16.49
N LEU B 868 22.42 -1.66 15.96
CA LEU B 868 22.33 -1.45 14.51
C LEU B 868 22.67 -0.03 14.11
N SER B 869 21.64 0.82 14.12
CA SER B 869 21.77 2.23 13.75
C SER B 869 22.63 3.00 14.75
N GLY B 870 23.71 2.37 15.19
CA GLY B 870 24.67 2.97 16.09
C GLY B 870 26.06 2.49 15.74
N ASN B 871 26.14 1.70 14.67
CA ASN B 871 27.41 1.25 14.11
C ASN B 871 27.71 1.98 12.79
N GLN B 872 27.43 3.29 12.77
CA GLN B 872 27.55 4.11 11.56
C GLN B 872 28.37 5.38 11.81
N ALA B 873 28.34 5.87 13.04
CA ALA B 873 28.92 7.16 13.37
C ALA B 873 30.38 7.38 12.95
N PRO B 874 31.15 6.30 12.80
CA PRO B 874 32.55 6.53 12.45
C PRO B 874 32.76 6.35 10.95
N SER B 875 31.90 5.57 10.30
CA SER B 875 31.95 5.42 8.85
C SER B 875 31.45 6.70 8.18
N LEU B 876 30.55 7.40 8.86
CA LEU B 876 29.97 8.62 8.32
C LEU B 876 30.92 9.82 8.48
N TYR B 877 31.53 9.93 9.65
CA TYR B 877 32.52 10.99 9.87
C TYR B 877 33.76 10.78 9.01
N ALA B 878 34.02 9.53 8.63
CA ALA B 878 35.16 9.22 7.79
C ALA B 878 34.90 9.68 6.36
N ILE B 879 33.71 9.42 5.86
CA ILE B 879 33.31 9.93 4.56
C ILE B 879 33.38 11.45 4.59
N SER B 880 32.77 12.04 5.62
CA SER B 880 32.79 13.48 5.82
C SER B 880 34.22 14.02 5.74
N LEU B 881 35.10 13.40 6.50
CA LEU B 881 36.49 13.83 6.59
C LEU B 881 37.16 13.75 5.20
N ILE B 882 36.83 12.69 4.46
CA ILE B 882 37.44 12.45 3.16
C ILE B 882 36.93 13.42 2.10
N VAL B 883 35.61 13.62 2.11
CA VAL B 883 35.01 14.54 1.16
C VAL B 883 35.50 15.98 1.41
N VAL B 884 35.54 16.38 2.68
CA VAL B 884 36.06 17.71 3.03
C VAL B 884 37.47 17.89 2.49
N PHE B 885 38.31 16.89 2.74
CA PHE B 885 39.69 16.93 2.26
C PHE B 885 39.73 17.09 0.74
N LEU B 886 38.87 16.35 0.05
CA LEU B 886 38.81 16.36 -1.41
C LEU B 886 38.39 17.72 -1.95
N CYS B 887 37.34 18.30 -1.35
CA CYS B 887 36.90 19.64 -1.73
C CYS B 887 38.03 20.66 -1.53
N LEU B 888 38.69 20.59 -0.36
CA LEU B 888 39.76 21.52 -0.06
C LEU B 888 40.85 21.36 -1.11
N ALA B 889 41.20 20.13 -1.41
CA ALA B 889 42.27 19.86 -2.38
C ALA B 889 41.96 20.46 -3.75
N ALA B 890 40.70 20.40 -4.16
CA ALA B 890 40.30 21.01 -5.43
C ALA B 890 40.31 22.52 -5.32
N LEU B 891 39.90 23.04 -4.15
CA LEU B 891 39.89 24.49 -3.94
C LEU B 891 41.29 25.06 -4.08
N TYR B 892 42.28 24.36 -3.53
CA TYR B 892 43.64 24.90 -3.47
C TYR B 892 44.57 24.26 -4.51
N GLU B 893 44.06 23.30 -5.29
CA GLU B 893 44.91 22.61 -6.25
C GLU B 893 46.16 22.10 -5.54
N SER B 894 45.95 21.40 -4.42
CA SER B 894 47.05 20.84 -3.63
C SER B 894 46.56 19.72 -2.72
N TRP B 895 47.36 18.67 -2.58
CA TRP B 895 47.03 17.55 -1.69
C TRP B 895 47.45 17.80 -0.24
N SER B 896 48.26 18.83 -0.01
CA SER B 896 48.80 19.11 1.33
C SER B 896 48.16 20.32 2.04
N ILE B 897 47.94 21.39 1.28
CA ILE B 897 47.38 22.60 1.86
C ILE B 897 46.06 22.37 2.63
N PRO B 898 45.24 21.40 2.20
CA PRO B 898 44.00 21.12 2.94
C PRO B 898 44.23 20.80 4.41
N PHE B 899 45.39 20.23 4.74
CA PHE B 899 45.72 19.90 6.12
C PHE B 899 45.74 21.14 7.02
N SER B 900 46.13 22.28 6.47
CA SER B 900 46.24 23.49 7.28
C SER B 900 44.88 24.05 7.71
N VAL B 901 43.82 23.65 7.01
CA VAL B 901 42.48 24.06 7.39
C VAL B 901 41.90 23.05 8.35
N MET B 902 42.12 21.77 8.05
CA MET B 902 41.51 20.69 8.83
C MET B 902 42.06 20.63 10.25
N LEU B 903 43.33 20.99 10.43
CA LEU B 903 43.89 21.09 11.77
C LEU B 903 43.06 21.99 12.70
N VAL B 904 42.13 22.76 12.15
CA VAL B 904 41.42 23.75 12.96
C VAL B 904 40.32 23.13 13.81
N VAL B 905 39.94 21.89 13.50
CA VAL B 905 38.76 21.27 14.13
C VAL B 905 38.72 21.28 15.67
N PRO B 906 39.81 20.83 16.32
CA PRO B 906 39.86 20.76 17.79
C PRO B 906 39.76 22.12 18.48
N LEU B 907 40.12 23.19 17.77
CA LEU B 907 40.22 24.51 18.39
C LEU B 907 38.87 25.01 18.94
N GLY B 908 37.80 24.76 18.21
CA GLY B 908 36.46 25.10 18.67
C GLY B 908 35.90 24.03 19.61
N VAL B 909 36.23 22.77 19.32
CA VAL B 909 35.70 21.67 20.12
C VAL B 909 36.15 21.75 21.59
N ILE B 910 37.39 22.16 21.82
CA ILE B 910 37.92 22.24 23.19
C ILE B 910 37.11 23.22 24.04
N GLY B 911 36.79 24.38 23.47
CA GLY B 911 36.00 25.36 24.19
C GLY B 911 34.58 24.90 24.47
N ALA B 912 34.00 24.14 23.54
CA ALA B 912 32.64 23.65 23.72
C ALA B 912 32.60 22.60 24.84
N LEU B 913 33.60 21.72 24.85
CA LEU B 913 33.75 20.76 25.93
C LEU B 913 33.96 21.44 27.29
N LEU B 914 34.82 22.44 27.33
CA LEU B 914 35.13 23.16 28.57
C LEU B 914 33.86 23.77 29.18
N ALA B 915 33.12 24.52 28.36
CA ALA B 915 31.89 25.18 28.80
C ALA B 915 30.84 24.17 29.28
N ALA B 916 30.62 23.13 28.49
CA ALA B 916 29.64 22.12 28.84
C ALA B 916 30.06 21.42 30.14
N THR B 917 31.33 21.05 30.23
CA THR B 917 31.81 20.33 31.39
C THR B 917 31.64 21.18 32.64
N PHE B 918 32.02 22.44 32.53
CA PHE B 918 31.95 23.37 33.65
C PHE B 918 30.51 23.73 34.04
N ARG B 919 29.60 23.77 33.07
CA ARG B 919 28.25 24.19 33.35
C ARG B 919 27.44 22.99 33.84
N GLY B 920 28.11 21.85 33.95
CA GLY B 920 27.48 20.60 34.31
C GLY B 920 26.48 20.09 33.26
N LEU B 921 26.83 20.25 31.98
CA LEU B 921 25.93 19.80 30.92
C LEU B 921 26.33 18.42 30.40
N THR B 922 25.62 17.95 29.38
CA THR B 922 25.89 16.63 28.82
C THR B 922 26.16 16.72 27.32
N ASN B 923 26.77 15.67 26.77
CA ASN B 923 26.95 15.54 25.33
C ASN B 923 25.66 15.10 24.64
N ASP B 924 24.74 16.05 24.41
CA ASP B 924 23.46 15.72 23.76
C ASP B 924 23.43 16.21 22.31
N VAL B 925 22.27 16.11 21.66
CA VAL B 925 22.18 16.42 20.23
C VAL B 925 22.45 17.90 19.97
N TYR B 926 21.89 18.76 20.82
CA TYR B 926 22.12 20.19 20.68
C TYR B 926 23.62 20.48 20.77
N PHE B 927 24.27 19.89 21.76
CA PHE B 927 25.71 20.05 21.89
C PHE B 927 26.40 19.63 20.61
N GLN B 928 25.98 18.48 20.08
CA GLN B 928 26.64 17.86 18.93
C GLN B 928 26.45 18.67 17.65
N VAL B 929 25.21 19.09 17.41
CA VAL B 929 24.94 19.86 16.21
C VAL B 929 25.69 21.19 16.31
N GLY B 930 25.84 21.68 17.54
CA GLY B 930 26.59 22.89 17.78
C GLY B 930 28.07 22.76 17.47
N LEU B 931 28.64 21.60 17.80
CA LEU B 931 30.04 21.32 17.50
C LEU B 931 30.24 21.47 16.00
N LEU B 932 29.30 20.90 15.25
CA LEU B 932 29.36 20.92 13.79
C LEU B 932 29.33 22.33 13.21
N THR B 933 28.45 23.18 13.74
CA THR B 933 28.35 24.56 13.26
C THR B 933 29.59 25.35 13.71
N THR B 934 29.99 25.15 14.96
CA THR B 934 31.22 25.77 15.47
C THR B 934 32.43 25.35 14.63
N ILE B 935 32.53 24.06 14.35
CA ILE B 935 33.60 23.56 13.48
C ILE B 935 33.46 24.16 12.09
N GLY B 936 32.23 24.16 11.56
CA GLY B 936 31.96 24.73 10.27
C GLY B 936 32.47 26.15 10.16
N LEU B 937 32.11 27.00 11.12
CA LEU B 937 32.52 28.41 11.09
C LEU B 937 34.03 28.59 11.19
N SER B 938 34.69 27.89 12.10
CA SER B 938 36.14 28.05 12.21
C SER B 938 36.82 27.58 10.90
N ALA B 939 36.30 26.50 10.33
CA ALA B 939 36.82 26.00 9.06
C ALA B 939 36.71 27.08 7.97
N LYS B 940 35.58 27.76 7.97
CA LYS B 940 35.37 28.84 7.01
C LYS B 940 36.42 29.94 7.24
N ASN B 941 36.61 30.34 8.49
CA ASN B 941 37.63 31.35 8.78
C ASN B 941 39.00 30.90 8.26
N ALA B 942 39.36 29.64 8.50
CA ALA B 942 40.68 29.17 8.11
C ALA B 942 40.81 29.12 6.59
N ILE B 943 39.74 28.67 5.92
CA ILE B 943 39.74 28.57 4.47
C ILE B 943 40.07 29.90 3.80
N LEU B 944 39.46 30.98 4.29
CA LEU B 944 39.73 32.32 3.74
C LEU B 944 41.12 32.84 4.05
N ILE B 945 41.62 32.56 5.25
CA ILE B 945 42.97 32.98 5.60
C ILE B 945 43.96 32.29 4.66
N VAL B 946 43.78 31.00 4.46
CA VAL B 946 44.70 30.20 3.66
C VAL B 946 44.60 30.62 2.19
N GLU B 947 43.37 30.81 1.73
CA GLU B 947 43.12 31.29 0.38
C GLU B 947 43.86 32.60 0.10
N PHE B 948 43.67 33.59 0.97
CA PHE B 948 44.37 34.86 0.78
C PHE B 948 45.87 34.66 0.78
N ALA B 949 46.38 33.87 1.72
CA ALA B 949 47.83 33.71 1.83
C ALA B 949 48.37 33.07 0.58
N LYS B 950 47.72 31.97 0.18
CA LYS B 950 48.17 31.21 -0.98
C LYS B 950 48.15 32.10 -2.21
N ASP B 951 47.05 32.83 -2.42
CA ASP B 951 46.92 33.73 -3.57
C ASP B 951 48.02 34.79 -3.57
N LEU B 952 48.31 35.37 -2.41
CA LEU B 952 49.39 36.34 -2.33
C LEU B 952 50.68 35.68 -2.80
N MET B 953 50.85 34.40 -2.49
CA MET B 953 52.10 33.74 -2.87
C MET B 953 52.13 33.44 -4.36
N ASP B 954 51.04 32.85 -4.86
CA ASP B 954 50.92 32.47 -6.26
C ASP B 954 50.94 33.68 -7.18
N LYS B 955 50.29 34.76 -6.75
CA LYS B 955 50.03 35.89 -7.64
C LYS B 955 50.96 37.10 -7.49
N GLU B 956 51.36 37.43 -6.26
CA GLU B 956 52.22 38.60 -6.05
C GLU B 956 53.63 38.18 -5.71
N GLY B 957 53.92 36.89 -5.89
CA GLY B 957 55.26 36.35 -5.66
C GLY B 957 55.78 36.53 -4.25
N LYS B 958 54.86 36.59 -3.28
CA LYS B 958 55.22 36.90 -1.89
C LYS B 958 55.75 35.71 -1.08
N GLY B 959 56.68 36.00 -0.16
CA GLY B 959 57.22 34.99 0.74
C GLY B 959 56.16 34.29 1.58
N LEU B 960 56.48 33.08 2.04
CA LEU B 960 55.56 32.29 2.85
C LEU B 960 55.08 33.08 4.07
N ILE B 961 56.04 33.52 4.88
CA ILE B 961 55.73 34.35 6.05
C ILE B 961 55.07 35.67 5.68
N GLU B 962 55.66 36.41 4.74
CA GLU B 962 55.06 37.68 4.30
C GLU B 962 53.59 37.49 3.97
N ALA B 963 53.30 36.52 3.11
CA ALA B 963 51.93 36.23 2.68
C ALA B 963 51.00 35.86 3.83
N THR B 964 51.52 35.07 4.77
CA THR B 964 50.71 34.62 5.90
C THR B 964 50.38 35.82 6.80
N LEU B 965 51.38 36.65 7.07
CA LEU B 965 51.18 37.85 7.87
C LEU B 965 50.12 38.77 7.25
N ASP B 966 50.22 38.99 5.95
CA ASP B 966 49.31 39.92 5.29
C ASP B 966 47.89 39.31 5.26
N ALA B 967 47.80 38.01 5.05
CA ALA B 967 46.48 37.38 4.99
C ALA B 967 45.78 37.51 6.33
N VAL B 968 46.47 37.09 7.39
CA VAL B 968 45.88 37.14 8.71
C VAL B 968 45.58 38.58 9.12
N ARG B 969 46.40 39.52 8.67
CA ARG B 969 46.09 40.94 8.88
C ARG B 969 44.75 41.31 8.25
N MET B 970 44.49 40.82 7.04
CA MET B 970 43.25 41.19 6.35
C MET B 970 42.03 40.48 6.92
N ARG B 971 42.22 39.27 7.49
CA ARG B 971 41.09 38.47 7.97
C ARG B 971 40.64 38.76 9.40
N LEU B 972 41.51 39.42 10.17
CA LEU B 972 41.24 39.73 11.58
C LEU B 972 39.87 40.42 11.79
N ARG B 973 39.68 41.58 11.19
CA ARG B 973 38.43 42.33 11.39
C ARG B 973 37.14 41.52 11.15
N PRO B 974 36.98 40.97 9.94
CA PRO B 974 35.73 40.22 9.66
C PRO B 974 35.56 39.04 10.63
N ILE B 975 36.66 38.43 11.05
CA ILE B 975 36.57 37.31 11.97
C ILE B 975 36.07 37.77 13.34
N LEU B 976 36.64 38.86 13.84
CA LEU B 976 36.21 39.44 15.11
C LEU B 976 34.76 39.90 15.02
N MET B 977 34.43 40.62 13.94
CA MET B 977 33.08 41.12 13.74
C MET B 977 32.06 40.01 13.89
N THR B 978 32.26 38.92 13.15
CA THR B 978 31.35 37.77 13.22
C THR B 978 31.29 37.16 14.62
N SER B 979 32.44 36.99 15.26
CA SER B 979 32.46 36.34 16.56
C SER B 979 31.71 37.16 17.59
N LEU B 980 31.93 38.47 17.58
CA LEU B 980 31.29 39.39 18.51
C LEU B 980 29.79 39.28 18.37
N ALA B 981 29.30 39.51 17.15
CA ALA B 981 27.86 39.40 16.87
C ALA B 981 27.31 38.07 17.32
N PHE B 982 27.91 36.99 16.82
CA PHE B 982 27.39 35.64 17.10
C PHE B 982 27.47 35.31 18.59
N ILE B 983 28.57 35.67 19.24
CA ILE B 983 28.74 35.37 20.66
C ILE B 983 27.73 36.11 21.53
N LEU B 984 27.57 37.42 21.29
CA LEU B 984 26.56 38.21 21.98
C LEU B 984 25.18 37.63 21.70
N GLY B 985 24.95 37.20 20.46
CA GLY B 985 23.65 36.72 20.04
C GLY B 985 23.21 35.42 20.68
N VAL B 986 24.17 34.60 21.08
CA VAL B 986 23.87 33.29 21.67
C VAL B 986 23.87 33.39 23.21
N MET B 987 24.30 34.53 23.73
CA MET B 987 24.42 34.70 25.18
C MET B 987 23.09 34.58 25.95
N PRO B 988 22.02 35.17 25.40
CA PRO B 988 20.70 35.03 26.01
C PRO B 988 20.31 33.57 26.19
N LEU B 989 20.67 32.73 25.23
CA LEU B 989 20.36 31.30 25.34
C LEU B 989 21.12 30.66 26.50
N VAL B 990 22.32 31.17 26.76
CA VAL B 990 23.20 30.58 27.75
C VAL B 990 22.68 30.77 29.18
N ILE B 991 22.19 31.98 29.44
CA ILE B 991 21.79 32.38 30.78
C ILE B 991 20.29 32.20 30.99
N SER B 992 19.58 31.88 29.91
CA SER B 992 18.15 31.73 29.99
C SER B 992 17.73 30.75 31.08
N THR B 993 16.65 31.08 31.77
CA THR B 993 16.02 30.17 32.72
C THR B 993 14.59 29.98 32.25
N GLY B 994 13.83 29.13 32.92
CA GLY B 994 12.43 28.97 32.58
C GLY B 994 12.15 28.19 31.30
N ALA B 995 10.90 28.26 30.85
CA ALA B 995 10.42 27.40 29.77
C ALA B 995 11.34 27.30 28.56
N GLY B 996 11.77 26.08 28.25
CA GLY B 996 12.57 25.83 27.08
C GLY B 996 14.03 26.12 27.32
N SER B 997 14.36 26.54 28.53
CA SER B 997 15.74 26.89 28.89
C SER B 997 16.67 25.67 28.81
N GLY B 998 16.10 24.48 28.97
CA GLY B 998 16.90 23.27 28.88
C GLY B 998 17.55 23.18 27.52
N ALA B 999 16.72 23.22 26.48
CA ALA B 999 17.21 23.22 25.10
C ALA B 999 18.05 24.47 24.79
N GLN B 1000 17.60 25.63 25.25
CA GLN B 1000 18.35 26.86 25.02
C GLN B 1000 19.75 26.79 25.60
N ASN B 1001 19.87 26.30 26.83
CA ASN B 1001 21.17 26.17 27.49
C ASN B 1001 22.06 25.22 26.71
N ALA B 1002 21.47 24.10 26.27
CA ALA B 1002 22.22 23.08 25.54
C ALA B 1002 22.78 23.63 24.23
N VAL B 1003 21.98 24.42 23.50
CA VAL B 1003 22.45 25.00 22.25
C VAL B 1003 23.46 26.10 22.52
N GLY B 1004 23.17 26.95 23.50
CA GLY B 1004 23.97 28.14 23.75
C GLY B 1004 25.35 27.94 24.35
N THR B 1005 25.45 27.12 25.38
CA THR B 1005 26.71 27.00 26.10
C THR B 1005 27.81 26.39 25.24
N GLY B 1006 27.52 25.27 24.57
CA GLY B 1006 28.49 24.66 23.68
C GLY B 1006 28.95 25.63 22.61
N VAL B 1007 27.97 26.32 22.01
CA VAL B 1007 28.27 27.27 20.94
C VAL B 1007 29.15 28.43 21.43
N MET B 1008 28.79 29.02 22.57
CA MET B 1008 29.54 30.16 23.07
C MET B 1008 30.96 29.77 23.44
N GLY B 1009 31.13 28.56 23.98
CA GLY B 1009 32.43 28.10 24.43
C GLY B 1009 33.29 27.73 23.24
N GLY B 1010 32.69 27.11 22.25
CA GLY B 1010 33.38 26.75 21.03
C GLY B 1010 33.83 27.98 20.28
N MET B 1011 32.91 28.94 20.12
CA MET B 1011 33.24 30.20 19.43
C MET B 1011 34.35 30.98 20.11
N VAL B 1012 34.36 31.00 21.45
CA VAL B 1012 35.44 31.69 22.15
C VAL B 1012 36.80 31.12 21.77
N THR B 1013 37.01 29.82 21.99
CA THR B 1013 38.32 29.23 21.71
C THR B 1013 38.66 29.21 20.22
N ALA B 1014 37.70 28.83 19.39
CA ALA B 1014 37.91 28.84 17.95
C ALA B 1014 38.44 30.20 17.49
N THR B 1015 37.77 31.25 17.92
CA THR B 1015 38.16 32.60 17.54
C THR B 1015 39.54 32.96 18.07
N VAL B 1016 39.74 32.80 19.36
CA VAL B 1016 41.01 33.17 19.98
C VAL B 1016 42.15 32.28 19.53
N LEU B 1017 41.91 30.98 19.46
CA LEU B 1017 42.95 30.05 19.03
C LEU B 1017 43.27 30.13 17.52
N ALA B 1018 42.25 30.07 16.66
CA ALA B 1018 42.47 30.08 15.21
C ALA B 1018 43.34 31.24 14.72
N ILE B 1019 43.10 32.44 15.23
CA ILE B 1019 43.81 33.60 14.69
C ILE B 1019 45.31 33.49 14.97
N PHE B 1020 45.68 32.56 15.85
CA PHE B 1020 47.09 32.33 16.14
C PHE B 1020 47.58 31.00 15.58
N PHE B 1021 46.70 30.02 15.52
CA PHE B 1021 47.09 28.68 15.06
C PHE B 1021 47.03 28.44 13.56
N VAL B 1022 46.03 28.96 12.85
CA VAL B 1022 45.96 28.65 11.42
C VAL B 1022 47.16 29.24 10.66
N PRO B 1023 47.65 30.42 11.07
CA PRO B 1023 48.90 30.82 10.42
C PRO B 1023 50.02 29.80 10.73
N VAL B 1024 49.99 29.19 11.91
CA VAL B 1024 50.98 28.17 12.22
C VAL B 1024 50.75 26.92 11.37
N PHE B 1025 49.50 26.48 11.29
CA PHE B 1025 49.15 25.34 10.45
C PHE B 1025 49.67 25.59 9.05
N PHE B 1026 49.32 26.74 8.48
CA PHE B 1026 49.68 27.02 7.11
C PHE B 1026 51.19 26.97 6.91
N VAL B 1027 51.92 27.64 7.78
CA VAL B 1027 53.37 27.74 7.64
C VAL B 1027 54.04 26.38 7.81
N VAL B 1028 53.63 25.61 8.81
CA VAL B 1028 54.26 24.31 9.01
C VAL B 1028 53.91 23.34 7.89
N VAL B 1029 52.66 23.34 7.45
CA VAL B 1029 52.25 22.42 6.38
C VAL B 1029 52.99 22.74 5.09
N ARG B 1030 53.09 24.04 4.77
CA ARG B 1030 53.82 24.46 3.58
C ARG B 1030 55.28 24.02 3.62
N ARG B 1031 55.94 24.26 4.75
CA ARG B 1031 57.35 23.90 4.91
C ARG B 1031 57.55 22.40 4.71
N ARG B 1032 56.71 21.62 5.38
CA ARG B 1032 56.76 20.17 5.30
C ARG B 1032 56.69 19.72 3.84
N PHE B 1033 55.79 20.34 3.07
CA PHE B 1033 55.60 19.96 1.67
C PHE B 1033 55.95 21.11 0.73
N MET C 1 23.48 31.89 -31.00
CA MET C 1 22.75 30.72 -31.48
C MET C 1 22.24 30.95 -32.90
N PRO C 2 21.60 32.10 -33.12
CA PRO C 2 21.11 32.42 -34.47
C PRO C 2 22.23 32.41 -35.51
N ASN C 3 23.31 33.15 -35.25
CA ASN C 3 24.47 33.15 -36.14
C ASN C 3 25.01 31.74 -36.40
N PHE C 4 25.01 30.91 -35.36
CA PHE C 4 25.48 29.54 -35.48
C PHE C 4 24.66 28.80 -36.53
N PHE C 5 23.34 28.93 -36.43
CA PHE C 5 22.44 28.19 -37.31
C PHE C 5 22.22 28.83 -38.67
N ILE C 6 22.56 30.11 -38.79
CA ILE C 6 22.51 30.78 -40.08
C ILE C 6 23.53 30.14 -41.04
N ASP C 7 24.67 29.71 -40.49
CA ASP C 7 25.70 29.05 -41.28
C ASP C 7 25.53 27.54 -41.28
N ARG C 8 24.60 27.04 -40.46
CA ARG C 8 24.38 25.61 -40.34
C ARG C 8 22.90 25.28 -40.44
N PRO C 9 22.29 25.64 -41.58
CA PRO C 9 20.88 25.39 -41.85
C PRO C 9 20.52 23.91 -41.71
N ILE C 10 21.40 23.03 -42.15
CA ILE C 10 21.14 21.59 -42.02
C ILE C 10 21.00 21.18 -40.55
N PHE C 11 21.93 21.62 -39.72
CA PHE C 11 21.86 21.35 -38.27
C PHE C 11 20.54 21.91 -37.71
N ALA C 12 20.16 23.11 -38.15
CA ALA C 12 18.88 23.67 -37.72
C ALA C 12 17.72 22.72 -38.06
N TRP C 13 17.70 22.26 -39.32
CA TRP C 13 16.71 21.28 -39.76
C TRP C 13 16.68 20.02 -38.91
N VAL C 14 17.85 19.50 -38.58
CA VAL C 14 17.92 18.25 -37.82
C VAL C 14 17.17 18.37 -36.49
N ILE C 15 17.38 19.47 -35.79
CA ILE C 15 16.71 19.70 -34.51
C ILE C 15 15.20 19.73 -34.69
N ALA C 16 14.75 20.46 -35.70
CA ALA C 16 13.32 20.58 -36.01
C ALA C 16 12.68 19.24 -36.40
N ILE C 17 13.40 18.45 -37.20
CA ILE C 17 12.90 17.15 -37.62
C ILE C 17 12.85 16.16 -36.44
N ILE C 18 13.93 16.09 -35.68
CA ILE C 18 13.97 15.18 -34.52
C ILE C 18 12.83 15.52 -33.55
N ILE C 19 12.56 16.82 -33.39
CA ILE C 19 11.49 17.26 -32.52
C ILE C 19 10.15 16.80 -33.09
N MET C 20 9.98 16.99 -34.39
CA MET C 20 8.74 16.58 -35.05
C MET C 20 8.45 15.08 -34.95
N LEU C 21 9.42 14.22 -35.26
CA LEU C 21 9.11 12.79 -35.19
C LEU C 21 8.96 12.31 -33.75
N ALA C 22 9.58 13.01 -32.81
CA ALA C 22 9.35 12.72 -31.40
C ALA C 22 7.87 12.96 -31.08
N GLY C 23 7.30 13.99 -31.69
CA GLY C 23 5.91 14.33 -31.45
C GLY C 23 4.96 13.38 -32.18
N GLY C 24 5.31 13.02 -33.41
CA GLY C 24 4.55 12.04 -34.15
C GLY C 24 4.44 10.77 -33.32
N LEU C 25 5.58 10.28 -32.85
CA LEU C 25 5.62 9.07 -32.03
C LEU C 25 4.74 9.26 -30.80
N ALA C 26 4.89 10.40 -30.14
CA ALA C 26 4.07 10.71 -28.96
C ALA C 26 2.58 10.58 -29.25
N ILE C 27 2.15 11.05 -30.42
CA ILE C 27 0.74 11.04 -30.78
C ILE C 27 0.16 9.62 -30.90
N LEU C 28 0.98 8.65 -31.25
CA LEU C 28 0.53 7.27 -31.37
C LEU C 28 0.23 6.67 -29.99
N LYS C 29 1.10 6.94 -29.01
CA LYS C 29 0.96 6.38 -27.68
C LYS C 29 0.02 7.17 -26.75
N LEU C 30 -0.07 8.49 -26.93
CA LEU C 30 -0.89 9.31 -26.02
C LEU C 30 -2.33 8.80 -25.88
N PRO C 31 -2.82 8.71 -24.64
CA PRO C 31 -4.23 8.39 -24.38
C PRO C 31 -5.12 9.54 -24.85
N VAL C 32 -6.40 9.26 -25.02
CA VAL C 32 -7.34 10.26 -25.46
C VAL C 32 -8.50 10.28 -24.50
N ALA C 33 -8.97 11.49 -24.17
CA ALA C 33 -10.13 11.65 -23.29
C ALA C 33 -10.79 12.98 -23.54
N GLN C 34 -11.96 13.17 -22.96
CA GLN C 34 -12.61 14.47 -22.99
C GLN C 34 -11.89 15.39 -22.02
N TYR C 35 -11.80 14.93 -20.76
CA TYR C 35 -11.06 15.62 -19.71
C TYR C 35 -10.02 14.70 -19.09
N PRO C 36 -9.02 15.28 -18.43
CA PRO C 36 -8.15 14.51 -17.54
C PRO C 36 -8.97 14.25 -16.29
N THR C 37 -8.39 13.61 -15.28
CA THR C 37 -9.09 13.46 -14.02
C THR C 37 -9.28 14.85 -13.38
N ILE C 38 -10.53 15.25 -13.17
CA ILE C 38 -10.78 16.53 -12.52
C ILE C 38 -11.65 16.41 -11.26
N ALA C 39 -12.54 15.41 -11.25
CA ALA C 39 -13.34 15.12 -10.04
C ALA C 39 -12.44 14.70 -8.89
N PRO C 40 -12.75 15.17 -7.68
CA PRO C 40 -12.01 14.69 -6.52
C PRO C 40 -12.43 13.25 -6.21
N PRO C 41 -11.49 12.40 -5.77
CA PRO C 41 -11.82 10.99 -5.49
C PRO C 41 -12.72 10.86 -4.27
N ALA C 42 -13.57 9.83 -4.30
CA ALA C 42 -14.49 9.54 -3.20
C ALA C 42 -14.34 8.08 -2.74
N VAL C 43 -14.55 7.84 -1.46
CA VAL C 43 -14.62 6.47 -0.95
C VAL C 43 -15.98 6.28 -0.33
N THR C 44 -16.61 5.13 -0.61
CA THR C 44 -17.92 4.87 -0.04
C THR C 44 -17.93 3.61 0.86
N ILE C 45 -18.60 3.75 2.00
CA ILE C 45 -18.74 2.65 2.95
C ILE C 45 -20.20 2.22 2.88
N SER C 46 -20.44 0.93 2.64
CA SER C 46 -21.81 0.44 2.53
C SER C 46 -22.08 -0.63 3.56
N ALA C 47 -23.17 -0.48 4.30
CA ALA C 47 -23.50 -1.49 5.31
C ALA C 47 -24.99 -1.77 5.26
N SER C 48 -25.40 -2.92 5.79
CA SER C 48 -26.81 -3.30 5.74
C SER C 48 -27.28 -3.86 7.09
N TYR C 49 -28.46 -3.42 7.53
CA TYR C 49 -29.10 -3.94 8.73
C TYR C 49 -30.48 -4.45 8.33
N PRO C 50 -30.54 -5.69 7.82
CA PRO C 50 -31.78 -6.24 7.28
C PRO C 50 -32.93 -6.06 8.25
N GLY C 51 -34.03 -5.50 7.77
CA GLY C 51 -35.24 -5.38 8.55
C GLY C 51 -35.34 -4.13 9.39
N ALA C 52 -34.23 -3.40 9.51
CA ALA C 52 -34.24 -2.18 10.32
C ALA C 52 -34.71 -0.94 9.56
N ASP C 53 -35.42 -0.06 10.25
CA ASP C 53 -35.85 1.22 9.69
C ASP C 53 -34.69 2.23 9.64
N ALA C 54 -34.92 3.37 8.98
CA ALA C 54 -33.89 4.39 8.78
C ALA C 54 -33.30 4.86 10.10
N LYS C 55 -34.17 5.14 11.05
CA LYS C 55 -33.79 5.73 12.33
C LYS C 55 -32.91 4.78 13.14
N THR C 56 -33.31 3.50 13.15
CA THR C 56 -32.60 2.46 13.88
C THR C 56 -31.23 2.22 13.25
N VAL C 57 -31.22 2.12 11.92
CA VAL C 57 -29.98 1.97 11.18
C VAL C 57 -29.07 3.15 11.49
N GLN C 58 -29.65 4.35 11.54
CA GLN C 58 -28.84 5.54 11.73
C GLN C 58 -28.20 5.60 13.11
N ASP C 59 -28.94 5.17 14.12
CA ASP C 59 -28.48 5.27 15.49
C ASP C 59 -27.47 4.15 15.80
N THR C 60 -27.66 3.00 15.18
CA THR C 60 -26.84 1.83 15.48
C THR C 60 -25.68 1.59 14.51
N VAL C 61 -25.74 2.22 13.34
CA VAL C 61 -24.72 1.99 12.32
C VAL C 61 -24.09 3.28 11.80
N THR C 62 -24.90 4.11 11.15
CA THR C 62 -24.42 5.33 10.53
C THR C 62 -23.63 6.24 11.47
N GLN C 63 -24.23 6.57 12.61
CA GLN C 63 -23.56 7.49 13.54
C GLN C 63 -22.32 6.86 14.14
N VAL C 64 -22.37 5.54 14.33
CA VAL C 64 -21.24 4.80 14.89
C VAL C 64 -20.04 4.87 13.95
N ILE C 65 -20.27 4.62 12.66
CA ILE C 65 -19.18 4.73 11.69
C ILE C 65 -18.69 6.18 11.56
N GLU C 66 -19.62 7.12 11.42
CA GLU C 66 -19.25 8.54 11.26
C GLU C 66 -18.40 9.09 12.38
N GLN C 67 -18.66 8.66 13.61
CA GLN C 67 -17.90 9.25 14.72
C GLN C 67 -16.46 8.72 14.72
N ASN C 68 -16.18 7.75 13.85
CA ASN C 68 -14.83 7.23 13.69
C ASN C 68 -14.16 7.67 12.40
N MET C 69 -14.85 8.50 11.62
CA MET C 69 -14.30 8.96 10.34
C MET C 69 -13.61 10.29 10.54
N ASN C 70 -13.00 10.45 11.70
CA ASN C 70 -12.34 11.69 12.07
C ASN C 70 -10.86 11.64 11.75
N GLY C 71 -10.26 12.81 11.48
CA GLY C 71 -8.83 12.90 11.23
C GLY C 71 -8.31 11.92 10.21
N ILE C 72 -8.93 11.94 9.02
CA ILE C 72 -8.42 11.21 7.88
C ILE C 72 -7.79 12.30 7.01
N ASP C 73 -6.68 12.00 6.33
CA ASP C 73 -6.00 13.03 5.54
C ASP C 73 -6.80 13.46 4.29
N ASN C 74 -6.78 14.77 3.99
CA ASN C 74 -7.33 15.28 2.74
C ASN C 74 -8.84 15.11 2.55
N LEU C 75 -9.56 14.84 3.63
CA LEU C 75 -11.02 14.75 3.61
C LEU C 75 -11.62 16.13 3.32
N MET C 76 -12.46 16.26 2.29
CA MET C 76 -13.13 17.55 2.07
C MET C 76 -14.50 17.59 2.74
N TYR C 77 -15.28 16.52 2.55
CA TYR C 77 -16.58 16.40 3.20
C TYR C 77 -17.05 14.96 3.19
N MET C 78 -18.11 14.73 3.93
CA MET C 78 -18.66 13.39 4.12
C MET C 78 -20.17 13.54 4.04
N SER C 79 -20.84 12.63 3.34
CA SER C 79 -22.30 12.61 3.40
C SER C 79 -22.78 11.19 3.46
N SER C 80 -23.94 10.98 4.06
CA SER C 80 -24.46 9.64 4.16
C SER C 80 -25.98 9.63 4.16
N ASN C 81 -26.54 8.44 3.93
CA ASN C 81 -27.96 8.27 4.13
C ASN C 81 -28.23 6.91 4.71
N SER C 82 -29.32 6.83 5.47
CA SER C 82 -29.71 5.61 6.12
C SER C 82 -31.16 5.44 5.75
N ASP C 83 -31.51 4.29 5.15
CA ASP C 83 -32.87 4.15 4.65
C ASP C 83 -33.71 3.03 5.29
N SER C 84 -34.95 2.91 4.81
CA SER C 84 -35.93 2.02 5.39
C SER C 84 -35.68 0.57 5.05
N THR C 85 -34.75 0.29 4.15
CA THR C 85 -34.37 -1.10 3.86
C THR C 85 -33.17 -1.50 4.73
N GLY C 86 -32.88 -0.67 5.72
CA GLY C 86 -31.75 -0.93 6.61
C GLY C 86 -30.40 -0.70 5.94
N THR C 87 -30.42 -0.06 4.77
CA THR C 87 -29.19 0.22 4.03
C THR C 87 -28.55 1.54 4.44
N VAL C 88 -27.23 1.54 4.57
CA VAL C 88 -26.48 2.72 4.94
C VAL C 88 -25.40 2.98 3.92
N GLN C 89 -25.28 4.22 3.47
CA GLN C 89 -24.14 4.57 2.64
C GLN C 89 -23.51 5.85 3.12
N ILE C 90 -22.20 5.79 3.33
CA ILE C 90 -21.44 6.94 3.79
C ILE C 90 -20.40 7.24 2.74
N THR C 91 -20.44 8.44 2.15
CA THR C 91 -19.46 8.80 1.14
C THR C 91 -18.51 9.90 1.61
N LEU C 92 -17.22 9.62 1.51
CA LEU C 92 -16.17 10.54 1.93
C LEU C 92 -15.47 11.00 0.69
N THR C 93 -15.42 12.30 0.50
CA THR C 93 -14.85 12.86 -0.71
C THR C 93 -13.57 13.57 -0.33
N PHE C 94 -12.52 13.35 -1.12
CA PHE C 94 -11.19 13.86 -0.77
C PHE C 94 -10.73 14.97 -1.68
N GLU C 95 -9.79 15.75 -1.16
CA GLU C 95 -9.17 16.87 -1.86
C GLU C 95 -8.64 16.38 -3.20
N SER C 96 -8.71 17.25 -4.20
CA SER C 96 -8.23 16.90 -5.54
C SER C 96 -6.73 16.57 -5.50
N GLY C 97 -6.33 15.49 -6.18
CA GLY C 97 -4.96 15.03 -6.16
C GLY C 97 -4.62 14.05 -5.04
N THR C 98 -5.60 13.72 -4.21
CA THR C 98 -5.39 12.74 -3.16
C THR C 98 -5.21 11.36 -3.82
N ASP C 99 -4.26 10.58 -3.31
CA ASP C 99 -4.10 9.19 -3.77
C ASP C 99 -5.30 8.37 -3.29
N ALA C 100 -6.16 7.98 -4.22
CA ALA C 100 -7.43 7.37 -3.84
C ALA C 100 -7.23 6.01 -3.16
N ASP C 101 -6.18 5.31 -3.54
CA ASP C 101 -5.87 4.02 -2.90
C ASP C 101 -5.48 4.19 -1.44
N ILE C 102 -4.72 5.24 -1.14
CA ILE C 102 -4.33 5.53 0.23
C ILE C 102 -5.54 6.01 1.01
N ALA C 103 -6.42 6.76 0.36
CA ALA C 103 -7.63 7.22 1.03
C ALA C 103 -8.49 6.02 1.42
N GLN C 104 -8.66 5.08 0.50
CA GLN C 104 -9.42 3.87 0.82
C GLN C 104 -8.80 3.15 2.01
N VAL C 105 -7.47 3.07 2.04
CA VAL C 105 -6.81 2.38 3.13
C VAL C 105 -7.07 3.09 4.45
N GLN C 106 -6.89 4.41 4.47
CA GLN C 106 -7.15 5.16 5.72
C GLN C 106 -8.60 5.06 6.16
N VAL C 107 -9.54 5.08 5.22
CA VAL C 107 -10.93 4.89 5.59
C VAL C 107 -11.16 3.49 6.15
N GLN C 108 -10.57 2.48 5.52
CA GLN C 108 -10.71 1.11 6.03
C GLN C 108 -10.15 0.98 7.45
N ASN C 109 -8.99 1.58 7.70
CA ASN C 109 -8.42 1.53 9.04
C ASN C 109 -9.31 2.14 10.13
N LYS C 110 -10.00 3.24 9.81
CA LYS C 110 -10.92 3.84 10.78
C LYS C 110 -12.18 3.02 10.90
N LEU C 111 -12.66 2.48 9.79
CA LEU C 111 -13.88 1.70 9.86
C LEU C 111 -13.67 0.45 10.73
N GLN C 112 -12.43 -0.06 10.75
CA GLN C 112 -12.07 -1.25 11.54
C GLN C 112 -12.46 -1.06 12.99
N LEU C 113 -12.13 0.11 13.51
CA LEU C 113 -12.45 0.44 14.89
C LEU C 113 -13.96 0.41 15.14
N ALA C 114 -14.76 0.80 14.15
CA ALA C 114 -16.21 0.89 14.34
C ALA C 114 -16.87 -0.49 14.29
N MET C 115 -16.27 -1.42 13.55
CA MET C 115 -16.92 -2.70 13.25
C MET C 115 -17.56 -3.42 14.44
N PRO C 116 -16.76 -3.69 15.48
CA PRO C 116 -17.22 -4.36 16.71
C PRO C 116 -18.42 -3.62 17.33
N LEU C 117 -18.42 -2.30 17.24
CA LEU C 117 -19.48 -1.47 17.77
C LEU C 117 -20.81 -1.60 16.99
N LEU C 118 -20.78 -2.22 15.81
CA LEU C 118 -21.99 -2.41 15.02
C LEU C 118 -22.73 -3.65 15.49
N PRO C 119 -24.04 -3.73 15.22
CA PRO C 119 -24.80 -4.94 15.52
C PRO C 119 -24.22 -6.15 14.80
N GLN C 120 -24.12 -7.29 15.50
CA GLN C 120 -23.62 -8.52 14.90
C GLN C 120 -24.21 -8.75 13.51
N GLU C 121 -25.51 -8.53 13.39
CA GLU C 121 -26.21 -8.83 12.13
C GLU C 121 -25.76 -7.93 11.00
N VAL C 122 -25.24 -6.76 11.35
CA VAL C 122 -24.67 -5.86 10.37
C VAL C 122 -23.28 -6.36 9.96
N GLN C 123 -22.47 -6.73 10.96
CA GLN C 123 -21.14 -7.29 10.73
C GLN C 123 -21.18 -8.52 9.85
N GLN C 124 -22.20 -9.35 10.02
CA GLN C 124 -22.28 -10.60 9.27
C GLN C 124 -22.90 -10.40 7.91
N GLN C 125 -23.25 -9.15 7.62
CA GLN C 125 -23.69 -8.82 6.26
C GLN C 125 -22.48 -8.34 5.49
N GLY C 126 -21.41 -8.01 6.22
CA GLY C 126 -20.23 -7.38 5.66
C GLY C 126 -20.43 -5.91 5.34
N VAL C 127 -19.43 -5.09 5.64
CA VAL C 127 -19.48 -3.71 5.16
C VAL C 127 -18.34 -3.45 4.16
N SER C 128 -18.70 -2.96 2.98
CA SER C 128 -17.68 -2.65 1.95
C SER C 128 -17.10 -1.24 2.08
N VAL C 129 -15.78 -1.12 1.93
CA VAL C 129 -15.11 0.17 1.80
C VAL C 129 -14.40 0.24 0.45
N GLU C 130 -14.89 1.11 -0.42
CA GLU C 130 -14.50 1.14 -1.84
C GLU C 130 -14.43 2.54 -2.45
N LYS C 131 -13.42 2.78 -3.28
CA LYS C 131 -13.43 3.95 -4.16
C LYS C 131 -14.75 3.90 -4.91
N SER C 132 -15.40 5.07 -5.08
CA SER C 132 -16.74 5.10 -5.67
C SER C 132 -16.91 6.27 -6.63
N SER C 133 -17.90 6.17 -7.50
CA SER C 133 -18.32 7.29 -8.35
C SER C 133 -19.84 7.31 -8.38
N SER C 134 -20.43 8.46 -8.67
CA SER C 134 -21.89 8.54 -8.60
C SER C 134 -22.63 8.46 -9.95
N SER C 135 -21.94 8.70 -11.06
CA SER C 135 -22.61 8.74 -12.36
C SER C 135 -22.35 7.50 -13.22
N PHE C 136 -23.36 7.11 -13.97
CA PHE C 136 -23.20 5.99 -14.89
C PHE C 136 -22.49 6.43 -16.14
N LEU C 137 -21.44 5.70 -16.50
CA LEU C 137 -20.80 5.88 -17.79
C LEU C 137 -21.78 5.49 -18.89
N MET C 138 -22.52 4.41 -18.66
CA MET C 138 -23.42 3.89 -19.67
C MET C 138 -24.38 2.90 -19.03
N VAL C 139 -25.51 2.69 -19.70
CA VAL C 139 -26.42 1.61 -19.35
C VAL C 139 -26.45 0.66 -20.54
N VAL C 140 -26.13 -0.60 -20.30
CA VAL C 140 -26.30 -1.61 -21.35
C VAL C 140 -27.62 -2.30 -21.09
N GLY C 141 -28.53 -2.23 -22.05
CA GLY C 141 -29.82 -2.87 -21.89
C GLY C 141 -29.90 -4.21 -22.61
N VAL C 142 -30.84 -5.05 -22.21
CA VAL C 142 -30.97 -6.36 -22.84
C VAL C 142 -32.44 -6.65 -23.02
N ILE C 143 -32.83 -7.06 -24.22
CA ILE C 143 -34.22 -7.34 -24.50
C ILE C 143 -34.31 -8.71 -25.14
N ASN C 144 -35.52 -9.24 -25.27
CA ASN C 144 -35.74 -10.47 -26.02
C ASN C 144 -36.66 -10.19 -27.19
N THR C 145 -36.22 -10.56 -28.40
CA THR C 145 -36.95 -10.19 -29.60
C THR C 145 -37.81 -11.30 -30.20
N ASP C 146 -37.95 -12.42 -29.49
CA ASP C 146 -38.72 -13.55 -30.03
C ASP C 146 -39.74 -14.18 -29.07
N GLY C 147 -40.16 -13.44 -28.06
CA GLY C 147 -41.22 -13.91 -27.17
C GLY C 147 -40.87 -15.10 -26.28
N THR C 148 -39.64 -15.60 -26.37
CA THR C 148 -39.23 -16.72 -25.52
C THR C 148 -38.93 -16.36 -24.07
N MET C 149 -38.29 -15.22 -23.85
CA MET C 149 -37.89 -14.86 -22.50
C MET C 149 -38.68 -13.67 -21.95
N THR C 150 -39.26 -13.84 -20.77
CA THR C 150 -39.82 -12.71 -20.04
C THR C 150 -38.71 -11.88 -19.42
N GLN C 151 -39.13 -10.75 -18.85
CA GLN C 151 -38.27 -9.80 -18.22
C GLN C 151 -37.45 -10.44 -17.09
N GLU C 152 -38.10 -11.22 -16.24
CA GLU C 152 -37.40 -11.89 -15.15
C GLU C 152 -36.36 -12.85 -15.71
N ASP C 153 -36.73 -13.59 -16.76
CA ASP C 153 -35.78 -14.47 -17.46
C ASP C 153 -34.55 -13.70 -17.94
N ILE C 154 -34.79 -12.58 -18.61
CA ILE C 154 -33.71 -11.78 -19.15
C ILE C 154 -32.82 -11.33 -18.00
N SER C 155 -33.42 -10.85 -16.92
CA SER C 155 -32.67 -10.34 -15.79
C SER C 155 -31.84 -11.45 -15.14
N ASP C 156 -32.44 -12.63 -14.97
CA ASP C 156 -31.71 -13.75 -14.43
C ASP C 156 -30.57 -14.09 -15.36
N TYR C 157 -30.84 -14.11 -16.66
CA TYR C 157 -29.76 -14.40 -17.59
C TYR C 157 -28.64 -13.37 -17.40
N VAL C 158 -29.01 -12.11 -17.28
CA VAL C 158 -27.98 -11.08 -17.19
C VAL C 158 -27.20 -11.25 -15.90
N ALA C 159 -27.91 -11.49 -14.79
CA ALA C 159 -27.25 -11.62 -13.50
C ALA C 159 -26.34 -12.84 -13.48
N ALA C 160 -26.77 -13.92 -14.12
CA ALA C 160 -26.08 -15.18 -13.98
C ALA C 160 -24.92 -15.37 -14.96
N ASN C 161 -24.96 -14.66 -16.09
CA ASN C 161 -23.98 -14.94 -17.17
C ASN C 161 -23.20 -13.74 -17.68
N MET C 162 -23.63 -12.53 -17.35
CA MET C 162 -23.01 -11.33 -17.89
C MET C 162 -22.44 -10.40 -16.82
N LYS C 163 -23.16 -10.26 -15.71
CA LYS C 163 -22.81 -9.22 -14.75
C LYS C 163 -21.42 -9.40 -14.10
N ASP C 164 -21.09 -10.61 -13.68
CA ASP C 164 -19.80 -10.84 -12.98
C ASP C 164 -18.62 -10.47 -13.90
N ALA C 165 -18.61 -11.01 -15.11
CA ALA C 165 -17.59 -10.64 -16.08
C ALA C 165 -17.48 -9.12 -16.30
N ILE C 166 -18.60 -8.47 -16.63
CA ILE C 166 -18.56 -7.02 -16.84
C ILE C 166 -17.96 -6.34 -15.61
N SER C 167 -18.33 -6.79 -14.42
CA SER C 167 -17.88 -6.14 -13.20
C SER C 167 -16.38 -6.35 -12.95
N ARG C 168 -15.79 -7.31 -13.67
CA ARG C 168 -14.35 -7.56 -13.58
C ARG C 168 -13.64 -7.05 -14.84
N THR C 169 -14.40 -6.40 -15.72
CA THR C 169 -13.83 -5.85 -16.96
C THR C 169 -12.98 -4.60 -16.66
N SER C 170 -12.01 -4.33 -17.53
CA SER C 170 -11.04 -3.27 -17.26
C SER C 170 -11.69 -1.88 -17.18
N GLY C 171 -11.44 -1.16 -16.09
CA GLY C 171 -11.98 0.19 -15.95
C GLY C 171 -13.37 0.29 -15.33
N VAL C 172 -14.04 -0.85 -15.17
CA VAL C 172 -15.41 -0.83 -14.68
C VAL C 172 -15.40 -0.71 -13.16
N GLY C 173 -16.08 0.31 -12.63
CA GLY C 173 -16.02 0.60 -11.21
C GLY C 173 -17.05 -0.11 -10.34
N ASP C 174 -18.31 -0.01 -10.74
CA ASP C 174 -19.42 -0.62 -10.05
C ASP C 174 -20.48 -0.95 -11.10
N VAL C 175 -21.28 -1.97 -10.83
CA VAL C 175 -22.29 -2.41 -11.79
C VAL C 175 -23.62 -2.63 -11.10
N GLN C 176 -24.65 -2.00 -11.65
CA GLN C 176 -25.98 -2.05 -11.07
C GLN C 176 -26.88 -2.86 -12.01
N LEU C 177 -27.46 -3.94 -11.47
CA LEU C 177 -28.40 -4.77 -12.25
C LEU C 177 -29.76 -4.08 -12.19
N PHE C 178 -30.35 -3.82 -13.34
CA PHE C 178 -31.70 -3.26 -13.38
C PHE C 178 -32.71 -4.40 -13.51
N GLY C 179 -32.85 -5.13 -12.40
CA GLY C 179 -33.64 -6.36 -12.36
C GLY C 179 -33.02 -7.22 -11.27
N SER C 180 -33.24 -8.53 -11.32
CA SER C 180 -32.82 -9.38 -10.22
C SER C 180 -32.51 -10.80 -10.70
N GLN C 181 -31.46 -11.39 -10.17
CA GLN C 181 -31.14 -12.79 -10.46
C GLN C 181 -32.24 -13.70 -9.90
N TYR C 182 -32.51 -14.83 -10.56
CA TYR C 182 -33.42 -15.81 -9.96
C TYR C 182 -32.92 -16.32 -8.59
N ALA C 183 -33.89 -16.63 -7.73
CA ALA C 183 -33.65 -17.40 -6.52
C ALA C 183 -34.68 -18.51 -6.52
N MET C 184 -34.53 -19.49 -5.62
CA MET C 184 -35.58 -20.49 -5.45
C MET C 184 -36.62 -19.87 -4.53
N ARG C 185 -37.81 -19.65 -5.05
CA ARG C 185 -38.85 -18.98 -4.26
C ARG C 185 -39.84 -19.98 -3.68
N ILE C 186 -39.89 -20.04 -2.35
CA ILE C 186 -40.90 -20.84 -1.66
C ILE C 186 -42.01 -19.89 -1.24
N TRP C 187 -43.16 -19.96 -1.91
CA TRP C 187 -44.27 -19.07 -1.58
C TRP C 187 -45.26 -19.77 -0.65
N MET C 188 -45.20 -19.45 0.63
CA MET C 188 -45.95 -20.17 1.66
C MET C 188 -47.41 -19.76 1.67
N ASN C 189 -48.26 -20.75 1.94
CA ASN C 189 -49.69 -20.51 2.09
C ASN C 189 -50.06 -20.77 3.55
N PRO C 190 -50.46 -19.72 4.28
CA PRO C 190 -50.65 -19.84 5.73
C PRO C 190 -51.82 -20.75 6.11
N ASN C 191 -52.82 -20.87 5.23
CA ASN C 191 -53.94 -21.78 5.46
C ASN C 191 -53.54 -23.24 5.38
N GLU C 192 -52.72 -23.57 4.38
CA GLU C 192 -52.23 -24.94 4.23
C GLU C 192 -51.27 -25.26 5.37
N LEU C 193 -50.45 -24.27 5.73
CA LEU C 193 -49.52 -24.42 6.85
C LEU C 193 -50.33 -24.78 8.10
N ASN C 194 -51.34 -23.97 8.40
CA ASN C 194 -52.20 -24.21 9.54
C ASN C 194 -52.88 -25.58 9.47
N LYS C 195 -53.49 -25.90 8.34
CA LYS C 195 -54.17 -27.19 8.16
C LYS C 195 -53.27 -28.36 8.55
N PHE C 196 -51.98 -28.27 8.24
CA PHE C 196 -51.07 -29.34 8.61
C PHE C 196 -50.35 -29.08 9.94
N GLN C 197 -50.71 -27.99 10.62
CA GLN C 197 -50.10 -27.68 11.91
C GLN C 197 -48.61 -27.40 11.78
N LEU C 198 -48.25 -26.59 10.80
CA LEU C 198 -46.85 -26.25 10.57
C LEU C 198 -46.67 -24.74 10.51
N THR C 199 -45.42 -24.29 10.60
CA THR C 199 -45.11 -22.88 10.49
C THR C 199 -43.91 -22.70 9.57
N PRO C 200 -43.63 -21.43 9.20
CA PRO C 200 -42.42 -21.12 8.45
C PRO C 200 -41.17 -21.67 9.15
N VAL C 201 -41.18 -21.77 10.48
CA VAL C 201 -40.01 -22.32 11.18
C VAL C 201 -39.75 -23.75 10.71
N ASP C 202 -40.81 -24.56 10.63
CA ASP C 202 -40.68 -25.95 10.17
C ASP C 202 -40.20 -26.01 8.72
N VAL C 203 -40.78 -25.17 7.88
CA VAL C 203 -40.34 -25.04 6.49
C VAL C 203 -38.85 -24.72 6.41
N ILE C 204 -38.42 -23.69 7.12
CA ILE C 204 -37.02 -23.27 7.11
C ILE C 204 -36.11 -24.40 7.61
N THR C 205 -36.52 -25.06 8.68
CA THR C 205 -35.74 -26.17 9.23
C THR C 205 -35.59 -27.29 8.22
N ALA C 206 -36.70 -27.67 7.56
CA ALA C 206 -36.63 -28.76 6.60
C ALA C 206 -35.73 -28.41 5.41
N ILE C 207 -35.76 -27.15 4.98
CA ILE C 207 -34.96 -26.74 3.84
C ILE C 207 -33.47 -26.80 4.20
N LYS C 208 -33.12 -26.32 5.39
CA LYS C 208 -31.74 -26.44 5.84
C LYS C 208 -31.29 -27.91 5.89
N ALA C 209 -32.16 -28.79 6.37
CA ALA C 209 -31.81 -30.21 6.51
C ALA C 209 -31.78 -30.95 5.16
N GLN C 210 -32.64 -30.58 4.23
CA GLN C 210 -32.79 -31.37 3.00
C GLN C 210 -32.24 -30.68 1.74
N ASN C 211 -31.82 -29.44 1.88
CA ASN C 211 -31.09 -28.77 0.81
C ASN C 211 -29.71 -28.44 1.36
N ALA C 212 -28.85 -29.45 1.39
CA ALA C 212 -27.60 -29.36 2.13
C ALA C 212 -26.45 -29.91 1.30
N GLN C 213 -25.25 -29.44 1.61
CA GLN C 213 -24.08 -29.94 0.93
C GLN C 213 -23.12 -30.36 2.03
N VAL C 214 -22.95 -31.67 2.17
CA VAL C 214 -22.26 -32.25 3.33
C VAL C 214 -20.83 -32.69 3.04
N ALA C 215 -19.90 -32.19 3.84
CA ALA C 215 -18.54 -32.72 3.85
C ALA C 215 -18.60 -34.08 4.57
N ALA C 216 -18.29 -35.15 3.88
CA ALA C 216 -18.52 -36.47 4.46
C ALA C 216 -17.28 -37.34 4.58
N GLY C 217 -16.12 -36.82 4.19
CA GLY C 217 -14.88 -37.58 4.37
C GLY C 217 -14.54 -38.52 3.21
N GLN C 218 -13.74 -39.54 3.52
CA GLN C 218 -13.22 -40.46 2.50
C GLN C 218 -13.09 -41.89 3.01
N LEU C 219 -13.12 -42.82 2.08
CA LEU C 219 -12.67 -44.15 2.38
C LEU C 219 -11.19 -44.23 2.05
N GLY C 220 -10.41 -44.80 2.95
CA GLY C 220 -9.00 -45.00 2.66
C GLY C 220 -8.22 -43.71 2.72
N GLY C 221 -8.75 -42.71 3.44
CA GLY C 221 -8.06 -41.43 3.62
C GLY C 221 -6.88 -41.55 4.60
N THR C 222 -6.01 -40.55 4.63
CA THR C 222 -4.84 -40.57 5.52
C THR C 222 -5.22 -40.22 6.95
N PRO C 223 -4.50 -40.76 7.94
CA PRO C 223 -3.53 -41.85 7.73
C PRO C 223 -4.35 -43.14 7.54
N PRO C 224 -3.97 -43.96 6.55
CA PRO C 224 -4.71 -45.19 6.18
C PRO C 224 -4.18 -46.40 6.94
N VAL C 225 -4.85 -47.55 6.81
CA VAL C 225 -4.18 -48.78 7.24
C VAL C 225 -3.28 -49.14 6.07
N LYS C 226 -1.98 -49.24 6.32
CA LYS C 226 -1.04 -49.59 5.26
C LYS C 226 -1.52 -50.82 4.49
N GLY C 227 -1.39 -50.80 3.17
CA GLY C 227 -1.90 -51.87 2.33
C GLY C 227 -3.25 -51.55 1.72
N GLN C 228 -3.84 -50.42 2.15
CA GLN C 228 -5.11 -49.94 1.59
C GLN C 228 -4.96 -49.76 0.08
N GLN C 229 -5.91 -50.26 -0.70
CA GLN C 229 -5.90 -50.06 -2.14
C GLN C 229 -6.86 -48.95 -2.57
N LEU C 230 -7.96 -48.81 -1.83
CA LEU C 230 -9.03 -47.89 -2.26
C LEU C 230 -8.94 -46.55 -1.55
N ASN C 231 -8.88 -45.47 -2.34
CA ASN C 231 -9.10 -44.13 -1.79
C ASN C 231 -10.26 -43.48 -2.56
N ALA C 232 -11.34 -43.12 -1.86
CA ALA C 232 -12.50 -42.55 -2.56
C ALA C 232 -13.26 -41.54 -1.70
N SER C 233 -13.65 -40.43 -2.31
CA SER C 233 -14.50 -39.47 -1.58
C SER C 233 -15.84 -40.13 -1.25
N ILE C 234 -16.37 -39.81 -0.08
CA ILE C 234 -17.74 -40.18 0.26
C ILE C 234 -18.59 -38.97 -0.07
N ILE C 235 -19.62 -39.17 -0.90
CA ILE C 235 -20.52 -38.09 -1.29
C ILE C 235 -21.89 -38.34 -0.65
N ALA C 236 -22.28 -37.43 0.23
CA ALA C 236 -23.58 -37.51 0.90
C ALA C 236 -24.53 -36.49 0.25
N GLN C 237 -25.34 -35.79 1.04
CA GLN C 237 -26.29 -34.84 0.45
C GLN C 237 -25.60 -33.76 -0.40
N THR C 238 -26.24 -33.40 -1.51
CA THR C 238 -25.82 -32.26 -2.33
C THR C 238 -26.97 -31.26 -2.45
N ARG C 239 -26.64 -29.98 -2.68
CA ARG C 239 -27.65 -28.95 -2.87
C ARG C 239 -28.71 -29.39 -3.86
N LEU C 240 -29.96 -29.07 -3.59
CA LEU C 240 -31.00 -29.31 -4.59
C LEU C 240 -30.78 -28.37 -5.79
N THR C 241 -31.34 -28.73 -6.94
CA THR C 241 -31.05 -28.06 -8.20
C THR C 241 -32.30 -27.59 -8.99
N SER C 242 -33.49 -27.86 -8.45
CA SER C 242 -34.75 -27.66 -9.20
C SER C 242 -35.96 -27.46 -8.29
N THR C 243 -37.02 -26.87 -8.84
CA THR C 243 -38.27 -26.68 -8.09
C THR C 243 -38.86 -28.01 -7.62
N GLU C 244 -38.79 -29.01 -8.49
CA GLU C 244 -39.33 -30.34 -8.18
C GLU C 244 -38.65 -30.91 -6.95
N GLU C 245 -37.32 -30.78 -6.88
CA GLU C 245 -36.61 -31.30 -5.72
C GLU C 245 -37.04 -30.54 -4.48
N PHE C 246 -37.22 -29.23 -4.60
CA PHE C 246 -37.68 -28.47 -3.44
C PHE C 246 -39.10 -28.86 -3.08
N GLY C 247 -39.90 -29.13 -4.10
CA GLY C 247 -41.29 -29.49 -3.91
C GLY C 247 -41.45 -30.74 -3.08
N LYS C 248 -40.55 -31.71 -3.26
CA LYS C 248 -40.71 -32.98 -2.55
C LYS C 248 -39.94 -33.02 -1.22
N ILE C 249 -39.46 -31.87 -0.77
CA ILE C 249 -38.88 -31.83 0.57
C ILE C 249 -39.93 -32.31 1.57
N LEU C 250 -39.54 -33.21 2.45
CA LEU C 250 -40.50 -33.84 3.36
C LEU C 250 -40.63 -33.01 4.63
N LEU C 251 -41.82 -32.45 4.85
CA LEU C 251 -42.04 -31.67 6.06
C LEU C 251 -42.38 -32.59 7.24
N LYS C 252 -43.13 -33.64 6.96
CA LYS C 252 -43.51 -34.59 8.00
C LYS C 252 -44.38 -35.72 7.45
N VAL C 253 -44.38 -36.85 8.15
CA VAL C 253 -45.32 -37.92 7.85
C VAL C 253 -46.39 -37.89 8.95
N ASN C 254 -47.64 -38.14 8.57
CA ASN C 254 -48.72 -38.20 9.54
C ASN C 254 -48.85 -39.57 10.21
N GLN C 255 -49.60 -39.62 11.31
CA GLN C 255 -49.84 -40.87 12.05
C GLN C 255 -50.26 -42.03 11.16
N ASP C 256 -50.94 -41.71 10.05
CA ASP C 256 -51.47 -42.71 9.13
C ASP C 256 -50.55 -42.90 7.93
N GLY C 257 -49.28 -42.51 8.08
CA GLY C 257 -48.30 -42.62 7.01
C GLY C 257 -48.52 -41.67 5.84
N SER C 258 -49.55 -40.83 5.94
CA SER C 258 -49.75 -39.76 4.96
C SER C 258 -48.54 -38.82 5.00
N ARG C 259 -48.05 -38.41 3.84
CA ARG C 259 -46.90 -37.52 3.78
C ARG C 259 -47.27 -36.07 3.43
N VAL C 260 -46.65 -35.13 4.15
CA VAL C 260 -46.77 -33.70 3.86
C VAL C 260 -45.48 -33.18 3.25
N LEU C 261 -45.55 -32.83 1.97
CA LEU C 261 -44.41 -32.31 1.21
C LEU C 261 -44.45 -30.78 1.15
N LEU C 262 -43.31 -30.16 0.86
CA LEU C 262 -43.23 -28.70 0.82
C LEU C 262 -44.22 -28.10 -0.18
N ARG C 263 -44.47 -28.82 -1.27
CA ARG C 263 -45.36 -28.34 -2.34
C ARG C 263 -46.82 -28.39 -1.93
N ASP C 264 -47.08 -29.03 -0.78
CA ASP C 264 -48.43 -29.08 -0.22
C ASP C 264 -48.77 -27.82 0.59
N VAL C 265 -47.75 -27.05 0.96
CA VAL C 265 -47.96 -25.85 1.75
C VAL C 265 -47.46 -24.58 1.06
N ALA C 266 -46.93 -24.73 -0.16
CA ALA C 266 -46.31 -23.59 -0.85
C ALA C 266 -46.21 -23.79 -2.34
N LYS C 267 -46.15 -22.68 -3.07
CA LYS C 267 -45.81 -22.73 -4.48
C LYS C 267 -44.29 -22.62 -4.59
N ILE C 268 -43.70 -23.43 -5.46
CA ILE C 268 -42.26 -23.44 -5.60
C ILE C 268 -41.95 -22.96 -6.99
N GLU C 269 -41.09 -21.95 -7.10
CA GLU C 269 -40.75 -21.45 -8.43
C GLU C 269 -39.47 -20.64 -8.39
N LEU C 270 -38.78 -20.58 -9.52
CA LEU C 270 -37.66 -19.64 -9.67
C LEU C 270 -38.23 -18.23 -9.78
N GLY C 271 -37.64 -17.28 -9.07
CA GLY C 271 -38.11 -15.91 -9.13
C GLY C 271 -37.09 -14.98 -8.52
N GLY C 272 -37.20 -13.69 -8.80
CA GLY C 272 -36.22 -12.73 -8.34
C GLY C 272 -35.89 -12.89 -6.87
N GLU C 273 -34.62 -12.61 -6.52
CA GLU C 273 -34.20 -12.53 -5.14
C GLU C 273 -35.01 -11.41 -4.53
N ASN C 274 -35.22 -10.35 -5.31
CA ASN C 274 -36.18 -9.32 -4.95
C ASN C 274 -36.99 -8.86 -6.18
N TYR C 275 -38.11 -8.20 -5.97
CA TYR C 275 -38.98 -7.87 -7.08
C TYR C 275 -39.14 -6.36 -7.26
N ASP C 276 -38.18 -5.60 -6.76
CA ASP C 276 -38.30 -4.16 -6.63
C ASP C 276 -38.04 -3.35 -7.90
N ILE C 277 -37.21 -3.89 -8.80
CA ILE C 277 -36.76 -3.13 -9.94
C ILE C 277 -37.23 -3.76 -11.24
N ILE C 278 -37.97 -2.98 -12.03
CA ILE C 278 -38.49 -3.45 -13.30
C ILE C 278 -38.14 -2.44 -14.38
N ALA C 279 -37.50 -2.89 -15.46
CA ALA C 279 -37.02 -1.95 -16.47
C ALA C 279 -37.79 -2.09 -17.77
N GLU C 280 -37.82 -1.02 -18.57
CA GLU C 280 -38.39 -1.11 -19.92
C GLU C 280 -37.53 -0.33 -20.90
N PHE C 281 -37.44 -0.84 -22.12
CA PHE C 281 -36.70 -0.17 -23.18
C PHE C 281 -37.72 0.16 -24.24
N ASN C 282 -37.87 1.46 -24.51
CA ASN C 282 -38.96 1.96 -25.33
C ASN C 282 -40.25 1.23 -25.10
N GLY C 283 -40.66 1.11 -23.84
CA GLY C 283 -41.93 0.49 -23.52
C GLY C 283 -41.93 -1.03 -23.58
N GLN C 284 -40.82 -1.62 -23.99
CA GLN C 284 -40.70 -3.08 -24.03
C GLN C 284 -39.89 -3.65 -22.83
N PRO C 285 -40.35 -4.79 -22.29
CA PRO C 285 -39.72 -5.46 -21.15
C PRO C 285 -38.22 -5.64 -21.38
N ALA C 286 -37.43 -5.33 -20.37
CA ALA C 286 -35.98 -5.34 -20.53
C ALA C 286 -35.31 -5.62 -19.20
N SER C 287 -34.02 -5.94 -19.28
CA SER C 287 -33.16 -5.80 -18.12
C SER C 287 -31.99 -4.94 -18.54
N GLY C 288 -31.01 -4.78 -17.68
CA GLY C 288 -29.83 -4.05 -18.08
C GLY C 288 -28.82 -3.89 -16.98
N LEU C 289 -27.72 -3.21 -17.32
CA LEU C 289 -26.63 -3.01 -16.39
C LEU C 289 -26.26 -1.55 -16.44
N GLY C 290 -26.16 -0.91 -15.27
CA GLY C 290 -25.66 0.45 -15.17
C GLY C 290 -24.20 0.34 -14.76
N ILE C 291 -23.33 0.92 -15.55
CA ILE C 291 -21.91 0.68 -15.41
C ILE C 291 -21.24 1.99 -15.04
N LYS C 292 -20.46 1.95 -13.98
CA LYS C 292 -19.75 3.14 -13.56
C LYS C 292 -18.27 3.00 -13.88
N LEU C 293 -17.66 4.13 -14.26
CA LEU C 293 -16.24 4.17 -14.57
C LEU C 293 -15.43 4.10 -13.27
N ALA C 294 -14.44 3.22 -13.20
CA ALA C 294 -13.62 3.15 -11.98
C ALA C 294 -12.84 4.47 -11.81
N THR C 295 -12.52 4.84 -10.59
CA THR C 295 -11.75 6.07 -10.36
C THR C 295 -10.45 6.13 -11.18
N GLY C 296 -10.26 7.20 -11.95
CA GLY C 296 -9.03 7.34 -12.71
C GLY C 296 -8.86 6.48 -13.95
N ALA C 297 -9.87 5.70 -14.33
CA ALA C 297 -9.76 4.93 -15.57
C ALA C 297 -10.14 5.78 -16.80
N ASN C 298 -9.69 5.33 -17.97
CA ASN C 298 -9.98 6.02 -19.22
C ASN C 298 -11.36 5.59 -19.79
N ALA C 299 -12.29 6.55 -19.84
CA ALA C 299 -13.65 6.29 -20.32
C ALA C 299 -13.69 5.56 -21.65
N LEU C 300 -12.99 6.10 -22.65
CA LEU C 300 -13.03 5.51 -23.98
C LEU C 300 -12.48 4.09 -23.96
N ASP C 301 -11.35 3.87 -23.28
CA ASP C 301 -10.79 2.52 -23.20
C ASP C 301 -11.76 1.59 -22.48
N THR C 302 -12.40 2.09 -21.42
CA THR C 302 -13.33 1.27 -20.66
C THR C 302 -14.54 0.88 -21.50
N ALA C 303 -15.12 1.85 -22.20
CA ALA C 303 -16.22 1.56 -23.12
C ALA C 303 -15.83 0.48 -24.12
N ALA C 304 -14.63 0.62 -24.69
CA ALA C 304 -14.15 -0.38 -25.67
C ALA C 304 -14.01 -1.77 -25.03
N ALA C 305 -13.51 -1.81 -23.80
CA ALA C 305 -13.33 -3.08 -23.12
C ALA C 305 -14.69 -3.75 -22.83
N ILE C 306 -15.67 -2.93 -22.43
CA ILE C 306 -17.01 -3.43 -22.19
C ILE C 306 -17.61 -4.04 -23.45
N ARG C 307 -17.54 -3.32 -24.56
CA ARG C 307 -18.02 -3.90 -25.81
C ARG C 307 -17.27 -5.19 -26.17
N ALA C 308 -15.95 -5.18 -26.01
CA ALA C 308 -15.17 -6.38 -26.27
C ALA C 308 -15.63 -7.55 -25.41
N GLU C 309 -15.93 -7.29 -24.14
CA GLU C 309 -16.40 -8.34 -23.26
C GLU C 309 -17.79 -8.81 -23.71
N LEU C 310 -18.65 -7.87 -24.05
CA LEU C 310 -19.99 -8.20 -24.51
C LEU C 310 -19.94 -9.05 -25.79
N ALA C 311 -19.01 -8.73 -26.70
CA ALA C 311 -18.95 -9.43 -27.98
C ALA C 311 -18.58 -10.90 -27.79
N LYS C 312 -17.80 -11.19 -26.74
CA LYS C 312 -17.46 -12.57 -26.39
C LYS C 312 -18.63 -13.31 -25.75
N MET C 313 -19.60 -12.57 -25.22
CA MET C 313 -20.73 -13.19 -24.54
C MET C 313 -21.85 -13.55 -25.52
N GLU C 314 -22.00 -12.75 -26.57
CA GLU C 314 -23.14 -12.87 -27.51
C GLU C 314 -23.31 -14.23 -28.17
N PRO C 315 -22.21 -14.86 -28.64
CA PRO C 315 -22.35 -16.16 -29.32
C PRO C 315 -23.04 -17.18 -28.43
N PHE C 316 -23.02 -16.94 -27.12
CA PHE C 316 -23.58 -17.92 -26.20
C PHE C 316 -24.97 -17.56 -25.71
N PHE C 317 -25.53 -16.49 -26.28
CA PHE C 317 -26.87 -16.03 -25.93
C PHE C 317 -27.91 -17.03 -26.33
N PRO C 318 -28.91 -17.24 -25.46
CA PRO C 318 -30.10 -17.98 -25.90
C PRO C 318 -30.80 -17.20 -27.01
N SER C 319 -31.80 -17.83 -27.64
CA SER C 319 -32.45 -17.25 -28.80
C SER C 319 -33.19 -15.95 -28.54
N GLY C 320 -33.09 -15.02 -29.49
CA GLY C 320 -33.80 -13.74 -29.37
C GLY C 320 -33.20 -12.73 -28.40
N LEU C 321 -32.18 -13.12 -27.64
CA LEU C 321 -31.58 -12.16 -26.70
C LEU C 321 -30.76 -11.12 -27.46
N LYS C 322 -30.97 -9.85 -27.15
CA LYS C 322 -30.27 -8.80 -27.88
C LYS C 322 -29.78 -7.70 -26.98
N ILE C 323 -28.54 -7.27 -27.18
CA ILE C 323 -28.00 -6.16 -26.43
C ILE C 323 -28.49 -4.89 -27.09
N VAL C 324 -28.73 -3.87 -26.28
CA VAL C 324 -29.26 -2.65 -26.81
C VAL C 324 -28.54 -1.56 -26.02
N TYR C 325 -28.32 -0.40 -26.62
CA TYR C 325 -27.49 0.62 -25.99
C TYR C 325 -28.28 1.92 -25.82
N PRO C 326 -29.01 2.02 -24.70
CA PRO C 326 -29.97 3.10 -24.48
C PRO C 326 -29.36 4.38 -23.86
N TYR C 327 -28.10 4.33 -23.46
CA TYR C 327 -27.51 5.45 -22.71
C TYR C 327 -26.01 5.33 -22.55
N ASP C 328 -25.29 6.17 -23.27
CA ASP C 328 -23.84 6.11 -23.31
C ASP C 328 -23.31 7.54 -23.46
N THR C 329 -22.41 7.94 -22.57
CA THR C 329 -21.83 9.28 -22.62
C THR C 329 -20.61 9.33 -23.53
N THR C 330 -20.13 8.17 -23.96
CA THR C 330 -18.88 8.17 -24.72
C THR C 330 -18.99 8.61 -26.20
N PRO C 331 -20.18 8.43 -26.81
CA PRO C 331 -20.31 9.06 -28.14
C PRO C 331 -20.09 10.57 -28.06
N PHE C 332 -20.55 11.20 -26.99
CA PHE C 332 -20.26 12.61 -26.81
C PHE C 332 -18.76 12.87 -26.69
N VAL C 333 -18.08 12.01 -25.95
CA VAL C 333 -16.64 12.16 -25.80
C VAL C 333 -15.96 12.17 -27.17
N LYS C 334 -16.36 11.25 -28.03
CA LYS C 334 -15.72 11.09 -29.34
C LYS C 334 -15.97 12.27 -30.26
N ILE C 335 -17.23 12.69 -30.34
CA ILE C 335 -17.57 13.82 -31.21
C ILE C 335 -16.96 15.13 -30.69
N SER C 336 -16.99 15.36 -29.38
CA SER C 336 -16.45 16.62 -28.85
C SER C 336 -14.95 16.74 -29.12
N ILE C 337 -14.26 15.60 -29.15
CA ILE C 337 -12.84 15.59 -29.48
C ILE C 337 -12.63 15.84 -30.96
N HIS C 338 -13.45 15.20 -31.80
CA HIS C 338 -13.40 15.44 -33.24
C HIS C 338 -13.62 16.92 -33.56
N GLU C 339 -14.51 17.57 -32.82
CA GLU C 339 -14.79 18.98 -33.08
C GLU C 339 -13.62 19.91 -32.73
N VAL C 340 -12.95 19.65 -31.61
CA VAL C 340 -11.78 20.44 -31.24
C VAL C 340 -10.64 20.24 -32.25
N VAL C 341 -10.46 19.01 -32.71
CA VAL C 341 -9.47 18.73 -33.75
C VAL C 341 -9.83 19.53 -35.00
N LYS C 342 -11.10 19.50 -35.38
CA LYS C 342 -11.58 20.27 -36.52
C LYS C 342 -11.31 21.76 -36.31
N THR C 343 -11.55 22.24 -35.10
CA THR C 343 -11.28 23.63 -34.78
C THR C 343 -9.78 23.93 -34.91
N LEU C 344 -8.94 23.00 -34.45
CA LEU C 344 -7.49 23.16 -34.51
C LEU C 344 -7.03 23.30 -35.95
N VAL C 345 -7.50 22.41 -36.82
CA VAL C 345 -7.15 22.43 -38.24
C VAL C 345 -7.59 23.75 -38.89
N GLU C 346 -8.79 24.22 -38.53
CA GLU C 346 -9.30 25.47 -39.10
C GLU C 346 -8.45 26.66 -38.65
N ALA C 347 -8.10 26.69 -37.37
CA ALA C 347 -7.21 27.73 -36.85
C ALA C 347 -5.88 27.76 -37.63
N ILE C 348 -5.28 26.60 -37.83
CA ILE C 348 -4.02 26.52 -38.57
C ILE C 348 -4.16 27.09 -39.98
N ILE C 349 -5.25 26.74 -40.65
CA ILE C 349 -5.57 27.30 -41.97
C ILE C 349 -5.77 28.81 -41.93
N LEU C 350 -6.55 29.29 -40.97
CA LEU C 350 -6.81 30.74 -40.88
C LEU C 350 -5.52 31.50 -40.60
N VAL C 351 -4.73 31.00 -39.64
CA VAL C 351 -3.44 31.60 -39.32
C VAL C 351 -2.53 31.62 -40.55
N PHE C 352 -2.46 30.49 -41.26
CA PHE C 352 -1.73 30.44 -42.52
C PHE C 352 -2.18 31.54 -43.48
N LEU C 353 -3.49 31.67 -43.67
CA LEU C 353 -4.03 32.67 -44.59
C LEU C 353 -3.64 34.09 -44.22
N VAL C 354 -3.71 34.42 -42.93
CA VAL C 354 -3.32 35.75 -42.47
C VAL C 354 -1.86 36.02 -42.83
N MET C 355 -1.01 35.03 -42.60
CA MET C 355 0.41 35.21 -42.85
C MET C 355 0.67 35.38 -44.34
N TYR C 356 -0.06 34.63 -45.15
CA TYR C 356 -0.02 34.80 -46.59
C TYR C 356 -0.43 36.24 -46.94
N LEU C 357 -1.50 36.72 -46.30
CA LEU C 357 -2.00 38.06 -46.59
C LEU C 357 -0.90 39.11 -46.51
N PHE C 358 -0.06 39.01 -45.48
CA PHE C 358 0.96 40.02 -45.22
C PHE C 358 2.28 39.71 -45.91
N LEU C 359 2.68 38.45 -45.91
CA LEU C 359 3.95 38.02 -46.50
C LEU C 359 3.83 37.82 -48.02
N GLN C 360 2.65 37.40 -48.47
CA GLN C 360 2.31 37.38 -49.89
C GLN C 360 3.18 36.44 -50.72
N ASN C 361 4.46 36.44 -50.44
CA ASN C 361 5.38 35.51 -51.07
C ASN C 361 5.14 34.13 -50.48
N PHE C 362 5.44 33.09 -51.24
CA PHE C 362 5.18 31.75 -50.76
C PHE C 362 6.31 31.21 -49.88
N ARG C 363 7.54 31.55 -50.23
CA ARG C 363 8.69 31.16 -49.40
C ARG C 363 8.63 31.91 -48.08
N ALA C 364 8.35 33.20 -48.15
CA ALA C 364 8.22 34.01 -46.95
C ALA C 364 7.13 33.48 -46.03
N THR C 365 5.95 33.21 -46.59
CA THR C 365 4.84 32.70 -45.80
C THR C 365 5.14 31.32 -45.22
N LEU C 366 5.73 30.47 -46.05
CA LEU C 366 6.05 29.11 -45.64
C LEU C 366 6.84 29.10 -44.35
N ILE C 367 7.87 29.94 -44.29
CA ILE C 367 8.80 29.96 -43.17
C ILE C 367 8.13 29.92 -41.79
N PRO C 368 7.32 30.94 -41.45
CA PRO C 368 6.68 30.91 -40.14
C PRO C 368 5.63 29.80 -40.03
N THR C 369 5.10 29.35 -41.16
CA THR C 369 4.16 28.23 -41.20
C THR C 369 4.79 26.93 -40.66
N ILE C 370 6.06 26.72 -41.00
CA ILE C 370 6.81 25.53 -40.58
C ILE C 370 6.90 25.42 -39.07
N ALA C 371 6.82 26.55 -38.39
CA ALA C 371 6.88 26.57 -36.93
C ALA C 371 5.71 25.81 -36.32
N VAL C 372 4.60 25.73 -37.05
CA VAL C 372 3.39 25.09 -36.51
C VAL C 372 3.61 23.60 -36.22
N PRO C 373 4.00 22.83 -37.24
CA PRO C 373 4.29 21.40 -37.08
C PRO C 373 5.33 21.17 -35.99
N VAL C 374 6.43 21.92 -36.06
CA VAL C 374 7.50 21.78 -35.09
C VAL C 374 7.06 22.05 -33.66
N VAL C 375 6.41 23.19 -33.43
CA VAL C 375 5.99 23.54 -32.08
C VAL C 375 4.91 22.61 -31.54
N LEU C 376 3.89 22.32 -32.35
CA LEU C 376 2.80 21.44 -31.92
C LEU C 376 3.26 20.01 -31.66
N LEU C 377 3.95 19.42 -32.63
CA LEU C 377 4.48 18.07 -32.45
C LEU C 377 5.43 18.02 -31.25
N GLY C 378 6.27 19.04 -31.10
CA GLY C 378 7.14 19.15 -29.94
C GLY C 378 6.32 19.19 -28.65
N THR C 379 5.22 19.92 -28.70
CA THR C 379 4.36 20.05 -27.54
C THR C 379 3.74 18.69 -27.17
N PHE C 380 3.29 17.96 -28.19
CA PHE C 380 2.77 16.62 -27.97
C PHE C 380 3.81 15.76 -27.25
N ALA C 381 5.07 15.84 -27.69
CA ALA C 381 6.14 15.09 -27.02
C ALA C 381 6.24 15.46 -25.53
N VAL C 382 6.18 16.75 -25.22
CA VAL C 382 6.20 17.21 -23.83
C VAL C 382 5.03 16.63 -23.02
N LEU C 383 3.82 16.66 -23.59
CA LEU C 383 2.64 16.07 -22.95
C LEU C 383 2.89 14.62 -22.57
N ALA C 384 3.46 13.87 -23.51
CA ALA C 384 3.81 12.48 -23.30
C ALA C 384 4.84 12.35 -22.18
N ALA C 385 5.95 13.07 -22.28
CA ALA C 385 6.95 13.02 -21.21
C ALA C 385 6.34 13.21 -19.82
N PHE C 386 5.41 14.15 -19.68
CA PHE C 386 4.87 14.44 -18.35
C PHE C 386 3.58 13.68 -18.01
N GLY C 387 3.15 12.80 -18.92
CA GLY C 387 2.03 11.93 -18.63
C GLY C 387 0.66 12.57 -18.79
N PHE C 388 0.59 13.60 -19.62
CA PHE C 388 -0.69 14.23 -19.93
C PHE C 388 -1.35 13.52 -21.09
N SER C 389 -2.67 13.64 -21.20
CA SER C 389 -3.40 13.03 -22.30
C SER C 389 -3.80 14.02 -23.39
N ILE C 390 -4.14 13.52 -24.56
CA ILE C 390 -4.85 14.32 -25.54
C ILE C 390 -6.30 14.39 -25.08
N ASN C 391 -6.74 15.60 -24.73
CA ASN C 391 -8.09 15.82 -24.26
C ASN C 391 -8.56 17.21 -24.69
N THR C 392 -9.80 17.57 -24.35
CA THR C 392 -10.34 18.82 -24.88
C THR C 392 -9.58 20.03 -24.38
N LEU C 393 -9.11 19.95 -23.14
CA LEU C 393 -8.37 21.06 -22.53
C LEU C 393 -6.98 21.25 -23.15
N THR C 394 -6.21 20.16 -23.30
CA THR C 394 -4.91 20.29 -23.94
C THR C 394 -5.07 20.75 -25.37
N MET C 395 -6.11 20.25 -26.03
CA MET C 395 -6.42 20.69 -27.40
C MET C 395 -6.77 22.19 -27.49
N PHE C 396 -7.58 22.69 -26.56
CA PHE C 396 -7.88 24.12 -26.51
C PHE C 396 -6.56 24.87 -26.34
N GLY C 397 -5.71 24.36 -25.46
CA GLY C 397 -4.41 24.96 -25.25
C GLY C 397 -3.74 25.12 -26.59
N MET C 398 -3.77 24.06 -27.40
CA MET C 398 -3.15 24.10 -28.72
C MET C 398 -3.83 25.10 -29.67
N VAL C 399 -5.16 25.19 -29.60
CA VAL C 399 -5.84 26.14 -30.47
C VAL C 399 -5.43 27.56 -30.12
N LEU C 400 -5.33 27.84 -28.82
CA LEU C 400 -4.90 29.15 -28.36
C LEU C 400 -3.46 29.42 -28.82
N ALA C 401 -2.65 28.38 -28.80
CA ALA C 401 -1.24 28.53 -29.11
C ALA C 401 -0.96 28.84 -30.58
N ILE C 402 -1.80 28.34 -31.49
CA ILE C 402 -1.49 28.47 -32.92
C ILE C 402 -1.10 29.91 -33.27
N GLY C 403 -1.96 30.86 -32.89
CA GLY C 403 -1.73 32.26 -33.21
C GLY C 403 -0.64 32.87 -32.36
N LEU C 404 -0.25 32.18 -31.29
CA LEU C 404 0.83 32.65 -30.42
C LEU C 404 2.19 32.14 -30.88
N LEU C 405 2.25 30.85 -31.22
CA LEU C 405 3.51 30.19 -31.51
C LEU C 405 4.18 30.69 -32.78
N VAL C 406 3.38 31.22 -33.72
CA VAL C 406 3.93 31.76 -34.95
C VAL C 406 4.52 33.15 -34.77
N ASP C 407 4.28 33.76 -33.60
CA ASP C 407 4.59 35.17 -33.41
C ASP C 407 6.08 35.49 -33.52
N ASP C 408 6.90 34.74 -32.80
CA ASP C 408 8.34 34.98 -32.86
C ASP C 408 8.87 34.77 -34.29
N ALA C 409 8.43 33.70 -34.94
CA ALA C 409 8.83 33.44 -36.33
C ALA C 409 8.47 34.59 -37.27
N ILE C 410 7.23 35.07 -37.13
CA ILE C 410 6.75 36.21 -37.92
C ILE C 410 7.63 37.42 -37.66
N VAL C 411 7.87 37.72 -36.39
CA VAL C 411 8.67 38.88 -36.03
C VAL C 411 10.02 38.80 -36.75
N VAL C 412 10.61 37.60 -36.76
CA VAL C 412 11.85 37.37 -37.50
C VAL C 412 11.72 37.67 -38.99
N VAL C 413 10.82 36.96 -39.68
CA VAL C 413 10.66 37.12 -41.13
C VAL C 413 10.31 38.56 -41.51
N GLU C 414 9.39 39.14 -40.76
CA GLU C 414 8.98 40.50 -41.03
C GLU C 414 10.15 41.49 -40.90
N ASN C 415 10.96 41.33 -39.85
CA ASN C 415 12.09 42.24 -39.65
C ASN C 415 13.13 42.13 -40.76
N VAL C 416 13.34 40.91 -41.26
CA VAL C 416 14.30 40.70 -42.33
C VAL C 416 13.77 41.29 -43.65
N GLU C 417 12.48 41.04 -43.91
CA GLU C 417 11.83 41.56 -45.10
C GLU C 417 11.94 43.09 -45.16
N ARG C 418 11.66 43.74 -44.03
CA ARG C 418 11.81 45.18 -43.94
C ARG C 418 13.25 45.60 -44.18
N VAL C 419 14.18 45.01 -43.41
CA VAL C 419 15.59 45.40 -43.48
C VAL C 419 16.10 45.39 -44.91
N MET C 420 15.69 44.39 -45.68
CA MET C 420 16.05 44.35 -47.10
C MET C 420 15.48 45.56 -47.85
N ALA C 421 14.21 45.87 -47.62
CA ALA C 421 13.59 47.04 -48.26
C ALA C 421 14.30 48.34 -47.86
N GLU C 422 14.75 48.42 -46.62
CA GLU C 422 15.41 49.63 -46.14
C GLU C 422 16.86 49.76 -46.58
N GLU C 423 17.47 48.65 -47.00
CA GLU C 423 18.92 48.65 -47.26
C GLU C 423 19.36 47.84 -48.48
N GLY C 424 18.43 47.13 -49.11
CA GLY C 424 18.78 46.29 -50.24
C GLY C 424 19.73 45.17 -49.83
N LEU C 425 19.88 44.98 -48.53
CA LEU C 425 20.75 43.93 -48.00
C LEU C 425 20.33 42.56 -48.50
N PRO C 426 21.31 41.69 -48.75
CA PRO C 426 21.01 40.28 -49.07
C PRO C 426 20.38 39.58 -47.88
N PRO C 427 19.50 38.61 -48.14
CA PRO C 427 18.74 37.87 -47.12
C PRO C 427 19.58 37.47 -45.91
N LYS C 428 20.82 37.08 -46.18
CA LYS C 428 21.69 36.52 -45.15
C LYS C 428 22.23 37.61 -44.21
N GLU C 429 22.82 38.64 -44.78
CA GLU C 429 23.25 39.80 -43.99
C GLU C 429 22.05 40.45 -43.33
N ALA C 430 20.94 40.54 -44.06
CA ALA C 430 19.71 41.06 -43.50
C ALA C 430 19.36 40.28 -42.24
N THR C 431 19.44 38.95 -42.32
CA THR C 431 19.04 38.10 -41.21
C THR C 431 19.94 38.33 -40.00
N ARG C 432 21.26 38.27 -40.21
CA ARG C 432 22.18 38.53 -39.12
C ARG C 432 21.81 39.81 -38.41
N LYS C 433 21.91 40.92 -39.15
CA LYS C 433 21.53 42.22 -38.63
C LYS C 433 20.23 42.14 -37.84
N SER C 434 19.24 41.46 -38.43
CA SER C 434 17.90 41.38 -37.85
C SER C 434 17.93 40.70 -36.49
N MET C 435 18.58 39.54 -36.41
CA MET C 435 18.60 38.79 -35.16
C MET C 435 19.18 39.64 -34.05
N GLY C 436 20.07 40.56 -34.42
CA GLY C 436 20.63 41.50 -33.48
C GLY C 436 19.61 42.49 -32.95
N GLN C 437 18.63 42.82 -33.76
CA GLN C 437 17.67 43.85 -33.42
C GLN C 437 16.50 43.35 -32.57
N ILE C 438 16.20 42.06 -32.63
CA ILE C 438 14.91 41.58 -32.17
C ILE C 438 14.88 40.54 -31.05
N GLN C 439 16.04 39.99 -30.67
CA GLN C 439 16.04 38.90 -29.69
C GLN C 439 15.32 39.28 -28.40
N GLY C 440 15.52 40.50 -27.94
CA GLY C 440 14.84 40.98 -26.74
C GLY C 440 13.34 40.80 -26.86
N ALA C 441 12.82 41.08 -28.05
CA ALA C 441 11.40 40.89 -28.32
C ALA C 441 11.06 39.40 -28.31
N LEU C 442 11.79 38.62 -29.10
CA LEU C 442 11.48 37.20 -29.22
C LEU C 442 11.39 36.55 -27.84
N VAL C 443 12.36 36.85 -26.98
CA VAL C 443 12.40 36.23 -25.66
C VAL C 443 11.35 36.82 -24.72
N GLY C 444 11.14 38.13 -24.80
CA GLY C 444 10.13 38.77 -23.96
C GLY C 444 8.76 38.18 -24.22
N ILE C 445 8.42 38.05 -25.50
CA ILE C 445 7.14 37.51 -25.92
C ILE C 445 6.94 36.11 -25.38
N ALA C 446 7.95 35.26 -25.60
CA ALA C 446 7.89 33.88 -25.14
C ALA C 446 7.78 33.87 -23.62
N MET C 447 8.48 34.80 -22.96
CA MET C 447 8.45 34.86 -21.51
C MET C 447 7.08 35.21 -20.93
N VAL C 448 6.53 36.36 -21.30
CA VAL C 448 5.28 36.79 -20.69
C VAL C 448 4.11 35.82 -20.96
N LEU C 449 4.12 35.20 -22.14
CA LEU C 449 3.08 34.23 -22.49
C LEU C 449 3.32 32.86 -21.82
N SER C 450 4.51 32.64 -21.30
CA SER C 450 4.83 31.45 -20.52
C SER C 450 4.53 31.70 -19.06
N ALA C 451 5.19 32.71 -18.52
CA ALA C 451 5.13 33.01 -17.10
C ALA C 451 3.71 33.21 -16.62
N VAL C 452 2.89 33.85 -17.45
CA VAL C 452 1.52 34.13 -17.03
C VAL C 452 0.76 32.82 -16.79
N PHE C 453 1.27 31.72 -17.34
CA PHE C 453 0.62 30.42 -17.12
C PHE C 453 1.30 29.55 -16.07
N VAL C 454 2.32 30.07 -15.39
CA VAL C 454 3.00 29.24 -14.39
C VAL C 454 2.27 29.16 -13.04
N PRO C 455 1.86 30.32 -12.50
CA PRO C 455 1.23 30.22 -11.18
C PRO C 455 -0.02 29.34 -11.18
N MET C 456 -0.87 29.45 -12.21
CA MET C 456 -2.12 28.68 -12.24
C MET C 456 -1.88 27.19 -12.04
N ALA C 457 -0.74 26.71 -12.49
CA ALA C 457 -0.44 25.27 -12.38
C ALA C 457 -0.32 24.82 -10.92
N PHE C 458 -0.26 25.76 -9.99
CA PHE C 458 -0.09 25.41 -8.58
C PHE C 458 -1.41 25.45 -7.84
N PHE C 459 -2.47 25.88 -8.53
CA PHE C 459 -3.77 25.98 -7.87
C PHE C 459 -4.46 24.62 -7.70
N GLY C 460 -5.46 24.56 -6.83
CA GLY C 460 -6.06 23.28 -6.46
C GLY C 460 -7.50 23.12 -6.91
N GLY C 461 -8.13 22.06 -6.43
CA GLY C 461 -9.50 21.72 -6.78
C GLY C 461 -9.59 21.23 -8.22
N SER C 462 -10.81 20.96 -8.65
CA SER C 462 -11.00 20.58 -10.04
C SER C 462 -10.46 21.67 -10.97
N THR C 463 -10.57 22.92 -10.53
CA THR C 463 -10.10 24.05 -11.32
C THR C 463 -8.60 23.93 -11.60
N GLY C 464 -7.83 23.68 -10.54
CA GLY C 464 -6.41 23.45 -10.67
C GLY C 464 -6.10 22.40 -11.74
N ALA C 465 -6.75 21.24 -11.64
CA ALA C 465 -6.53 20.19 -12.62
C ALA C 465 -6.82 20.72 -14.01
N ILE C 466 -7.84 21.56 -14.11
CA ILE C 466 -8.19 22.16 -15.39
C ILE C 466 -7.10 23.14 -15.85
N TYR C 467 -6.67 24.02 -14.97
CA TYR C 467 -5.61 24.98 -15.27
C TYR C 467 -4.36 24.29 -15.81
N ARG C 468 -3.97 23.18 -15.19
CA ARG C 468 -2.71 22.54 -15.55
C ARG C 468 -2.67 22.06 -17.00
N GLN C 469 -3.82 21.66 -17.55
CA GLN C 469 -3.85 21.24 -18.96
C GLN C 469 -3.42 22.39 -19.89
N PHE C 470 -3.91 23.59 -19.62
CA PHE C 470 -3.55 24.75 -20.43
C PHE C 470 -2.11 25.15 -20.16
N SER C 471 -1.72 25.07 -18.90
CA SER C 471 -0.38 25.53 -18.52
C SER C 471 0.72 24.79 -19.28
N ILE C 472 0.70 23.45 -19.21
CA ILE C 472 1.75 22.63 -19.82
C ILE C 472 1.74 22.82 -21.33
N THR C 473 0.54 22.93 -21.87
CA THR C 473 0.40 23.09 -23.31
C THR C 473 1.00 24.40 -23.81
N ILE C 474 0.58 25.51 -23.19
CA ILE C 474 0.97 26.82 -23.68
C ILE C 474 2.39 27.20 -23.28
N VAL C 475 2.81 26.84 -22.06
CA VAL C 475 4.21 27.03 -21.68
C VAL C 475 5.14 26.30 -22.67
N SER C 476 4.85 25.04 -22.95
CA SER C 476 5.68 24.25 -23.88
C SER C 476 5.70 24.86 -25.27
N ALA C 477 4.53 25.22 -25.78
CA ALA C 477 4.43 25.81 -27.11
C ALA C 477 5.26 27.09 -27.19
N MET C 478 5.17 27.94 -26.17
CA MET C 478 5.93 29.20 -26.21
C MET C 478 7.45 28.96 -26.10
N ALA C 479 7.87 28.11 -25.17
CA ALA C 479 9.29 27.72 -25.08
C ALA C 479 9.81 27.26 -26.44
N LEU C 480 9.11 26.31 -27.05
CA LEU C 480 9.51 25.79 -28.36
C LEU C 480 9.46 26.87 -29.44
N SER C 481 8.48 27.78 -29.34
CA SER C 481 8.32 28.79 -30.39
C SER C 481 9.51 29.72 -30.48
N VAL C 482 10.10 30.05 -29.33
CA VAL C 482 11.28 30.92 -29.34
C VAL C 482 12.52 30.13 -29.81
N LEU C 483 12.62 28.86 -29.41
CA LEU C 483 13.70 28.00 -29.92
C LEU C 483 13.68 27.92 -31.44
N VAL C 484 12.50 27.63 -32.01
CA VAL C 484 12.33 27.65 -33.46
C VAL C 484 12.76 28.98 -34.08
N ALA C 485 12.35 30.08 -33.48
CA ALA C 485 12.65 31.41 -34.00
C ALA C 485 14.13 31.77 -33.86
N LEU C 486 14.82 31.13 -32.92
CA LEU C 486 16.24 31.39 -32.72
C LEU C 486 17.13 30.44 -33.52
N ILE C 487 16.57 29.33 -33.98
CA ILE C 487 17.36 28.26 -34.57
C ILE C 487 16.98 28.00 -36.02
N LEU C 488 15.74 27.59 -36.25
CA LEU C 488 15.30 27.27 -37.61
C LEU C 488 14.99 28.50 -38.47
N THR C 489 14.16 29.40 -37.94
CA THR C 489 13.66 30.53 -38.71
C THR C 489 14.75 31.37 -39.36
N PRO C 490 15.80 31.73 -38.59
CA PRO C 490 16.90 32.50 -39.15
C PRO C 490 17.61 31.68 -40.24
N ALA C 491 17.78 30.38 -40.01
CA ALA C 491 18.38 29.51 -41.03
C ALA C 491 17.63 29.63 -42.34
N LEU C 492 16.30 29.55 -42.28
CA LEU C 492 15.46 29.65 -43.48
C LEU C 492 15.49 31.04 -44.12
N CYS C 493 15.33 32.08 -43.30
CA CYS C 493 15.36 33.45 -43.85
C CYS C 493 16.66 33.71 -44.60
N ALA C 494 17.74 33.11 -44.11
CA ALA C 494 19.06 33.36 -44.70
C ALA C 494 19.36 32.47 -45.89
N THR C 495 18.44 31.56 -46.22
CA THR C 495 18.72 30.56 -47.24
C THR C 495 17.61 30.41 -48.29
N MET C 496 16.35 30.63 -47.89
CA MET C 496 15.23 30.49 -48.82
C MET C 496 14.33 31.72 -48.92
N LEU C 497 14.84 32.87 -48.49
CA LEU C 497 14.11 34.12 -48.66
C LEU C 497 14.58 34.83 -49.93
N LYS C 498 13.66 35.03 -50.87
CA LYS C 498 13.98 35.82 -52.05
C LYS C 498 14.46 37.21 -51.65
N PRO C 499 15.58 37.66 -52.23
CA PRO C 499 16.09 39.00 -51.93
C PRO C 499 15.09 40.09 -52.32
N ILE C 500 14.96 41.11 -51.47
CA ILE C 500 14.18 42.30 -51.84
C ILE C 500 15.14 43.41 -52.23
N ALA C 501 14.70 44.30 -53.11
CA ALA C 501 15.53 45.43 -53.55
C ALA C 501 15.25 46.66 -52.68
N LYS C 502 16.30 47.44 -52.43
CA LYS C 502 16.15 48.66 -51.63
C LYS C 502 15.03 49.52 -52.24
N GLY C 503 14.06 49.92 -51.41
CA GLY C 503 12.96 50.75 -51.87
C GLY C 503 11.64 50.02 -52.09
N ASP C 504 11.71 48.72 -52.36
CA ASP C 504 10.52 47.95 -52.71
C ASP C 504 9.67 47.55 -51.50
N HIS C 505 8.51 48.18 -51.36
CA HIS C 505 7.59 47.84 -50.28
C HIS C 505 6.35 47.10 -50.78
N GLY C 506 6.48 46.47 -51.96
CA GLY C 506 5.39 45.70 -52.55
C GLY C 506 4.30 46.56 -53.15
N GLU C 507 4.50 47.86 -53.15
CA GLU C 507 3.51 48.77 -53.70
C GLU C 507 3.40 48.62 -55.22
N GLY C 508 4.46 48.09 -55.83
CA GLY C 508 4.51 47.86 -57.26
C GLY C 508 3.52 46.80 -57.72
N LYS C 509 3.43 45.71 -56.96
CA LYS C 509 2.42 44.69 -57.20
C LYS C 509 1.09 45.36 -57.55
N LYS C 510 0.28 44.75 -58.42
CA LYS C 510 0.49 43.45 -59.03
C LYS C 510 -0.88 42.80 -59.01
N GLY C 511 -1.80 43.44 -58.26
CA GLY C 511 -3.14 42.91 -58.04
C GLY C 511 -3.66 43.34 -56.69
N PHE C 512 -4.32 42.43 -55.99
CA PHE C 512 -4.86 42.72 -54.65
C PHE C 512 -3.76 43.07 -53.66
N PHE C 513 -2.65 42.34 -53.74
CA PHE C 513 -1.50 42.60 -52.90
C PHE C 513 -0.97 44.01 -53.05
N GLY C 514 -1.00 44.51 -54.28
CA GLY C 514 -0.53 45.85 -54.55
C GLY C 514 -1.42 46.86 -53.85
N TRP C 515 -2.72 46.65 -53.96
CA TRP C 515 -3.68 47.50 -53.29
C TRP C 515 -3.48 47.46 -51.77
N PHE C 516 -3.35 46.25 -51.24
CA PHE C 516 -3.22 46.04 -49.79
C PHE C 516 -1.96 46.71 -49.26
N ASN C 517 -0.86 46.51 -49.98
CA ASN C 517 0.40 47.13 -49.59
C ASN C 517 0.33 48.65 -49.65
N ARG C 518 -0.25 49.19 -50.72
CA ARG C 518 -0.42 50.64 -50.83
C ARG C 518 -1.28 51.18 -49.68
N MET C 519 -2.38 50.50 -49.39
CA MET C 519 -3.26 50.89 -48.30
C MET C 519 -2.55 50.79 -46.94
N PHE C 520 -1.79 49.71 -46.74
CA PHE C 520 -1.10 49.54 -45.46
C PHE C 520 -0.02 50.61 -45.28
N GLU C 521 0.77 50.84 -46.32
CA GLU C 521 1.81 51.87 -46.26
C GLU C 521 1.22 53.22 -45.91
N LYS C 522 0.15 53.57 -46.59
CA LYS C 522 -0.54 54.83 -46.36
C LYS C 522 -1.09 54.93 -44.94
N SER C 523 -1.68 53.83 -44.46
CA SER C 523 -2.24 53.78 -43.11
C SER C 523 -1.15 53.85 -42.04
N THR C 524 0.02 53.28 -42.34
CA THR C 524 1.15 53.38 -41.44
C THR C 524 1.52 54.86 -41.25
N HIS C 525 1.44 55.65 -42.33
CA HIS C 525 1.70 57.08 -42.24
C HIS C 525 0.66 57.77 -41.36
N HIS C 526 -0.61 57.45 -41.56
CA HIS C 526 -1.68 58.00 -40.73
C HIS C 526 -1.41 57.65 -39.27
N TYR C 527 -1.15 56.37 -39.01
CA TYR C 527 -0.86 55.91 -37.66
C TYR C 527 0.27 56.71 -37.00
N THR C 528 1.43 56.73 -37.64
CA THR C 528 2.59 57.41 -37.05
C THR C 528 2.30 58.88 -36.81
N ASP C 529 1.59 59.52 -37.73
CA ASP C 529 1.20 60.91 -37.53
C ASP C 529 0.27 61.04 -36.32
N SER C 530 -0.68 60.12 -36.20
CA SER C 530 -1.59 60.14 -35.08
C SER C 530 -0.84 60.06 -33.74
N VAL C 531 0.08 59.10 -33.63
CA VAL C 531 0.83 58.90 -32.39
C VAL C 531 1.67 60.14 -32.06
N GLY C 532 2.24 60.75 -33.09
CA GLY C 532 3.00 61.98 -32.89
C GLY C 532 2.13 63.00 -32.21
N GLY C 533 0.87 63.09 -32.66
CA GLY C 533 -0.05 64.07 -32.13
C GLY C 533 -0.42 63.69 -30.70
N ILE C 534 -0.56 62.39 -30.48
CA ILE C 534 -0.88 61.88 -29.16
C ILE C 534 0.22 62.22 -28.15
N LEU C 535 1.47 62.05 -28.56
CA LEU C 535 2.59 62.27 -27.65
C LEU C 535 2.76 63.76 -27.26
N ARG C 536 2.27 64.65 -28.11
CA ARG C 536 2.23 66.08 -27.77
C ARG C 536 1.05 66.40 -26.84
N SER C 537 0.19 65.41 -26.60
CA SER C 537 -1.03 65.63 -25.81
C SER C 537 -1.36 64.44 -24.91
N THR C 538 -0.37 63.99 -24.13
CA THR C 538 -0.51 62.74 -23.37
C THR C 538 -1.47 62.85 -22.20
N GLY C 539 -1.54 64.02 -21.57
CA GLY C 539 -2.38 64.20 -20.39
C GLY C 539 -3.80 63.69 -20.57
N ARG C 540 -4.35 63.93 -21.75
CA ARG C 540 -5.69 63.53 -22.13
C ARG C 540 -5.91 62.02 -22.05
N TYR C 541 -4.95 61.27 -22.57
CA TYR C 541 -5.11 59.82 -22.66
C TYR C 541 -5.04 59.14 -21.29
N LEU C 542 -4.32 59.78 -20.36
CA LEU C 542 -4.33 59.35 -18.96
C LEU C 542 -5.76 59.36 -18.40
N VAL C 543 -6.55 60.34 -18.81
CA VAL C 543 -7.95 60.40 -18.40
C VAL C 543 -8.76 59.26 -19.04
N LEU C 544 -8.63 59.12 -20.36
CA LEU C 544 -9.18 57.98 -21.05
C LEU C 544 -8.82 56.70 -20.30
N TYR C 545 -7.52 56.47 -20.11
CA TYR C 545 -7.04 55.24 -19.48
C TYR C 545 -7.80 54.95 -18.20
N LEU C 546 -7.94 55.96 -17.36
CA LEU C 546 -8.63 55.81 -16.10
C LEU C 546 -10.10 55.42 -16.33
N ILE C 547 -10.73 56.06 -17.30
CA ILE C 547 -12.12 55.75 -17.67
C ILE C 547 -12.21 54.26 -18.04
N ILE C 548 -11.28 53.81 -18.87
CA ILE C 548 -11.18 52.41 -19.27
C ILE C 548 -11.03 51.47 -18.07
N VAL C 549 -10.13 51.83 -17.16
CA VAL C 549 -9.87 51.02 -15.96
C VAL C 549 -11.12 50.92 -15.07
N VAL C 550 -11.81 52.05 -14.92
CA VAL C 550 -13.04 52.08 -14.15
C VAL C 550 -14.14 51.25 -14.81
N GLY C 551 -14.27 51.39 -16.13
CA GLY C 551 -15.19 50.57 -16.89
C GLY C 551 -14.85 49.09 -16.77
N MET C 552 -13.56 48.76 -16.84
CA MET C 552 -13.14 47.37 -16.71
C MET C 552 -13.65 46.81 -15.38
N ALA C 553 -13.45 47.58 -14.31
CA ALA C 553 -13.84 47.11 -13.00
C ALA C 553 -15.36 46.98 -12.94
N TYR C 554 -16.06 47.93 -13.55
CA TYR C 554 -17.50 47.88 -13.52
C TYR C 554 -18.03 46.63 -14.25
N LEU C 555 -17.52 46.38 -15.45
CA LEU C 555 -17.96 45.22 -16.22
C LEU C 555 -17.59 43.92 -15.50
N PHE C 556 -16.46 43.93 -14.80
CA PHE C 556 -16.04 42.73 -14.10
C PHE C 556 -17.01 42.34 -12.99
N VAL C 557 -17.45 43.33 -12.22
CA VAL C 557 -18.23 43.02 -11.03
C VAL C 557 -19.66 42.65 -11.39
N ARG C 558 -20.10 43.10 -12.56
CA ARG C 558 -21.46 42.81 -13.02
C ARG C 558 -21.57 41.54 -13.87
N LEU C 559 -20.45 41.00 -14.32
CA LEU C 559 -20.46 39.77 -15.12
C LEU C 559 -20.78 38.59 -14.23
N PRO C 560 -21.92 37.96 -14.48
CA PRO C 560 -22.34 36.83 -13.64
C PRO C 560 -21.30 35.71 -13.71
N SER C 561 -21.22 34.89 -12.66
CA SER C 561 -20.22 33.83 -12.62
C SER C 561 -20.86 32.46 -12.71
N SER C 562 -20.09 31.49 -13.21
CA SER C 562 -20.43 30.07 -13.14
C SER C 562 -19.16 29.25 -13.14
N PHE C 563 -19.30 27.93 -13.28
CA PHE C 563 -18.16 27.04 -13.23
C PHE C 563 -17.81 26.57 -14.65
N LEU C 564 -18.63 25.69 -15.20
CA LEU C 564 -18.41 25.14 -16.54
C LEU C 564 -19.73 25.13 -17.27
N PRO C 565 -19.71 25.40 -18.58
CA PRO C 565 -20.94 25.44 -19.39
C PRO C 565 -21.52 24.04 -19.58
N ASP C 566 -22.84 23.94 -19.56
CA ASP C 566 -23.52 22.68 -19.86
C ASP C 566 -23.37 22.36 -21.33
N GLU C 567 -23.50 21.08 -21.67
CA GLU C 567 -23.36 20.67 -23.04
C GLU C 567 -24.51 19.76 -23.43
N ASP C 568 -24.87 19.75 -24.70
CA ASP C 568 -25.75 18.70 -25.20
C ASP C 568 -24.89 17.45 -25.40
N GLN C 569 -24.98 16.49 -24.49
CA GLN C 569 -24.21 15.25 -24.61
C GLN C 569 -25.01 14.12 -25.24
N GLY C 570 -26.18 14.44 -25.79
CA GLY C 570 -26.98 13.47 -26.52
C GLY C 570 -27.78 12.53 -25.63
N VAL C 571 -27.66 12.74 -24.34
CA VAL C 571 -28.39 11.92 -23.38
C VAL C 571 -28.83 12.83 -22.25
N PHE C 572 -29.85 12.40 -21.52
CA PHE C 572 -30.20 13.07 -20.27
C PHE C 572 -31.06 12.15 -19.43
N MET C 573 -31.37 12.60 -18.21
CA MET C 573 -32.15 11.78 -17.29
C MET C 573 -33.46 12.45 -16.87
N THR C 574 -34.44 11.62 -16.51
CA THR C 574 -35.65 12.12 -15.88
C THR C 574 -35.83 11.40 -14.56
N MET C 575 -36.05 12.16 -13.48
CA MET C 575 -36.33 11.56 -12.18
C MET C 575 -37.84 11.55 -11.93
N VAL C 576 -38.30 10.56 -11.17
CA VAL C 576 -39.72 10.40 -10.84
C VAL C 576 -39.85 10.03 -9.37
N GLN C 577 -40.63 10.79 -8.61
CA GLN C 577 -40.81 10.51 -7.18
C GLN C 577 -42.27 10.70 -6.78
N LEU C 578 -42.91 9.61 -6.37
CA LEU C 578 -44.31 9.66 -5.95
C LEU C 578 -44.39 9.87 -4.45
N PRO C 579 -45.60 10.22 -3.97
CA PRO C 579 -45.85 10.48 -2.55
C PRO C 579 -45.53 9.25 -1.70
N ALA C 580 -45.33 9.48 -0.41
CA ALA C 580 -45.16 8.39 0.54
C ALA C 580 -46.22 7.29 0.33
N GLY C 581 -45.79 6.04 0.44
CA GLY C 581 -46.69 4.91 0.43
C GLY C 581 -47.19 4.49 -0.94
N ALA C 582 -46.79 5.23 -1.98
CA ALA C 582 -47.28 4.95 -3.32
C ALA C 582 -46.73 3.60 -3.83
N THR C 583 -47.53 2.88 -4.60
CA THR C 583 -47.16 1.54 -5.03
C THR C 583 -46.35 1.52 -6.32
N GLN C 584 -45.69 0.39 -6.54
CA GLN C 584 -45.00 0.11 -7.79
C GLN C 584 -45.92 0.30 -9.01
N GLU C 585 -47.19 -0.04 -8.86
CA GLU C 585 -48.17 0.12 -9.94
C GLU C 585 -48.46 1.59 -10.24
N ARG C 586 -48.59 2.40 -9.20
CA ARG C 586 -48.78 3.83 -9.41
C ARG C 586 -47.54 4.46 -10.05
N THR C 587 -46.35 4.01 -9.64
CA THR C 587 -45.13 4.53 -10.23
C THR C 587 -45.11 4.18 -11.72
N GLN C 588 -45.51 2.96 -12.05
CA GLN C 588 -45.50 2.52 -13.44
C GLN C 588 -46.36 3.44 -14.29
N LYS C 589 -47.53 3.80 -13.76
CA LYS C 589 -48.42 4.68 -14.52
C LYS C 589 -47.70 5.99 -14.81
N VAL C 590 -46.94 6.51 -13.86
CA VAL C 590 -46.25 7.79 -14.13
C VAL C 590 -45.13 7.61 -15.14
N LEU C 591 -44.34 6.55 -14.99
CA LEU C 591 -43.27 6.24 -15.94
C LEU C 591 -43.84 6.03 -17.35
N ASN C 592 -45.04 5.47 -17.46
CA ASN C 592 -45.67 5.35 -18.78
C ASN C 592 -45.93 6.73 -19.38
N GLU C 593 -46.39 7.67 -18.56
CA GLU C 593 -46.64 9.03 -19.06
C GLU C 593 -45.35 9.71 -19.51
N VAL C 594 -44.30 9.56 -18.71
CA VAL C 594 -43.01 10.13 -19.06
C VAL C 594 -42.51 9.52 -20.36
N THR C 595 -42.55 8.19 -20.44
CA THR C 595 -42.13 7.46 -21.63
C THR C 595 -42.97 7.85 -22.83
N HIS C 596 -44.29 7.93 -22.64
CA HIS C 596 -45.18 8.34 -23.70
C HIS C 596 -44.76 9.71 -24.24
N TYR C 597 -44.50 10.64 -23.34
CA TYR C 597 -44.16 11.98 -23.80
C TYR C 597 -42.93 11.95 -24.73
N TYR C 598 -41.87 11.25 -24.34
CA TYR C 598 -40.67 11.13 -25.18
C TYR C 598 -40.93 10.42 -26.51
N LEU C 599 -41.68 9.33 -26.48
CA LEU C 599 -41.95 8.58 -27.71
C LEU C 599 -42.92 9.27 -28.66
N THR C 600 -43.75 10.18 -28.15
CA THR C 600 -44.72 10.86 -29.02
C THR C 600 -44.39 12.32 -29.30
N LYS C 601 -44.32 13.14 -28.27
CA LYS C 601 -44.02 14.56 -28.44
C LYS C 601 -42.57 14.83 -28.86
N GLU C 602 -41.62 14.03 -28.41
CA GLU C 602 -40.24 14.26 -28.84
C GLU C 602 -39.72 13.20 -29.80
N LYS C 603 -40.62 12.56 -30.54
CA LYS C 603 -40.21 11.45 -31.40
C LYS C 603 -39.13 11.82 -32.45
N ASN C 604 -39.08 13.08 -32.87
CA ASN C 604 -38.01 13.49 -33.78
C ASN C 604 -36.65 13.70 -33.10
N ASN C 605 -36.65 13.90 -31.78
CA ASN C 605 -35.40 14.13 -31.06
C ASN C 605 -34.92 12.94 -30.23
N VAL C 606 -35.86 12.13 -29.76
CA VAL C 606 -35.53 11.04 -28.85
C VAL C 606 -35.40 9.70 -29.57
N GLU C 607 -34.23 9.08 -29.44
CA GLU C 607 -33.99 7.76 -30.02
C GLU C 607 -34.52 6.64 -29.12
N SER C 608 -34.19 6.68 -27.82
CA SER C 608 -34.71 5.67 -26.93
C SER C 608 -34.87 6.13 -25.50
N VAL C 609 -35.71 5.40 -24.77
CA VAL C 609 -35.97 5.68 -23.37
C VAL C 609 -35.78 4.37 -22.63
N PHE C 610 -34.97 4.37 -21.60
CA PHE C 610 -34.80 3.19 -20.77
C PHE C 610 -35.32 3.56 -19.39
N ALA C 611 -36.48 3.03 -19.04
CA ALA C 611 -37.18 3.47 -17.84
C ALA C 611 -37.11 2.40 -16.76
N VAL C 612 -36.70 2.81 -15.57
CA VAL C 612 -36.59 1.89 -14.46
C VAL C 612 -37.55 2.27 -13.33
N ASN C 613 -38.40 1.30 -12.98
CA ASN C 613 -39.31 1.43 -11.85
C ASN C 613 -38.69 0.83 -10.58
N GLY C 614 -38.60 1.62 -9.52
CA GLY C 614 -38.09 1.13 -8.24
C GLY C 614 -36.64 1.47 -7.97
N PHE C 615 -36.06 2.27 -8.88
CA PHE C 615 -34.67 2.71 -8.73
C PHE C 615 -34.61 4.21 -9.02
N GLY C 616 -33.94 4.95 -8.15
CA GLY C 616 -33.78 6.38 -8.33
C GLY C 616 -32.56 6.90 -7.59
N PHE C 617 -32.38 8.21 -7.59
CA PHE C 617 -31.18 8.75 -6.98
C PHE C 617 -31.44 9.31 -5.59
N ALA C 618 -32.72 9.55 -5.29
CA ALA C 618 -33.10 10.19 -4.04
C ALA C 618 -33.53 9.14 -3.02
N GLY C 619 -33.06 7.92 -3.20
CA GLY C 619 -33.49 6.80 -2.38
C GLY C 619 -34.23 5.79 -3.23
N ARG C 620 -34.44 4.60 -2.70
CA ARG C 620 -35.17 3.57 -3.45
C ARG C 620 -36.57 3.29 -2.88
N GLY C 621 -37.30 2.38 -3.52
CA GLY C 621 -38.67 2.09 -3.11
C GLY C 621 -39.68 2.05 -4.25
N GLN C 622 -40.86 1.51 -3.96
CA GLN C 622 -41.88 1.37 -4.97
C GLN C 622 -42.33 2.70 -5.54
N ASN C 623 -41.99 3.81 -4.88
CA ASN C 623 -42.51 5.12 -5.28
C ASN C 623 -41.45 5.95 -5.95
N THR C 624 -40.46 5.26 -6.50
CA THR C 624 -39.31 5.89 -7.12
C THR C 624 -39.10 5.27 -8.49
N GLY C 625 -38.68 6.08 -9.44
CA GLY C 625 -38.24 5.57 -10.74
C GLY C 625 -37.36 6.58 -11.44
N ILE C 626 -36.83 6.18 -12.59
CA ILE C 626 -35.94 7.02 -13.36
C ILE C 626 -36.03 6.60 -14.83
N ALA C 627 -35.85 7.57 -15.74
CA ALA C 627 -35.79 7.25 -17.15
C ALA C 627 -34.47 7.76 -17.69
N PHE C 628 -33.72 6.90 -18.39
CA PHE C 628 -32.53 7.36 -19.09
C PHE C 628 -32.95 7.60 -20.51
N VAL C 629 -32.62 8.77 -21.05
CA VAL C 629 -33.05 9.14 -22.40
C VAL C 629 -31.86 9.35 -23.31
N SER C 630 -31.89 8.71 -24.47
CA SER C 630 -30.85 8.96 -25.46
C SER C 630 -31.42 9.66 -26.70
N LEU C 631 -30.72 10.67 -27.19
CA LEU C 631 -31.21 11.42 -28.34
C LEU C 631 -30.67 10.90 -29.67
N LYS C 632 -31.31 11.30 -30.76
CA LYS C 632 -30.76 11.04 -32.09
C LYS C 632 -29.48 11.83 -32.27
N ASP C 633 -28.72 11.51 -33.30
CA ASP C 633 -27.43 12.17 -33.50
C ASP C 633 -27.61 13.68 -33.59
N TRP C 634 -26.65 14.40 -32.99
CA TRP C 634 -26.62 15.85 -33.03
C TRP C 634 -26.97 16.38 -34.41
N ALA C 635 -26.40 15.74 -35.43
CA ALA C 635 -26.58 16.16 -36.82
C ALA C 635 -28.03 16.15 -37.28
N ASP C 636 -28.87 15.31 -36.69
CA ASP C 636 -30.28 15.22 -37.11
C ASP C 636 -31.17 16.08 -36.21
N ARG C 637 -30.53 16.93 -35.40
CA ARG C 637 -31.22 17.77 -34.42
C ARG C 637 -30.79 19.24 -34.57
N PRO C 638 -30.79 19.75 -35.79
CA PRO C 638 -30.41 21.15 -36.01
C PRO C 638 -31.36 22.08 -35.26
N GLY C 639 -30.86 23.21 -34.78
CA GLY C 639 -31.73 24.15 -34.10
C GLY C 639 -31.67 24.06 -32.59
N GLU C 640 -31.67 25.22 -31.94
CA GLU C 640 -31.64 25.30 -30.48
C GLU C 640 -32.79 24.53 -29.80
N GLU C 641 -33.98 24.62 -30.38
CA GLU C 641 -35.15 23.99 -29.77
C GLU C 641 -35.03 22.47 -29.74
N ASN C 642 -34.12 21.92 -30.54
CA ASN C 642 -33.92 20.47 -30.58
C ASN C 642 -32.69 20.01 -29.78
N LYS C 643 -32.13 20.90 -28.99
CA LYS C 643 -31.02 20.54 -28.11
C LYS C 643 -31.51 20.21 -26.72
N VAL C 644 -30.64 19.57 -25.94
CA VAL C 644 -31.01 19.06 -24.63
C VAL C 644 -31.62 20.10 -23.69
N GLU C 645 -31.07 21.31 -23.69
CA GLU C 645 -31.54 22.35 -22.78
C GLU C 645 -33.04 22.61 -22.99
N ALA C 646 -33.41 22.96 -24.21
CA ALA C 646 -34.82 23.20 -24.55
C ALA C 646 -35.68 21.94 -24.37
N ILE C 647 -35.12 20.77 -24.64
CA ILE C 647 -35.92 19.54 -24.55
C ILE C 647 -36.28 19.24 -23.10
N THR C 648 -35.29 19.35 -22.22
CA THR C 648 -35.51 19.10 -20.80
C THR C 648 -36.43 20.16 -20.20
N MET C 649 -36.31 21.39 -20.69
CA MET C 649 -37.17 22.47 -20.23
C MET C 649 -38.62 22.16 -20.62
N ARG C 650 -38.87 21.86 -21.89
CA ARG C 650 -40.22 21.51 -22.30
C ARG C 650 -40.73 20.27 -21.57
N ALA C 651 -39.86 19.27 -21.38
CA ALA C 651 -40.28 18.04 -20.73
C ALA C 651 -40.71 18.30 -19.30
N THR C 652 -39.90 19.02 -18.56
CA THR C 652 -40.20 19.33 -17.18
C THR C 652 -41.50 20.15 -17.09
N ARG C 653 -41.71 21.03 -18.07
CA ARG C 653 -42.94 21.82 -18.16
C ARG C 653 -44.14 20.89 -18.35
N ALA C 654 -44.08 20.03 -19.37
CA ALA C 654 -45.15 19.05 -19.59
C ALA C 654 -45.39 18.17 -18.37
N PHE C 655 -44.32 17.77 -17.70
CA PHE C 655 -44.45 16.80 -16.62
C PHE C 655 -44.99 17.42 -15.35
N SER C 656 -44.99 18.73 -15.27
CA SER C 656 -45.52 19.42 -14.08
C SER C 656 -47.02 19.19 -14.00
N GLN C 657 -47.62 18.78 -15.12
CA GLN C 657 -49.05 18.57 -15.16
C GLN C 657 -49.42 17.20 -14.62
N ILE C 658 -48.42 16.35 -14.45
CA ILE C 658 -48.66 15.00 -13.93
C ILE C 658 -49.06 15.05 -12.45
N LYS C 659 -50.27 14.60 -12.17
CA LYS C 659 -50.86 14.62 -10.83
C LYS C 659 -50.11 13.74 -9.82
N ASP C 660 -49.85 14.29 -8.64
CA ASP C 660 -49.29 13.52 -7.53
C ASP C 660 -47.99 12.80 -7.88
N ALA C 661 -47.04 13.55 -8.43
CA ALA C 661 -45.69 13.06 -8.55
C ALA C 661 -44.78 14.23 -8.90
N MET C 662 -43.55 14.16 -8.43
CA MET C 662 -42.53 15.11 -8.83
C MET C 662 -41.73 14.45 -9.94
N VAL C 663 -41.70 15.10 -11.09
CA VAL C 663 -40.99 14.55 -12.24
C VAL C 663 -40.12 15.66 -12.82
N PHE C 664 -38.82 15.41 -12.97
CA PHE C 664 -37.94 16.42 -13.56
C PHE C 664 -37.01 15.82 -14.61
N ALA C 665 -37.01 16.40 -15.81
CA ALA C 665 -36.00 16.08 -16.82
C ALA C 665 -34.83 17.05 -16.66
N PHE C 666 -33.60 16.53 -16.62
CA PHE C 666 -32.46 17.44 -16.46
C PHE C 666 -31.25 17.01 -17.26
N ASN C 667 -30.44 17.99 -17.66
CA ASN C 667 -29.17 17.77 -18.34
C ASN C 667 -28.12 17.31 -17.34
N LEU C 668 -27.05 16.73 -17.86
CA LEU C 668 -25.93 16.33 -16.98
C LEU C 668 -25.07 17.56 -16.74
N PRO C 669 -24.43 17.61 -15.57
CA PRO C 669 -23.41 18.61 -15.21
C PRO C 669 -22.11 18.32 -15.95
N ALA C 670 -21.05 19.02 -15.52
CA ALA C 670 -19.73 18.90 -16.16
C ALA C 670 -18.85 17.80 -15.55
N ILE C 671 -18.88 17.66 -14.23
CA ILE C 671 -18.10 16.63 -13.55
C ILE C 671 -19.02 15.56 -12.96
N VAL C 672 -19.50 14.70 -13.86
CA VAL C 672 -20.53 13.69 -13.58
C VAL C 672 -20.28 12.86 -12.31
N GLU C 673 -19.05 12.90 -11.78
CA GLU C 673 -18.69 12.10 -10.62
C GLU C 673 -19.13 12.75 -9.31
N LEU C 674 -19.49 14.02 -9.37
CA LEU C 674 -19.96 14.76 -8.20
C LEU C 674 -21.48 14.84 -8.17
N GLY C 675 -22.05 15.42 -9.22
CA GLY C 675 -23.47 15.63 -9.31
C GLY C 675 -24.14 14.91 -10.48
N THR C 676 -25.28 14.30 -10.18
CA THR C 676 -26.07 13.66 -11.21
C THR C 676 -26.65 14.68 -12.19
N ALA C 677 -27.01 15.87 -11.69
CA ALA C 677 -27.70 16.83 -12.54
C ALA C 677 -27.00 18.17 -12.65
N THR C 678 -27.30 18.87 -13.73
CA THR C 678 -26.85 20.25 -13.88
C THR C 678 -27.49 21.09 -12.77
N GLY C 679 -26.97 22.30 -12.55
CA GLY C 679 -27.51 23.17 -11.53
C GLY C 679 -26.64 23.29 -10.28
N PHE C 680 -27.30 23.47 -9.13
CA PHE C 680 -26.60 23.63 -7.88
C PHE C 680 -26.96 22.53 -6.90
N ASP C 681 -26.11 22.35 -5.91
CA ASP C 681 -26.23 21.24 -4.98
C ASP C 681 -26.04 21.73 -3.53
N PHE C 682 -27.16 21.91 -2.85
CA PHE C 682 -27.24 22.66 -1.60
C PHE C 682 -27.52 21.68 -0.46
N GLU C 683 -26.86 21.87 0.68
CA GLU C 683 -27.13 21.03 1.84
C GLU C 683 -27.71 21.91 2.94
N LEU C 684 -28.88 21.54 3.43
CA LEU C 684 -29.48 22.21 4.57
C LEU C 684 -29.10 21.36 5.76
N ILE C 685 -28.60 22.01 6.80
CA ILE C 685 -27.97 21.29 7.92
C ILE C 685 -28.54 21.67 9.29
N ASP C 686 -28.93 20.65 10.07
CA ASP C 686 -29.33 20.87 11.46
C ASP C 686 -28.09 21.00 12.33
N GLN C 687 -27.75 22.23 12.71
CA GLN C 687 -26.53 22.52 13.48
C GLN C 687 -26.76 22.76 14.97
N ALA C 688 -27.93 22.41 15.49
CA ALA C 688 -28.23 22.68 16.91
C ALA C 688 -29.17 21.67 17.55
N GLY C 689 -29.11 20.42 17.11
CA GLY C 689 -29.98 19.39 17.65
C GLY C 689 -31.47 19.72 17.58
N LEU C 690 -31.87 20.42 16.51
CA LEU C 690 -33.28 20.78 16.30
C LEU C 690 -34.17 19.56 16.06
N GLY C 691 -33.65 18.55 15.37
CA GLY C 691 -34.40 17.33 15.08
C GLY C 691 -35.00 17.25 13.69
N HIS C 692 -35.35 16.04 13.26
CA HIS C 692 -35.88 15.79 11.90
C HIS C 692 -37.08 16.69 11.54
N GLU C 693 -38.02 16.81 12.46
CA GLU C 693 -39.24 17.58 12.21
C GLU C 693 -38.92 19.05 11.90
N LYS C 694 -38.08 19.69 12.72
CA LYS C 694 -37.79 21.11 12.52
C LYS C 694 -36.99 21.31 11.26
N LEU C 695 -36.09 20.36 10.98
CA LEU C 695 -35.30 20.41 9.77
C LEU C 695 -36.24 20.37 8.56
N THR C 696 -37.25 19.50 8.63
CA THR C 696 -38.24 19.36 7.56
C THR C 696 -38.98 20.68 7.36
N GLN C 697 -39.40 21.30 8.46
CA GLN C 697 -40.08 22.59 8.41
C GLN C 697 -39.20 23.66 7.78
N ALA C 698 -37.94 23.73 8.22
CA ALA C 698 -37.03 24.73 7.67
C ALA C 698 -36.85 24.51 6.17
N ARG C 699 -36.76 23.24 5.76
CA ARG C 699 -36.65 22.90 4.35
C ARG C 699 -37.87 23.42 3.60
N ASN C 700 -39.06 23.06 4.06
CA ASN C 700 -40.29 23.52 3.41
C ASN C 700 -40.31 25.04 3.28
N GLN C 701 -39.90 25.71 4.34
CA GLN C 701 -39.93 27.16 4.38
C GLN C 701 -38.96 27.70 3.34
N LEU C 702 -37.80 27.06 3.20
CA LEU C 702 -36.85 27.46 2.18
C LEU C 702 -37.45 27.23 0.78
N LEU C 703 -37.97 26.04 0.54
CA LEU C 703 -38.56 25.70 -0.75
C LEU C 703 -39.70 26.65 -1.15
N ALA C 704 -40.52 27.06 -0.18
CA ALA C 704 -41.60 28.00 -0.47
C ALA C 704 -41.02 29.36 -0.88
N GLU C 705 -40.02 29.82 -0.15
CA GLU C 705 -39.37 31.08 -0.48
C GLU C 705 -38.74 31.04 -1.87
N ALA C 706 -38.11 29.92 -2.21
CA ALA C 706 -37.50 29.76 -3.52
C ALA C 706 -38.54 29.81 -4.63
N ALA C 707 -39.70 29.22 -4.39
CA ALA C 707 -40.77 29.19 -5.38
C ALA C 707 -41.30 30.58 -5.74
N LYS C 708 -41.03 31.56 -4.88
CA LYS C 708 -41.41 32.94 -5.16
C LYS C 708 -40.42 33.61 -6.10
N HIS C 709 -39.31 32.94 -6.42
CA HIS C 709 -38.31 33.56 -7.29
C HIS C 709 -38.11 32.78 -8.59
N PRO C 710 -39.18 32.62 -9.38
CA PRO C 710 -39.14 31.81 -10.60
C PRO C 710 -38.22 32.44 -11.65
N ASP C 711 -37.99 33.74 -11.54
CA ASP C 711 -37.10 34.46 -12.45
C ASP C 711 -35.63 34.10 -12.18
N MET C 712 -35.36 33.48 -11.04
CA MET C 712 -33.98 33.18 -10.67
C MET C 712 -33.75 31.68 -10.49
N LEU C 713 -34.73 30.99 -9.94
CA LEU C 713 -34.60 29.58 -9.61
C LEU C 713 -35.70 28.72 -10.25
N THR C 714 -35.34 27.60 -10.88
CA THR C 714 -36.32 26.63 -11.37
C THR C 714 -35.94 25.19 -11.02
N SER C 715 -36.92 24.30 -11.10
CA SER C 715 -36.76 22.90 -10.73
C SER C 715 -36.03 22.72 -9.38
N VAL C 716 -36.39 23.53 -8.39
CA VAL C 716 -35.89 23.32 -7.03
C VAL C 716 -36.61 22.13 -6.43
N ARG C 717 -35.87 21.23 -5.78
CA ARG C 717 -36.47 20.00 -5.25
C ARG C 717 -35.54 19.32 -4.22
N PRO C 718 -36.13 18.74 -3.16
CA PRO C 718 -35.25 18.00 -2.23
C PRO C 718 -34.79 16.73 -2.92
N ASN C 719 -33.62 16.23 -2.56
CA ASN C 719 -33.09 15.01 -3.14
C ASN C 719 -33.15 13.98 -2.03
N GLY C 720 -34.38 13.67 -1.64
CA GLY C 720 -34.63 12.75 -0.54
C GLY C 720 -36.11 12.43 -0.49
N LEU C 721 -36.54 11.64 0.49
CA LEU C 721 -37.92 11.18 0.56
C LEU C 721 -38.69 11.86 1.69
N GLU C 722 -40.00 11.88 1.57
CA GLU C 722 -40.89 12.41 2.58
C GLU C 722 -41.18 11.35 3.63
N ASP C 723 -41.67 11.78 4.79
CA ASP C 723 -42.04 10.84 5.85
C ASP C 723 -43.13 9.87 5.37
N THR C 724 -43.04 8.61 5.80
CA THR C 724 -43.97 7.56 5.40
C THR C 724 -44.73 7.02 6.60
N PRO C 725 -45.91 6.46 6.36
CA PRO C 725 -46.62 5.80 7.45
C PRO C 725 -45.95 4.47 7.74
N GLN C 726 -45.95 4.06 9.00
CA GLN C 726 -45.36 2.78 9.37
C GLN C 726 -46.38 2.00 10.15
N PHE C 727 -46.38 0.69 9.97
CA PHE C 727 -47.33 -0.15 10.66
C PHE C 727 -46.60 -0.84 11.79
N LYS C 728 -46.82 -0.35 13.01
CA LYS C 728 -46.14 -0.89 14.17
C LYS C 728 -46.96 -2.01 14.76
N ILE C 729 -46.39 -3.21 14.78
CA ILE C 729 -47.06 -4.33 15.41
C ILE C 729 -46.39 -4.64 16.74
N ASP C 730 -47.19 -4.94 17.76
CA ASP C 730 -46.64 -5.26 19.08
C ASP C 730 -46.92 -6.70 19.52
N ILE C 731 -45.86 -7.48 19.68
CA ILE C 731 -46.00 -8.83 20.20
C ILE C 731 -46.00 -8.81 21.73
N ASP C 732 -47.02 -9.42 22.33
CA ASP C 732 -47.15 -9.48 23.78
C ASP C 732 -46.58 -10.81 24.26
N GLN C 733 -45.29 -10.81 24.60
CA GLN C 733 -44.59 -12.04 24.95
C GLN C 733 -45.20 -12.75 26.15
N GLU C 734 -45.73 -11.96 27.08
CA GLU C 734 -46.37 -12.51 28.27
C GLU C 734 -47.59 -13.34 27.88
N LYS C 735 -48.44 -12.78 27.01
CA LYS C 735 -49.59 -13.51 26.52
C LYS C 735 -49.18 -14.69 25.64
N ALA C 736 -48.19 -14.47 24.79
CA ALA C 736 -47.66 -15.58 24.01
C ALA C 736 -47.21 -16.70 24.95
N GLN C 737 -46.49 -16.32 26.00
CA GLN C 737 -46.05 -17.27 27.02
C GLN C 737 -47.23 -18.07 27.58
N ALA C 738 -48.27 -17.35 28.02
CA ALA C 738 -49.47 -17.97 28.57
C ALA C 738 -50.09 -18.99 27.61
N LEU C 739 -49.94 -18.75 26.31
CA LEU C 739 -50.51 -19.64 25.31
C LEU C 739 -49.54 -20.75 24.92
N GLY C 740 -48.30 -20.63 25.39
CA GLY C 740 -47.30 -21.67 25.17
C GLY C 740 -46.61 -21.58 23.82
N VAL C 741 -46.49 -20.35 23.32
CA VAL C 741 -45.85 -20.13 22.02
C VAL C 741 -44.54 -19.39 22.21
N SER C 742 -43.46 -19.93 21.64
CA SER C 742 -42.15 -19.30 21.76
C SER C 742 -42.09 -18.05 20.90
N ILE C 743 -41.37 -17.05 21.38
CA ILE C 743 -41.35 -15.77 20.69
C ILE C 743 -40.43 -15.86 19.47
N ASN C 744 -39.46 -16.76 19.52
CA ASN C 744 -38.66 -17.05 18.34
C ASN C 744 -39.49 -17.56 17.15
N ASP C 745 -40.43 -18.47 17.41
CA ASP C 745 -41.31 -18.96 16.37
C ASP C 745 -42.19 -17.81 15.87
N ILE C 746 -42.60 -16.94 16.78
CA ILE C 746 -43.41 -15.78 16.41
C ILE C 746 -42.64 -14.83 15.53
N ASN C 747 -41.41 -14.50 15.94
CA ASN C 747 -40.56 -13.60 15.15
C ASN C 747 -40.23 -14.16 13.77
N THR C 748 -39.93 -15.45 13.71
CA THR C 748 -39.54 -16.06 12.44
C THR C 748 -40.75 -16.16 11.52
N THR C 749 -41.89 -16.51 12.11
CA THR C 749 -43.13 -16.61 11.34
C THR C 749 -43.52 -15.28 10.71
N LEU C 750 -43.46 -14.21 11.50
CA LEU C 750 -43.84 -12.88 11.06
C LEU C 750 -42.83 -12.38 10.03
N GLY C 751 -41.55 -12.50 10.37
CA GLY C 751 -40.48 -12.03 9.51
C GLY C 751 -40.47 -12.79 8.20
N ALA C 752 -40.42 -14.12 8.28
CA ALA C 752 -40.43 -14.95 7.09
C ALA C 752 -41.64 -14.63 6.19
N ALA C 753 -42.82 -14.61 6.77
CA ALA C 753 -44.02 -14.45 5.96
C ALA C 753 -44.07 -13.11 5.23
N TRP C 754 -43.82 -12.03 5.96
CA TRP C 754 -44.08 -10.68 5.46
C TRP C 754 -42.85 -10.01 4.87
N GLY C 755 -41.67 -10.44 5.29
CA GLY C 755 -40.44 -9.81 4.83
C GLY C 755 -39.64 -10.75 3.95
N GLY C 756 -39.93 -12.04 4.05
CA GLY C 756 -39.17 -13.05 3.35
C GLY C 756 -37.92 -13.42 4.13
N SER C 757 -37.44 -14.63 3.93
CA SER C 757 -36.23 -15.05 4.64
C SER C 757 -35.29 -15.83 3.73
N TYR C 758 -34.03 -15.40 3.68
CA TYR C 758 -32.98 -16.05 2.89
C TYR C 758 -32.56 -17.31 3.66
N VAL C 759 -32.87 -18.49 3.14
CA VAL C 759 -32.64 -19.68 3.94
C VAL C 759 -31.22 -20.21 3.77
N ASN C 760 -30.84 -20.45 2.52
CA ASN C 760 -29.50 -20.93 2.20
C ASN C 760 -29.37 -20.99 0.69
N ASP C 761 -28.28 -21.58 0.19
CA ASP C 761 -28.02 -21.62 -1.26
C ASP C 761 -28.45 -22.91 -1.93
N PHE C 762 -28.64 -22.82 -3.24
CA PHE C 762 -28.87 -24.01 -4.06
C PHE C 762 -28.09 -23.82 -5.35
N ILE C 763 -28.16 -24.79 -6.24
CA ILE C 763 -27.33 -24.70 -7.44
C ILE C 763 -28.24 -24.67 -8.64
N ASP C 764 -28.30 -23.53 -9.29
CA ASP C 764 -29.18 -23.40 -10.45
C ASP C 764 -28.36 -23.48 -11.73
N ARG C 765 -28.43 -24.64 -12.38
CA ARG C 765 -27.65 -24.87 -13.60
C ARG C 765 -26.17 -24.52 -13.42
N GLY C 766 -25.56 -25.02 -12.34
CA GLY C 766 -24.13 -24.91 -12.14
C GLY C 766 -23.69 -23.67 -11.38
N ARG C 767 -24.65 -22.79 -11.10
CA ARG C 767 -24.31 -21.55 -10.41
C ARG C 767 -25.01 -21.45 -9.06
N VAL C 768 -24.24 -21.15 -8.02
CA VAL C 768 -24.81 -21.02 -6.68
C VAL C 768 -25.80 -19.82 -6.65
N LYS C 769 -27.01 -20.03 -6.14
CA LYS C 769 -27.98 -18.91 -6.02
C LYS C 769 -28.71 -19.04 -4.71
N LYS C 770 -29.57 -18.06 -4.38
CA LYS C 770 -30.27 -18.06 -3.09
C LYS C 770 -31.61 -18.82 -3.07
N VAL C 771 -32.01 -19.24 -1.87
CA VAL C 771 -33.30 -19.82 -1.61
C VAL C 771 -34.03 -18.85 -0.68
N TYR C 772 -35.27 -18.48 -1.01
CA TYR C 772 -36.05 -17.62 -0.13
C TYR C 772 -37.40 -18.24 0.21
N VAL C 773 -37.82 -18.08 1.46
CA VAL C 773 -39.20 -18.42 1.83
C VAL C 773 -39.92 -17.12 2.16
N MET C 774 -41.18 -17.03 1.77
CA MET C 774 -41.96 -15.82 2.01
C MET C 774 -43.42 -16.15 1.78
N SER C 775 -44.31 -15.35 2.35
CA SER C 775 -45.73 -15.56 2.06
C SER C 775 -46.06 -15.33 0.59
N GLU C 776 -46.91 -16.17 0.03
CA GLU C 776 -47.47 -15.84 -1.26
C GLU C 776 -48.14 -14.47 -1.15
N ALA C 777 -48.10 -13.68 -2.22
CA ALA C 777 -48.52 -12.27 -2.20
C ALA C 777 -49.86 -11.99 -1.53
N LYS C 778 -50.88 -12.75 -1.88
CA LYS C 778 -52.22 -12.40 -1.40
C LYS C 778 -52.40 -12.52 0.12
N TYR C 779 -51.44 -13.13 0.82
CA TYR C 779 -51.57 -13.26 2.27
C TYR C 779 -50.67 -12.30 3.03
N ARG C 780 -50.13 -11.30 2.34
CA ARG C 780 -49.26 -10.32 2.99
C ARG C 780 -49.48 -8.94 2.38
N MET C 781 -50.71 -8.69 1.95
CA MET C 781 -51.12 -7.41 1.37
C MET C 781 -51.78 -6.48 2.39
N LEU C 782 -52.67 -7.04 3.23
CA LEU C 782 -53.54 -6.25 4.11
C LEU C 782 -53.22 -6.43 5.60
N PRO C 783 -53.25 -5.32 6.35
CA PRO C 783 -53.07 -5.34 7.81
C PRO C 783 -53.85 -6.47 8.47
N ASP C 784 -55.09 -6.70 8.04
CA ASP C 784 -55.87 -7.79 8.65
C ASP C 784 -55.35 -9.20 8.32
N ASP C 785 -54.49 -9.30 7.31
CA ASP C 785 -53.93 -10.62 6.95
C ASP C 785 -52.98 -11.11 8.06
N ILE C 786 -52.51 -10.19 8.89
CA ILE C 786 -51.62 -10.51 10.00
C ILE C 786 -52.13 -11.70 10.81
N GLY C 787 -53.42 -11.67 11.14
CA GLY C 787 -54.03 -12.67 12.00
C GLY C 787 -54.39 -13.99 11.37
N ASP C 788 -54.13 -14.14 10.06
CA ASP C 788 -54.35 -15.41 9.39
C ASP C 788 -53.14 -16.31 9.59
N TRP C 789 -52.10 -15.76 10.21
CA TRP C 789 -50.88 -16.54 10.48
C TRP C 789 -50.91 -17.24 11.83
N TYR C 790 -50.71 -18.55 11.81
CA TYR C 790 -50.73 -19.35 13.03
C TYR C 790 -49.32 -19.80 13.41
N VAL C 791 -49.13 -20.04 14.71
CA VAL C 791 -47.87 -20.55 15.24
C VAL C 791 -48.22 -21.77 16.09
N ARG C 792 -47.36 -22.77 16.09
CA ARG C 792 -47.66 -23.98 16.86
C ARG C 792 -47.20 -23.82 18.30
N ALA C 793 -48.13 -23.99 19.24
CA ALA C 793 -47.78 -23.89 20.67
C ALA C 793 -47.19 -25.20 21.20
N ALA C 794 -46.57 -25.14 22.38
CA ALA C 794 -45.93 -26.31 22.99
C ALA C 794 -46.86 -27.52 23.08
N ASP C 795 -48.14 -27.29 23.38
CA ASP C 795 -49.10 -28.39 23.46
C ASP C 795 -49.46 -28.94 22.08
N GLY C 796 -49.05 -28.23 21.03
CA GLY C 796 -49.33 -28.66 19.67
C GLY C 796 -50.50 -27.95 19.01
N GLN C 797 -51.14 -27.04 19.75
CA GLN C 797 -52.24 -26.23 19.22
C GLN C 797 -51.75 -25.09 18.34
N MET C 798 -52.52 -24.75 17.32
CA MET C 798 -52.18 -23.64 16.45
C MET C 798 -52.84 -22.36 16.98
N VAL C 799 -52.06 -21.28 17.14
CA VAL C 799 -52.63 -20.04 17.68
C VAL C 799 -52.44 -18.86 16.73
N PRO C 800 -53.52 -18.13 16.45
CA PRO C 800 -53.40 -17.03 15.48
C PRO C 800 -52.67 -15.84 16.08
N PHE C 801 -51.98 -15.08 15.23
CA PHE C 801 -51.27 -13.90 15.68
C PHE C 801 -52.20 -12.95 16.43
N SER C 802 -53.48 -13.01 16.10
CA SER C 802 -54.47 -12.15 16.73
C SER C 802 -54.57 -12.35 18.25
N ALA C 803 -54.13 -13.51 18.71
CA ALA C 803 -54.21 -13.86 20.14
C ALA C 803 -53.06 -13.34 21.00
N PHE C 804 -52.06 -12.70 20.37
CA PHE C 804 -50.94 -12.18 21.14
C PHE C 804 -50.26 -10.97 20.51
N SER C 805 -50.98 -10.26 19.67
CA SER C 805 -50.41 -9.08 19.03
C SER C 805 -51.45 -8.00 18.80
N SER C 806 -50.98 -6.76 18.58
CA SER C 806 -51.86 -5.65 18.27
C SER C 806 -51.06 -4.68 17.42
N SER C 807 -51.74 -3.77 16.74
CA SER C 807 -51.05 -2.89 15.80
C SER C 807 -51.49 -1.43 15.91
N ARG C 808 -50.65 -0.54 15.40
CA ARG C 808 -51.04 0.87 15.32
C ARG C 808 -50.19 1.52 14.24
N TRP C 809 -50.67 2.65 13.72
CA TRP C 809 -49.93 3.35 12.69
C TRP C 809 -49.05 4.43 13.28
N GLU C 810 -47.83 4.49 12.78
CA GLU C 810 -46.89 5.54 13.11
C GLU C 810 -46.37 6.18 11.83
N TYR C 811 -45.44 7.11 11.98
CA TYR C 811 -44.87 7.86 10.87
C TYR C 811 -43.40 8.07 11.18
N GLY C 812 -42.54 7.81 10.20
CA GLY C 812 -41.11 7.99 10.34
C GLY C 812 -40.48 8.27 8.98
N SER C 813 -39.22 8.68 8.98
CA SER C 813 -38.49 8.92 7.74
C SER C 813 -38.07 7.60 7.11
N PRO C 814 -38.27 7.47 5.79
CA PRO C 814 -37.77 6.29 5.05
C PRO C 814 -36.32 6.50 4.67
N ARG C 815 -35.82 7.71 4.90
CA ARG C 815 -34.44 8.01 4.51
C ARG C 815 -33.87 9.22 5.22
N LEU C 816 -32.87 9.00 6.08
CA LEU C 816 -32.28 10.07 6.85
C LEU C 816 -30.91 10.38 6.28
N GLU C 817 -30.63 11.68 6.05
CA GLU C 817 -29.37 12.09 5.44
C GLU C 817 -28.55 12.84 6.45
N ARG C 818 -27.22 12.82 6.29
CA ARG C 818 -26.34 13.64 7.13
C ARG C 818 -25.22 14.21 6.27
N TYR C 819 -24.67 15.32 6.71
CA TYR C 819 -23.60 15.96 5.94
C TYR C 819 -22.55 16.41 6.94
N ASN C 820 -21.32 15.96 6.74
CA ASN C 820 -20.27 16.21 7.73
C ASN C 820 -20.70 15.86 9.14
N GLY C 821 -21.44 14.75 9.29
CA GLY C 821 -21.77 14.22 10.60
C GLY C 821 -23.03 14.77 11.25
N LEU C 822 -23.68 15.72 10.58
CA LEU C 822 -24.88 16.34 11.13
C LEU C 822 -26.12 16.00 10.28
N PRO C 823 -27.31 15.93 10.91
CA PRO C 823 -28.53 15.68 10.13
C PRO C 823 -28.64 16.72 9.03
N SER C 824 -29.00 16.30 7.81
CA SER C 824 -29.03 17.23 6.68
C SER C 824 -30.16 16.94 5.70
N MET C 825 -30.37 17.86 4.78
CA MET C 825 -31.27 17.59 3.67
C MET C 825 -30.73 18.24 2.40
N GLU C 826 -30.49 17.41 1.40
CA GLU C 826 -29.96 17.89 0.14
C GLU C 826 -31.07 18.53 -0.68
N ILE C 827 -30.77 19.69 -1.26
CA ILE C 827 -31.71 20.37 -2.14
C ILE C 827 -31.03 20.63 -3.49
N LEU C 828 -31.72 20.30 -4.57
CA LEU C 828 -31.18 20.48 -5.91
C LEU C 828 -31.98 21.59 -6.60
N GLY C 829 -31.39 22.18 -7.63
CA GLY C 829 -32.04 23.26 -8.35
C GLY C 829 -31.22 23.77 -9.51
N GLN C 830 -31.84 24.61 -10.34
CA GLN C 830 -31.20 25.22 -11.50
C GLN C 830 -31.40 26.73 -11.47
N ALA C 831 -30.49 27.47 -12.10
CA ALA C 831 -30.73 28.89 -12.36
C ALA C 831 -31.77 28.97 -13.43
N ALA C 832 -32.66 29.96 -13.33
CA ALA C 832 -33.65 30.23 -14.39
C ALA C 832 -32.96 30.58 -15.71
N PRO C 833 -33.69 30.39 -16.82
CA PRO C 833 -33.13 30.71 -18.14
C PRO C 833 -32.59 32.14 -18.14
N GLY C 834 -31.40 32.34 -18.72
CA GLY C 834 -30.79 33.67 -18.74
C GLY C 834 -30.02 34.05 -17.48
N LYS C 835 -30.10 33.22 -16.45
CA LYS C 835 -29.39 33.47 -15.19
C LYS C 835 -28.24 32.48 -15.04
N SER C 836 -27.21 32.84 -14.29
CA SER C 836 -26.06 31.94 -14.06
C SER C 836 -26.22 31.16 -12.76
N THR C 837 -25.55 30.01 -12.66
CA THR C 837 -25.55 29.26 -11.42
C THR C 837 -25.04 30.13 -10.28
N GLY C 838 -24.10 31.02 -10.60
CA GLY C 838 -23.58 31.95 -9.60
C GLY C 838 -24.70 32.77 -9.00
N GLU C 839 -25.53 33.33 -9.86
CA GLU C 839 -26.67 34.14 -9.42
C GLU C 839 -27.65 33.33 -8.58
N ALA C 840 -27.96 32.11 -9.02
CA ALA C 840 -28.82 31.21 -8.25
C ALA C 840 -28.24 30.90 -6.86
N MET C 841 -26.97 30.55 -6.83
CA MET C 841 -26.30 30.30 -5.55
C MET C 841 -26.42 31.48 -4.60
N GLU C 842 -26.14 32.67 -5.12
CA GLU C 842 -26.22 33.89 -4.32
C GLU C 842 -27.60 34.08 -3.70
N LEU C 843 -28.66 33.86 -4.49
CA LEU C 843 -30.00 33.98 -3.92
C LEU C 843 -30.28 32.89 -2.87
N MET C 844 -29.91 31.64 -3.18
CA MET C 844 -30.09 30.57 -2.21
C MET C 844 -29.46 30.93 -0.85
N GLU C 845 -28.27 31.49 -0.89
CA GLU C 845 -27.63 31.94 0.34
C GLU C 845 -28.45 33.01 1.09
N GLN C 846 -28.98 33.99 0.36
CA GLN C 846 -29.82 35.02 0.99
C GLN C 846 -31.04 34.42 1.65
N LEU C 847 -31.72 33.52 0.94
CA LEU C 847 -32.90 32.87 1.49
C LEU C 847 -32.53 32.04 2.71
N ALA C 848 -31.41 31.31 2.61
CA ALA C 848 -30.99 30.44 3.70
C ALA C 848 -30.74 31.27 4.96
N SER C 849 -30.27 32.51 4.78
CA SER C 849 -29.96 33.41 5.89
C SER C 849 -31.21 33.82 6.69
N LYS C 850 -32.39 33.58 6.15
CA LYS C 850 -33.64 33.93 6.83
C LYS C 850 -34.20 32.79 7.67
N LEU C 851 -33.59 31.62 7.57
CA LEU C 851 -34.13 30.41 8.20
C LEU C 851 -33.94 30.47 9.72
N PRO C 852 -34.67 29.60 10.46
CA PRO C 852 -34.62 29.58 11.94
C PRO C 852 -33.22 29.30 12.48
N THR C 853 -32.89 29.89 13.62
CA THR C 853 -31.58 29.70 14.24
C THR C 853 -31.25 28.21 14.45
N GLY C 854 -30.01 27.84 14.14
CA GLY C 854 -29.60 26.46 14.30
C GLY C 854 -29.75 25.67 13.01
N VAL C 855 -30.25 26.34 11.98
CA VAL C 855 -30.30 25.78 10.64
C VAL C 855 -29.25 26.47 9.78
N GLY C 856 -28.21 25.73 9.39
CA GLY C 856 -27.22 26.27 8.47
C GLY C 856 -27.26 25.55 7.14
N TYR C 857 -26.27 25.80 6.29
CA TYR C 857 -26.20 25.15 4.99
C TYR C 857 -24.76 25.06 4.53
N ASP C 858 -24.54 24.26 3.49
CA ASP C 858 -23.27 24.22 2.82
C ASP C 858 -23.48 23.90 1.35
N TRP C 859 -22.49 24.22 0.52
CA TRP C 859 -22.49 23.80 -0.88
C TRP C 859 -21.66 22.53 -1.02
N THR C 860 -22.11 21.61 -1.88
CA THR C 860 -21.36 20.38 -2.11
C THR C 860 -21.24 20.05 -3.59
N GLY C 861 -20.49 19.00 -3.91
CA GLY C 861 -20.36 18.54 -5.29
C GLY C 861 -19.96 19.67 -6.21
N MET C 862 -20.73 19.86 -7.29
CA MET C 862 -20.44 20.89 -8.27
C MET C 862 -20.37 22.30 -7.68
N SER C 863 -21.30 22.61 -6.79
CA SER C 863 -21.39 23.94 -6.24
C SER C 863 -20.15 24.20 -5.36
N TYR C 864 -19.70 23.19 -4.63
CA TYR C 864 -18.46 23.32 -3.84
C TYR C 864 -17.30 23.72 -4.73
N GLN C 865 -17.13 23.05 -5.87
CA GLN C 865 -16.03 23.40 -6.76
C GLN C 865 -16.23 24.82 -7.31
N GLU C 866 -17.47 25.14 -7.66
CA GLU C 866 -17.78 26.42 -8.28
C GLU C 866 -17.41 27.55 -7.34
N ARG C 867 -17.73 27.36 -6.06
CA ARG C 867 -17.51 28.37 -5.05
C ARG C 867 -16.01 28.55 -4.81
N LEU C 868 -15.29 27.43 -4.85
CA LEU C 868 -13.86 27.45 -4.62
C LEU C 868 -13.17 28.13 -5.80
N SER C 869 -13.61 27.80 -7.01
CA SER C 869 -13.06 28.39 -8.21
C SER C 869 -13.16 29.92 -8.22
N GLY C 870 -14.32 30.45 -7.87
CA GLY C 870 -14.51 31.89 -7.88
C GLY C 870 -13.73 32.57 -6.77
N ASN C 871 -13.63 31.88 -5.64
CA ASN C 871 -12.95 32.44 -4.47
C ASN C 871 -11.44 32.60 -4.61
N GLN C 872 -10.82 31.81 -5.49
CA GLN C 872 -9.36 31.86 -5.62
C GLN C 872 -8.85 32.71 -6.81
N ALA C 873 -9.70 32.94 -7.80
CA ALA C 873 -9.32 33.68 -9.01
C ALA C 873 -8.54 34.99 -8.76
N PRO C 874 -9.02 35.83 -7.83
CA PRO C 874 -8.35 37.12 -7.61
C PRO C 874 -6.89 36.93 -7.25
N SER C 875 -6.61 36.03 -6.32
CA SER C 875 -5.22 35.73 -5.98
C SER C 875 -4.50 35.23 -7.21
N LEU C 876 -5.20 34.46 -8.04
CA LEU C 876 -4.60 33.93 -9.25
C LEU C 876 -4.14 35.07 -10.15
N TYR C 877 -5.05 36.02 -10.40
CA TYR C 877 -4.73 37.16 -11.23
C TYR C 877 -3.59 37.96 -10.61
N ALA C 878 -3.68 38.23 -9.31
CA ALA C 878 -2.66 39.04 -8.62
C ALA C 878 -1.25 38.45 -8.73
N ILE C 879 -1.10 37.19 -8.33
CA ILE C 879 0.22 36.55 -8.38
C ILE C 879 0.73 36.42 -9.82
N SER C 880 -0.18 36.14 -10.75
CA SER C 880 0.19 36.06 -12.16
C SER C 880 0.72 37.40 -12.71
N LEU C 881 0.06 38.49 -12.34
CA LEU C 881 0.49 39.83 -12.73
C LEU C 881 1.85 40.17 -12.13
N ILE C 882 2.05 39.78 -10.87
CA ILE C 882 3.31 40.01 -10.18
C ILE C 882 4.43 39.20 -10.82
N VAL C 883 4.17 37.94 -11.11
CA VAL C 883 5.19 37.11 -11.75
C VAL C 883 5.62 37.68 -13.11
N VAL C 884 4.64 38.08 -13.92
CA VAL C 884 4.95 38.64 -15.23
C VAL C 884 5.81 39.90 -15.09
N PHE C 885 5.38 40.80 -14.23
CA PHE C 885 6.15 42.01 -13.95
C PHE C 885 7.60 41.70 -13.55
N LEU C 886 7.79 40.74 -12.65
CA LEU C 886 9.12 40.41 -12.16
C LEU C 886 9.98 39.79 -13.25
N CYS C 887 9.39 38.90 -14.05
CA CYS C 887 10.14 38.27 -15.14
C CYS C 887 10.58 39.35 -16.13
N LEU C 888 9.74 40.37 -16.33
CA LEU C 888 10.10 41.47 -17.21
C LEU C 888 11.20 42.33 -16.58
N ALA C 889 11.10 42.60 -15.28
CA ALA C 889 12.11 43.39 -14.57
C ALA C 889 13.47 42.74 -14.73
N ALA C 890 13.49 41.41 -14.63
CA ALA C 890 14.74 40.66 -14.68
C ALA C 890 15.27 40.56 -16.11
N LEU C 891 14.36 40.37 -17.06
CA LEU C 891 14.76 40.22 -18.45
C LEU C 891 15.37 41.51 -18.96
N TYR C 892 14.75 42.64 -18.60
CA TYR C 892 15.13 43.91 -19.18
C TYR C 892 15.92 44.80 -18.22
N GLU C 893 16.25 44.27 -17.05
CA GLU C 893 17.01 45.02 -16.07
C GLU C 893 16.40 46.40 -15.87
N SER C 894 15.09 46.43 -15.62
CA SER C 894 14.41 47.69 -15.40
C SER C 894 13.18 47.53 -14.53
N TRP C 895 12.77 48.60 -13.86
CA TRP C 895 11.45 48.65 -13.24
C TRP C 895 10.50 49.42 -14.15
N SER C 896 11.06 50.31 -14.96
CA SER C 896 10.29 51.24 -15.80
C SER C 896 9.66 50.60 -17.05
N ILE C 897 10.44 49.82 -17.81
CA ILE C 897 9.87 49.03 -18.89
C ILE C 897 8.70 48.23 -18.35
N PRO C 898 8.96 47.36 -17.37
CA PRO C 898 7.94 46.44 -16.86
C PRO C 898 6.70 47.21 -16.44
N PHE C 899 6.86 48.37 -15.82
CA PHE C 899 5.69 49.14 -15.43
C PHE C 899 4.97 49.69 -16.68
N SER C 900 5.75 50.21 -17.63
CA SER C 900 5.20 50.67 -18.92
C SER C 900 4.38 49.57 -19.60
N VAL C 901 4.85 48.33 -19.49
CA VAL C 901 4.21 47.21 -20.16
C VAL C 901 2.93 46.81 -19.45
N MET C 902 2.98 46.68 -18.13
CA MET C 902 1.84 46.16 -17.36
C MET C 902 0.61 47.06 -17.45
N LEU C 903 0.82 48.35 -17.62
CA LEU C 903 -0.29 49.30 -17.76
C LEU C 903 -1.19 48.90 -18.92
N VAL C 904 -0.67 48.04 -19.81
CA VAL C 904 -1.41 47.59 -20.97
C VAL C 904 -2.53 46.61 -20.61
N VAL C 905 -2.42 45.99 -19.44
CA VAL C 905 -3.32 44.88 -19.12
C VAL C 905 -4.82 45.24 -19.14
N PRO C 906 -5.19 46.34 -18.49
CA PRO C 906 -6.61 46.71 -18.51
C PRO C 906 -7.14 46.90 -19.95
N LEU C 907 -6.28 47.32 -20.88
CA LEU C 907 -6.73 47.50 -22.27
C LEU C 907 -7.18 46.18 -22.90
N GLY C 908 -6.56 45.07 -22.48
CA GLY C 908 -6.94 43.77 -22.97
C GLY C 908 -8.12 43.24 -22.20
N VAL C 909 -8.10 43.39 -20.87
CA VAL C 909 -9.13 42.82 -20.04
C VAL C 909 -10.49 43.39 -20.38
N ILE C 910 -10.55 44.70 -20.60
CA ILE C 910 -11.82 45.30 -20.92
C ILE C 910 -12.41 44.68 -22.18
N GLY C 911 -11.56 44.38 -23.16
CA GLY C 911 -12.02 43.70 -24.37
C GLY C 911 -12.62 42.33 -24.09
N ALA C 912 -11.97 41.57 -23.20
CA ALA C 912 -12.47 40.27 -22.81
C ALA C 912 -13.82 40.40 -22.11
N LEU C 913 -13.92 41.36 -21.18
CA LEU C 913 -15.16 41.58 -20.45
C LEU C 913 -16.29 42.03 -21.38
N LEU C 914 -15.96 42.87 -22.35
CA LEU C 914 -16.94 43.36 -23.32
C LEU C 914 -17.50 42.21 -24.14
N ALA C 915 -16.60 41.38 -24.68
CA ALA C 915 -17.02 40.29 -25.55
C ALA C 915 -17.91 39.30 -24.81
N ALA C 916 -17.58 39.00 -23.56
CA ALA C 916 -18.41 38.04 -22.82
C ALA C 916 -19.72 38.65 -22.38
N THR C 917 -19.70 39.91 -21.97
CA THR C 917 -20.93 40.58 -21.58
C THR C 917 -21.93 40.58 -22.73
N PHE C 918 -21.49 41.04 -23.90
CA PHE C 918 -22.37 41.17 -25.05
C PHE C 918 -22.73 39.83 -25.67
N ARG C 919 -21.91 38.82 -25.47
CA ARG C 919 -22.28 37.52 -26.01
C ARG C 919 -23.15 36.74 -25.03
N GLY C 920 -23.28 37.24 -23.81
CA GLY C 920 -24.09 36.57 -22.81
C GLY C 920 -23.38 35.43 -22.11
N LEU C 921 -22.04 35.44 -22.14
CA LEU C 921 -21.29 34.42 -21.42
C LEU C 921 -21.07 34.86 -19.96
N THR C 922 -20.38 34.02 -19.20
CA THR C 922 -20.21 34.25 -17.78
C THR C 922 -18.75 34.21 -17.37
N ASN C 923 -18.51 34.66 -16.14
CA ASN C 923 -17.19 34.55 -15.55
C ASN C 923 -17.03 33.13 -15.04
N ASP C 924 -16.61 32.24 -15.94
CA ASP C 924 -16.41 30.83 -15.57
C ASP C 924 -14.94 30.41 -15.69
N VAL C 925 -14.66 29.12 -15.49
CA VAL C 925 -13.28 28.65 -15.49
C VAL C 925 -12.57 28.96 -16.80
N TYR C 926 -13.27 28.76 -17.92
CA TYR C 926 -12.70 29.08 -19.22
C TYR C 926 -12.41 30.58 -19.38
N PHE C 927 -13.24 31.42 -18.77
CA PHE C 927 -13.01 32.85 -18.82
C PHE C 927 -11.77 33.21 -17.99
N GLN C 928 -11.56 32.53 -16.86
CA GLN C 928 -10.41 32.81 -16.01
C GLN C 928 -9.13 32.52 -16.79
N VAL C 929 -9.09 31.36 -17.43
CA VAL C 929 -7.98 31.01 -18.31
C VAL C 929 -7.82 32.10 -19.37
N GLY C 930 -8.94 32.65 -19.83
CA GLY C 930 -8.91 33.69 -20.86
C GLY C 930 -8.39 35.02 -20.34
N LEU C 931 -8.70 35.35 -19.09
CA LEU C 931 -8.18 36.56 -18.50
C LEU C 931 -6.65 36.47 -18.38
N LEU C 932 -6.14 35.29 -18.01
CA LEU C 932 -4.69 35.09 -17.90
C LEU C 932 -4.01 35.22 -19.26
N THR C 933 -4.55 34.51 -20.25
CA THR C 933 -4.09 34.64 -21.63
C THR C 933 -4.11 36.10 -22.07
N THR C 934 -5.11 36.85 -21.62
CA THR C 934 -5.25 38.25 -22.03
C THR C 934 -4.14 39.11 -21.42
N ILE C 935 -3.73 38.79 -20.19
CA ILE C 935 -2.58 39.46 -19.61
C ILE C 935 -1.36 39.29 -20.52
N GLY C 936 -1.13 38.06 -20.99
CA GLY C 936 0.02 37.77 -21.85
C GLY C 936 -0.04 38.41 -23.21
N LEU C 937 -1.20 38.32 -23.87
CA LEU C 937 -1.42 38.92 -25.18
C LEU C 937 -1.20 40.42 -25.13
N SER C 938 -1.78 41.07 -24.12
CA SER C 938 -1.62 42.50 -23.95
C SER C 938 -0.14 42.85 -23.81
N ALA C 939 0.54 42.16 -22.91
CA ALA C 939 1.94 42.43 -22.65
C ALA C 939 2.77 42.16 -23.90
N LYS C 940 2.38 41.16 -24.66
CA LYS C 940 3.05 40.80 -25.91
C LYS C 940 3.04 41.98 -26.89
N ASN C 941 1.90 42.63 -27.04
CA ASN C 941 1.86 43.80 -27.91
C ASN C 941 2.65 44.97 -27.37
N ALA C 942 2.60 45.19 -26.05
CA ALA C 942 3.33 46.32 -25.47
C ALA C 942 4.85 46.12 -25.58
N ILE C 943 5.30 44.87 -25.44
CA ILE C 943 6.72 44.60 -25.57
C ILE C 943 7.22 44.95 -26.98
N LEU C 944 6.44 44.61 -28.01
CA LEU C 944 6.83 44.89 -29.38
C LEU C 944 7.10 46.37 -29.64
N ILE C 945 6.55 47.25 -28.80
CA ILE C 945 6.80 48.69 -28.93
C ILE C 945 7.87 49.20 -27.96
N VAL C 946 7.72 48.88 -26.68
CA VAL C 946 8.62 49.35 -25.63
C VAL C 946 10.06 48.82 -25.77
N GLU C 947 10.19 47.51 -25.91
CA GLU C 947 11.48 46.86 -26.15
C GLU C 947 12.27 47.58 -27.23
N PHE C 948 11.67 47.70 -28.40
CA PHE C 948 12.36 48.26 -29.54
C PHE C 948 12.64 49.76 -29.31
N ALA C 949 11.69 50.48 -28.71
CA ALA C 949 11.93 51.89 -28.41
C ALA C 949 13.09 52.10 -27.45
N LYS C 950 13.08 51.37 -26.33
CA LYS C 950 14.14 51.48 -25.34
C LYS C 950 15.50 51.18 -25.97
N ASP C 951 15.52 50.16 -26.81
CA ASP C 951 16.74 49.73 -27.48
C ASP C 951 17.25 50.80 -28.45
N LEU C 952 16.32 51.46 -29.14
CA LEU C 952 16.67 52.53 -30.07
C LEU C 952 17.31 53.69 -29.33
N MET C 953 16.78 53.99 -28.15
CA MET C 953 17.37 55.03 -27.31
C MET C 953 18.81 54.65 -26.95
N ASP C 954 19.02 53.38 -26.63
CA ASP C 954 20.33 52.91 -26.16
C ASP C 954 21.33 52.66 -27.28
N LYS C 955 20.95 51.87 -28.28
CA LYS C 955 21.85 51.56 -29.39
C LYS C 955 22.14 52.79 -30.24
N GLU C 956 21.09 53.51 -30.62
CA GLU C 956 21.22 54.57 -31.63
C GLU C 956 21.11 55.98 -31.03
N GLY C 957 21.09 56.05 -29.70
CA GLY C 957 21.12 57.33 -29.00
C GLY C 957 19.99 58.28 -29.36
N LYS C 958 18.85 57.73 -29.77
CA LYS C 958 17.71 58.56 -30.13
C LYS C 958 17.00 59.07 -28.89
N GLY C 959 16.38 60.24 -28.99
CA GLY C 959 15.58 60.76 -27.89
C GLY C 959 14.26 60.01 -27.71
N LEU C 960 13.62 60.24 -26.56
CA LEU C 960 12.38 59.56 -26.19
C LEU C 960 11.39 59.51 -27.35
N ILE C 961 10.94 60.68 -27.79
CA ILE C 961 9.89 60.79 -28.79
C ILE C 961 10.27 60.13 -30.11
N GLU C 962 11.48 60.45 -30.59
CA GLU C 962 11.98 59.89 -31.84
C GLU C 962 12.02 58.37 -31.82
N ALA C 963 12.55 57.78 -30.75
CA ALA C 963 12.67 56.32 -30.66
C ALA C 963 11.30 55.65 -30.58
N THR C 964 10.39 56.26 -29.83
CA THR C 964 9.04 55.74 -29.70
C THR C 964 8.41 55.75 -31.08
N LEU C 965 8.50 56.89 -31.77
CA LEU C 965 7.90 57.06 -33.08
C LEU C 965 8.51 56.13 -34.13
N ASP C 966 9.81 55.90 -34.04
CA ASP C 966 10.45 54.93 -34.94
C ASP C 966 9.99 53.51 -34.59
N ALA C 967 9.98 53.20 -33.30
CA ALA C 967 9.57 51.88 -32.83
C ALA C 967 8.17 51.54 -33.35
N VAL C 968 7.26 52.46 -33.11
CA VAL C 968 5.86 52.32 -33.51
C VAL C 968 5.68 52.24 -35.04
N ARG C 969 6.51 52.97 -35.79
CA ARG C 969 6.45 52.91 -37.24
C ARG C 969 6.85 51.53 -37.78
N MET C 970 7.95 50.99 -37.27
CA MET C 970 8.47 49.71 -37.74
C MET C 970 7.70 48.51 -37.16
N ARG C 971 6.97 48.72 -36.06
CA ARG C 971 6.36 47.60 -35.36
C ARG C 971 4.87 47.41 -35.63
N LEU C 972 4.26 48.33 -36.39
CA LEU C 972 2.82 48.21 -36.67
C LEU C 972 2.48 46.94 -37.45
N ARG C 973 3.19 46.68 -38.54
CA ARG C 973 2.95 45.49 -39.36
C ARG C 973 3.05 44.18 -38.55
N PRO C 974 4.17 43.97 -37.84
CA PRO C 974 4.33 42.75 -37.04
C PRO C 974 3.24 42.62 -35.97
N ILE C 975 2.90 43.73 -35.32
CA ILE C 975 1.87 43.70 -34.27
C ILE C 975 0.51 43.34 -34.85
N LEU C 976 0.16 43.93 -35.99
CA LEU C 976 -1.12 43.61 -36.63
C LEU C 976 -1.13 42.17 -37.15
N MET C 977 -0.04 41.73 -37.77
CA MET C 977 0.07 40.34 -38.22
C MET C 977 -0.17 39.36 -37.07
N THR C 978 0.55 39.56 -35.98
CA THR C 978 0.48 38.58 -34.89
C THR C 978 -0.87 38.62 -34.19
N SER C 979 -1.39 39.81 -33.97
CA SER C 979 -2.69 39.94 -33.30
C SER C 979 -3.80 39.32 -34.13
N LEU C 980 -3.78 39.60 -35.44
CA LEU C 980 -4.74 39.02 -36.38
C LEU C 980 -4.63 37.50 -36.46
N ALA C 981 -3.40 36.98 -36.42
CA ALA C 981 -3.20 35.54 -36.47
C ALA C 981 -3.87 34.89 -35.27
N PHE C 982 -3.80 35.56 -34.13
CA PHE C 982 -4.44 35.04 -32.92
C PHE C 982 -5.96 35.16 -33.02
N ILE C 983 -6.42 36.34 -33.44
CA ILE C 983 -7.85 36.61 -33.55
C ILE C 983 -8.51 35.63 -34.51
N LEU C 984 -7.97 35.48 -35.71
CA LEU C 984 -8.55 34.52 -36.65
C LEU C 984 -8.33 33.09 -36.15
N GLY C 985 -7.27 32.91 -35.36
CA GLY C 985 -6.94 31.60 -34.82
C GLY C 985 -8.00 31.07 -33.86
N VAL C 986 -8.53 31.96 -33.01
CA VAL C 986 -9.53 31.55 -32.03
C VAL C 986 -10.95 31.70 -32.59
N MET C 987 -11.04 32.30 -33.76
CA MET C 987 -12.30 32.45 -34.48
C MET C 987 -13.17 31.18 -34.45
N PRO C 988 -12.62 30.06 -34.93
CA PRO C 988 -13.37 28.79 -34.99
C PRO C 988 -13.96 28.40 -33.63
N LEU C 989 -13.26 28.67 -32.53
CA LEU C 989 -13.81 28.40 -31.20
C LEU C 989 -15.04 29.30 -30.97
N VAL C 990 -14.91 30.55 -31.41
CA VAL C 990 -15.94 31.55 -31.14
C VAL C 990 -17.24 31.26 -31.88
N ILE C 991 -17.15 30.81 -33.13
CA ILE C 991 -18.33 30.59 -33.95
C ILE C 991 -18.75 29.11 -34.04
N SER C 992 -18.16 28.28 -33.19
CA SER C 992 -18.50 26.87 -33.16
C SER C 992 -19.94 26.68 -32.70
N THR C 993 -20.65 25.77 -33.37
CA THR C 993 -22.01 25.41 -32.96
C THR C 993 -22.15 23.90 -32.74
N GLY C 994 -21.10 23.15 -33.06
CA GLY C 994 -21.13 21.69 -32.92
C GLY C 994 -21.23 21.18 -31.50
N ALA C 995 -21.21 19.86 -31.35
CA ALA C 995 -21.20 19.23 -30.03
C ALA C 995 -19.98 19.71 -29.27
N GLY C 996 -20.15 20.06 -27.99
CA GLY C 996 -19.05 20.55 -27.17
C GLY C 996 -18.77 22.03 -27.35
N SER C 997 -19.64 22.70 -28.11
CA SER C 997 -19.39 24.09 -28.50
C SER C 997 -19.62 25.09 -27.37
N GLY C 998 -20.25 24.67 -26.28
CA GLY C 998 -20.33 25.54 -25.12
C GLY C 998 -18.91 25.85 -24.63
N ALA C 999 -18.11 24.80 -24.44
CA ALA C 999 -16.74 24.97 -23.96
C ALA C 999 -15.95 25.80 -24.97
N GLN C 1000 -16.05 25.41 -26.25
CA GLN C 1000 -15.34 26.13 -27.31
C GLN C 1000 -15.67 27.62 -27.31
N ASN C 1001 -16.96 27.95 -27.26
CA ASN C 1001 -17.34 29.36 -27.23
C ASN C 1001 -16.78 30.07 -26.01
N ALA C 1002 -16.79 29.39 -24.87
CA ALA C 1002 -16.31 29.98 -23.63
C ALA C 1002 -14.81 30.21 -23.65
N VAL C 1003 -14.08 29.30 -24.30
CA VAL C 1003 -12.63 29.43 -24.37
C VAL C 1003 -12.23 30.57 -25.31
N GLY C 1004 -12.87 30.62 -26.47
CA GLY C 1004 -12.49 31.58 -27.50
C GLY C 1004 -12.96 33.00 -27.35
N THR C 1005 -14.16 33.21 -26.79
CA THR C 1005 -14.82 34.52 -26.91
C THR C 1005 -14.06 35.64 -26.19
N GLY C 1006 -13.82 35.45 -24.89
CA GLY C 1006 -13.12 36.44 -24.10
C GLY C 1006 -11.75 36.81 -24.64
N VAL C 1007 -10.89 35.81 -24.88
CA VAL C 1007 -9.55 36.09 -25.40
C VAL C 1007 -9.59 36.72 -26.78
N MET C 1008 -10.64 36.44 -27.55
CA MET C 1008 -10.76 37.12 -28.84
C MET C 1008 -11.05 38.60 -28.67
N GLY C 1009 -11.87 38.95 -27.69
CA GLY C 1009 -12.21 40.35 -27.46
C GLY C 1009 -11.02 41.03 -26.78
N GLY C 1010 -10.31 40.26 -25.96
CA GLY C 1010 -9.13 40.77 -25.31
C GLY C 1010 -8.08 41.19 -26.32
N MET C 1011 -7.80 40.32 -27.29
CA MET C 1011 -6.76 40.65 -28.25
C MET C 1011 -7.17 41.83 -29.12
N VAL C 1012 -8.47 41.96 -29.39
CA VAL C 1012 -8.94 43.05 -30.21
C VAL C 1012 -8.65 44.40 -29.55
N THR C 1013 -9.13 44.58 -28.32
CA THR C 1013 -8.91 45.84 -27.62
C THR C 1013 -7.43 46.01 -27.26
N ALA C 1014 -6.73 44.88 -27.06
CA ALA C 1014 -5.31 44.91 -26.72
C ALA C 1014 -4.43 45.19 -27.92
N THR C 1015 -5.04 45.19 -29.10
CA THR C 1015 -4.35 45.58 -30.33
C THR C 1015 -4.76 47.00 -30.68
N VAL C 1016 -6.07 47.20 -30.89
CA VAL C 1016 -6.62 48.49 -31.25
C VAL C 1016 -6.26 49.60 -30.26
N LEU C 1017 -6.37 49.31 -28.97
CA LEU C 1017 -6.10 50.33 -27.96
C LEU C 1017 -4.59 50.51 -27.71
N ALA C 1018 -3.87 49.40 -27.68
CA ALA C 1018 -2.47 49.41 -27.25
C ALA C 1018 -1.57 50.18 -28.20
N ILE C 1019 -1.82 50.06 -29.50
CA ILE C 1019 -0.97 50.72 -30.47
C ILE C 1019 -1.01 52.25 -30.28
N PHE C 1020 -2.01 52.74 -29.56
CA PHE C 1020 -2.10 54.16 -29.24
C PHE C 1020 -1.69 54.47 -27.80
N PHE C 1021 -2.05 53.60 -26.88
CA PHE C 1021 -1.80 53.88 -25.46
C PHE C 1021 -0.38 53.51 -24.98
N VAL C 1022 0.16 52.40 -25.49
CA VAL C 1022 1.49 51.96 -25.07
C VAL C 1022 2.55 53.05 -25.22
N PRO C 1023 2.56 53.77 -26.36
CA PRO C 1023 3.50 54.87 -26.52
C PRO C 1023 3.33 55.96 -25.45
N VAL C 1024 2.10 56.19 -25.01
CA VAL C 1024 1.84 57.12 -23.93
C VAL C 1024 2.41 56.61 -22.60
N PHE C 1025 2.12 55.34 -22.31
CA PHE C 1025 2.64 54.69 -21.12
C PHE C 1025 4.16 54.84 -21.06
N PHE C 1026 4.83 54.49 -22.16
CA PHE C 1026 6.28 54.50 -22.22
C PHE C 1026 6.83 55.92 -22.03
N VAL C 1027 6.37 56.83 -22.87
CA VAL C 1027 6.80 58.21 -22.81
C VAL C 1027 6.53 58.85 -21.45
N VAL C 1028 5.36 58.57 -20.88
CA VAL C 1028 4.98 59.15 -19.60
C VAL C 1028 5.79 58.57 -18.43
N VAL C 1029 5.94 57.25 -18.39
CA VAL C 1029 6.70 56.60 -17.32
C VAL C 1029 8.17 57.02 -17.32
N ARG C 1030 8.77 57.10 -18.50
CA ARG C 1030 10.16 57.52 -18.63
C ARG C 1030 10.36 58.94 -18.13
N ARG C 1031 9.52 59.85 -18.63
CA ARG C 1031 9.56 61.26 -18.23
C ARG C 1031 9.47 61.42 -16.72
N ARG C 1032 8.68 60.57 -16.07
CA ARG C 1032 8.40 60.70 -14.64
C ARG C 1032 9.41 59.93 -13.77
N PHE C 1033 9.63 58.67 -14.09
CA PHE C 1033 10.55 57.85 -13.30
C PHE C 1033 11.75 57.46 -14.14
N SER C 1034 12.70 58.38 -14.32
CA SER C 1034 13.88 58.00 -15.07
C SER C 1034 14.87 59.11 -15.30
N ARG C 1035 16.07 58.70 -15.67
CA ARG C 1035 17.06 59.56 -16.28
C ARG C 1035 16.38 60.83 -16.77
N LYS C 1036 16.57 61.94 -16.08
CA LYS C 1036 17.34 61.96 -14.83
C LYS C 1036 17.11 63.28 -14.11
N GLY D 11 2.66 -9.30 58.89
CA GLY D 11 1.84 -8.24 59.44
C GLY D 11 2.65 -7.09 60.03
N SER D 12 3.95 -7.32 60.16
CA SER D 12 4.88 -6.28 60.64
C SER D 12 5.90 -5.97 59.54
N ASP D 13 6.70 -4.93 59.75
CA ASP D 13 7.77 -4.63 58.80
C ASP D 13 8.53 -5.92 58.49
N LEU D 14 9.00 -6.58 59.54
CA LEU D 14 9.83 -7.77 59.39
C LEU D 14 9.04 -9.00 58.95
N GLY D 15 7.83 -9.14 59.46
CA GLY D 15 6.92 -10.15 58.95
C GLY D 15 6.81 -10.09 57.43
N LYS D 16 6.51 -8.91 56.89
CA LYS D 16 6.37 -8.77 55.44
C LYS D 16 7.65 -9.21 54.73
N LYS D 17 8.79 -8.72 55.22
CA LYS D 17 10.06 -9.04 54.58
C LYS D 17 10.34 -10.53 54.64
N LEU D 18 9.96 -11.16 55.75
CA LEU D 18 10.17 -12.59 55.91
C LEU D 18 9.33 -13.37 54.90
N LEU D 19 8.06 -12.98 54.74
CA LEU D 19 7.23 -13.60 53.71
C LEU D 19 7.90 -13.49 52.34
N GLU D 20 8.38 -12.29 52.01
CA GLU D 20 9.04 -12.09 50.71
C GLU D 20 10.27 -12.97 50.61
N ALA D 21 11.15 -12.86 51.60
CA ALA D 21 12.43 -13.56 51.53
C ALA D 21 12.26 -15.08 51.43
N ALA D 22 11.24 -15.62 52.11
CA ALA D 22 11.01 -17.06 52.12
C ALA D 22 10.51 -17.52 50.75
N ARG D 23 9.69 -16.68 50.14
CA ARG D 23 9.15 -17.01 48.84
C ARG D 23 10.25 -16.96 47.78
N ALA D 24 11.15 -15.99 47.92
CA ALA D 24 12.21 -15.79 46.94
C ALA D 24 13.38 -16.74 47.16
N GLY D 25 13.37 -17.46 48.28
CA GLY D 25 14.46 -18.36 48.60
C GLY D 25 15.78 -17.64 48.90
N ARG D 26 15.69 -16.45 49.47
CA ARG D 26 16.90 -15.72 49.88
C ARG D 26 17.32 -16.16 51.27
N ASP D 27 18.14 -17.21 51.32
CA ASP D 27 18.60 -17.80 52.59
C ASP D 27 19.30 -16.82 53.53
N ASP D 28 20.11 -15.93 52.98
CA ASP D 28 20.87 -15.02 53.82
C ASP D 28 19.93 -14.04 54.49
N GLU D 29 19.02 -13.48 53.70
CA GLU D 29 18.06 -12.55 54.25
C GLU D 29 17.28 -13.24 55.36
N VAL D 30 16.80 -14.46 55.11
CA VAL D 30 16.03 -15.17 56.12
C VAL D 30 16.85 -15.32 57.41
N ARG D 31 18.12 -15.70 57.26
CA ARG D 31 19.00 -15.87 58.41
C ARG D 31 19.02 -14.61 59.26
N ILE D 32 19.24 -13.49 58.60
CA ILE D 32 19.31 -12.21 59.30
C ILE D 32 17.98 -11.88 59.97
N LEU D 33 16.88 -12.15 59.26
CA LEU D 33 15.54 -11.92 59.78
C LEU D 33 15.25 -12.79 61.00
N MET D 34 15.69 -14.04 60.97
CA MET D 34 15.59 -14.90 62.15
C MET D 34 16.36 -14.32 63.33
N ALA D 35 17.53 -13.73 63.07
CA ALA D 35 18.34 -13.16 64.14
C ALA D 35 17.64 -11.95 64.76
N ASN D 36 16.84 -11.26 63.94
CA ASN D 36 16.21 -10.02 64.36
C ASN D 36 14.80 -10.16 64.91
N GLY D 37 14.26 -11.38 64.89
CA GLY D 37 12.97 -11.65 65.50
C GLY D 37 11.76 -11.54 64.56
N ALA D 38 12.02 -11.57 63.26
CA ALA D 38 10.95 -11.52 62.27
C ALA D 38 9.93 -12.63 62.53
N ASP D 39 8.65 -12.26 62.60
CA ASP D 39 7.59 -13.18 62.99
C ASP D 39 7.47 -14.40 62.06
N VAL D 40 7.90 -15.57 62.55
CA VAL D 40 7.79 -16.80 61.77
C VAL D 40 6.32 -17.15 61.50
N ASN D 41 5.42 -16.48 62.22
CA ASN D 41 3.99 -16.75 62.11
C ASN D 41 3.24 -15.67 61.33
N ALA D 42 3.98 -14.78 60.69
CA ALA D 42 3.36 -13.81 59.80
C ALA D 42 2.55 -14.57 58.75
N ALA D 43 1.36 -14.07 58.44
CA ALA D 43 0.55 -14.65 57.37
C ALA D 43 0.09 -13.54 56.45
N ASP D 44 -0.04 -13.85 55.17
CA ASP D 44 -0.60 -12.89 54.23
C ASP D 44 -2.13 -13.01 54.17
N VAL D 45 -2.76 -12.40 53.16
CA VAL D 45 -4.22 -12.36 53.12
C VAL D 45 -4.84 -13.72 53.00
N VAL D 46 -4.19 -14.62 52.25
CA VAL D 46 -4.79 -15.93 52.03
C VAL D 46 -4.41 -16.91 53.14
N GLY D 47 -3.68 -16.40 54.12
CA GLY D 47 -3.30 -17.21 55.28
C GLY D 47 -2.02 -17.99 55.13
N TRP D 48 -1.20 -17.65 54.14
CA TRP D 48 0.08 -18.34 53.97
C TRP D 48 1.18 -17.77 54.86
N THR D 49 1.81 -18.65 55.62
CA THR D 49 2.99 -18.32 56.42
C THR D 49 4.25 -18.45 55.58
N PRO D 50 5.37 -17.91 56.08
CA PRO D 50 6.64 -18.09 55.37
C PRO D 50 6.86 -19.56 55.07
N LEU D 51 6.48 -20.44 56.00
CA LEU D 51 6.63 -21.88 55.78
C LEU D 51 5.78 -22.36 54.61
N HIS D 52 4.55 -21.87 54.49
CA HIS D 52 3.73 -22.16 53.32
C HIS D 52 4.51 -21.75 52.07
N LEU D 53 5.03 -20.52 52.07
CA LEU D 53 5.70 -19.99 50.88
C LEU D 53 6.91 -20.84 50.52
N ALA D 54 7.72 -21.14 51.53
CA ALA D 54 8.92 -21.94 51.33
C ALA D 54 8.58 -23.33 50.85
N ALA D 55 7.48 -23.88 51.39
CA ALA D 55 7.07 -25.23 51.00
C ALA D 55 6.59 -25.25 49.54
N TYR D 56 5.85 -24.23 49.15
CA TYR D 56 5.31 -24.15 47.81
C TYR D 56 6.44 -23.99 46.82
N TRP D 57 7.34 -23.05 47.07
CA TRP D 57 8.36 -22.75 46.09
C TRP D 57 9.60 -23.65 46.19
N GLY D 58 9.55 -24.65 47.06
CA GLY D 58 10.63 -25.62 47.18
C GLY D 58 11.94 -25.13 47.74
N HIS D 59 11.89 -24.29 48.76
CA HIS D 59 13.11 -23.80 49.37
C HIS D 59 13.45 -24.57 50.64
N LEU D 60 14.18 -25.67 50.47
CA LEU D 60 14.47 -26.62 51.55
C LEU D 60 15.17 -25.99 52.76
N GLU D 61 16.25 -25.25 52.53
CA GLU D 61 17.04 -24.68 53.63
C GLU D 61 16.16 -23.74 54.45
N ILE D 62 15.36 -22.94 53.75
CA ILE D 62 14.50 -21.98 54.45
C ILE D 62 13.45 -22.72 55.26
N VAL D 63 12.89 -23.79 54.70
CA VAL D 63 11.96 -24.63 55.46
C VAL D 63 12.61 -25.06 56.78
N GLU D 64 13.82 -25.57 56.71
CA GLU D 64 14.51 -26.08 57.91
C GLU D 64 14.81 -24.95 58.90
N VAL D 65 15.24 -23.80 58.39
CA VAL D 65 15.54 -22.67 59.26
C VAL D 65 14.27 -22.21 59.99
N LEU D 66 13.15 -22.14 59.27
CA LEU D 66 11.88 -21.73 59.83
C LEU D 66 11.42 -22.65 60.98
N LEU D 67 11.47 -23.95 60.74
CA LEU D 67 11.11 -24.95 61.75
C LEU D 67 12.02 -24.89 62.99
N LYS D 68 13.29 -24.51 62.81
CA LYS D 68 14.20 -24.35 63.95
C LYS D 68 13.83 -23.11 64.74
N ASN D 69 13.20 -22.16 64.06
CA ASN D 69 12.79 -20.92 64.69
C ASN D 69 11.32 -20.89 65.07
N GLY D 70 10.77 -22.04 65.46
CA GLY D 70 9.45 -22.11 66.04
C GLY D 70 8.28 -21.89 65.05
N ALA D 71 8.50 -22.18 63.76
CA ALA D 71 7.38 -22.05 62.82
C ALA D 71 6.34 -23.12 63.13
N ASP D 72 5.07 -22.79 62.91
CA ASP D 72 3.99 -23.77 63.09
C ASP D 72 3.96 -24.69 61.87
N VAL D 73 4.35 -25.94 62.06
CA VAL D 73 4.48 -26.89 60.95
C VAL D 73 3.10 -27.21 60.43
N ASN D 74 2.09 -26.99 61.26
CA ASN D 74 0.72 -27.29 60.84
C ASN D 74 -0.15 -26.05 60.62
N ALA D 75 0.47 -24.91 60.37
CA ALA D 75 -0.28 -23.72 59.99
C ALA D 75 -1.21 -24.04 58.82
N TYR D 76 -2.45 -23.55 58.86
CA TYR D 76 -3.35 -23.73 57.72
C TYR D 76 -3.80 -22.40 57.13
N ASP D 77 -4.04 -22.38 55.81
CA ASP D 77 -4.49 -21.16 55.14
C ASP D 77 -6.01 -20.96 55.24
N THR D 78 -6.56 -20.03 54.47
CA THR D 78 -7.97 -19.70 54.65
C THR D 78 -8.90 -20.77 54.08
N LEU D 79 -8.32 -21.69 53.31
CA LEU D 79 -9.07 -22.82 52.76
C LEU D 79 -8.61 -24.12 53.43
N GLY D 80 -7.87 -23.99 54.52
CA GLY D 80 -7.49 -25.14 55.34
C GLY D 80 -6.31 -25.97 54.86
N SER D 81 -5.50 -25.42 53.96
CA SER D 81 -4.36 -26.13 53.42
C SER D 81 -3.09 -25.84 54.22
N THR D 82 -2.29 -26.89 54.45
CA THR D 82 -1.03 -26.79 55.19
C THR D 82 0.18 -26.82 54.27
N PRO D 83 1.36 -26.47 54.81
CA PRO D 83 2.62 -26.51 54.08
C PRO D 83 2.90 -27.91 53.55
N LEU D 84 2.48 -28.95 54.28
CA LEU D 84 2.67 -30.32 53.80
C LEU D 84 1.84 -30.59 52.55
N HIS D 85 0.61 -30.05 52.54
CA HIS D 85 -0.25 -30.12 51.35
C HIS D 85 0.52 -29.60 50.16
N LEU D 86 1.09 -28.41 50.30
CA LEU D 86 1.81 -27.77 49.20
C LEU D 86 3.04 -28.58 48.79
N ALA D 87 3.84 -28.98 49.77
CA ALA D 87 5.07 -29.70 49.47
C ALA D 87 4.75 -31.00 48.75
N ALA D 88 3.69 -31.67 49.18
CA ALA D 88 3.32 -32.96 48.60
C ALA D 88 2.76 -32.79 47.18
N HIS D 89 2.01 -31.71 46.98
CA HIS D 89 1.39 -31.44 45.68
C HIS D 89 2.41 -31.08 44.61
N PHE D 90 3.44 -30.32 44.99
CA PHE D 90 4.39 -29.83 44.00
C PHE D 90 5.70 -30.63 43.92
N GLY D 91 5.69 -31.84 44.48
CA GLY D 91 6.81 -32.77 44.31
C GLY D 91 8.06 -32.50 45.12
N HIS D 92 7.95 -31.73 46.19
CA HIS D 92 9.13 -31.42 47.01
C HIS D 92 9.41 -32.47 48.07
N LEU D 93 9.99 -33.58 47.60
CA LEU D 93 10.25 -34.77 48.41
C LEU D 93 10.94 -34.53 49.75
N GLU D 94 12.05 -33.80 49.74
CA GLU D 94 12.84 -33.65 50.96
C GLU D 94 12.21 -32.66 51.93
N ILE D 95 11.52 -31.66 51.39
CA ILE D 95 10.73 -30.77 52.22
C ILE D 95 9.64 -31.61 52.93
N VAL D 96 8.96 -32.45 52.15
CA VAL D 96 7.94 -33.34 52.69
C VAL D 96 8.51 -34.17 53.86
N GLU D 97 9.71 -34.71 53.66
CA GLU D 97 10.34 -35.51 54.70
C GLU D 97 10.61 -34.65 55.94
N VAL D 98 11.17 -33.47 55.73
CA VAL D 98 11.50 -32.57 56.83
C VAL D 98 10.24 -32.18 57.63
N LEU D 99 9.19 -31.79 56.93
CA LEU D 99 7.95 -31.39 57.58
C LEU D 99 7.42 -32.52 58.46
N LEU D 100 7.39 -33.74 57.93
CA LEU D 100 6.92 -34.90 58.66
C LEU D 100 7.84 -35.20 59.86
N LYS D 101 9.15 -35.08 59.68
CA LYS D 101 10.08 -35.22 60.80
C LYS D 101 9.68 -34.27 61.91
N ASN D 102 9.14 -33.11 61.55
CA ASN D 102 8.92 -32.05 62.52
C ASN D 102 7.46 -31.94 62.99
N GLY D 103 6.70 -33.01 62.85
CA GLY D 103 5.35 -33.08 63.38
C GLY D 103 4.21 -32.80 62.40
N ALA D 104 4.53 -32.53 61.14
CA ALA D 104 3.47 -32.24 60.16
C ALA D 104 2.39 -33.32 60.27
N ASP D 105 1.12 -32.90 60.28
CA ASP D 105 0.01 -33.85 60.35
C ASP D 105 -0.16 -34.54 58.99
N VAL D 106 0.27 -35.81 58.89
CA VAL D 106 0.26 -36.51 57.62
C VAL D 106 -1.16 -36.64 57.04
N ASN D 107 -2.17 -36.56 57.90
CA ASN D 107 -3.56 -36.73 57.46
C ASN D 107 -4.41 -35.46 57.47
N ALA D 108 -3.77 -34.30 57.55
CA ALA D 108 -4.51 -33.03 57.52
C ALA D 108 -5.45 -32.95 56.33
N LYS D 109 -6.71 -32.60 56.57
CA LYS D 109 -7.67 -32.37 55.51
C LYS D 109 -7.93 -30.87 55.32
N ASP D 110 -7.82 -30.37 54.09
CA ASP D 110 -8.23 -28.99 53.82
C ASP D 110 -9.76 -28.92 53.82
N ASP D 111 -10.32 -27.75 53.50
CA ASP D 111 -11.77 -27.58 53.57
C ASP D 111 -12.52 -28.47 52.57
N ASN D 112 -11.83 -28.92 51.53
CA ASN D 112 -12.44 -29.84 50.56
C ASN D 112 -12.31 -31.30 51.00
N GLY D 113 -11.75 -31.52 52.18
CA GLY D 113 -11.47 -32.86 52.66
C GLY D 113 -10.34 -33.52 51.91
N ILE D 114 -9.51 -32.70 51.26
CA ILE D 114 -8.39 -33.20 50.49
C ILE D 114 -7.16 -33.31 51.39
N THR D 115 -6.40 -34.40 51.24
CA THR D 115 -5.20 -34.64 52.04
C THR D 115 -3.96 -34.62 51.17
N PRO D 116 -2.79 -34.56 51.80
CA PRO D 116 -1.49 -34.56 51.11
C PRO D 116 -1.36 -35.78 50.20
N LEU D 117 -1.83 -36.93 50.67
CA LEU D 117 -1.86 -38.15 49.84
C LEU D 117 -2.67 -37.95 48.55
N HIS D 118 -3.89 -37.42 48.66
CA HIS D 118 -4.69 -37.13 47.46
C HIS D 118 -3.86 -36.32 46.47
N LEU D 119 -3.18 -35.29 46.97
CA LEU D 119 -2.46 -34.36 46.11
C LEU D 119 -1.24 -34.98 45.45
N ALA D 120 -0.45 -35.74 46.22
CA ALA D 120 0.71 -36.42 45.66
C ALA D 120 0.24 -37.43 44.62
N ALA D 121 -0.80 -38.20 44.98
CA ALA D 121 -1.37 -39.16 44.05
C ALA D 121 -1.76 -38.45 42.76
N ASN D 122 -2.63 -37.44 42.87
CA ASN D 122 -3.10 -36.74 41.70
C ASN D 122 -1.99 -36.32 40.73
N ARG D 123 -0.81 -36.02 41.27
CA ARG D 123 0.29 -35.50 40.45
C ARG D 123 1.31 -36.59 40.15
N GLY D 124 1.00 -37.81 40.58
CA GLY D 124 1.88 -38.94 40.34
C GLY D 124 3.24 -38.88 41.00
N HIS D 125 3.30 -38.27 42.19
CA HIS D 125 4.55 -38.21 42.93
C HIS D 125 4.75 -39.46 43.81
N LEU D 126 5.30 -40.52 43.21
CA LEU D 126 5.37 -41.84 43.85
C LEU D 126 6.17 -41.84 45.13
N GLU D 127 7.39 -41.31 45.08
CA GLU D 127 8.24 -41.30 46.26
C GLU D 127 7.55 -40.60 47.43
N ILE D 128 6.96 -39.44 47.15
CA ILE D 128 6.23 -38.68 48.18
C ILE D 128 5.07 -39.53 48.71
N VAL D 129 4.36 -40.19 47.82
CA VAL D 129 3.28 -41.07 48.29
C VAL D 129 3.80 -42.11 49.27
N GLU D 130 4.94 -42.71 48.96
CA GLU D 130 5.49 -43.76 49.82
C GLU D 130 5.93 -43.19 51.17
N VAL D 131 6.61 -42.04 51.15
CA VAL D 131 6.97 -41.37 52.39
C VAL D 131 5.72 -41.13 53.24
N LEU D 132 4.68 -40.56 52.63
CA LEU D 132 3.45 -40.29 53.35
C LEU D 132 2.88 -41.54 53.99
N LEU D 133 2.83 -42.64 53.25
CA LEU D 133 2.31 -43.89 53.79
C LEU D 133 3.17 -44.36 54.95
N LYS D 134 4.49 -44.26 54.75
CA LYS D 134 5.46 -44.55 55.79
C LYS D 134 5.05 -43.85 57.08
N TYR D 135 4.70 -42.57 56.98
CA TYR D 135 4.38 -41.77 58.17
C TYR D 135 2.93 -41.89 58.64
N GLY D 136 2.20 -42.87 58.13
CA GLY D 136 0.88 -43.17 58.64
C GLY D 136 -0.26 -42.54 57.85
N ALA D 137 0.03 -42.17 56.61
CA ALA D 137 -1.01 -41.59 55.77
C ALA D 137 -2.17 -42.58 55.64
N ASP D 138 -3.38 -42.09 55.92
CA ASP D 138 -4.59 -42.93 55.85
C ASP D 138 -4.99 -43.18 54.40
N VAL D 139 -4.74 -44.39 53.93
CA VAL D 139 -4.97 -44.71 52.53
C VAL D 139 -6.46 -44.68 52.17
N ASN D 140 -7.31 -44.80 53.19
CA ASN D 140 -8.75 -44.85 52.94
C ASN D 140 -9.49 -43.51 53.10
N ALA D 141 -8.75 -42.45 53.38
CA ALA D 141 -9.35 -41.12 53.54
C ALA D 141 -10.06 -40.65 52.27
N GLN D 142 -11.25 -40.10 52.43
CA GLN D 142 -12.07 -39.64 51.32
C GLN D 142 -12.26 -38.12 51.33
N ASP D 143 -12.13 -37.49 50.16
CA ASP D 143 -12.39 -36.07 50.06
C ASP D 143 -13.90 -35.80 50.05
N LYS D 144 -14.30 -34.55 49.83
CA LYS D 144 -15.71 -34.20 49.89
C LYS D 144 -16.53 -35.01 48.88
N PHE D 145 -15.85 -35.55 47.87
CA PHE D 145 -16.55 -36.29 46.82
C PHE D 145 -16.49 -37.80 47.01
N GLY D 146 -15.95 -38.25 48.14
CA GLY D 146 -15.88 -39.66 48.45
C GLY D 146 -14.70 -40.35 47.80
N LYS D 147 -13.83 -39.59 47.16
CA LYS D 147 -12.68 -40.18 46.48
C LYS D 147 -11.49 -40.46 47.41
N THR D 148 -10.77 -41.54 47.14
CA THR D 148 -9.52 -41.87 47.83
C THR D 148 -8.37 -41.68 46.86
N ALA D 149 -7.14 -41.82 47.35
CA ALA D 149 -5.98 -41.67 46.48
C ALA D 149 -5.97 -42.79 45.42
N PHE D 150 -6.47 -43.95 45.77
CA PHE D 150 -6.60 -45.06 44.83
C PHE D 150 -7.60 -44.74 43.70
N ASP D 151 -8.80 -44.27 44.06
CA ASP D 151 -9.74 -43.78 43.04
C ASP D 151 -9.06 -42.81 42.08
N ILE D 152 -8.33 -41.84 42.64
CA ILE D 152 -7.61 -40.85 41.84
C ILE D 152 -6.64 -41.50 40.85
N SER D 153 -5.92 -42.53 41.29
CA SER D 153 -4.88 -43.15 40.48
C SER D 153 -5.45 -43.97 39.32
N ILE D 154 -6.56 -44.67 39.53
CA ILE D 154 -7.18 -45.38 38.43
C ILE D 154 -7.86 -44.40 37.46
N ASN D 155 -8.41 -43.31 37.98
CA ASN D 155 -8.99 -42.30 37.10
C ASN D 155 -7.90 -41.63 36.26
N ASN D 156 -6.72 -41.46 36.83
CA ASN D 156 -5.60 -40.91 36.09
C ASN D 156 -4.95 -41.93 35.18
N GLY D 157 -5.23 -43.20 35.42
CA GLY D 157 -4.60 -44.28 34.68
C GLY D 157 -3.13 -44.46 35.02
N ASN D 158 -2.77 -44.16 36.28
CA ASN D 158 -1.40 -44.34 36.76
C ASN D 158 -1.25 -45.73 37.39
N GLU D 159 -0.78 -46.68 36.60
CA GLU D 159 -0.82 -48.08 37.00
C GLU D 159 0.10 -48.34 38.19
N ASP D 160 1.29 -47.78 38.13
CA ASP D 160 2.29 -47.96 39.19
C ASP D 160 1.76 -47.47 40.53
N LEU D 161 1.35 -46.21 40.58
CA LEU D 161 0.84 -45.63 41.82
C LEU D 161 -0.31 -46.47 42.36
N ALA D 162 -1.19 -46.92 41.45
CA ALA D 162 -2.31 -47.78 41.83
C ALA D 162 -1.84 -49.10 42.47
N GLU D 163 -0.72 -49.64 42.01
CA GLU D 163 -0.16 -50.83 42.66
C GLU D 163 0.25 -50.50 44.11
N ILE D 164 1.14 -49.50 44.24
CA ILE D 164 1.60 -49.03 45.55
C ILE D 164 0.45 -48.94 46.54
N LEU D 165 -0.72 -48.53 46.04
CA LEU D 165 -1.88 -48.30 46.87
C LEU D 165 -2.82 -49.51 46.93
N GLN D 166 -2.36 -50.63 46.36
CA GLN D 166 -3.14 -51.87 46.32
C GLN D 166 -4.58 -51.71 46.80
N GLY E 15 -5.87 -56.59 -19.31
CA GLY E 15 -7.03 -56.58 -18.43
C GLY E 15 -7.34 -55.19 -17.89
N LYS E 16 -6.37 -54.62 -17.18
CA LYS E 16 -6.47 -53.26 -16.71
C LYS E 16 -6.54 -52.30 -17.89
N LYS E 17 -5.81 -52.65 -18.96
CA LYS E 17 -5.89 -51.93 -20.21
C LYS E 17 -7.32 -51.96 -20.78
N LEU E 18 -8.02 -53.06 -20.57
CA LEU E 18 -9.39 -53.19 -21.10
C LEU E 18 -10.35 -52.29 -20.32
N LEU E 19 -10.22 -52.28 -18.99
CA LEU E 19 -11.01 -51.40 -18.13
C LEU E 19 -10.91 -49.94 -18.58
N GLU E 20 -9.70 -49.52 -18.94
CA GLU E 20 -9.46 -48.14 -19.37
C GLU E 20 -10.02 -47.86 -20.76
N ALA E 21 -9.79 -48.80 -21.68
CA ALA E 21 -10.25 -48.59 -23.05
C ALA E 21 -11.77 -48.55 -23.09
N ALA E 22 -12.41 -49.39 -22.30
CA ALA E 22 -13.87 -49.45 -22.27
C ALA E 22 -14.45 -48.14 -21.75
N ARG E 23 -13.79 -47.57 -20.75
CA ARG E 23 -14.25 -46.31 -20.20
C ARG E 23 -14.06 -45.15 -21.18
N ALA E 24 -12.94 -45.15 -21.90
CA ALA E 24 -12.63 -44.06 -22.79
C ALA E 24 -13.40 -44.21 -24.10
N GLY E 25 -14.07 -45.35 -24.25
CA GLY E 25 -14.78 -45.64 -25.47
C GLY E 25 -13.86 -45.86 -26.66
N ARG E 26 -12.66 -46.39 -26.40
CA ARG E 26 -11.74 -46.71 -27.48
C ARG E 26 -12.14 -48.02 -28.15
N ASP E 27 -12.93 -47.91 -29.23
CA ASP E 27 -13.58 -49.07 -29.84
C ASP E 27 -12.59 -50.12 -30.38
N ASP E 28 -11.67 -49.69 -31.22
CA ASP E 28 -10.61 -50.58 -31.71
C ASP E 28 -9.89 -51.19 -30.53
N GLU E 29 -9.07 -50.37 -29.87
CA GLU E 29 -8.37 -50.77 -28.65
C GLU E 29 -9.06 -51.93 -27.93
N VAL E 30 -10.37 -51.80 -27.69
CA VAL E 30 -11.14 -52.88 -27.06
C VAL E 30 -10.99 -54.17 -27.84
N ARG E 31 -10.84 -54.06 -29.16
CA ARG E 31 -10.57 -55.23 -30.02
C ARG E 31 -9.16 -55.77 -29.81
N ILE E 32 -8.18 -54.94 -30.11
CA ILE E 32 -6.78 -55.32 -29.94
C ILE E 32 -6.60 -56.14 -28.66
N LEU E 33 -7.35 -55.77 -27.62
CA LEU E 33 -7.30 -56.48 -26.33
C LEU E 33 -8.21 -57.69 -26.32
N MET E 34 -9.41 -57.52 -26.87
CA MET E 34 -10.36 -58.61 -26.99
C MET E 34 -9.80 -59.67 -27.95
N ALA E 35 -8.82 -59.25 -28.75
CA ALA E 35 -8.20 -60.14 -29.72
C ALA E 35 -6.83 -60.57 -29.24
N ASN E 36 -6.52 -60.31 -27.98
CA ASN E 36 -5.30 -60.79 -27.34
C ASN E 36 -5.66 -61.44 -26.00
N GLY E 37 -6.96 -61.70 -25.82
CA GLY E 37 -7.44 -62.47 -24.68
C GLY E 37 -7.37 -61.82 -23.32
N ALA E 38 -7.49 -60.49 -23.28
CA ALA E 38 -7.61 -59.81 -22.01
C ALA E 38 -8.92 -60.26 -21.36
N ASP E 39 -8.89 -60.51 -20.05
CA ASP E 39 -10.08 -60.96 -19.34
C ASP E 39 -11.22 -59.96 -19.56
N VAL E 40 -12.32 -60.43 -20.16
CA VAL E 40 -13.43 -59.53 -20.51
C VAL E 40 -14.24 -59.16 -19.27
N ASN E 41 -13.96 -59.85 -18.17
CA ASN E 41 -14.64 -59.58 -16.91
C ASN E 41 -13.66 -59.14 -15.84
N ALA E 42 -12.55 -58.57 -16.29
CA ALA E 42 -11.63 -57.88 -15.38
C ALA E 42 -12.43 -56.86 -14.56
N ALA E 43 -12.19 -56.84 -13.25
CA ALA E 43 -12.92 -55.99 -12.34
C ALA E 43 -11.97 -55.05 -11.62
N ASP E 44 -12.34 -53.77 -11.50
CA ASP E 44 -11.51 -52.82 -10.76
C ASP E 44 -11.81 -52.81 -9.27
N VAL E 45 -11.25 -51.86 -8.54
CA VAL E 45 -11.32 -51.85 -7.08
C VAL E 45 -12.74 -51.75 -6.51
N VAL E 46 -13.66 -51.14 -7.26
CA VAL E 46 -15.04 -51.07 -6.80
C VAL E 46 -15.88 -52.20 -7.42
N GLY E 47 -15.20 -53.08 -8.14
CA GLY E 47 -15.83 -54.25 -8.71
C GLY E 47 -16.52 -53.96 -10.02
N TRP E 48 -16.11 -52.89 -10.69
CA TRP E 48 -16.70 -52.60 -11.99
C TRP E 48 -15.95 -53.34 -13.09
N THR E 49 -16.72 -53.97 -13.98
CA THR E 49 -16.17 -54.63 -15.16
C THR E 49 -16.19 -53.66 -16.32
N PRO E 50 -15.52 -54.02 -17.42
CA PRO E 50 -15.52 -53.14 -18.59
C PRO E 50 -16.96 -52.83 -19.03
N LEU E 51 -17.86 -53.77 -18.79
CA LEU E 51 -19.27 -53.59 -19.14
C LEU E 51 -19.96 -52.55 -18.24
N HIS E 52 -19.60 -52.52 -16.96
CA HIS E 52 -20.10 -51.45 -16.09
C HIS E 52 -19.69 -50.10 -16.67
N LEU E 53 -18.45 -50.01 -17.11
CA LEU E 53 -17.90 -48.71 -17.53
C LEU E 53 -18.52 -48.23 -18.82
N ALA E 54 -18.60 -49.12 -19.80
CA ALA E 54 -19.23 -48.80 -21.08
C ALA E 54 -20.68 -48.40 -20.86
N ALA E 55 -21.39 -49.16 -20.02
CA ALA E 55 -22.77 -48.85 -19.67
C ALA E 55 -22.91 -47.47 -19.01
N TYR E 56 -22.03 -47.17 -18.07
CA TYR E 56 -22.07 -45.90 -17.34
C TYR E 56 -21.81 -44.71 -18.25
N TRP E 57 -20.79 -44.83 -19.11
CA TRP E 57 -20.36 -43.70 -19.95
C TRP E 57 -21.01 -43.71 -21.32
N GLY E 58 -22.09 -44.49 -21.46
CA GLY E 58 -22.85 -44.55 -22.70
C GLY E 58 -22.06 -44.91 -23.95
N HIS E 59 -21.29 -45.98 -23.88
CA HIS E 59 -20.53 -46.42 -25.03
C HIS E 59 -21.21 -47.65 -25.63
N LEU E 60 -22.16 -47.42 -26.54
CA LEU E 60 -23.01 -48.49 -27.05
C LEU E 60 -22.25 -49.58 -27.81
N GLU E 61 -21.47 -49.17 -28.82
CA GLU E 61 -20.70 -50.14 -29.60
C GLU E 61 -19.86 -51.05 -28.71
N ILE E 62 -19.13 -50.45 -27.77
CA ILE E 62 -18.26 -51.21 -26.87
C ILE E 62 -19.04 -52.19 -25.98
N VAL E 63 -20.25 -51.79 -25.57
CA VAL E 63 -21.15 -52.68 -24.84
C VAL E 63 -21.44 -53.93 -25.67
N GLU E 64 -21.72 -53.73 -26.96
CA GLU E 64 -22.04 -54.84 -27.86
C GLU E 64 -20.84 -55.77 -28.09
N VAL E 65 -19.69 -55.19 -28.44
CA VAL E 65 -18.45 -55.96 -28.58
C VAL E 65 -18.16 -56.81 -27.33
N LEU E 66 -18.26 -56.21 -26.14
CA LEU E 66 -18.02 -56.94 -24.89
C LEU E 66 -18.96 -58.15 -24.69
N LEU E 67 -20.24 -57.95 -24.98
CA LEU E 67 -21.24 -59.01 -24.83
C LEU E 67 -21.01 -60.09 -25.89
N LYS E 68 -20.54 -59.68 -27.05
CA LYS E 68 -20.17 -60.60 -28.11
C LYS E 68 -19.12 -61.59 -27.59
N ASN E 69 -18.11 -61.05 -26.92
CA ASN E 69 -17.00 -61.86 -26.43
C ASN E 69 -17.28 -62.45 -25.05
N GLY E 70 -18.56 -62.66 -24.75
CA GLY E 70 -18.96 -63.36 -23.53
C GLY E 70 -18.76 -62.64 -22.20
N ALA E 71 -18.92 -61.31 -22.18
CA ALA E 71 -18.91 -60.57 -20.92
C ALA E 71 -20.07 -61.01 -20.03
N ASP E 72 -19.84 -61.18 -18.74
CA ASP E 72 -20.93 -61.52 -17.82
C ASP E 72 -21.89 -60.35 -17.77
N VAL E 73 -23.12 -60.59 -18.20
CA VAL E 73 -24.13 -59.55 -18.37
C VAL E 73 -24.70 -59.11 -17.02
N ASN E 74 -24.60 -60.00 -16.04
CA ASN E 74 -25.09 -59.71 -14.70
C ASN E 74 -23.99 -59.60 -13.65
N ALA E 75 -22.78 -59.29 -14.10
CA ALA E 75 -21.70 -58.95 -13.18
C ALA E 75 -22.19 -57.89 -12.21
N TYR E 76 -21.76 -57.96 -10.96
CA TYR E 76 -22.20 -56.99 -9.97
C TYR E 76 -21.03 -56.44 -9.19
N ASP E 77 -21.11 -55.15 -8.83
CA ASP E 77 -19.98 -54.48 -8.17
C ASP E 77 -20.05 -54.75 -6.67
N THR E 78 -19.20 -54.09 -5.89
CA THR E 78 -19.13 -54.42 -4.46
C THR E 78 -20.34 -53.90 -3.69
N LEU E 79 -21.27 -53.27 -4.40
CA LEU E 79 -22.52 -52.83 -3.77
C LEU E 79 -23.74 -53.53 -4.40
N GLY E 80 -23.49 -54.57 -5.20
CA GLY E 80 -24.58 -55.34 -5.77
C GLY E 80 -25.17 -54.77 -7.05
N SER E 81 -24.48 -53.80 -7.64
CA SER E 81 -24.99 -53.12 -8.83
C SER E 81 -24.49 -53.74 -10.13
N THR E 82 -25.41 -53.86 -11.10
CA THR E 82 -25.14 -54.46 -12.41
C THR E 82 -25.08 -53.37 -13.48
N PRO E 83 -24.57 -53.72 -14.68
CA PRO E 83 -24.49 -52.72 -15.76
C PRO E 83 -25.90 -52.23 -16.13
N LEU E 84 -26.91 -53.07 -15.99
CA LEU E 84 -28.27 -52.64 -16.27
C LEU E 84 -28.69 -51.50 -15.33
N HIS E 85 -28.34 -51.62 -14.06
CA HIS E 85 -28.62 -50.56 -13.09
C HIS E 85 -28.08 -49.26 -13.65
N LEU E 86 -26.87 -49.31 -14.18
CA LEU E 86 -26.17 -48.11 -14.63
C LEU E 86 -26.83 -47.53 -15.88
N ALA E 87 -26.95 -48.36 -16.91
CA ALA E 87 -27.58 -47.92 -18.16
C ALA E 87 -28.92 -47.27 -17.88
N ALA E 88 -29.75 -47.93 -17.08
CA ALA E 88 -31.10 -47.43 -16.81
C ALA E 88 -31.08 -46.12 -16.04
N HIS E 89 -30.18 -46.03 -15.07
CA HIS E 89 -30.09 -44.86 -14.22
C HIS E 89 -29.67 -43.62 -15.02
N PHE E 90 -28.77 -43.81 -15.99
CA PHE E 90 -28.25 -42.66 -16.74
C PHE E 90 -28.95 -42.50 -18.09
N GLY E 91 -30.09 -43.18 -18.26
CA GLY E 91 -30.90 -42.99 -19.44
C GLY E 91 -30.24 -43.42 -20.75
N HIS E 92 -29.49 -44.51 -20.71
CA HIS E 92 -28.94 -45.04 -21.95
C HIS E 92 -29.89 -46.09 -22.53
N LEU E 93 -30.90 -45.62 -23.26
CA LEU E 93 -32.00 -46.47 -23.70
C LEU E 93 -31.54 -47.67 -24.52
N GLU E 94 -30.72 -47.43 -25.55
CA GLU E 94 -30.29 -48.51 -26.43
C GLU E 94 -29.47 -49.56 -25.68
N ILE E 95 -28.50 -49.10 -24.89
CA ILE E 95 -27.69 -50.01 -24.07
C ILE E 95 -28.61 -50.87 -23.19
N VAL E 96 -29.64 -50.24 -22.61
CA VAL E 96 -30.62 -50.96 -21.81
C VAL E 96 -31.27 -52.08 -22.60
N GLU E 97 -31.66 -51.77 -23.83
CA GLU E 97 -32.26 -52.77 -24.72
C GLU E 97 -31.29 -53.93 -24.93
N VAL E 98 -30.10 -53.63 -25.42
CA VAL E 98 -29.08 -54.63 -25.69
C VAL E 98 -28.81 -55.55 -24.48
N LEU E 99 -28.53 -54.97 -23.33
CA LEU E 99 -28.29 -55.77 -22.12
C LEU E 99 -29.43 -56.75 -21.89
N LEU E 100 -30.66 -56.23 -21.84
CA LEU E 100 -31.83 -57.07 -21.68
C LEU E 100 -31.85 -58.18 -22.72
N LYS E 101 -31.68 -57.81 -23.99
CA LYS E 101 -31.58 -58.80 -25.06
C LYS E 101 -30.68 -59.93 -24.62
N ASN E 102 -29.48 -59.57 -24.18
CA ASN E 102 -28.47 -60.53 -23.79
C ASN E 102 -28.65 -61.13 -22.40
N GLY E 103 -29.87 -61.05 -21.86
CA GLY E 103 -30.22 -61.76 -20.64
C GLY E 103 -29.99 -61.03 -19.32
N ALA E 104 -29.84 -59.71 -19.38
CA ALA E 104 -29.71 -58.93 -18.15
C ALA E 104 -30.91 -59.20 -17.25
N ASP E 105 -30.64 -59.60 -16.02
CA ASP E 105 -31.67 -59.78 -15.01
C ASP E 105 -32.39 -58.45 -14.85
N VAL E 106 -33.63 -58.40 -15.32
CA VAL E 106 -34.38 -57.16 -15.33
C VAL E 106 -34.78 -56.75 -13.91
N ASN E 107 -34.82 -57.74 -13.01
CA ASN E 107 -35.21 -57.52 -11.62
C ASN E 107 -34.05 -57.60 -10.62
N ALA E 108 -32.82 -57.49 -11.11
CA ALA E 108 -31.65 -57.47 -10.24
C ALA E 108 -31.77 -56.41 -9.13
N LYS E 109 -31.48 -56.83 -7.90
CA LYS E 109 -31.43 -55.88 -6.80
C LYS E 109 -30.00 -55.66 -6.31
N ASP E 110 -29.62 -54.40 -6.08
CA ASP E 110 -28.36 -54.11 -5.42
C ASP E 110 -28.52 -54.34 -3.92
N ASP E 111 -27.47 -54.12 -3.15
CA ASP E 111 -27.51 -54.35 -1.70
C ASP E 111 -28.56 -53.50 -0.98
N ASN E 112 -29.10 -52.50 -1.68
CA ASN E 112 -30.13 -51.63 -1.11
C ASN E 112 -31.55 -52.10 -1.48
N GLY E 113 -31.64 -53.18 -2.24
CA GLY E 113 -32.94 -53.65 -2.71
C GLY E 113 -33.45 -52.76 -3.83
N ILE E 114 -32.53 -52.09 -4.51
CA ILE E 114 -32.89 -51.15 -5.56
C ILE E 114 -32.75 -51.80 -6.93
N THR E 115 -33.78 -51.65 -7.77
CA THR E 115 -33.82 -52.26 -9.11
C THR E 115 -33.59 -51.24 -10.22
N PRO E 116 -33.29 -51.73 -11.43
CA PRO E 116 -33.13 -50.80 -12.57
C PRO E 116 -34.40 -49.96 -12.76
N LEU E 117 -35.56 -50.55 -12.47
CA LEU E 117 -36.82 -49.79 -12.58
C LEU E 117 -36.90 -48.67 -11.54
N HIS E 118 -36.46 -48.93 -10.31
CA HIS E 118 -36.39 -47.87 -9.32
C HIS E 118 -35.56 -46.70 -9.86
N LEU E 119 -34.39 -47.03 -10.40
CA LEU E 119 -33.46 -46.02 -10.90
C LEU E 119 -34.04 -45.21 -12.06
N ALA E 120 -34.59 -45.92 -13.06
CA ALA E 120 -35.17 -45.27 -14.23
C ALA E 120 -36.34 -44.41 -13.80
N ALA E 121 -37.15 -44.92 -12.87
CA ALA E 121 -38.30 -44.17 -12.41
C ALA E 121 -37.86 -42.91 -11.66
N ASN E 122 -36.82 -43.04 -10.85
CA ASN E 122 -36.33 -41.90 -10.09
C ASN E 122 -35.88 -40.76 -11.01
N ARG E 123 -35.18 -41.10 -12.09
CA ARG E 123 -34.65 -40.11 -13.02
C ARG E 123 -35.64 -39.80 -14.17
N GLY E 124 -36.86 -40.30 -14.04
CA GLY E 124 -37.90 -40.03 -15.03
C GLY E 124 -37.62 -40.47 -16.46
N HIS E 125 -36.92 -41.59 -16.63
CA HIS E 125 -36.66 -42.11 -17.96
C HIS E 125 -37.83 -42.99 -18.43
N LEU E 126 -38.69 -42.44 -19.29
CA LEU E 126 -39.94 -43.09 -19.65
C LEU E 126 -39.75 -44.21 -20.66
N GLU E 127 -39.06 -43.93 -21.76
CA GLU E 127 -38.74 -44.98 -22.74
C GLU E 127 -38.11 -46.17 -22.02
N ILE E 128 -37.06 -45.91 -21.24
CA ILE E 128 -36.38 -46.97 -20.52
C ILE E 128 -37.34 -47.75 -19.63
N VAL E 129 -38.12 -47.05 -18.82
CA VAL E 129 -39.10 -47.71 -17.95
C VAL E 129 -39.96 -48.71 -18.76
N GLU E 130 -40.44 -48.26 -19.92
CA GLU E 130 -41.24 -49.11 -20.80
C GLU E 130 -40.54 -50.43 -21.12
N VAL E 131 -39.34 -50.32 -21.68
CA VAL E 131 -38.53 -51.50 -21.99
C VAL E 131 -38.44 -52.46 -20.82
N LEU E 132 -38.01 -51.96 -19.66
CA LEU E 132 -37.87 -52.81 -18.48
C LEU E 132 -39.19 -53.51 -18.18
N LEU E 133 -40.30 -52.78 -18.32
CA LEU E 133 -41.62 -53.38 -18.13
C LEU E 133 -41.89 -54.39 -19.24
N LYS E 134 -41.54 -54.03 -20.47
CA LYS E 134 -41.71 -54.94 -21.61
C LYS E 134 -40.80 -56.18 -21.49
N TYR E 135 -40.11 -56.31 -20.35
CA TYR E 135 -39.23 -57.44 -20.13
C TYR E 135 -39.52 -58.14 -18.80
N GLY E 136 -40.57 -57.68 -18.12
CA GLY E 136 -41.03 -58.34 -16.92
C GLY E 136 -40.47 -57.75 -15.63
N ALA E 137 -40.18 -56.46 -15.65
CA ALA E 137 -39.79 -55.79 -14.42
C ALA E 137 -40.95 -55.86 -13.44
N ASP E 138 -40.67 -56.31 -12.22
CA ASP E 138 -41.69 -56.42 -11.16
C ASP E 138 -42.02 -55.04 -10.59
N VAL E 139 -43.16 -54.49 -11.00
CA VAL E 139 -43.56 -53.14 -10.58
C VAL E 139 -43.73 -53.07 -9.08
N ASN E 140 -44.03 -54.20 -8.46
CA ASN E 140 -44.23 -54.24 -7.02
C ASN E 140 -42.94 -54.43 -6.22
N ALA E 141 -41.81 -54.62 -6.90
CA ALA E 141 -40.53 -54.79 -6.21
C ALA E 141 -40.34 -53.65 -5.21
N GLN E 142 -40.02 -54.00 -3.96
CA GLN E 142 -39.74 -53.01 -2.92
C GLN E 142 -38.24 -52.87 -2.62
N ASP E 143 -37.78 -51.64 -2.41
CA ASP E 143 -36.41 -51.44 -1.92
C ASP E 143 -36.37 -51.58 -0.40
N LYS E 144 -35.19 -51.36 0.21
CA LYS E 144 -35.01 -51.63 1.64
C LYS E 144 -35.88 -50.71 2.49
N PHE E 145 -36.45 -49.69 1.86
CA PHE E 145 -37.33 -48.77 2.57
C PHE E 145 -38.79 -49.02 2.25
N GLY E 146 -39.06 -50.05 1.45
CA GLY E 146 -40.43 -50.43 1.12
C GLY E 146 -41.04 -49.67 -0.05
N LYS E 147 -40.21 -49.02 -0.86
CA LYS E 147 -40.71 -48.18 -1.94
C LYS E 147 -40.74 -48.88 -3.28
N THR E 148 -41.72 -48.55 -4.11
CA THR E 148 -41.81 -49.07 -5.46
C THR E 148 -41.50 -47.95 -6.43
N ALA E 149 -41.39 -48.26 -7.71
CA ALA E 149 -41.23 -47.22 -8.71
C ALA E 149 -42.41 -46.27 -8.59
N PHE E 150 -43.60 -46.82 -8.42
CA PHE E 150 -44.79 -46.01 -8.33
C PHE E 150 -44.70 -45.01 -7.18
N ASP E 151 -44.29 -45.48 -6.02
CA ASP E 151 -44.11 -44.60 -4.88
C ASP E 151 -43.17 -43.47 -5.27
N ILE E 152 -42.10 -43.82 -5.99
CA ILE E 152 -41.14 -42.83 -6.47
C ILE E 152 -41.80 -41.81 -7.41
N SER E 153 -42.42 -42.28 -8.47
CA SER E 153 -43.08 -41.41 -9.44
C SER E 153 -44.04 -40.44 -8.75
N ILE E 154 -44.68 -40.91 -7.68
CA ILE E 154 -45.61 -40.08 -6.94
C ILE E 154 -44.89 -39.02 -6.11
N ASN E 155 -43.91 -39.45 -5.32
CA ASN E 155 -43.12 -38.53 -4.52
C ASN E 155 -42.50 -37.45 -5.39
N ASN E 156 -42.04 -37.84 -6.57
CA ASN E 156 -41.44 -36.92 -7.51
C ASN E 156 -42.47 -36.04 -8.21
N GLY E 157 -43.74 -36.42 -8.10
CA GLY E 157 -44.80 -35.71 -8.80
C GLY E 157 -44.71 -35.87 -10.31
N ASN E 158 -44.21 -37.01 -10.75
CA ASN E 158 -44.15 -37.34 -12.18
C ASN E 158 -45.37 -38.15 -12.61
N GLU E 159 -46.34 -37.47 -13.24
CA GLU E 159 -47.64 -38.07 -13.53
C GLU E 159 -47.65 -38.96 -14.78
N ASP E 160 -46.99 -38.51 -15.85
CA ASP E 160 -46.78 -39.35 -17.02
C ASP E 160 -46.27 -40.73 -16.57
N LEU E 161 -45.18 -40.74 -15.81
CA LEU E 161 -44.62 -41.98 -15.28
C LEU E 161 -45.57 -42.69 -14.32
N ALA E 162 -46.20 -41.92 -13.43
CA ALA E 162 -47.17 -42.50 -12.49
C ALA E 162 -48.31 -43.27 -13.18
N GLU E 163 -48.90 -42.67 -14.20
CA GLU E 163 -50.02 -43.29 -14.90
C GLU E 163 -49.62 -44.66 -15.44
N ILE E 164 -48.43 -44.70 -16.06
CA ILE E 164 -47.90 -45.92 -16.64
C ILE E 164 -47.90 -47.08 -15.62
N LEU E 165 -47.11 -46.92 -14.57
CA LEU E 165 -47.06 -47.90 -13.48
C LEU E 165 -48.44 -48.12 -12.86
N GLN E 166 -49.35 -47.19 -13.15
CA GLN E 166 -50.75 -47.24 -12.69
C GLN E 166 -50.91 -46.78 -11.24
C1B LMT F . 27.36 -5.62 2.46
C2B LMT F . 26.83 -4.77 3.54
C3B LMT F . 27.64 -3.58 3.71
C4B LMT F . 29.05 -3.91 4.07
C5B LMT F . 29.70 -4.99 3.22
C6B LMT F . 30.77 -5.66 4.02
O1B LMT F . 27.17 -4.99 1.27
O2B LMT F . 25.49 -4.40 3.25
O3B LMT F . 27.07 -2.77 4.74
O4' LMT F . 29.81 -2.74 3.92
O5B LMT F . 28.82 -5.99 2.67
O6B LMT F . 31.36 -6.81 3.49
C1' LMT F . 26.85 -6.21 -2.69
C2' LMT F . 25.78 -6.67 -1.71
C3' LMT F . 25.84 -5.86 -0.48
C4' LMT F . 27.14 -5.89 0.14
C5' LMT F . 28.25 -5.54 -0.86
C6' LMT F . 29.61 -5.71 -0.32
O1' LMT F . 26.77 -6.98 -3.86
O2' LMT F . 24.53 -6.60 -2.33
O3' LMT F . 24.77 -6.25 0.43
O5' LMT F . 28.13 -6.27 -2.15
O6' LMT F . 30.50 -6.41 -1.12
C1 LMT F . 27.80 -6.91 -4.81
C2 LMT F . 27.50 -7.53 -6.20
C3 LMT F . 27.80 -6.63 -7.39
C4 LMT F . 29.16 -5.91 -7.36
C5 LMT F . 29.65 -5.30 -8.66
C6 LMT F . 31.02 -4.63 -8.63
C7 LMT F . 31.32 -3.72 -9.77
C8 LMT F . 32.73 -3.26 -9.95
C9 LMT F . 33.03 -2.45 -11.20
C10 LMT F . 34.13 -1.42 -11.12
C11 LMT F . 35.51 -1.81 -11.63
C12 LMT F . 36.69 -0.90 -11.27
C1B LMT G . 10.50 -12.92 -32.65
C2B LMT G . 9.04 -13.05 -32.56
C3B LMT G . 8.58 -11.86 -31.85
C4B LMT G . 9.02 -11.89 -30.44
C5B LMT G . 10.50 -12.21 -30.23
C6B LMT G . 10.75 -12.88 -28.91
O1B LMT G . 10.71 -11.72 -33.26
O2B LMT G . 8.49 -13.13 -33.87
O3B LMT G . 7.16 -11.75 -31.95
O4' LMT G . 8.75 -10.65 -29.86
O5B LMT G . 11.13 -12.97 -31.27
O6B LMT G . 9.95 -12.53 -27.83
C1' LMT G . 14.12 -9.68 -34.50
C2' LMT G . 13.90 -11.12 -34.99
C3' LMT G . 12.51 -11.56 -34.73
C4' LMT G . 12.11 -11.37 -33.37
C5' LMT G . 12.34 -9.94 -32.91
C6' LMT G . 12.00 -9.67 -31.50
O1' LMT G . 15.46 -9.30 -34.64
O2' LMT G . 14.22 -11.23 -36.35
O3' LMT G . 12.33 -12.93 -35.17
O5' LMT G . 13.74 -9.51 -33.16
O6' LMT G . 12.50 -8.51 -30.93
C1 LMT G . 16.02 -8.58 -33.55
C2 LMT G . 16.83 -7.33 -33.89
C3 LMT G . 18.21 -7.58 -34.48
C4 LMT G . 18.78 -6.50 -35.41
C5 LMT G . 19.14 -5.16 -34.76
C6 LMT G . 20.29 -4.40 -35.40
C7 LMT G . 19.95 -3.22 -36.25
C8 LMT G . 20.13 -1.85 -35.66
C9 LMT G . 20.94 -0.86 -36.47
C10 LMT G . 20.99 0.58 -36.00
C11 LMT G . 21.80 1.56 -36.85
C12 LMT G . 21.54 3.05 -36.65
C1B LMT H . 31.96 21.93 -35.30
C2B LMT H . 32.52 22.72 -34.18
C3B LMT H . 32.09 24.11 -34.23
C4B LMT H . 32.44 24.73 -35.53
C5B LMT H . 31.87 23.95 -36.70
C6B LMT H . 32.26 24.52 -38.02
O1B LMT H . 30.61 21.84 -35.15
O2B LMT H . 32.13 22.14 -32.93
O3B LMT H . 32.71 24.82 -33.16
O4' LMT H . 31.97 26.05 -35.56
O5B LMT H . 32.25 22.56 -36.64
O6B LMT H . 31.85 23.83 -39.16
C1' LMT H . 28.47 19.24 -32.89
C2' LMT H . 29.83 19.82 -32.48
C3' LMT H . 30.78 20.13 -33.59
C4' LMT H . 30.24 20.47 -34.88
C5' LMT H . 28.73 20.33 -35.01
C6' LMT H . 28.28 20.29 -36.40
O1' LMT H . 28.36 17.96 -32.33
O2' LMT H . 29.63 20.95 -31.67
O3' LMT H . 31.77 19.07 -33.70
O5' LMT H . 28.24 19.14 -34.27
O6' LMT H . 29.10 20.90 -37.35
C1 LMT H . 27.94 16.93 -33.20
C2 LMT H . 26.56 17.12 -33.85
C3 LMT H . 25.46 16.21 -33.30
C4 LMT H . 24.25 16.89 -32.66
C5 LMT H . 22.99 16.04 -32.62
C6 LMT H . 21.65 16.75 -32.74
C7 LMT H . 21.06 17.23 -31.46
C8 LMT H . 19.64 16.87 -31.20
C9 LMT H . 18.67 17.98 -30.88
C10 LMT H . 17.19 17.64 -30.88
C11 LMT H . 16.36 18.16 -29.70
C12 LMT H . 15.38 17.18 -29.07
C1B LMT I . 33.87 -19.97 -8.04
C2B LMT I . 32.57 -20.25 -7.40
C3B LMT I . 32.01 -21.53 -7.83
C4B LMT I . 32.40 -21.85 -9.23
C5B LMT I . 33.88 -22.07 -9.35
C6B LMT I . 34.37 -21.86 -10.74
O1B LMT I . 34.65 -19.30 -7.15
O2B LMT I . 32.71 -20.25 -5.98
O3B LMT I . 30.60 -21.50 -7.68
O4' LMT I . 31.72 -22.98 -9.66
O5B LMT I . 34.60 -21.24 -8.43
O6B LMT I . 35.53 -21.11 -10.90
C1' LMT I . 34.74 -15.34 -8.59
C2' LMT I . 35.93 -15.92 -7.80
C3' LMT I . 35.85 -17.40 -7.79
C4' LMT I . 34.61 -17.86 -7.25
C5' LMT I . 33.42 -17.30 -8.03
C6' LMT I . 32.41 -16.61 -7.21
O1' LMT I . 34.02 -14.45 -7.78
O2' LMT I . 37.14 -15.46 -8.36
O3' LMT I . 36.97 -17.96 -7.05
O5' LMT I . 33.90 -16.36 -9.10
O6' LMT I . 31.24 -17.29 -6.89
C1 LMT I . 34.62 -13.24 -7.37
C2 LMT I . 33.73 -12.00 -7.20
C3 LMT I . 34.49 -10.68 -7.20
C4 LMT I . 35.85 -10.75 -7.91
C5 LMT I . 37.01 -9.88 -7.41
C6 LMT I . 38.30 -10.01 -8.20
C7 LMT I . 38.26 -10.90 -9.41
C8 LMT I . 39.55 -11.24 -10.10
C9 LMT I . 39.68 -12.59 -10.76
C10 LMT I . 40.94 -12.86 -11.56
C11 LMT I . 41.64 -11.65 -12.15
C12 LMT I . 43.12 -11.80 -12.51
C1 DM2 J . 3.70 -29.20 -20.73
C2 DM2 J . 4.14 -28.61 -21.90
C3 DM2 J . 4.44 -27.24 -21.90
C4 DM2 J . 4.28 -26.47 -20.72
O4 DM2 J . 4.59 -25.09 -20.75
C5 DM2 J . 3.81 -27.09 -19.50
C6 DM2 J . 3.59 -26.40 -18.13
O6 DM2 J . 3.86 -25.05 -18.03
C7 DM2 J . 3.09 -27.19 -16.93
C8 DM2 J . 2.88 -26.58 -15.69
O8 DM2 J . 3.14 -25.21 -15.54
C9 DM2 J . 2.38 -27.37 -14.50
C10 DM2 J . 2.16 -26.69 -13.13
O10 DM2 J . 1.22 -25.64 -13.22
C11 DM2 J . 1.69 -27.68 -12.06
C12 DM2 J . 0.79 -28.84 -12.53
O12 DM2 J . -0.33 -28.30 -13.15
C13 DM2 J . 0.42 -29.75 -11.33
O13 DM2 J . -0.25 -30.75 -11.51
C14 DM2 J . 0.91 -29.39 -9.94
O14 DM2 J . 0.47 -30.29 -9.02
C15 DM2 J . 1.63 -29.58 -13.51
C16 DM2 J . 2.14 -28.68 -14.65
C17 DM2 J . 2.35 -29.35 -15.93
O17 DM2 J . 2.08 -30.70 -16.02
C18 DM2 J . 2.82 -28.58 -17.04
C19 DM2 J . 3.04 -29.25 -18.37
O19 DM2 J . 2.78 -30.58 -18.51
C20 DM2 J . 3.53 -28.47 -19.55
C21 DM2 J . 5.28 -24.59 -21.87
C1' DM2 J . 1.75 -24.34 -13.03
C2' DM2 J . 1.61 -23.54 -14.36
C3' DM2 J . 0.18 -23.93 -14.66
N3' DM2 J . -0.30 -23.47 -15.99
C4' DM2 J . -0.77 -23.50 -13.54
O4' DM2 J . -1.78 -22.68 -14.07
C5' DM2 J . -0.03 -22.87 -12.44
O5' DM2 J . 1.07 -23.63 -12.00
C6' DM2 J . 0.45 -21.47 -12.83
C1 DM2 K . 5.15 -26.52 -11.90
C2 DM2 K . 4.98 -25.37 -11.16
C3 DM2 K . 5.30 -24.14 -11.77
C4 DM2 K . 5.78 -24.07 -13.10
O4 DM2 K . 6.07 -22.80 -13.63
C5 DM2 K . 5.95 -25.28 -13.86
C6 DM2 K . 6.47 -25.43 -15.32
O6 DM2 K . 6.80 -24.28 -15.99
C7 DM2 K . 6.58 -26.81 -15.96
C8 DM2 K . 7.02 -27.01 -17.27
O8 DM2 K . 7.42 -25.95 -18.11
C9 DM2 K . 7.11 -28.41 -17.83
C10 DM2 K . 7.60 -28.66 -19.26
O10 DM2 K . 8.99 -28.68 -19.31
C11 DM2 K . 6.91 -29.91 -19.83
C12 DM2 K . 6.92 -31.23 -19.03
O12 DM2 K . 8.13 -31.88 -19.29
C13 DM2 K . 5.69 -32.04 -19.48
O13 DM2 K . 4.80 -32.30 -18.70
C14 DM2 K . 5.56 -32.48 -20.94
O14 DM2 K . 4.46 -33.27 -21.09
C15 DM2 K . 6.82 -30.94 -17.56
C16 DM2 K . 6.75 -29.47 -17.08
C17 DM2 K . 6.29 -29.30 -15.73
O17 DM2 K . 5.93 -30.42 -15.02
C18 DM2 K . 6.22 -27.97 -15.21
C19 DM2 K . 5.73 -27.82 -13.81
O19 DM2 K . 5.38 -28.91 -13.09
C20 DM2 K . 5.62 -26.49 -13.20
C21 DM2 K . 5.51 -21.69 -12.96
C1' DM2 K . 9.45 -27.46 -19.86
C2' DM2 K . 10.86 -27.05 -19.34
C3' DM2 K . 11.75 -28.09 -20.01
N3' DM2 K . 13.15 -28.01 -19.58
C4' DM2 K . 11.64 -27.97 -21.51
O4' DM2 K . 11.91 -26.63 -21.87
C5' DM2 K . 10.30 -28.36 -21.88
O5' DM2 K . 9.37 -27.49 -21.27
C6' DM2 K . 10.10 -28.32 -23.40
H1 DM2 K . 4.92 -27.38 -11.47
H2 DM2 K . 4.65 -25.40 -10.24
H3 DM2 K . 5.18 -23.33 -11.27
HO8 DM2 K . 6.92 -25.22 -17.92
H10 DM2 K . 7.25 -27.89 -19.76
H111 DM2 K . 5.98 -29.67 -19.99
H112 DM2 K . 7.32 -30.10 -20.68
HO12 DM2 K . 8.80 -31.45 -18.90
H141 DM2 K . 5.48 -31.71 -21.50
H142 DM2 K . 6.33 -32.96 -21.18
HO14 DM2 K . 4.63 -33.91 -21.69
H151 DM2 K . 6.00 -31.42 -17.20
H152 DM2 K . 7.61 -31.35 -17.11
HO17 DM2 K . 5.12 -30.33 -14.71
H211 DM2 K . 5.53 -20.92 -13.54
H212 DM2 K . 4.58 -21.90 -12.71
H213 DM2 K . 6.02 -21.52 -12.17
H1' DM2 K . 8.85 -26.80 -19.53
H2'1 DM2 K . 11.11 -26.11 -19.64
H2'2 DM2 K . 10.92 -27.12 -18.34
H3' DM2 K . 11.38 -28.96 -19.75
HN'1 DM2 K . 13.20 -27.82 -18.68
HN'2 DM2 K . 13.60 -27.33 -20.06
H4' DM2 K . 12.31 -28.60 -21.89
HO4' DM2 K . 12.77 -26.46 -21.75
H5' DM2 K . 10.12 -29.25 -21.64
H6'1 DM2 K . 9.25 -27.90 -23.60
H6'2 DM2 K . 10.83 -27.83 -23.82
H6'3 DM2 K . 10.09 -29.23 -23.74
C1 D12 L . 34.91 20.84 -4.95
C2 D12 L . 34.83 22.10 -5.73
C3 D12 L . 35.53 23.25 -5.06
C4 D12 L . 35.39 24.42 -5.98
C5 D12 L . 36.53 25.37 -5.91
C6 D12 L . 36.37 26.35 -7.04
C7 D12 L . 37.64 27.10 -7.25
C8 D12 L . 37.54 27.97 -8.46
C9 D12 L . 38.90 28.55 -8.68
C10 D12 L . 38.93 29.59 -9.75
C11 D12 L . 40.32 29.61 -10.27
C12 D12 L . 40.64 30.89 -10.96
H11 D12 L . 34.49 20.96 -4.08
H12 D12 L . 35.84 20.60 -4.82
H13 D12 L . 34.46 20.13 -5.43
H21 D12 L . 35.24 21.96 -6.60
H22 D12 L . 33.89 22.34 -5.86
H31 D12 L . 35.10 23.45 -4.21
H32 D12 L . 36.47 23.04 -4.92
H41 D12 L . 35.31 24.10 -6.89
H42 D12 L . 34.58 24.89 -5.76
H51 D12 L . 36.53 25.83 -5.06
H52 D12 L . 37.36 24.88 -6.02
H61 D12 L . 36.13 25.87 -7.85
H62 D12 L . 35.66 26.97 -6.83
H71 D12 L . 37.83 27.64 -6.48
H72 D12 L . 38.36 26.46 -7.38
H81 D12 L . 37.28 27.46 -9.23
H82 D12 L . 36.90 28.69 -8.31
H91 D12 L . 39.20 28.96 -7.86
H92 D12 L . 39.52 27.84 -8.92
H101 D12 L . 38.31 29.36 -10.46
H102 D12 L . 38.69 30.47 -9.39
H111 D12 L . 40.94 29.49 -9.53
H112 D12 L . 40.44 28.87 -10.89
H121 D12 L . 41.55 30.86 -11.30
H122 D12 L . 40.03 31.02 -11.70
H123 D12 L . 40.56 31.62 -10.33
C1 D10 M . 14.35 13.29 -43.12
C2 D10 M . 14.24 13.86 -44.49
C3 D10 M . 15.42 14.73 -44.75
C4 D10 M . 15.51 15.08 -46.20
C5 D10 M . 16.67 16.00 -46.43
C6 D10 M . 16.89 16.15 -47.91
C7 D10 M . 17.86 17.24 -48.16
C8 D10 M . 18.12 17.35 -49.63
C9 D10 M . 18.75 18.65 -49.97
C10 D10 M . 19.78 18.46 -51.03
H11 D10 M . 13.63 12.65 -42.99
H12 D10 M . 14.27 14.00 -42.47
H13 D10 M . 15.20 12.85 -43.03
H21 D10 M . 14.22 13.14 -45.14
H22 D10 M . 13.42 14.39 -44.57
H31 D10 M . 15.35 15.54 -44.23
H32 D10 M . 16.23 14.26 -44.50
H41 D10 M . 15.62 14.28 -46.73
H42 D10 M . 14.69 15.52 -46.48
H51 D10 M . 16.49 16.86 -46.05
H52 D10 M . 17.46 15.62 -46.02
H61 D10 M . 17.23 15.31 -48.27
H62 D10 M . 16.05 16.35 -48.34
H71 D10 M . 17.49 18.08 -47.84
H72 D10 M . 18.69 17.06 -47.70
H81 D10 M . 18.70 16.62 -49.92
H82 D10 M . 17.28 17.27 -50.11
H91 D10 M . 18.07 19.27 -50.29
H92 D10 M . 19.18 19.02 -49.18
H101 D10 M . 20.15 19.32 -51.29
H102 D10 M . 20.49 17.89 -50.69
H103 D10 M . 19.38 18.04 -51.80
C1 D10 N . 17.16 9.86 -45.17
C2 D10 N . 17.20 10.46 -46.54
C3 D10 N . 18.35 11.41 -46.65
C4 D10 N . 18.38 12.00 -48.03
C5 D10 N . 19.64 12.77 -48.23
C6 D10 N . 19.76 13.22 -49.65
C7 D10 N . 21.07 13.92 -49.84
C8 D10 N . 21.02 14.82 -51.04
C9 D10 N . 22.21 15.73 -51.02
C10 D10 N . 22.27 16.52 -52.28
H11 D10 N . 16.48 9.17 -45.15
H12 D10 N . 16.95 10.54 -44.52
H13 D10 N . 18.02 9.46 -44.97
H21 D10 N . 17.30 9.75 -47.20
H22 D10 N . 16.37 10.93 -46.71
H31 D10 N . 18.25 12.12 -46.00
H32 D10 N . 19.18 10.94 -46.48
H41 D10 N . 18.34 11.28 -48.68
H42 D10 N . 17.62 12.59 -48.15
H51 D10 N . 19.64 13.54 -47.65
H52 D10 N . 20.41 12.22 -48.01
H61 D10 N . 19.72 12.45 -50.24
H62 D10 N . 19.03 13.82 -49.87
H71 D10 N . 21.24 14.46 -49.05
H72 D10 N . 21.77 13.27 -49.94
H81 D10 N . 21.04 14.28 -51.85
H82 D10 N . 20.21 15.35 -51.02
H91 D10 N . 22.13 16.33 -50.26
H92 D10 N . 23.02 15.20 -50.93
H101 D10 N . 23.00 17.15 -52.23
H102 D10 N . 22.41 15.93 -53.03
H103 D10 N . 21.44 17.01 -52.40
C1B LMT O . 29.73 -0.24 6.15
C2B LMT O . 30.23 -1.60 6.44
C3B LMT O . 31.54 -1.50 7.08
C4B LMT O . 31.38 -0.96 8.45
C5B LMT O . 30.34 0.13 8.55
C6B LMT O . 30.75 1.19 9.52
O1B LMT O . 28.39 -0.24 5.90
O2B LMT O . 29.33 -2.27 7.32
O3B LMT O . 32.34 -0.60 6.31
O4' LMT O . 31.01 -2.01 9.30
O5B LMT O . 30.02 0.72 7.28
O6B LMT O . 29.89 1.45 10.59
C1' LMT O . 26.01 3.22 5.70
C2' LMT O . 27.29 3.12 4.87
C3' LMT O . 27.72 1.70 4.75
C4' LMT O . 27.90 1.11 6.04
C5' LMT O . 26.62 1.19 6.87
C6' LMT O . 26.78 0.60 8.21
O1' LMT O . 25.59 4.55 5.84
O2' LMT O . 27.12 3.67 3.60
O3' LMT O . 28.93 1.61 3.94
O5' LMT O . 26.16 2.61 6.96
O6' LMT O . 25.63 0.46 8.98
C1 LMT O . 25.40 5.39 4.71
C2 LMT O . 26.65 6.10 4.14
C3 LMT O . 26.47 6.97 2.90
C4 LMT O . 26.09 8.44 3.13
C5 LMT O . 26.40 9.47 2.04
C6 LMT O . 26.87 10.84 2.48
C7 LMT O . 27.83 11.57 1.61
C8 LMT O . 27.93 13.06 1.78
C9 LMT O . 28.35 13.89 0.58
C10 LMT O . 28.18 15.39 0.67
C11 LMT O . 28.14 16.21 -0.62
C12 LMT O . 29.47 16.54 -1.30
C1B LMT P . 58.76 36.45 21.16
C2B LMT P . 59.93 36.77 20.32
C3B LMT P . 60.21 35.63 19.44
C4B LMT P . 60.59 34.46 20.25
C5B LMT P . 59.50 34.08 21.23
C6B LMT P . 59.93 32.97 22.14
O1B LMT P . 57.66 36.24 20.38
O2B LMT P . 59.72 37.98 19.60
O3B LMT P . 61.25 35.92 18.49
O4' LMT P . 60.88 33.40 19.39
O5B LMT P . 59.01 35.20 21.98
O6B LMT P . 59.94 33.18 23.54
C1' LMT P . 53.60 35.62 21.33
C2' LMT P . 54.28 36.95 21.67
C3' LMT P . 55.58 37.12 20.98
C4' LMT P . 56.46 36.00 21.16
C5' LMT P . 55.76 34.71 20.76
C6' LMT P . 56.60 33.50 20.91
O1' LMT P . 52.48 35.47 22.14
O2' LMT P . 53.40 37.98 21.32
O3' LMT P . 56.21 38.34 21.44
O5' LMT P . 54.47 34.53 21.49
O6' LMT P . 55.92 32.28 21.01
C1 LMT P . 51.18 35.77 21.63
C2 LMT P . 49.96 35.04 22.23
C3 LMT P . 48.84 35.93 22.79
C4 LMT P . 47.74 35.26 23.61
C5 LMT P . 46.88 36.17 24.51
C6 LMT P . 46.44 37.50 23.94
C7 LMT P . 44.98 37.80 23.95
C8 LMT P . 44.24 37.71 22.65
C9 LMT P . 42.86 38.35 22.59
C10 LMT P . 42.32 38.72 21.23
C11 LMT P . 40.95 38.17 20.82
C12 LMT P . 40.23 38.89 19.69
C1B LMU Q . 13.72 9.45 33.72
C2B LMU Q . 14.87 9.86 34.57
C3B LMU Q . 14.76 11.22 35.08
C4B LMU Q . 14.22 12.22 34.10
C5B LMU Q . 13.08 11.70 33.23
C6B LMU Q . 12.52 12.65 32.18
O1B LMU Q . 12.63 9.37 34.53
O2B LMU Q . 14.95 8.97 35.68
O3B LMU Q . 16.02 11.63 35.57
O4' LMU Q . 13.82 13.42 34.76
O5B LMU Q . 13.44 10.46 32.64
O6B LMU Q . 13.35 12.90 31.08
C1' LMU Q . 10.07 6.08 34.60
C2' LMU Q . 11.24 6.13 35.57
C3' LMU Q . 11.80 7.47 35.65
C4' LMU Q . 11.88 8.11 34.38
C5' LMU Q . 10.51 8.38 33.83
C6' LMU Q . 10.53 8.60 32.34
O1' LMU Q . 9.04 5.31 35.15
O2' LMU Q . 10.87 5.64 36.84
O3' LMU Q . 13.15 7.39 36.27
O5' LMU Q . 9.55 7.33 34.21
O6' LMU Q . 9.41 9.18 31.77
C1 LMU Q . 7.91 5.10 34.38
C2 LMU Q . 8.00 5.48 32.93
C3 LMU Q . 6.76 5.50 32.14
C4 LMU Q . 6.10 6.85 31.92
C5 LMU Q . 6.70 7.78 30.89
C6 LMU Q . 5.77 8.32 29.81
C7 LMU Q . 5.29 9.77 29.95
C8 LMU Q . 3.86 10.08 29.53
C9 LMU Q . 3.48 11.53 29.38
C10 LMU Q . 2.06 11.85 29.00
C11 LMU Q . 1.32 12.91 29.82
C12 LMU Q . -0.15 13.13 29.52
C1 DM2 R . -5.90 9.51 32.08
C2 DM2 R . -6.81 9.96 33.02
C3 DM2 R . -7.91 9.14 33.33
C4 DM2 R . -8.10 7.88 32.70
O4 DM2 R . -9.22 7.11 33.06
C5 DM2 R . -7.15 7.42 31.72
C6 DM2 R . -7.22 6.09 30.94
O6 DM2 R . -8.25 5.22 31.17
C7 DM2 R . -6.14 5.75 29.92
C8 DM2 R . -6.17 4.55 29.21
O8 DM2 R . -7.21 3.62 29.40
C9 DM2 R . -5.10 4.21 28.20
C10 DM2 R . -5.19 2.90 27.44
O10 DM2 R . -6.58 2.73 27.20
C11 DM2 R . -4.33 3.02 26.17
C12 DM2 R . -2.87 3.47 26.39
O12 DM2 R . -2.20 3.49 25.16
C13 DM2 R . -2.21 2.51 27.40
O13 DM2 R . -2.10 2.84 28.56
C14 DM2 R . -1.69 1.16 26.94
O14 DM2 R . -0.60 0.79 27.67
C15 DM2 R . -2.94 4.84 26.98
C16 DM2 R . -4.09 5.09 27.99
C17 DM2 R . -4.03 6.33 28.72
O17 DM2 R . -2.98 7.18 28.46
C18 DM2 R . -5.06 6.64 29.68
C19 DM2 R . -5.01 7.93 30.44
O19 DM2 R . -4.00 8.83 30.24
C20 DM2 R . -6.07 8.27 31.43
C21 DM2 R . -10.16 6.64 32.12
C1' DM2 R . -7.04 1.78 26.25
C2' DM2 R . -8.41 2.25 25.64
C3' DM2 R . -8.02 2.97 24.35
N3' DM2 R . -9.14 3.73 23.74
C4' DM2 R . -7.45 2.01 23.31
O4' DM2 R . -8.49 1.49 22.52
C5' DM2 R . -6.70 0.98 24.00
O5' DM2 R . -6.13 1.44 25.21
C6' DM2 R . -7.62 -0.21 24.32
C1 D10 S . 9.18 43.17 -0.51
C2 D10 S . 9.61 44.13 -1.57
C3 D10 S . 11.08 44.40 -1.48
C4 D10 S . 11.48 44.98 -2.79
C5 D10 S . 12.60 45.95 -2.66
C6 D10 S . 13.03 46.34 -4.03
C7 D10 S . 13.95 47.52 -3.96
C8 D10 S . 14.41 47.85 -5.33
C9 D10 S . 15.42 48.94 -5.30
C10 D10 S . 16.08 49.06 -6.63
H11 D10 S . 8.25 42.93 -0.65
H12 D10 S . 9.28 43.59 0.37
H13 D10 S . 9.73 42.38 -0.55
H21 D10 S . 9.41 43.74 -2.44
H22 D10 S . 9.12 44.96 -1.47
H31 D10 S . 11.26 45.04 -0.77
H32 D10 S . 11.56 43.58 -1.34
H41 D10 S . 11.75 44.27 -3.40
H42 D10 S . 10.72 45.44 -3.19
H51 D10 S . 12.31 46.74 -2.17
H52 D10 S . 13.34 45.55 -2.19
H61 D10 S . 13.47 45.60 -4.46
H62 D10 S . 12.25 46.59 -4.56
H71 D10 S . 13.49 48.28 -3.57
H72 D10 S . 14.72 47.28 -3.41
H81 D10 S . 14.81 47.06 -5.75
H82 D10 S . 13.65 48.13 -5.87
H91 D10 S . 14.98 49.79 -5.07
H92 D10 S . 16.08 48.74 -4.62
H101 D10 S . 16.69 49.81 -6.62
H102 D10 S . 16.57 48.24 -6.82
H103 D10 S . 15.40 49.20 -7.31
C1 GOL T . -24.69 -7.77 19.98
O1 GOL T . -23.73 -7.05 20.72
C2 GOL T . -25.58 -6.78 19.22
O2 GOL T . -25.85 -7.28 17.94
C3 GOL T . -26.85 -6.59 20.02
O3 GOL T . -27.34 -5.28 19.86
H11 GOL T . -24.20 -8.43 19.27
H12 GOL T . -25.31 -8.37 20.64
HO1 GOL T . -23.21 -7.67 21.26
H2 GOL T . -25.05 -5.83 19.15
HO2 GOL T . -26.32 -8.14 18.01
H31 GOL T . -27.60 -7.31 19.70
H32 GOL T . -26.64 -6.76 21.08
HO3 GOL T . -26.81 -4.81 19.18
C1 GOL U . -16.76 -24.38 48.24
O1 GOL U . -16.72 -25.03 49.50
C2 GOL U . -15.34 -24.05 47.76
O2 GOL U . -15.16 -24.66 46.51
C3 GOL U . -15.12 -22.54 47.65
O3 GOL U . -15.71 -21.87 48.74
H11 GOL U . -17.26 -25.00 47.52
H12 GOL U . -17.33 -23.45 48.34
HO1 GOL U . -17.63 -25.16 49.82
H2 GOL U . -14.63 -24.46 48.48
HO2 GOL U . -15.79 -24.28 45.86
H31 GOL U . -14.04 -22.34 47.63
H32 GOL U . -15.55 -22.18 46.72
HO3 GOL U . -15.02 -21.57 49.35
C1 HEX V . 7.42 31.24 12.47
C2 HEX V . 6.15 30.87 13.19
C3 HEX V . 4.98 31.62 12.66
C4 HEX V . 3.74 30.85 13.02
C5 HEX V . 2.51 31.47 12.45
C6 HEX V . 1.37 30.53 12.64
H11 HEX V . 7.57 32.20 12.59
H12 HEX V . 7.32 31.05 11.53
H13 HEX V . 8.16 30.74 12.84
H21 HEX V . 6.00 29.91 13.09
H22 HEX V . 6.26 31.06 14.14
H31 HEX V . 4.94 32.50 13.06
H32 HEX V . 5.04 31.69 11.70
H41 HEX V . 3.83 29.94 12.69
H42 HEX V . 3.65 30.81 13.98
H51 HEX V . 2.33 32.31 12.89
H52 HEX V . 2.65 31.63 11.50
H61 HEX V . 0.55 30.92 12.27
H62 HEX V . 1.56 29.69 12.19
H63 HEX V . 1.23 30.37 13.59
C1 D12 W . 7.04 31.31 -10.21
C2 D12 W . 6.04 31.64 -9.16
C3 D12 W . 5.08 30.52 -8.93
C4 D12 W . 4.17 30.91 -7.81
C5 D12 W . 3.20 29.83 -7.43
C6 D12 W . 2.33 30.33 -6.33
C7 D12 W . 1.12 29.47 -6.17
C8 D12 W . 0.24 29.94 -5.06
C9 D12 W . -0.81 28.89 -4.83
C10 D12 W . -1.72 29.21 -3.68
C11 D12 W . -2.96 28.39 -3.83
C12 D12 W . -4.07 28.94 -2.97
H11 D12 W . 7.53 30.52 -9.97
H12 D12 W . 6.58 31.16 -11.06
H13 D12 W . 7.66 32.05 -10.32
H21 D12 W . 6.51 31.82 -8.33
H22 D12 W . 5.55 32.43 -9.41
H31 D12 W . 4.55 30.36 -9.73
H32 D12 W . 5.55 29.71 -8.69
H41 D12 W . 4.69 31.14 -7.03
H42 D12 W . 3.65 31.69 -8.08
H51 D12 W . 2.67 29.60 -8.20
H52 D12 W . 3.69 29.05 -7.13
H61 D12 W . 2.82 30.36 -5.50
H62 D12 W . 2.04 31.24 -6.55
H71 D12 W . 0.61 29.47 -7.01
H72 D12 W . 1.41 28.56 -5.98
H81 D12 W . 0.77 30.06 -4.25
H82 D12 W . -0.18 30.79 -5.31
H91 D12 W . -1.34 28.79 -5.63
H92 D12 W . -0.36 28.04 -4.65
H101 D12 W . -1.27 28.99 -2.84
H102 D12 W . -1.94 30.15 -3.68
H111 D12 W . -3.25 28.41 -4.75
H112 D12 W . -2.78 27.48 -3.57
H121 D12 W . -4.86 28.37 -3.08
H122 D12 W . -3.80 28.94 -2.05
H123 D12 W . -4.28 29.85 -3.25
C1B LMT X . -3.55 66.78 -32.96
C2B LMT X . -2.61 67.52 -33.83
C3B LMT X . -1.30 67.60 -33.20
C4B LMT X . -1.41 68.38 -31.94
C5B LMT X . -2.43 67.78 -30.99
C6B LMT X . -2.66 68.67 -29.81
O1B LMT X . -3.08 65.51 -32.75
O2B LMT X . -2.54 66.91 -35.13
O3B LMT X . -0.34 68.20 -34.07
O4' LMT X . -0.16 68.48 -31.31
O5B LMT X . -3.68 67.48 -31.63
O6B LMT X . -3.95 68.74 -29.30
C1' LMT X . -5.00 61.79 -32.81
C2' LMT X . -4.96 62.63 -34.09
C3' LMT X . -3.98 63.74 -33.97
C4' LMT X . -4.14 64.53 -32.80
C5' LMT X . -4.18 63.66 -31.55
C6' LMT X . -4.37 64.40 -30.29
O1' LMT X . -5.99 60.82 -32.90
O2' LMT X . -4.67 61.81 -35.18
O3' LMT X . -4.04 64.56 -35.17
O5' LMT X . -5.22 62.59 -31.68
O6' LMT X . -4.75 63.68 -29.15
C1 LMT X . -5.77 59.54 -32.33
C2 LMT X . -6.87 58.92 -31.45
C3 LMT X . -7.32 57.50 -31.80
C4 LMT X . -7.50 57.17 -33.30
C5 LMT X . -8.49 56.05 -33.63
C6 LMT X . -8.08 55.01 -34.68
C7 LMT X . -9.13 54.54 -35.62
C8 LMT X . -8.92 53.26 -36.38
C9 LMT X . -8.44 52.03 -35.61
C10 LMT X . -7.62 51.02 -36.39
C11 LMT X . -6.92 49.92 -35.61
C12 LMT X . -5.86 49.11 -36.34
C1 D12 Y . 6.92 43.38 -5.57
C2 D12 Y . 7.64 44.17 -6.61
C3 D12 Y . 8.04 45.52 -6.09
C4 D12 Y . 8.78 46.28 -7.14
C5 D12 Y . 9.51 47.46 -6.58
C6 D12 Y . 10.14 48.23 -7.71
C7 D12 Y . 10.65 49.56 -7.26
C8 D12 Y . 11.40 50.22 -8.39
C9 D12 Y . 11.69 51.68 -8.13
C10 D12 Y . 12.67 52.24 -9.12
C11 D12 Y . 12.06 53.10 -10.19
C12 D12 Y . 12.91 53.09 -11.42
H11 D12 Y . 6.11 43.84 -5.31
H12 D12 Y . 7.49 43.28 -4.79
H13 D12 Y . 6.69 42.50 -5.92
H21 D12 Y . 8.44 43.69 -6.88
H22 D12 Y . 7.07 44.28 -7.39
H31 D12 Y . 7.25 46.02 -5.83
H32 D12 Y . 8.61 45.42 -5.31
H41 D12 Y . 9.42 45.68 -7.57
H42 D12 Y . 8.14 46.58 -7.82
H51 D12 Y . 8.89 48.03 -6.12
H52 D12 Y . 10.20 47.15 -5.98
H61 D12 Y . 10.88 47.71 -8.09
H62 D12 Y . 9.48 48.36 -8.40
H71 D12 Y . 9.91 50.12 -7.01
H72 D12 Y . 11.25 49.45 -6.51
H81 D12 Y . 12.23 49.76 -8.53
H82 D12 Y . 10.87 50.16 -9.21
H91 D12 Y . 10.86 52.18 -8.17
H92 D12 Y . 12.06 51.76 -7.24
H101 D12 Y . 13.32 52.79 -8.63
H102 D12 Y . 13.16 51.51 -9.54
H111 D12 Y . 11.18 52.75 -10.40
H112 D12 Y . 11.97 54.01 -9.86
H121 D12 Y . 13.79 53.42 -11.21
H122 D12 Y . 12.98 52.18 -11.76
H123 D12 Y . 12.50 53.66 -12.10
C1 GOL Z . -36.00 -10.36 0.73
O1 GOL Z . -36.88 -11.24 1.40
C2 GOL Z . -36.56 -10.07 -0.66
O2 GOL Z . -35.58 -10.37 -1.63
C3 GOL Z . -37.86 -10.86 -0.85
O3 GOL Z . -38.12 -11.01 -2.22
H11 GOL Z . -35.90 -9.43 1.29
H12 GOL Z . -35.01 -10.81 0.65
HO1 GOL Z . -36.50 -11.49 2.26
H2 GOL Z . -36.79 -9.00 -0.72
HO2 GOL Z . -35.37 -11.33 -1.59
H31 GOL Z . -37.76 -11.84 -0.39
H32 GOL Z . -38.67 -10.34 -0.37
HO3 GOL Z . -38.41 -11.93 -2.40
C1 D10 AA . 9.16 28.70 -7.03
C2 D10 AA . 8.16 28.93 -5.95
C3 D10 AA . 7.14 27.85 -5.98
C4 D10 AA . 6.14 28.02 -4.88
C5 D10 AA . 5.28 26.81 -4.78
C6 D10 AA . 4.20 26.98 -3.76
C7 D10 AA . 3.36 25.75 -3.73
C8 D10 AA . 2.00 26.01 -3.18
C9 D10 AA . 1.16 24.81 -3.40
C10 D10 AA . -0.23 25.03 -2.91
H11 D10 AA . 9.88 29.34 -6.95
H12 D10 AA . 9.53 27.80 -6.96
H13 D10 AA . 8.73 28.80 -7.90
H21 D10 AA . 8.61 28.92 -5.09
H22 D10 AA . 7.73 29.78 -6.08
H31 D10 AA . 6.68 27.86 -6.83
H32 D10 AA . 7.57 26.98 -5.88
H41 D10 AA . 6.61 28.14 -4.04
H42 D10 AA . 5.59 28.81 -5.04
H51 D10 AA . 4.86 26.65 -5.66
H52 D10 AA . 5.82 26.04 -4.55
H61 D10 AA . 4.60 27.12 -2.89
H62 D10 AA . 3.65 27.76 -3.98
H71 D10 AA . 3.26 25.42 -4.65
H72 D10 AA . 3.81 25.07 -3.20
H81 D10 AA . 2.07 26.20 -2.22
H82 D10 AA . 1.60 26.78 -3.62
H91 D10 AA . 1.13 24.61 -4.35
H92 D10 AA . 1.54 24.05 -2.93
H101 D10 AA . -0.78 24.26 -3.11
H102 D10 AA . -0.22 25.17 -1.94
H103 D10 AA . -0.60 25.82 -3.33
C1 HEX BA . 11.59 22.26 -24.58
C2 HEX BA . 10.30 22.65 -23.94
C3 HEX BA . 10.50 22.92 -22.48
C4 HEX BA . 9.16 22.89 -21.81
C5 HEX BA . 9.25 23.19 -20.36
C6 HEX BA . 7.87 23.19 -19.78
H11 HEX BA . 11.93 21.46 -24.16
H12 HEX BA . 12.22 22.98 -24.48
H13 HEX BA . 11.44 22.09 -25.52
H21 HEX BA . 9.94 23.45 -24.36
H22 HEX BA . 9.65 21.92 -24.04
H31 HEX BA . 11.06 22.22 -22.09
H32 HEX BA . 10.91 23.78 -22.36
H41 HEX BA . 8.58 23.55 -22.24
H42 HEX BA . 8.76 22.01 -21.93
H51 HEX BA . 9.80 22.51 -19.92
H52 HEX BA . 9.67 24.06 -20.23
H61 HEX BA . 7.92 23.38 -18.83
H62 HEX BA . 7.34 23.86 -20.23
H63 HEX BA . 7.47 22.32 -19.92
C1 D12 CA . 9.44 15.85 -41.75
C2 D12 CA . 10.62 16.04 -42.65
C3 D12 CA . 10.70 17.44 -43.16
C4 D12 CA . 11.93 17.53 -44.01
C5 D12 CA . 12.41 18.93 -44.17
C6 D12 CA . 13.57 18.89 -45.11
C7 D12 CA . 14.22 20.22 -45.21
C8 D12 CA . 15.01 20.27 -46.48
C9 D12 CA . 15.59 21.63 -46.63
C10 D12 CA . 15.82 21.93 -48.08
C11 D12 CA . 15.73 23.41 -48.31
C12 D12 CA . 15.89 23.68 -49.76
H11 D12 CA . 8.63 16.04 -42.24
H12 D12 CA . 9.52 16.46 -41.00
H13 D12 CA . 9.43 14.94 -41.43
H21 D12 CA . 11.43 15.83 -42.16
H22 D12 CA . 10.54 15.44 -43.41
H31 D12 CA . 9.92 17.65 -43.70
H32 D12 CA . 10.77 18.07 -42.41
H41 D12 CA . 12.64 17.01 -43.59
H42 D12 CA . 11.75 17.16 -44.87
H51 D12 CA . 11.71 19.48 -44.53
H52 D12 CA . 12.71 19.28 -43.31
H61 D12 CA . 14.22 18.23 -44.79
H62 D12 CA . 13.26 18.61 -45.99
H71 D12 CA . 13.55 20.90 -45.22
H72 D12 CA . 14.81 20.35 -44.46
H81 D12 CA . 15.72 19.61 -46.47
H82 D12 CA . 14.42 20.10 -47.23
H91 D12 CA . 14.98 22.30 -46.27
H92 D12 CA . 16.44 21.69 -46.16
H101 D12 CA . 16.69 21.61 -48.35
H102 D12 CA . 15.14 21.48 -48.61
H111 D12 CA . 14.86 23.72 -48.01
H112 D12 CA . 16.43 23.86 -47.81
H121 D12 CA . 15.84 24.65 -49.92
H122 D12 CA . 16.74 23.35 -50.07
H123 D12 CA . 15.17 23.25 -50.26
#